data_5Q08
#
_entry.id   5Q08
#
_cell.length_a   66.220
_cell.length_b   285.134
_cell.length_c   83.359
_cell.angle_alpha   90.000
_cell.angle_beta   97.570
_cell.angle_gamma   90.000
#
_symmetry.space_group_name_H-M   'P 1 21 1'
#
loop_
_entity.id
_entity.type
_entity.pdbx_description
1 polymer 'Fructose-1,6-bisphosphatase 1'
2 non-polymer N-[(5-bromo-1,3-thiazol-2-yl)carbamoyl]-1-benzothiophene-3-sulfonamide
3 water water
#
_entity_poly.entity_id   1
_entity_poly.type   'polypeptide(L)'
_entity_poly.pdbx_seq_one_letter_code
;MADQAPFDTDVNTLTRFVMEEGRKARGTGELTQLLNSLCTAVKAISSAVRKAGIAHLYGIAGSTNVTGDQVKKLDVLSND
LVMNMLKSSFATCVLVSEEDKHAIIVEPEKRGKYVVCFDPLDGSSNIDCLVSVGTIFGIYRKKSTDEPSEKDALQPGRNL
VAAGYALYGSATMLVLAMDCGVNCFMLDPAIGEFILVDKDVKIKKKGKIYSLNEGYAKDFDPAVTEYIQRKKFPPDNSAP
YGARYVGSMVADVHRTLVYGGIFLYPANKKSPNGKLRLLYECNPMAYVMEKAGGMATTGKEAVLDVIPTDIHQRAPVILG
SPDDVLEFLKVYEKHSAQ
;
_entity_poly.pdbx_strand_id   A,B,C,D,E,F,G,H
#
loop_
_chem_comp.id
_chem_comp.type
_chem_comp.name
_chem_comp.formula
967 non-polymer N-[(5-bromo-1,3-thiazol-2-yl)carbamoyl]-1-benzothiophene-3-sulfonamide 'C12 H8 Br N3 O3 S3'
#
# COMPACT_ATOMS: atom_id res chain seq x y z
N ASP A 10 47.26 -10.42 -22.05
CA ASP A 10 47.40 -8.97 -22.28
C ASP A 10 46.12 -8.19 -21.93
N VAL A 11 46.29 -7.10 -21.18
CA VAL A 11 45.15 -6.26 -20.85
C VAL A 11 44.47 -5.75 -22.10
N ASN A 12 43.16 -5.58 -22.03
CA ASN A 12 42.39 -5.09 -23.15
C ASN A 12 41.34 -4.13 -22.62
N THR A 13 41.04 -3.08 -23.39
CA THR A 13 40.00 -2.13 -23.07
C THR A 13 38.96 -2.09 -24.19
N LEU A 14 37.83 -1.45 -23.90
CA LEU A 14 36.75 -1.38 -24.87
C LEU A 14 37.21 -0.74 -26.17
N THR A 15 37.87 0.42 -26.07
CA THR A 15 38.27 1.13 -27.26
C THR A 15 39.32 0.33 -28.03
N ARG A 16 40.27 -0.29 -27.32
CA ARG A 16 41.28 -1.10 -27.99
C ARG A 16 40.66 -2.35 -28.63
N PHE A 17 39.73 -2.99 -27.92
CA PHE A 17 39.06 -4.17 -28.45
C PHE A 17 38.31 -3.83 -29.75
N VAL A 18 37.56 -2.73 -29.75
CA VAL A 18 36.77 -2.39 -30.92
C VAL A 18 37.66 -1.97 -32.09
N MET A 19 38.73 -1.23 -31.81
CA MET A 19 39.66 -0.87 -32.86
C MET A 19 40.29 -2.12 -33.51
N GLU A 20 40.61 -3.13 -32.70
CA GLU A 20 41.25 -4.32 -33.25
C GLU A 20 40.28 -5.12 -34.11
N GLU A 21 39.03 -5.28 -33.65
CA GLU A 21 38.02 -5.94 -34.48
C GLU A 21 37.79 -5.14 -35.75
N GLY A 22 37.77 -3.82 -35.65
CA GLY A 22 37.55 -3.01 -36.84
C GLY A 22 38.67 -3.14 -37.84
N ARG A 23 39.93 -3.15 -37.36
CA ARG A 23 41.03 -3.24 -38.30
C ARG A 23 41.08 -4.61 -38.97
N LYS A 24 40.86 -5.68 -38.20
CA LYS A 24 40.78 -7.01 -38.80
C LYS A 24 39.81 -7.03 -39.96
N ALA A 25 38.59 -6.54 -39.73
CA ALA A 25 37.56 -6.56 -40.76
C ALA A 25 37.68 -5.44 -41.79
N ARG A 26 38.66 -4.55 -41.64
CA ARG A 26 38.88 -3.44 -42.58
C ARG A 26 37.68 -2.50 -42.66
N GLY A 27 37.00 -2.29 -41.53
CA GLY A 27 35.93 -1.31 -41.50
C GLY A 27 36.47 0.09 -41.66
N THR A 28 35.55 1.02 -41.91
CA THR A 28 35.90 2.43 -42.12
C THR A 28 36.28 3.14 -40.82
N GLY A 29 35.87 2.62 -39.67
CA GLY A 29 36.08 3.31 -38.41
C GLY A 29 34.85 3.98 -37.86
N GLU A 30 33.76 4.07 -38.62
CA GLU A 30 32.58 4.81 -38.19
C GLU A 30 31.92 4.15 -36.98
N LEU A 31 31.80 2.82 -37.00
CA LEU A 31 31.25 2.15 -35.83
C LEU A 31 32.13 2.35 -34.59
N THR A 32 33.46 2.36 -34.78
CA THR A 32 34.33 2.61 -33.64
C THR A 32 34.12 4.00 -33.07
N GLN A 33 33.99 5.01 -33.93
CA GLN A 33 33.75 6.37 -33.45
C GLN A 33 32.44 6.45 -32.67
N LEU A 34 31.40 5.80 -33.18
CA LEU A 34 30.12 5.72 -32.48
C LEU A 34 30.29 5.07 -31.12
N LEU A 35 30.90 3.89 -31.07
CA LEU A 35 30.99 3.17 -29.80
C LEU A 35 31.87 3.92 -28.81
N ASN A 36 32.93 4.55 -29.29
CA ASN A 36 33.78 5.34 -28.41
C ASN A 36 33.02 6.54 -27.86
N SER A 37 32.22 7.21 -28.70
CA SER A 37 31.38 8.31 -28.23
C SER A 37 30.35 7.83 -27.21
N LEU A 38 29.72 6.68 -27.47
CA LEU A 38 28.77 6.13 -26.51
C LEU A 38 29.44 5.81 -25.18
N CYS A 39 30.68 5.33 -25.23
CA CYS A 39 31.40 5.01 -24.00
C CYS A 39 31.63 6.25 -23.16
N THR A 40 32.00 7.35 -23.80
CA THR A 40 32.17 8.60 -23.07
C THR A 40 30.89 8.99 -22.36
N ALA A 41 29.75 8.90 -23.06
CA ALA A 41 28.46 9.19 -22.43
C ALA A 41 28.19 8.27 -21.25
N VAL A 42 28.48 6.98 -21.40
CA VAL A 42 28.22 6.02 -20.33
C VAL A 42 29.04 6.37 -19.10
N LYS A 43 30.31 6.78 -19.30
CA LYS A 43 31.11 7.16 -18.13
C LYS A 43 30.55 8.40 -17.45
N ALA A 44 30.01 9.35 -18.22
CA ALA A 44 29.41 10.54 -17.60
C ALA A 44 28.11 10.20 -16.89
N ILE A 45 27.32 9.28 -17.45
CA ILE A 45 26.12 8.85 -16.76
C ILE A 45 26.49 8.16 -15.46
N SER A 46 27.47 7.25 -15.51
CA SER A 46 27.92 6.57 -14.31
C SER A 46 28.33 7.57 -13.23
N SER A 47 29.10 8.59 -13.60
CA SER A 47 29.58 9.54 -12.60
C SER A 47 28.40 10.26 -11.95
N ALA A 48 27.41 10.66 -12.76
CA ALA A 48 26.23 11.33 -12.21
C ALA A 48 25.36 10.37 -11.40
N VAL A 49 25.22 9.13 -11.87
CA VAL A 49 24.40 8.15 -11.14
C VAL A 49 25.01 7.87 -9.77
N ARG A 50 26.34 7.78 -9.68
CA ARG A 50 26.99 7.60 -8.39
C ARG A 50 27.01 8.90 -7.55
N LYS A 51 26.41 9.99 -8.03
CA LYS A 51 26.17 11.20 -7.25
C LYS A 51 27.46 11.99 -7.00
N ALA A 52 28.42 11.91 -7.90
CA ALA A 52 29.57 12.80 -7.84
C ALA A 52 29.11 14.25 -7.91
N GLY A 53 29.56 15.07 -6.96
CA GLY A 53 29.15 16.46 -6.92
C GLY A 53 27.84 16.75 -6.20
N ILE A 54 27.19 15.74 -5.60
CA ILE A 54 25.92 15.98 -4.94
C ILE A 54 26.06 16.99 -3.81
N ALA A 55 27.26 17.09 -3.21
CA ALA A 55 27.48 18.08 -2.15
C ALA A 55 27.12 19.47 -2.63
N HIS A 56 27.29 19.74 -3.92
CA HIS A 56 27.01 21.08 -4.41
C HIS A 56 25.51 21.35 -4.48
N LEU A 57 24.67 20.34 -4.73
CA LEU A 57 23.23 20.54 -4.69
C LEU A 57 22.73 20.80 -3.28
N TYR A 58 23.47 20.35 -2.27
CA TYR A 58 23.04 20.48 -0.90
C TYR A 58 23.73 21.63 -0.17
N GLY A 59 24.31 22.57 -0.90
CA GLY A 59 24.73 23.84 -0.32
C GLY A 59 26.16 23.94 0.18
N ILE A 60 27.07 23.07 -0.30
CA ILE A 60 28.43 23.05 0.23
C ILE A 60 29.14 24.38 -0.01
N ALA A 61 28.80 25.08 -1.10
CA ALA A 61 29.38 26.40 -1.36
C ALA A 61 28.41 27.54 -1.05
N GLY A 62 27.37 27.28 -0.27
CA GLY A 62 26.41 28.31 0.07
C GLY A 62 25.06 28.19 -0.62
N VAL A 71 21.54 19.88 -11.50
CA VAL A 71 20.23 20.55 -11.56
C VAL A 71 19.19 19.73 -12.36
N LYS A 72 19.60 19.20 -13.51
CA LYS A 72 18.71 18.34 -14.29
C LYS A 72 18.46 17.02 -13.57
N LYS A 73 17.27 16.45 -13.78
CA LYS A 73 17.05 15.07 -13.37
C LYS A 73 18.00 14.13 -14.14
N LEU A 74 18.26 12.97 -13.54
CA LEU A 74 19.26 12.05 -14.08
C LEU A 74 18.86 11.51 -15.45
N ASP A 75 17.59 11.16 -15.63
CA ASP A 75 17.17 10.60 -16.92
C ASP A 75 17.22 11.65 -18.03
N VAL A 76 16.95 12.91 -17.70
CA VAL A 76 17.12 13.99 -18.68
C VAL A 76 18.59 14.19 -19.00
N LEU A 77 19.45 14.23 -17.98
CA LEU A 77 20.87 14.40 -18.22
C LEU A 77 21.42 13.26 -19.06
N SER A 78 21.03 12.02 -18.74
CA SER A 78 21.49 10.85 -19.49
C SER A 78 21.09 10.93 -20.95
N ASN A 79 19.85 11.35 -21.21
CA ASN A 79 19.41 11.51 -22.59
C ASN A 79 20.25 12.54 -23.32
N ASP A 80 20.50 13.70 -22.68
CA ASP A 80 21.31 14.74 -23.32
C ASP A 80 22.74 14.23 -23.56
N LEU A 81 23.29 13.46 -22.63
CA LEU A 81 24.65 12.95 -22.81
C LEU A 81 24.75 12.01 -24.01
N VAL A 82 23.86 11.02 -24.10
CA VAL A 82 23.90 10.09 -25.23
C VAL A 82 23.60 10.83 -26.53
N MET A 83 22.53 11.64 -26.54
CA MET A 83 22.17 12.38 -27.75
C MET A 83 23.34 13.22 -28.25
N ASN A 84 23.95 14.00 -27.37
CA ASN A 84 24.97 14.92 -27.83
C ASN A 84 26.22 14.19 -28.28
N MET A 85 26.60 13.12 -27.58
CA MET A 85 27.80 12.38 -27.95
C MET A 85 27.61 11.64 -29.27
N LEU A 86 26.41 11.09 -29.49
CA LEU A 86 26.16 10.39 -30.74
C LEU A 86 26.03 11.37 -31.90
N LYS A 87 25.30 12.47 -31.72
CA LYS A 87 25.24 13.50 -32.76
C LYS A 87 26.62 13.94 -33.18
N SER A 88 27.47 14.24 -32.21
CA SER A 88 28.79 14.75 -32.48
C SER A 88 29.78 13.64 -32.88
N SER A 89 29.35 12.37 -32.93
CA SER A 89 30.24 11.30 -33.35
C SER A 89 30.46 11.27 -34.86
N PHE A 90 29.60 11.94 -35.64
CA PHE A 90 29.60 11.88 -37.11
C PHE A 90 29.35 10.47 -37.63
N ALA A 91 28.75 9.61 -36.81
CA ALA A 91 28.50 8.22 -37.18
C ALA A 91 27.02 7.89 -37.28
N THR A 92 26.12 8.82 -36.97
CA THR A 92 24.70 8.50 -36.87
C THR A 92 23.86 9.42 -37.75
N CYS A 93 22.65 8.96 -38.08
CA CYS A 93 21.73 9.80 -38.85
C CYS A 93 20.35 9.83 -38.21
N VAL A 94 19.98 8.76 -37.51
CA VAL A 94 18.67 8.67 -36.86
C VAL A 94 18.86 8.14 -35.44
N LEU A 95 18.24 8.82 -34.47
CA LEU A 95 18.38 8.46 -33.07
C LEU A 95 16.99 8.32 -32.47
N VAL A 96 16.71 7.16 -31.90
CA VAL A 96 15.46 6.89 -31.20
C VAL A 96 15.77 6.69 -29.73
N SER A 97 15.09 7.45 -28.88
CA SER A 97 15.26 7.37 -27.44
C SER A 97 13.91 7.24 -26.76
N GLU A 98 13.89 6.45 -25.68
CA GLU A 98 12.73 6.33 -24.81
C GLU A 98 12.18 7.71 -24.40
N GLU A 99 13.04 8.72 -24.34
CA GLU A 99 12.67 10.05 -23.84
C GLU A 99 12.01 10.93 -24.89
N ASP A 100 12.06 10.59 -26.17
CA ASP A 100 11.60 11.48 -27.23
C ASP A 100 10.52 10.81 -28.09
N LYS A 101 9.41 11.52 -28.29
CA LYS A 101 8.29 10.96 -29.05
C LYS A 101 8.68 10.65 -30.49
N HIS A 102 9.47 11.54 -31.10
CA HIS A 102 9.86 11.35 -32.48
C HIS A 102 11.35 11.03 -32.56
N ALA A 103 11.73 10.36 -33.64
CA ALA A 103 13.14 10.15 -33.91
C ALA A 103 13.81 11.49 -34.14
N ILE A 104 15.06 11.59 -33.70
CA ILE A 104 15.88 12.76 -34.00
C ILE A 104 16.63 12.47 -35.29
N ILE A 105 16.59 13.42 -36.21
CA ILE A 105 17.30 13.29 -37.47
C ILE A 105 18.56 14.14 -37.34
N VAL A 106 19.73 13.48 -37.42
CA VAL A 106 20.97 14.23 -37.28
C VAL A 106 21.10 15.21 -38.43
N GLU A 107 21.53 16.42 -38.10
CA GLU A 107 21.67 17.49 -39.08
C GLU A 107 22.73 17.14 -40.13
N PRO A 108 22.57 17.65 -41.34
CA PRO A 108 23.38 17.14 -42.47
C PRO A 108 24.87 17.17 -42.23
N GLU A 109 25.39 18.26 -41.66
CA GLU A 109 26.83 18.37 -41.51
C GLU A 109 27.39 17.34 -40.53
N LYS A 110 26.55 16.70 -39.73
CA LYS A 110 26.98 15.71 -38.76
C LYS A 110 26.58 14.27 -39.08
N ARG A 111 25.98 14.02 -40.25
CA ARG A 111 25.35 12.72 -40.52
C ARG A 111 26.35 11.60 -40.78
N GLY A 112 26.07 10.44 -40.20
CA GLY A 112 26.78 9.22 -40.49
C GLY A 112 25.79 8.15 -40.89
N LYS A 113 26.21 6.89 -40.95
CA LYS A 113 25.42 5.84 -41.58
C LYS A 113 24.60 5.01 -40.60
N TYR A 114 24.71 5.22 -39.30
CA TYR A 114 24.08 4.32 -38.33
C TYR A 114 22.84 4.93 -37.69
N VAL A 115 21.91 4.04 -37.34
CA VAL A 115 20.70 4.35 -36.59
C VAL A 115 20.87 3.74 -35.21
N VAL A 116 20.60 4.51 -34.17
CA VAL A 116 20.77 4.05 -32.80
C VAL A 116 19.47 4.21 -32.04
N CYS A 117 19.01 3.12 -31.44
CA CYS A 117 17.89 3.11 -30.52
C CYS A 117 18.41 2.87 -29.11
N PHE A 118 18.00 3.70 -28.15
CA PHE A 118 18.54 3.56 -26.81
C PHE A 118 17.54 4.00 -25.75
N ASP A 119 17.71 3.41 -24.57
CA ASP A 119 17.07 3.84 -23.33
C ASP A 119 18.19 4.40 -22.45
N PRO A 120 18.28 5.74 -22.30
CA PRO A 120 19.47 6.33 -21.67
C PRO A 120 19.61 6.00 -20.19
N LEU A 121 18.51 5.86 -19.45
CA LEU A 121 18.58 5.49 -18.05
C LEU A 121 17.37 4.60 -17.71
N ASP A 122 17.46 3.35 -18.12
CA ASP A 122 16.42 2.37 -17.82
C ASP A 122 16.36 2.10 -16.31
N GLY A 123 15.14 1.98 -15.79
CA GLY A 123 14.92 1.67 -14.40
C GLY A 123 14.94 2.86 -13.48
N SER A 124 15.13 4.07 -14.00
CA SER A 124 15.31 5.25 -13.17
C SER A 124 14.06 5.64 -12.40
N SER A 125 12.91 5.06 -12.71
CA SER A 125 11.71 5.38 -11.94
C SER A 125 11.89 5.05 -10.46
N ASN A 126 12.69 4.04 -10.15
CA ASN A 126 12.93 3.64 -8.76
C ASN A 126 14.30 4.04 -8.24
N ILE A 127 14.99 4.97 -8.92
CA ILE A 127 16.34 5.33 -8.50
C ILE A 127 16.37 6.05 -7.15
N ASP A 128 15.21 6.51 -6.66
CA ASP A 128 15.12 7.07 -5.31
C ASP A 128 15.54 6.07 -4.25
N CYS A 129 15.39 4.77 -4.50
CA CYS A 129 15.82 3.76 -3.54
C CYS A 129 17.17 3.16 -3.90
N LEU A 130 17.89 3.76 -4.86
CA LEU A 130 19.26 3.37 -5.24
C LEU A 130 19.31 1.98 -5.86
N VAL A 131 18.19 1.55 -6.45
CA VAL A 131 18.18 0.33 -7.25
C VAL A 131 19.16 0.49 -8.42
N SER A 132 19.76 -0.63 -8.83
CA SER A 132 20.54 -0.64 -10.06
C SER A 132 19.74 -0.06 -11.22
N VAL A 133 20.41 0.74 -12.05
CA VAL A 133 19.82 1.28 -13.27
C VAL A 133 20.80 1.03 -14.41
N GLY A 134 20.38 1.35 -15.63
CA GLY A 134 21.24 1.05 -16.77
C GLY A 134 20.92 1.82 -18.03
N THR A 135 21.84 1.72 -19.00
CA THR A 135 21.67 2.26 -20.34
C THR A 135 21.62 1.11 -21.34
N ILE A 136 20.61 1.09 -22.20
CA ILE A 136 20.43 0.04 -23.21
C ILE A 136 20.58 0.66 -24.59
N PHE A 137 21.25 -0.05 -25.50
CA PHE A 137 21.40 0.49 -26.85
C PHE A 137 21.34 -0.60 -27.90
N GLY A 138 20.84 -0.23 -29.08
CA GLY A 138 20.84 -1.07 -30.26
C GLY A 138 21.23 -0.24 -31.48
N ILE A 139 22.12 -0.76 -32.31
CA ILE A 139 22.68 -0.01 -33.42
C ILE A 139 22.34 -0.72 -34.72
N TYR A 140 21.76 0.00 -35.68
CA TYR A 140 21.46 -0.50 -37.02
C TYR A 140 22.20 0.30 -38.06
N ARG A 141 22.45 -0.34 -39.19
CA ARG A 141 22.89 0.37 -40.39
C ARG A 141 21.67 0.91 -41.11
N LYS A 142 21.74 2.15 -41.58
CA LYS A 142 20.66 2.67 -42.40
C LYS A 142 20.55 1.83 -43.67
N LYS A 143 19.33 1.37 -43.96
CA LYS A 143 19.12 0.38 -45.01
C LYS A 143 18.74 1.00 -46.35
N SER A 144 18.05 2.13 -46.35
CA SER A 144 17.59 2.74 -47.57
C SER A 144 18.46 3.94 -47.95
N THR A 145 18.37 4.32 -49.22
CA THR A 145 19.06 5.50 -49.71
C THR A 145 18.18 6.76 -49.68
N ASP A 146 16.96 6.65 -49.16
CA ASP A 146 16.12 7.84 -48.97
C ASP A 146 16.78 8.82 -48.00
N GLU A 147 16.24 10.02 -47.95
CA GLU A 147 16.60 10.95 -46.90
C GLU A 147 16.26 10.34 -45.55
N PRO A 148 17.12 10.48 -44.54
CA PRO A 148 16.87 9.81 -43.26
C PRO A 148 15.56 10.26 -42.60
N SER A 149 14.88 9.30 -42.01
CA SER A 149 13.60 9.57 -41.35
C SER A 149 13.37 8.53 -40.28
N GLU A 150 12.28 8.74 -39.52
CA GLU A 150 11.90 7.81 -38.47
C GLU A 150 11.77 6.38 -39.00
N LYS A 151 11.43 6.24 -40.28
CA LYS A 151 11.23 4.92 -40.88
C LYS A 151 12.50 4.08 -40.84
N ASP A 152 13.67 4.71 -40.83
CA ASP A 152 14.92 3.96 -40.80
C ASP A 152 15.12 3.19 -39.50
N ALA A 153 14.40 3.55 -38.43
CA ALA A 153 14.47 2.83 -37.17
C ALA A 153 13.51 1.65 -37.11
N LEU A 154 12.68 1.48 -38.13
CA LEU A 154 11.69 0.40 -38.13
C LEU A 154 12.25 -0.87 -38.74
N GLN A 155 13.40 -1.30 -38.23
CA GLN A 155 13.97 -2.55 -38.67
C GLN A 155 13.81 -3.63 -37.61
N PRO A 156 13.62 -4.89 -38.00
CA PRO A 156 13.60 -5.96 -36.99
C PRO A 156 14.96 -6.14 -36.34
N GLY A 157 14.93 -6.62 -35.09
CA GLY A 157 16.17 -6.82 -34.36
C GLY A 157 17.19 -7.68 -35.08
N ARG A 158 16.74 -8.56 -35.99
CA ARG A 158 17.66 -9.36 -36.79
C ARG A 158 18.67 -8.50 -37.53
N ASN A 159 18.31 -7.26 -37.83
CA ASN A 159 19.21 -6.37 -38.57
C ASN A 159 20.25 -5.70 -37.69
N LEU A 160 20.25 -5.93 -36.38
CA LEU A 160 21.14 -5.19 -35.49
C LEU A 160 22.59 -5.45 -35.86
N VAL A 161 23.38 -4.39 -35.85
CA VAL A 161 24.82 -4.49 -36.09
C VAL A 161 25.57 -4.70 -34.78
N ALA A 162 25.10 -4.06 -33.72
CA ALA A 162 25.63 -4.24 -32.37
C ALA A 162 24.56 -3.82 -31.38
N ALA A 163 24.66 -4.37 -30.17
CA ALA A 163 23.73 -3.99 -29.13
C ALA A 163 24.35 -4.34 -27.81
N GLY A 164 23.81 -3.75 -26.75
CA GLY A 164 24.27 -4.10 -25.42
C GLY A 164 23.76 -3.12 -24.39
N TYR A 165 24.44 -3.08 -23.25
CA TYR A 165 23.95 -2.25 -22.16
C TYR A 165 25.09 -1.93 -21.20
N ALA A 166 24.93 -0.80 -20.53
CA ALA A 166 25.71 -0.48 -19.34
C ALA A 166 24.83 -0.69 -18.12
N LEU A 167 25.35 -1.41 -17.15
CA LEU A 167 24.69 -1.62 -15.88
C LEU A 167 25.41 -0.79 -14.83
N TYR A 168 24.68 0.12 -14.17
CA TYR A 168 25.21 0.92 -13.07
C TYR A 168 24.75 0.24 -11.78
N GLY A 169 25.47 -0.81 -11.40
CA GLY A 169 25.15 -1.64 -10.25
C GLY A 169 26.14 -1.44 -9.13
N SER A 170 26.52 -2.52 -8.42
CA SER A 170 27.57 -2.39 -7.42
C SER A 170 28.86 -1.88 -8.08
N ALA A 171 29.12 -2.29 -9.31
CA ALA A 171 30.10 -1.63 -10.15
C ALA A 171 29.42 -1.31 -11.48
N THR A 172 30.09 -0.54 -12.32
CA THR A 172 29.57 -0.22 -13.65
C THR A 172 30.22 -1.15 -14.68
N MET A 173 29.39 -1.82 -15.45
CA MET A 173 29.85 -2.74 -16.48
C MET A 173 29.15 -2.46 -17.80
N LEU A 174 29.91 -2.52 -18.89
CA LEU A 174 29.39 -2.43 -20.24
C LEU A 174 29.47 -3.81 -20.88
N VAL A 175 28.31 -4.33 -21.27
CA VAL A 175 28.19 -5.59 -21.97
C VAL A 175 27.90 -5.27 -23.43
N LEU A 176 28.81 -5.70 -24.32
CA LEU A 176 28.73 -5.38 -25.75
C LEU A 176 28.58 -6.66 -26.55
N ALA A 177 27.53 -6.73 -27.37
CA ALA A 177 27.28 -7.87 -28.23
C ALA A 177 27.46 -7.46 -29.68
N MET A 178 28.23 -8.28 -30.41
CA MET A 178 28.41 -8.15 -31.86
C MET A 178 28.42 -9.56 -32.46
N ASP A 179 28.66 -9.65 -33.78
CA ASP A 179 28.74 -10.96 -34.41
C ASP A 179 29.82 -11.82 -33.75
N CYS A 180 30.92 -11.19 -33.31
CA CYS A 180 31.97 -11.96 -32.66
C CYS A 180 31.56 -12.51 -31.29
N GLY A 181 30.38 -12.17 -30.78
CA GLY A 181 29.92 -12.65 -29.49
C GLY A 181 29.75 -11.51 -28.50
N VAL A 182 29.62 -11.89 -27.23
CA VAL A 182 29.31 -10.97 -26.14
C VAL A 182 30.54 -10.81 -25.27
N ASN A 183 30.92 -9.57 -25.02
CA ASN A 183 32.09 -9.27 -24.19
C ASN A 183 31.70 -8.25 -23.12
N CYS A 184 32.24 -8.45 -21.92
CA CYS A 184 31.88 -7.69 -20.72
C CYS A 184 33.07 -6.88 -20.25
N PHE A 185 32.85 -5.58 -20.05
CA PHE A 185 33.90 -4.63 -19.72
C PHE A 185 33.56 -3.95 -18.40
N MET A 186 34.49 -3.98 -17.43
CA MET A 186 34.28 -3.34 -16.15
C MET A 186 34.86 -1.93 -16.18
N LEU A 187 34.05 -0.94 -15.80
CA LEU A 187 34.56 0.43 -15.68
C LEU A 187 35.45 0.55 -14.47
N ASP A 188 36.73 0.92 -14.67
CA ASP A 188 37.67 1.23 -13.60
C ASP A 188 37.57 2.72 -13.34
N PRO A 189 36.89 3.16 -12.27
CA PRO A 189 36.68 4.60 -12.08
C PRO A 189 37.95 5.36 -11.78
N ALA A 190 39.00 4.71 -11.29
CA ALA A 190 40.24 5.43 -11.03
C ALA A 190 40.84 5.97 -12.32
N ILE A 191 40.57 5.32 -13.46
CA ILE A 191 41.20 5.74 -14.71
C ILE A 191 40.21 5.99 -15.83
N GLY A 192 38.92 5.77 -15.61
CA GLY A 192 37.94 5.99 -16.66
C GLY A 192 38.15 5.13 -17.89
N GLU A 193 38.39 3.83 -17.70
CA GLU A 193 38.56 2.87 -18.79
C GLU A 193 37.68 1.65 -18.53
N PHE A 194 37.07 1.16 -19.59
CA PHE A 194 36.34 -0.09 -19.56
C PHE A 194 37.32 -1.24 -19.82
N ILE A 195 37.51 -2.09 -18.83
CA ILE A 195 38.48 -3.18 -18.89
C ILE A 195 37.75 -4.47 -19.24
N LEU A 196 38.25 -5.17 -20.26
CA LEU A 196 37.69 -6.46 -20.66
C LEU A 196 37.95 -7.49 -19.58
N VAL A 197 36.87 -7.98 -18.97
CA VAL A 197 36.99 -8.94 -17.88
C VAL A 197 36.30 -10.27 -18.16
N ASP A 198 35.37 -10.34 -19.10
CA ASP A 198 34.76 -11.61 -19.48
C ASP A 198 34.60 -11.63 -20.99
N LYS A 199 35.30 -12.56 -21.63
CA LYS A 199 35.40 -12.64 -23.08
C LYS A 199 34.44 -13.70 -23.60
N ASP A 200 33.72 -13.37 -24.67
CA ASP A 200 32.92 -14.35 -25.43
C ASP A 200 32.02 -15.17 -24.50
N VAL A 201 31.18 -14.43 -23.77
CA VAL A 201 30.37 -15.01 -22.71
C VAL A 201 29.22 -15.84 -23.28
N LYS A 202 28.90 -16.95 -22.61
CA LYS A 202 27.77 -17.80 -22.98
C LYS A 202 26.93 -18.08 -21.75
N ILE A 203 25.60 -18.12 -21.93
CA ILE A 203 24.67 -18.39 -20.83
C ILE A 203 24.57 -19.90 -20.58
N LYS A 204 24.31 -20.29 -19.34
CA LYS A 204 24.02 -21.67 -18.98
C LYS A 204 22.86 -22.24 -19.81
N LYS A 205 22.95 -23.53 -20.13
CA LYS A 205 21.87 -24.18 -20.85
C LYS A 205 20.58 -24.19 -20.04
N LYS A 206 20.69 -24.31 -18.70
CA LYS A 206 19.52 -24.29 -17.85
C LYS A 206 19.89 -23.69 -16.50
N GLY A 207 19.00 -22.86 -15.97
CA GLY A 207 19.23 -22.16 -14.72
C GLY A 207 18.34 -22.63 -13.60
N LYS A 208 18.36 -21.87 -12.50
CA LYS A 208 17.59 -22.20 -11.31
C LYS A 208 16.86 -20.98 -10.73
N ILE A 209 16.69 -19.92 -11.50
CA ILE A 209 16.06 -18.70 -11.03
C ILE A 209 15.06 -18.22 -12.07
N TYR A 210 13.88 -17.80 -11.63
CA TYR A 210 12.92 -17.15 -12.50
C TYR A 210 12.68 -15.74 -11.99
N SER A 211 12.34 -14.83 -12.92
CA SER A 211 12.34 -13.40 -12.63
C SER A 211 11.14 -12.74 -13.30
N LEU A 212 10.15 -12.34 -12.49
CA LEU A 212 9.00 -11.57 -12.96
C LEU A 212 8.26 -11.02 -11.75
N ASN A 213 7.38 -10.03 -12.01
CA ASN A 213 6.60 -9.41 -10.94
C ASN A 213 5.39 -10.29 -10.61
N GLU A 214 5.54 -11.15 -9.60
CA GLU A 214 4.45 -12.03 -9.20
C GLU A 214 3.34 -11.29 -8.45
N GLY A 215 3.54 -10.02 -8.08
CA GLY A 215 2.46 -9.30 -7.44
C GLY A 215 1.24 -9.15 -8.32
N TYR A 216 1.41 -9.22 -9.65
CA TYR A 216 0.32 -9.11 -10.60
C TYR A 216 -0.17 -10.48 -11.06
N ALA A 217 0.01 -11.50 -10.22
CA ALA A 217 -0.39 -12.85 -10.59
C ALA A 217 -1.86 -12.92 -10.96
N LYS A 218 -2.70 -12.08 -10.35
CA LYS A 218 -4.14 -12.11 -10.62
C LYS A 218 -4.44 -11.87 -12.09
N ASP A 219 -3.59 -11.12 -12.78
CA ASP A 219 -3.78 -10.77 -14.18
C ASP A 219 -2.99 -11.66 -15.12
N PHE A 220 -2.31 -12.68 -14.59
CA PHE A 220 -1.46 -13.53 -15.43
C PHE A 220 -2.25 -14.20 -16.53
N ASP A 221 -1.59 -14.33 -17.67
CA ASP A 221 -2.00 -15.29 -18.67
C ASP A 221 -1.96 -16.69 -18.05
N PRO A 222 -2.90 -17.58 -18.40
CA PRO A 222 -2.91 -18.92 -17.79
C PRO A 222 -1.62 -19.71 -18.02
N ALA A 223 -0.94 -19.49 -19.14
CA ALA A 223 0.33 -20.19 -19.35
C ALA A 223 1.39 -19.72 -18.36
N VAL A 224 1.44 -18.42 -18.08
CA VAL A 224 2.39 -17.89 -17.10
C VAL A 224 2.08 -18.47 -15.72
N THR A 225 0.79 -18.53 -15.35
CA THR A 225 0.41 -19.10 -14.06
C THR A 225 0.90 -20.53 -13.91
N GLU A 226 0.72 -21.36 -14.95
CA GLU A 226 1.16 -22.76 -14.84
C GLU A 226 2.68 -22.87 -14.81
N TYR A 227 3.39 -22.13 -15.65
CA TYR A 227 4.85 -22.20 -15.65
C TYR A 227 5.41 -21.81 -14.30
N ILE A 228 4.90 -20.73 -13.71
CA ILE A 228 5.38 -20.34 -12.39
C ILE A 228 5.02 -21.39 -11.36
N GLN A 229 3.84 -22.01 -11.52
CA GLN A 229 3.45 -23.09 -10.63
C GLN A 229 4.43 -24.25 -10.71
N ARG A 230 4.90 -24.58 -11.92
CA ARG A 230 5.88 -25.65 -12.07
C ARG A 230 7.23 -25.30 -11.45
N LYS A 231 7.59 -24.02 -11.42
CA LYS A 231 8.86 -23.63 -10.82
C LYS A 231 8.83 -23.75 -9.31
N LYS A 232 7.70 -23.41 -8.69
CA LYS A 232 7.60 -23.49 -7.24
C LYS A 232 7.24 -24.89 -6.76
N PHE A 233 6.41 -25.61 -7.52
CA PHE A 233 5.94 -26.95 -7.18
C PHE A 233 6.26 -27.89 -8.33
N PRO A 234 7.52 -28.29 -8.48
CA PRO A 234 7.91 -29.10 -9.64
C PRO A 234 7.18 -30.43 -9.61
N PRO A 235 6.72 -30.93 -10.76
CA PRO A 235 5.93 -32.16 -10.75
C PRO A 235 6.75 -33.37 -10.30
N ASP A 236 8.06 -33.33 -10.49
CA ASP A 236 8.93 -34.46 -10.15
C ASP A 236 9.50 -34.33 -8.74
N ASN A 237 9.01 -33.40 -7.94
CA ASN A 237 9.44 -33.19 -6.56
C ASN A 237 10.93 -32.81 -6.47
N SER A 238 11.50 -32.32 -7.58
CA SER A 238 12.85 -31.78 -7.54
C SER A 238 12.84 -30.41 -6.86
N ALA A 239 14.03 -29.89 -6.62
CA ALA A 239 14.14 -28.63 -5.88
C ALA A 239 13.50 -27.48 -6.66
N PRO A 240 12.72 -26.63 -5.99
CA PRO A 240 12.15 -25.44 -6.64
C PRO A 240 13.23 -24.45 -7.08
N TYR A 241 12.89 -23.67 -8.10
CA TYR A 241 13.72 -22.54 -8.50
C TYR A 241 13.68 -21.44 -7.45
N GLY A 242 14.77 -20.67 -7.38
CA GLY A 242 14.72 -19.43 -6.63
C GLY A 242 14.08 -18.29 -7.42
N ALA A 243 13.60 -17.28 -6.69
CA ALA A 243 13.00 -16.10 -7.29
C ALA A 243 13.84 -14.86 -7.02
N ARG A 244 14.01 -14.03 -8.05
CA ARG A 244 14.67 -12.73 -7.93
C ARG A 244 13.97 -11.79 -8.90
N TYR A 245 13.64 -10.59 -8.44
CA TYR A 245 13.06 -9.59 -9.35
C TYR A 245 13.47 -8.21 -8.83
N VAL A 246 14.52 -7.66 -9.43
CA VAL A 246 14.97 -6.32 -9.03
C VAL A 246 13.93 -5.29 -9.43
N GLY A 247 13.24 -5.51 -10.55
CA GLY A 247 12.35 -4.51 -11.12
C GLY A 247 13.04 -3.51 -12.00
N SER A 248 14.33 -3.68 -12.25
CA SER A 248 15.08 -2.88 -13.20
C SER A 248 15.57 -3.83 -14.27
N MET A 249 15.13 -3.64 -15.52
CA MET A 249 15.33 -4.68 -16.55
C MET A 249 16.80 -5.03 -16.73
N VAL A 250 17.68 -4.03 -16.76
CA VAL A 250 19.10 -4.29 -17.01
C VAL A 250 19.68 -5.13 -15.88
N ALA A 251 19.29 -4.88 -14.63
CA ALA A 251 19.81 -5.68 -13.52
C ALA A 251 19.34 -7.12 -13.62
N ASP A 252 18.04 -7.32 -13.87
CA ASP A 252 17.47 -8.67 -13.97
C ASP A 252 18.01 -9.43 -15.16
N VAL A 253 18.14 -8.77 -16.32
CA VAL A 253 18.67 -9.46 -17.50
C VAL A 253 20.15 -9.81 -17.32
N HIS A 254 20.93 -8.92 -16.70
CA HIS A 254 22.34 -9.23 -16.50
C HIS A 254 22.53 -10.41 -15.56
N ARG A 255 21.76 -10.47 -14.47
CA ARG A 255 21.81 -11.65 -13.61
C ARG A 255 21.43 -12.89 -14.39
N THR A 256 20.40 -12.80 -15.25
CA THR A 256 20.03 -13.94 -16.08
C THR A 256 21.22 -14.37 -16.95
N LEU A 257 21.92 -13.41 -17.56
CA LEU A 257 23.09 -13.75 -18.35
C LEU A 257 24.17 -14.41 -17.50
N VAL A 258 24.40 -13.88 -16.30
CA VAL A 258 25.53 -14.33 -15.49
C VAL A 258 25.22 -15.68 -14.82
N TYR A 259 24.03 -15.83 -14.27
CA TYR A 259 23.70 -17.03 -13.49
C TYR A 259 22.80 -18.00 -14.24
N GLY A 260 22.21 -17.60 -15.37
CA GLY A 260 21.27 -18.44 -16.07
C GLY A 260 19.88 -18.34 -15.46
N GLY A 261 18.92 -18.96 -16.15
CA GLY A 261 17.54 -18.92 -15.74
C GLY A 261 16.68 -18.20 -16.75
N ILE A 262 15.61 -17.59 -16.26
CA ILE A 262 14.60 -17.02 -17.13
C ILE A 262 14.11 -15.69 -16.55
N PHE A 263 13.89 -14.72 -17.45
CA PHE A 263 13.32 -13.43 -17.13
C PHE A 263 12.05 -13.29 -17.96
N LEU A 264 10.94 -12.86 -17.32
CA LEU A 264 9.65 -12.75 -18.01
C LEU A 264 9.03 -11.39 -17.76
N TYR A 265 8.61 -10.74 -18.84
CA TYR A 265 7.66 -9.63 -18.80
C TYR A 265 6.63 -9.92 -19.86
N PRO A 266 5.70 -10.84 -19.59
CA PRO A 266 4.85 -11.40 -20.64
C PRO A 266 3.58 -10.59 -20.87
N ALA A 267 2.89 -10.97 -21.95
CA ALA A 267 1.58 -10.45 -22.28
C ALA A 267 0.51 -10.99 -21.33
N ASN A 268 -0.57 -10.22 -21.20
CA ASN A 268 -1.79 -10.67 -20.54
C ASN A 268 -2.96 -10.01 -21.26
N LYS A 269 -4.19 -10.24 -20.77
CA LYS A 269 -5.34 -9.67 -21.46
C LYS A 269 -5.40 -8.15 -21.35
N LYS A 270 -4.95 -7.59 -20.21
CA LYS A 270 -4.96 -6.13 -20.09
C LYS A 270 -3.84 -5.49 -20.89
N SER A 271 -2.71 -6.18 -21.09
CA SER A 271 -1.55 -5.65 -21.82
C SER A 271 -1.16 -6.69 -22.86
N PRO A 272 -1.91 -6.78 -23.95
CA PRO A 272 -1.68 -7.86 -24.92
C PRO A 272 -0.34 -7.78 -25.62
N ASN A 273 0.32 -6.63 -25.63
CA ASN A 273 1.64 -6.55 -26.24
C ASN A 273 2.76 -6.37 -25.21
N GLY A 274 2.49 -6.64 -23.95
CA GLY A 274 3.47 -6.42 -22.92
C GLY A 274 3.60 -4.94 -22.62
N LYS A 275 4.60 -4.60 -21.82
CA LYS A 275 4.86 -3.20 -21.52
C LYS A 275 6.27 -2.73 -21.89
N LEU A 276 7.26 -3.61 -21.89
CA LEU A 276 8.60 -3.19 -22.30
C LEU A 276 8.62 -2.83 -23.78
N ARG A 277 9.49 -1.88 -24.13
CA ARG A 277 9.56 -1.32 -25.47
C ARG A 277 10.46 -2.17 -26.37
N LEU A 278 9.97 -2.46 -27.59
CA LEU A 278 10.67 -3.38 -28.49
C LEU A 278 12.02 -2.82 -28.96
N LEU A 279 12.04 -1.55 -29.38
CA LEU A 279 13.18 -1.03 -30.13
C LEU A 279 14.41 -0.87 -29.26
N TYR A 280 14.24 -0.37 -28.03
CA TYR A 280 15.38 0.01 -27.20
C TYR A 280 15.40 -0.71 -25.85
N GLU A 281 14.53 -1.69 -25.64
CA GLU A 281 14.67 -2.57 -24.48
C GLU A 281 14.73 -4.03 -24.90
N CYS A 282 13.69 -4.48 -25.60
CA CYS A 282 13.56 -5.92 -25.90
C CYS A 282 14.59 -6.37 -26.95
N ASN A 283 14.66 -5.68 -28.09
CA ASN A 283 15.57 -6.11 -29.15
C ASN A 283 17.02 -6.16 -28.69
N PRO A 284 17.58 -5.11 -28.08
CA PRO A 284 18.98 -5.20 -27.65
C PRO A 284 19.22 -6.35 -26.68
N MET A 285 18.31 -6.55 -25.72
CA MET A 285 18.48 -7.66 -24.78
C MET A 285 18.31 -9.00 -25.47
N ALA A 286 17.36 -9.10 -26.41
CA ALA A 286 17.23 -10.31 -27.21
C ALA A 286 18.50 -10.58 -28.01
N TYR A 287 19.09 -9.53 -28.57
CA TYR A 287 20.31 -9.70 -29.35
C TYR A 287 21.48 -10.17 -28.49
N VAL A 288 21.68 -9.54 -27.32
CA VAL A 288 22.71 -10.01 -26.39
C VAL A 288 22.48 -11.48 -26.02
N MET A 289 21.23 -11.83 -25.68
CA MET A 289 20.94 -13.21 -25.29
C MET A 289 21.29 -14.20 -26.41
N GLU A 290 20.91 -13.88 -27.65
CA GLU A 290 21.17 -14.86 -28.73
C GLU A 290 22.66 -14.98 -29.01
N LYS A 291 23.40 -13.85 -29.01
CA LYS A 291 24.83 -13.93 -29.20
C LYS A 291 25.51 -14.69 -28.06
N ALA A 292 24.87 -14.78 -26.90
CA ALA A 292 25.35 -15.57 -25.78
C ALA A 292 24.78 -16.98 -25.76
N GLY A 293 24.09 -17.41 -26.82
CA GLY A 293 23.51 -18.74 -26.87
C GLY A 293 22.22 -18.93 -26.10
N GLY A 294 21.52 -17.86 -25.72
CA GLY A 294 20.23 -17.97 -25.07
C GLY A 294 19.08 -17.75 -26.03
N MET A 295 17.88 -17.61 -25.46
CA MET A 295 16.68 -17.43 -26.25
C MET A 295 15.91 -16.22 -25.74
N ALA A 296 15.10 -15.65 -26.64
CA ALA A 296 14.24 -14.51 -26.36
C ALA A 296 13.01 -14.60 -27.24
N THR A 297 11.83 -14.77 -26.64
CA THR A 297 10.59 -14.93 -27.38
C THR A 297 9.51 -14.00 -26.81
N THR A 298 8.54 -13.64 -27.66
CA THR A 298 7.30 -13.01 -27.20
C THR A 298 6.27 -14.02 -26.73
N GLY A 299 6.53 -15.30 -26.92
CA GLY A 299 5.53 -16.32 -26.76
C GLY A 299 5.10 -16.87 -28.11
N LYS A 300 4.86 -15.97 -29.07
CA LYS A 300 4.44 -16.33 -30.43
C LYS A 300 5.58 -16.31 -31.45
N GLU A 301 6.60 -15.47 -31.27
CA GLU A 301 7.66 -15.33 -32.25
C GLU A 301 8.93 -14.85 -31.56
N ALA A 302 10.04 -14.98 -32.27
CA ALA A 302 11.30 -14.42 -31.81
C ALA A 302 11.19 -12.91 -31.71
N VAL A 303 11.70 -12.36 -30.60
CA VAL A 303 11.70 -10.91 -30.43
C VAL A 303 12.37 -10.23 -31.62
N LEU A 304 13.52 -10.78 -32.06
CA LEU A 304 14.31 -10.19 -33.13
C LEU A 304 13.63 -10.29 -34.51
N ASP A 305 12.57 -11.09 -34.65
CA ASP A 305 11.83 -11.18 -35.90
C ASP A 305 10.62 -10.27 -35.99
N VAL A 306 10.19 -9.65 -34.88
CA VAL A 306 9.07 -8.73 -34.94
C VAL A 306 9.48 -7.52 -35.76
N ILE A 307 8.69 -7.20 -36.80
CA ILE A 307 8.92 -6.03 -37.62
C ILE A 307 8.11 -4.88 -37.03
N PRO A 308 8.74 -3.86 -36.45
CA PRO A 308 7.97 -2.82 -35.78
C PRO A 308 7.31 -1.88 -36.77
N THR A 309 6.18 -1.32 -36.34
CA THR A 309 5.48 -0.27 -37.07
C THR A 309 5.49 1.05 -36.34
N ASP A 310 5.89 1.07 -35.07
CA ASP A 310 5.92 2.29 -34.27
C ASP A 310 7.19 2.26 -33.43
N ILE A 311 7.95 3.37 -33.40
CA ILE A 311 9.25 3.31 -32.74
C ILE A 311 9.10 3.09 -31.24
N HIS A 312 7.94 3.39 -30.67
CA HIS A 312 7.70 3.18 -29.25
C HIS A 312 6.77 2.01 -28.97
N GLN A 313 6.60 1.10 -29.92
CA GLN A 313 5.69 -0.02 -29.67
C GLN A 313 6.28 -0.98 -28.64
N ARG A 314 5.39 -1.68 -27.95
CA ARG A 314 5.75 -2.59 -26.88
C ARG A 314 5.82 -4.02 -27.41
N ALA A 315 6.52 -4.88 -26.65
CA ALA A 315 6.58 -6.28 -27.00
C ALA A 315 6.64 -7.06 -25.70
N PRO A 316 5.96 -8.20 -25.64
CA PRO A 316 6.21 -9.14 -24.55
C PRO A 316 7.60 -9.73 -24.72
N VAL A 317 8.23 -10.10 -23.62
CA VAL A 317 9.57 -10.68 -23.73
C VAL A 317 9.74 -11.76 -22.67
N ILE A 318 10.25 -12.91 -23.09
CA ILE A 318 10.66 -14.01 -22.22
C ILE A 318 12.03 -14.43 -22.71
N LEU A 319 13.03 -14.38 -21.85
CA LEU A 319 14.39 -14.61 -22.31
C LEU A 319 15.23 -15.27 -21.23
N GLY A 320 16.37 -15.81 -21.65
CA GLY A 320 17.29 -16.46 -20.73
C GLY A 320 17.81 -17.80 -21.24
N SER A 321 18.05 -18.72 -20.31
CA SER A 321 18.62 -20.02 -20.68
C SER A 321 17.68 -20.75 -21.64
N PRO A 322 18.21 -21.38 -22.69
CA PRO A 322 17.32 -21.99 -23.69
C PRO A 322 16.41 -23.08 -23.12
N ASP A 323 16.91 -23.96 -22.24
CA ASP A 323 16.04 -24.99 -21.68
C ASP A 323 14.90 -24.40 -20.86
N ASP A 324 15.14 -23.28 -20.17
CA ASP A 324 14.06 -22.66 -19.40
C ASP A 324 13.04 -22.01 -20.33
N VAL A 325 13.51 -21.32 -21.37
CA VAL A 325 12.60 -20.68 -22.31
C VAL A 325 11.79 -21.72 -23.09
N LEU A 326 12.43 -22.84 -23.46
CA LEU A 326 11.70 -23.92 -24.12
C LEU A 326 10.60 -24.48 -23.22
N GLU A 327 10.90 -24.67 -21.93
CA GLU A 327 9.87 -25.19 -21.04
C GLU A 327 8.71 -24.22 -20.91
N PHE A 328 9.00 -22.91 -20.87
CA PHE A 328 7.91 -21.94 -20.88
C PHE A 328 7.08 -22.07 -22.15
N LEU A 329 7.76 -22.20 -23.28
CA LEU A 329 7.07 -22.33 -24.55
C LEU A 329 6.23 -23.61 -24.62
N LYS A 330 6.69 -24.71 -24.00
CA LYS A 330 5.85 -25.90 -23.94
C LYS A 330 4.57 -25.63 -23.18
N VAL A 331 4.68 -24.98 -22.01
CA VAL A 331 3.49 -24.66 -21.22
C VAL A 331 2.61 -23.67 -21.98
N TYR A 332 3.23 -22.69 -22.64
CA TYR A 332 2.47 -21.68 -23.38
C TYR A 332 1.62 -22.35 -24.44
N GLU A 333 2.19 -23.34 -25.14
CA GLU A 333 1.45 -24.02 -26.16
C GLU A 333 0.33 -24.89 -25.59
N LYS A 334 0.55 -25.52 -24.42
CA LYS A 334 -0.51 -26.28 -23.77
C LYS A 334 -1.75 -25.44 -23.58
N HIS A 335 -1.56 -24.13 -23.35
CA HIS A 335 -2.66 -23.19 -23.21
C HIS A 335 -2.96 -22.48 -24.51
N SER A 336 -2.65 -23.13 -25.64
CA SER A 336 -2.74 -22.58 -27.01
C SER A 336 -2.46 -21.08 -27.12
N ASP B 10 21.35 24.72 5.70
CA ASP B 10 22.79 24.49 5.86
C ASP B 10 23.25 23.06 5.54
N VAL B 11 24.30 22.96 4.71
CA VAL B 11 24.88 21.66 4.39
C VAL B 11 25.33 20.98 5.68
N ASN B 12 25.25 19.65 5.69
CA ASN B 12 25.71 18.87 6.83
C ASN B 12 26.35 17.59 6.30
N THR B 13 27.33 17.09 7.04
CA THR B 13 28.02 15.85 6.73
C THR B 13 27.82 14.88 7.88
N LEU B 14 28.16 13.60 7.63
CA LEU B 14 27.98 12.59 8.68
C LEU B 14 28.81 12.91 9.93
N THR B 15 30.11 13.17 9.77
CA THR B 15 30.96 13.40 10.93
C THR B 15 30.56 14.66 11.69
N ARG B 16 30.26 15.73 10.97
CA ARG B 16 29.82 16.97 11.61
C ARG B 16 28.47 16.79 12.31
N PHE B 17 27.55 16.08 11.67
CA PHE B 17 26.25 15.78 12.29
C PHE B 17 26.44 15.04 13.61
N VAL B 18 27.30 14.01 13.60
CA VAL B 18 27.47 13.18 14.79
C VAL B 18 28.17 13.98 15.89
N MET B 19 29.18 14.78 15.53
CA MET B 19 29.87 15.61 16.52
C MET B 19 28.89 16.57 17.20
N GLU B 20 27.97 17.14 16.44
CA GLU B 20 27.03 18.11 16.99
C GLU B 20 26.05 17.43 17.96
N GLU B 21 25.51 16.26 17.59
CA GLU B 21 24.65 15.54 18.53
C GLU B 21 25.41 15.19 19.80
N GLY B 22 26.65 14.71 19.64
CA GLY B 22 27.43 14.33 20.80
C GLY B 22 27.75 15.51 21.70
N ARG B 23 28.05 16.67 21.10
CA ARG B 23 28.37 17.82 21.93
C ARG B 23 27.13 18.32 22.66
N LYS B 24 25.97 18.35 22.00
CA LYS B 24 24.73 18.65 22.71
C LYS B 24 24.58 17.76 23.94
N ALA B 25 24.74 16.46 23.76
CA ALA B 25 24.57 15.51 24.86
C ALA B 25 25.77 15.43 25.78
N ARG B 26 26.85 16.17 25.49
CA ARG B 26 28.03 16.19 26.36
C ARG B 26 28.58 14.79 26.55
N GLY B 27 28.55 13.99 25.48
CA GLY B 27 29.19 12.69 25.51
C GLY B 27 30.70 12.80 25.47
N THR B 28 31.36 11.67 25.73
CA THR B 28 32.82 11.68 25.81
C THR B 28 33.50 11.75 24.44
N GLY B 29 32.80 11.45 23.35
CA GLY B 29 33.42 11.42 22.04
C GLY B 29 33.75 10.04 21.51
N GLU B 30 33.68 9.00 22.34
CA GLU B 30 34.07 7.66 21.90
C GLU B 30 33.16 7.16 20.76
N LEU B 31 31.86 7.40 20.87
CA LEU B 31 30.95 6.99 19.80
C LEU B 31 31.26 7.71 18.49
N THR B 32 31.60 9.01 18.56
CA THR B 32 31.97 9.76 17.37
C THR B 32 33.23 9.20 16.72
N GLN B 33 34.25 8.87 17.52
CA GLN B 33 35.46 8.24 16.99
C GLN B 33 35.12 6.91 16.33
N LEU B 34 34.21 6.15 16.95
CA LEU B 34 33.71 4.91 16.37
C LEU B 34 33.10 5.14 15.00
N LEU B 35 32.12 6.04 14.93
CA LEU B 35 31.36 6.21 13.70
C LEU B 35 32.23 6.79 12.59
N ASN B 36 33.16 7.69 12.95
CA ASN B 36 34.07 8.25 11.96
C ASN B 36 35.00 7.18 11.37
N SER B 37 35.52 6.29 12.23
CA SER B 37 36.36 5.20 11.75
C SER B 37 35.58 4.27 10.82
N LEU B 38 34.35 3.92 11.20
CA LEU B 38 33.53 3.06 10.35
C LEU B 38 33.24 3.73 9.01
N CYS B 39 33.00 5.05 9.04
N CYS B 39 32.98 5.05 9.03
CA CYS B 39 32.78 5.83 7.81
CA CYS B 39 32.79 5.79 7.78
C CYS B 39 33.99 5.76 6.88
C CYS B 39 34.00 5.68 6.86
N THR B 40 35.19 5.79 7.44
CA THR B 40 36.40 5.62 6.64
C THR B 40 36.42 4.24 5.99
N ALA B 41 36.09 3.21 6.76
CA ALA B 41 36.03 1.85 6.22
C ALA B 41 34.99 1.74 5.11
N VAL B 42 33.81 2.33 5.31
CA VAL B 42 32.75 2.27 4.31
C VAL B 42 33.19 2.92 3.01
N LYS B 43 33.93 4.03 3.09
CA LYS B 43 34.38 4.68 1.86
C LYS B 43 35.41 3.82 1.14
N ALA B 44 36.25 3.11 1.90
CA ALA B 44 37.21 2.19 1.27
C ALA B 44 36.49 0.99 0.67
N ILE B 45 35.43 0.50 1.33
CA ILE B 45 34.65 -0.60 0.76
C ILE B 45 33.96 -0.15 -0.52
N SER B 46 33.29 1.00 -0.48
CA SER B 46 32.65 1.52 -1.68
C SER B 46 33.64 1.61 -2.85
N SER B 47 34.85 2.11 -2.58
CA SER B 47 35.82 2.27 -3.63
C SER B 47 36.21 0.93 -4.26
N ALA B 48 36.42 -0.09 -3.43
CA ALA B 48 36.74 -1.41 -3.94
C ALA B 48 35.55 -2.05 -4.64
N VAL B 49 34.34 -1.87 -4.10
CA VAL B 49 33.13 -2.46 -4.69
C VAL B 49 32.88 -1.89 -6.07
N ARG B 50 33.11 -0.59 -6.26
CA ARG B 50 32.99 0.01 -7.58
C ARG B 50 34.19 -0.30 -8.47
N LYS B 51 35.13 -1.12 -7.99
CA LYS B 51 36.21 -1.69 -8.79
C LYS B 51 37.28 -0.67 -9.16
N ALA B 52 37.48 0.34 -8.33
CA ALA B 52 38.61 1.24 -8.55
C ALA B 52 39.91 0.43 -8.51
N GLY B 53 40.74 0.62 -9.54
CA GLY B 53 41.99 -0.11 -9.63
C GLY B 53 41.92 -1.48 -10.27
N ILE B 54 40.75 -1.91 -10.77
CA ILE B 54 40.62 -3.25 -11.35
C ILE B 54 41.58 -3.43 -12.53
N ALA B 55 41.93 -2.34 -13.23
CA ALA B 55 42.87 -2.44 -14.35
C ALA B 55 44.19 -3.07 -13.93
N HIS B 56 44.61 -2.86 -12.67
CA HIS B 56 45.87 -3.43 -12.21
C HIS B 56 45.76 -4.93 -12.00
N LEU B 57 44.59 -5.43 -11.58
CA LEU B 57 44.40 -6.88 -11.50
C LEU B 57 44.44 -7.52 -12.89
N TYR B 58 44.08 -6.77 -13.93
CA TYR B 58 44.04 -7.32 -15.28
C TYR B 58 45.26 -6.95 -16.12
N GLY B 59 46.33 -6.48 -15.47
CA GLY B 59 47.64 -6.41 -16.09
C GLY B 59 48.03 -5.12 -16.79
N ILE B 60 47.43 -3.99 -16.43
CA ILE B 60 47.72 -2.75 -17.15
C ILE B 60 49.19 -2.38 -16.99
N ALA B 61 49.82 -2.76 -15.88
CA ALA B 61 51.23 -2.46 -15.68
C ALA B 61 52.13 -3.67 -15.89
N GLY B 62 51.62 -4.72 -16.54
CA GLY B 62 52.38 -5.93 -16.81
C GLY B 62 51.94 -7.14 -16.00
N LYS B 73 37.42 -12.47 -1.86
CA LYS B 73 38.47 -11.49 -1.56
C LYS B 73 37.87 -10.14 -1.20
N LEU B 74 36.85 -9.74 -1.96
CA LEU B 74 36.17 -8.48 -1.67
C LEU B 74 35.51 -8.52 -0.31
N ASP B 75 34.83 -9.62 0.02
CA ASP B 75 34.24 -9.69 1.34
C ASP B 75 35.32 -9.82 2.41
N VAL B 76 36.44 -10.48 2.09
CA VAL B 76 37.56 -10.56 3.02
C VAL B 76 38.22 -9.19 3.19
N LEU B 77 38.44 -8.46 2.10
CA LEU B 77 38.96 -7.08 2.21
C LEU B 77 38.01 -6.22 3.04
N SER B 78 36.71 -6.32 2.78
CA SER B 78 35.74 -5.53 3.52
C SER B 78 35.81 -5.82 5.02
N ASN B 79 35.90 -7.09 5.40
CA ASN B 79 36.02 -7.43 6.81
C ASN B 79 37.29 -6.82 7.41
N ASP B 80 38.42 -6.91 6.70
CA ASP B 80 39.68 -6.34 7.19
C ASP B 80 39.60 -4.84 7.39
N LEU B 81 38.91 -4.15 6.48
CA LEU B 81 38.78 -2.70 6.59
C LEU B 81 37.99 -2.33 7.84
N VAL B 82 36.84 -2.96 8.03
CA VAL B 82 36.02 -2.63 9.19
C VAL B 82 36.75 -3.02 10.47
N MET B 83 37.29 -4.24 10.52
CA MET B 83 38.02 -4.70 11.70
C MET B 83 39.15 -3.74 12.06
N ASN B 84 39.96 -3.37 11.07
CA ASN B 84 41.14 -2.58 11.40
C ASN B 84 40.77 -1.16 11.80
N MET B 85 39.77 -0.56 11.14
CA MET B 85 39.39 0.80 11.51
C MET B 85 38.72 0.83 12.87
N LEU B 86 37.93 -0.19 13.21
CA LEU B 86 37.30 -0.20 14.52
C LEU B 86 38.32 -0.51 15.63
N LYS B 87 39.21 -1.47 15.39
CA LYS B 87 40.27 -1.75 16.37
C LYS B 87 41.07 -0.51 16.68
N SER B 88 41.48 0.21 15.65
CA SER B 88 42.34 1.36 15.85
C SER B 88 41.56 2.60 16.27
N SER B 89 40.24 2.50 16.45
CA SER B 89 39.44 3.64 16.85
C SER B 89 39.56 3.98 18.33
N PHE B 90 40.08 3.07 19.13
CA PHE B 90 40.11 3.19 20.58
C PHE B 90 38.71 3.30 21.19
N ALA B 91 37.68 2.85 20.46
CA ALA B 91 36.30 2.92 20.94
C ALA B 91 35.63 1.57 21.11
N THR B 92 36.28 0.47 20.75
CA THR B 92 35.65 -0.85 20.73
C THR B 92 36.44 -1.83 21.59
N CYS B 93 35.75 -2.89 22.02
CA CYS B 93 36.41 -3.94 22.77
C CYS B 93 36.03 -5.32 22.25
N VAL B 94 34.85 -5.45 21.65
CA VAL B 94 34.39 -6.73 21.12
C VAL B 94 33.81 -6.52 19.73
N LEU B 95 34.28 -7.31 18.75
CA LEU B 95 33.85 -7.19 17.37
C LEU B 95 33.34 -8.54 16.89
N VAL B 96 32.07 -8.56 16.46
CA VAL B 96 31.43 -9.75 15.90
C VAL B 96 31.16 -9.49 14.43
N SER B 97 31.62 -10.41 13.59
CA SER B 97 31.48 -10.29 12.16
C SER B 97 30.93 -11.58 11.58
N GLU B 98 30.09 -11.43 10.56
CA GLU B 98 29.64 -12.56 9.78
C GLU B 98 30.83 -13.39 9.29
N GLU B 99 31.98 -12.74 9.11
CA GLU B 99 33.16 -13.37 8.53
C GLU B 99 33.96 -14.21 9.53
N ASP B 100 33.73 -14.05 10.83
CA ASP B 100 34.60 -14.64 11.84
C ASP B 100 33.80 -15.56 12.77
N LYS B 101 34.33 -16.77 12.99
CA LYS B 101 33.62 -17.79 13.76
C LYS B 101 33.35 -17.34 15.19
N HIS B 102 34.35 -16.77 15.86
CA HIS B 102 34.22 -16.27 17.22
C HIS B 102 34.36 -14.75 17.22
N ALA B 103 33.89 -14.14 18.30
CA ALA B 103 34.08 -12.71 18.49
C ALA B 103 35.58 -12.38 18.52
N ILE B 104 35.93 -11.24 17.95
CA ILE B 104 37.29 -10.71 18.02
C ILE B 104 37.38 -9.86 19.27
N ILE B 105 38.41 -10.07 20.07
CA ILE B 105 38.63 -9.27 21.27
C ILE B 105 39.72 -8.25 20.96
N VAL B 106 39.37 -6.97 21.09
CA VAL B 106 40.32 -5.91 20.80
C VAL B 106 41.48 -5.96 21.80
N GLU B 107 42.69 -5.76 21.30
CA GLU B 107 43.86 -5.85 22.15
C GLU B 107 43.83 -4.77 23.23
N PRO B 108 44.38 -5.05 24.41
CA PRO B 108 44.09 -4.20 25.59
C PRO B 108 44.36 -2.72 25.43
N GLU B 109 45.50 -2.31 24.86
CA GLU B 109 45.80 -0.89 24.80
C GLU B 109 44.89 -0.13 23.84
N LYS B 110 44.12 -0.84 23.01
CA LYS B 110 43.24 -0.22 22.02
C LYS B 110 41.79 -0.23 22.46
N ARG B 111 41.49 -0.71 23.67
CA ARG B 111 40.12 -1.00 24.06
C ARG B 111 39.30 0.24 24.37
N GLY B 112 38.06 0.21 23.91
CA GLY B 112 37.05 1.18 24.28
C GLY B 112 35.81 0.47 24.78
N LYS B 113 34.70 1.19 24.96
CA LYS B 113 33.60 0.61 25.68
C LYS B 113 32.53 -0.02 24.78
N TYR B 114 32.68 0.02 23.45
CA TYR B 114 31.58 -0.38 22.57
C TYR B 114 31.80 -1.73 21.94
N VAL B 115 30.69 -2.43 21.70
CA VAL B 115 30.65 -3.69 20.98
C VAL B 115 29.98 -3.42 19.65
N VAL B 116 30.57 -3.93 18.57
CA VAL B 116 30.03 -3.73 17.24
C VAL B 116 29.85 -5.09 16.60
N CYS B 117 28.64 -5.36 16.13
CA CYS B 117 28.33 -6.51 15.31
C CYS B 117 28.08 -6.00 13.90
N PHE B 118 28.70 -6.61 12.91
CA PHE B 118 28.56 -6.10 11.56
C PHE B 118 28.62 -7.22 10.53
N ASP B 119 27.99 -6.97 9.40
CA ASP B 119 28.11 -7.78 8.20
C ASP B 119 28.87 -6.92 7.19
N PRO B 120 30.16 -7.19 6.94
CA PRO B 120 30.97 -6.22 6.18
C PRO B 120 30.56 -6.09 4.73
N LEU B 121 30.14 -7.16 4.07
CA LEU B 121 29.70 -7.04 2.69
C LEU B 121 28.51 -7.99 2.49
N ASP B 122 27.36 -7.59 3.02
CA ASP B 122 26.16 -8.40 2.87
C ASP B 122 25.74 -8.46 1.42
N GLY B 123 25.35 -9.66 0.99
CA GLY B 123 24.93 -9.89 -0.37
C GLY B 123 26.04 -10.26 -1.32
N SER B 124 27.29 -10.37 -0.85
CA SER B 124 28.41 -10.52 -1.78
C SER B 124 28.43 -11.88 -2.49
N SER B 125 27.68 -12.87 -2.01
CA SER B 125 27.66 -14.16 -2.71
C SER B 125 27.17 -14.00 -4.15
N ASN B 126 26.32 -13.02 -4.41
CA ASN B 126 25.81 -12.77 -5.76
C ASN B 126 26.47 -11.55 -6.41
N ILE B 127 27.60 -11.07 -5.88
CA ILE B 127 28.23 -9.89 -6.47
C ILE B 127 28.77 -10.16 -7.87
N ASP B 128 28.84 -11.42 -8.28
CA ASP B 128 29.23 -11.76 -9.64
C ASP B 128 28.30 -11.11 -10.67
N CYS B 129 27.05 -10.88 -10.31
CA CYS B 129 26.12 -10.21 -11.20
C CYS B 129 25.95 -8.74 -10.88
N LEU B 130 26.80 -8.21 -9.99
CA LEU B 130 26.83 -6.78 -9.67
C LEU B 130 25.54 -6.32 -9.01
N VAL B 131 24.86 -7.26 -8.33
CA VAL B 131 23.75 -6.89 -7.48
C VAL B 131 24.23 -5.90 -6.42
N SER B 132 23.34 -5.00 -6.01
CA SER B 132 23.63 -4.13 -4.88
C SER B 132 24.09 -4.95 -3.69
N VAL B 133 25.09 -4.42 -2.96
CA VAL B 133 25.59 -5.04 -1.74
C VAL B 133 25.64 -3.96 -0.66
N GLY B 134 25.98 -4.38 0.56
CA GLY B 134 25.99 -3.43 1.65
C GLY B 134 26.73 -3.87 2.90
N THR B 135 26.92 -2.91 3.80
CA THR B 135 27.50 -3.16 5.12
C THR B 135 26.46 -2.85 6.19
N ILE B 136 26.25 -3.79 7.11
CA ILE B 136 25.28 -3.65 8.19
C ILE B 136 26.02 -3.58 9.53
N PHE B 137 25.57 -2.72 10.44
CA PHE B 137 26.24 -2.63 11.71
C PHE B 137 25.25 -2.30 12.83
N GLY B 138 25.56 -2.80 14.03
CA GLY B 138 24.87 -2.44 15.26
C GLY B 138 25.86 -2.26 16.40
N ILE B 139 25.69 -1.23 17.21
CA ILE B 139 26.65 -0.84 18.23
C ILE B 139 26.01 -0.92 19.61
N TYR B 140 26.67 -1.63 20.53
CA TYR B 140 26.23 -1.77 21.92
C TYR B 140 27.29 -1.23 22.88
N ARG B 141 26.85 -0.88 24.08
CA ARG B 141 27.79 -0.66 25.15
C ARG B 141 28.16 -1.99 25.80
N LYS B 142 29.46 -2.17 26.04
CA LYS B 142 30.03 -3.23 26.87
C LYS B 142 29.16 -3.49 28.09
N LYS B 143 29.03 -4.77 28.44
CA LYS B 143 28.03 -5.19 29.43
C LYS B 143 28.55 -5.18 30.85
N SER B 144 29.84 -5.46 31.06
CA SER B 144 30.41 -5.48 32.40
C SER B 144 31.84 -4.95 32.33
N THR B 145 32.40 -4.63 33.50
CA THR B 145 33.78 -4.15 33.58
C THR B 145 34.77 -5.30 33.69
N ASP B 146 34.30 -6.54 33.63
CA ASP B 146 35.14 -7.73 33.56
C ASP B 146 35.97 -7.70 32.28
N GLU B 147 36.83 -8.70 32.09
CA GLU B 147 37.50 -8.85 30.82
C GLU B 147 36.47 -8.95 29.70
N PRO B 148 36.60 -8.17 28.63
CA PRO B 148 35.60 -8.24 27.55
C PRO B 148 35.61 -9.60 26.88
N SER B 149 34.42 -10.09 26.53
CA SER B 149 34.36 -11.37 25.84
C SER B 149 33.12 -11.43 24.98
N GLU B 150 33.02 -12.53 24.23
CA GLU B 150 31.91 -12.80 23.33
C GLU B 150 30.57 -12.61 23.99
N LYS B 151 30.49 -12.81 25.31
CA LYS B 151 29.23 -12.64 26.02
C LYS B 151 28.72 -11.20 25.94
N ASP B 152 29.61 -10.23 25.75
CA ASP B 152 29.20 -8.83 25.64
C ASP B 152 28.38 -8.57 24.37
N ALA B 153 28.48 -9.46 23.38
CA ALA B 153 27.72 -9.35 22.15
C ALA B 153 26.36 -10.01 22.24
N LEU B 154 26.08 -10.74 23.31
CA LEU B 154 24.82 -11.48 23.44
C LEU B 154 23.74 -10.63 24.12
N GLN B 155 23.50 -9.44 23.57
CA GLN B 155 22.46 -8.56 24.09
C GLN B 155 21.26 -8.51 23.13
N PRO B 156 20.06 -8.26 23.66
CA PRO B 156 18.92 -8.05 22.77
C PRO B 156 19.04 -6.72 22.03
N GLY B 157 18.43 -6.67 20.85
CA GLY B 157 18.51 -5.47 20.03
C GLY B 157 18.02 -4.22 20.72
N ARG B 158 17.12 -4.36 21.70
CA ARG B 158 16.63 -3.23 22.49
C ARG B 158 17.77 -2.44 23.10
N ASN B 159 18.92 -3.09 23.33
CA ASN B 159 20.05 -2.42 23.96
C ASN B 159 20.88 -1.61 22.98
N LEU B 160 20.53 -1.60 21.70
CA LEU B 160 21.35 -0.94 20.69
C LEU B 160 21.47 0.56 20.98
N VAL B 161 22.70 1.06 20.82
CA VAL B 161 22.99 2.49 20.95
C VAL B 161 22.89 3.20 19.61
N ALA B 162 23.35 2.55 18.54
CA ALA B 162 23.24 3.05 17.18
C ALA B 162 23.31 1.86 16.24
N ALA B 163 22.72 2.02 15.06
CA ALA B 163 22.74 0.97 14.06
C ALA B 163 22.47 1.59 12.71
N GLY B 164 22.80 0.85 11.66
CA GLY B 164 22.46 1.28 10.32
C GLY B 164 23.18 0.45 9.28
N TYR B 165 23.29 1.03 8.09
CA TYR B 165 23.87 0.28 7.00
C TYR B 165 24.39 1.25 5.95
N ALA B 166 25.39 0.79 5.21
CA ALA B 166 25.79 1.42 3.96
C ALA B 166 25.25 0.56 2.82
N LEU B 167 24.60 1.20 1.87
CA LEU B 167 24.12 0.52 0.67
C LEU B 167 25.02 0.93 -0.48
N TYR B 168 25.67 -0.05 -1.11
CA TYR B 168 26.47 0.19 -2.31
C TYR B 168 25.59 -0.16 -3.51
N GLY B 169 24.70 0.77 -3.86
CA GLY B 169 23.74 0.59 -4.93
C GLY B 169 24.10 1.41 -6.16
N SER B 170 23.09 1.99 -6.82
CA SER B 170 23.39 2.88 -7.93
C SER B 170 24.28 4.02 -7.46
N ALA B 171 24.06 4.50 -6.23
CA ALA B 171 25.00 5.36 -5.52
C ALA B 171 25.22 4.71 -4.16
N THR B 172 26.15 5.26 -3.38
CA THR B 172 26.45 4.76 -2.04
C THR B 172 25.79 5.66 -0.99
N MET B 173 25.00 5.05 -0.10
CA MET B 173 24.30 5.79 0.94
C MET B 173 24.49 5.10 2.28
N LEU B 174 24.74 5.91 3.31
CA LEU B 174 24.85 5.43 4.68
C LEU B 174 23.60 5.88 5.45
N VAL B 175 22.88 4.91 6.00
CA VAL B 175 21.69 5.15 6.81
C VAL B 175 22.06 4.91 8.28
N LEU B 176 21.90 5.92 9.11
CA LEU B 176 22.31 5.88 10.51
C LEU B 176 21.11 6.13 11.42
N ALA B 177 20.84 5.18 12.30
CA ALA B 177 19.76 5.29 13.27
C ALA B 177 20.34 5.42 14.67
N MET B 178 19.84 6.40 15.43
CA MET B 178 20.14 6.60 16.84
C MET B 178 18.86 7.05 17.52
N ASP B 179 18.93 7.35 18.82
CA ASP B 179 17.75 7.81 19.54
C ASP B 179 17.14 9.05 18.90
N CYS B 180 17.95 9.92 18.32
CA CYS B 180 17.43 11.11 17.66
C CYS B 180 16.68 10.78 16.36
N GLY B 181 16.67 9.53 15.89
CA GLY B 181 15.97 9.15 14.68
C GLY B 181 16.92 8.61 13.62
N VAL B 182 16.41 8.53 12.39
CA VAL B 182 17.12 7.91 11.28
C VAL B 182 17.51 9.00 10.29
N ASN B 183 18.78 9.00 9.88
CA ASN B 183 19.28 10.00 8.94
C ASN B 183 20.06 9.31 7.83
N CYS B 184 19.90 9.80 6.60
CA CYS B 184 20.45 9.19 5.39
C CYS B 184 21.47 10.12 4.75
N PHE B 185 22.67 9.61 4.53
CA PHE B 185 23.79 10.41 4.04
C PHE B 185 24.27 9.81 2.74
N MET B 186 24.35 10.62 1.69
CA MET B 186 24.82 10.16 0.40
C MET B 186 26.34 10.38 0.30
N LEU B 187 27.07 9.33 -0.06
CA LEU B 187 28.49 9.48 -0.31
C LEU B 187 28.71 10.24 -1.61
N ASP B 188 29.39 11.39 -1.53
CA ASP B 188 29.79 12.14 -2.71
C ASP B 188 31.20 11.67 -3.09
N PRO B 189 31.36 10.86 -4.15
CA PRO B 189 32.69 10.28 -4.43
C PRO B 189 33.73 11.29 -4.86
N ALA B 190 33.32 12.47 -5.34
CA ALA B 190 34.25 13.51 -5.75
C ALA B 190 35.05 14.06 -4.56
N ILE B 191 34.49 14.01 -3.35
CA ILE B 191 35.14 14.59 -2.18
C ILE B 191 35.21 13.63 -1.01
N GLY B 192 34.65 12.43 -1.14
CA GLY B 192 34.77 11.48 -0.04
C GLY B 192 34.14 12.00 1.23
N GLU B 193 32.93 12.53 1.10
CA GLU B 193 32.17 13.02 2.23
C GLU B 193 30.74 12.49 2.13
N PHE B 194 30.17 12.07 3.26
CA PHE B 194 28.77 11.67 3.35
C PHE B 194 27.89 12.88 3.61
N ILE B 195 27.03 13.21 2.65
CA ILE B 195 26.21 14.41 2.71
C ILE B 195 24.84 14.07 3.27
N LEU B 196 24.41 14.79 4.32
CA LEU B 196 23.07 14.57 4.85
C LEU B 196 22.03 14.98 3.82
N VAL B 197 21.23 14.03 3.34
CA VAL B 197 20.24 14.34 2.31
C VAL B 197 18.80 14.02 2.73
N ASP B 198 18.57 13.18 3.74
CA ASP B 198 17.23 12.92 4.24
C ASP B 198 17.29 12.91 5.76
N LYS B 199 16.58 13.84 6.38
CA LYS B 199 16.65 14.04 7.83
C LYS B 199 15.46 13.40 8.53
N ASP B 200 15.73 12.72 9.63
CA ASP B 200 14.71 12.22 10.54
C ASP B 200 13.60 11.49 9.79
N VAL B 201 14.01 10.44 9.06
CA VAL B 201 13.12 9.74 8.14
C VAL B 201 12.10 8.91 8.89
N LYS B 202 10.89 8.86 8.34
CA LYS B 202 9.84 7.99 8.84
C LYS B 202 9.31 7.18 7.67
N ILE B 203 9.03 5.92 7.90
CA ILE B 203 8.52 5.05 6.84
C ILE B 203 7.03 5.34 6.67
N LYS B 204 6.52 5.13 5.46
CA LYS B 204 5.09 5.20 5.22
C LYS B 204 4.34 4.29 6.17
N LYS B 205 3.17 4.73 6.59
CA LYS B 205 2.33 3.90 7.45
C LYS B 205 1.93 2.61 6.74
N LYS B 206 1.73 2.67 5.43
CA LYS B 206 1.35 1.51 4.63
C LYS B 206 1.93 1.62 3.23
N GLY B 207 2.44 0.51 2.72
CA GLY B 207 3.06 0.48 1.42
C GLY B 207 2.23 -0.30 0.41
N LYS B 208 2.85 -0.52 -0.76
CA LYS B 208 2.23 -1.25 -1.87
C LYS B 208 3.18 -2.27 -2.48
N ILE B 209 4.22 -2.67 -1.77
CA ILE B 209 5.21 -3.64 -2.26
C ILE B 209 5.45 -4.67 -1.16
N TYR B 210 5.50 -5.95 -1.54
CA TYR B 210 5.97 -7.00 -0.64
C TYR B 210 7.22 -7.64 -1.21
N SER B 211 8.08 -8.15 -0.32
CA SER B 211 9.42 -8.53 -0.72
C SER B 211 9.80 -9.84 -0.05
N LEU B 212 9.85 -10.93 -0.82
CA LEU B 212 10.36 -12.20 -0.30
C LEU B 212 10.62 -13.14 -1.47
N ASN B 213 11.38 -14.19 -1.20
CA ASN B 213 11.73 -15.22 -2.17
C ASN B 213 10.55 -16.18 -2.31
N GLU B 214 9.68 -15.95 -3.29
CA GLU B 214 8.53 -16.82 -3.47
C GLU B 214 8.90 -18.18 -4.04
N GLY B 215 10.17 -18.37 -4.45
CA GLY B 215 10.63 -19.67 -4.88
C GLY B 215 10.54 -20.74 -3.82
N TYR B 216 10.45 -20.34 -2.55
CA TYR B 216 10.30 -21.27 -1.44
C TYR B 216 8.84 -21.43 -1.01
N ALA B 217 7.88 -21.16 -1.91
CA ALA B 217 6.46 -21.24 -1.54
C ALA B 217 6.11 -22.60 -0.98
N LYS B 218 6.75 -23.67 -1.47
CA LYS B 218 6.46 -25.03 -1.01
C LYS B 218 6.65 -25.19 0.49
N ASP B 219 7.55 -24.43 1.09
CA ASP B 219 7.87 -24.57 2.50
C ASP B 219 7.18 -23.53 3.39
N PHE B 220 6.36 -22.63 2.82
CA PHE B 220 5.82 -21.54 3.62
C PHE B 220 4.98 -22.03 4.78
N ASP B 221 5.13 -21.36 5.91
CA ASP B 221 4.14 -21.43 6.96
C ASP B 221 2.79 -21.00 6.39
N PRO B 222 1.68 -21.61 6.79
CA PRO B 222 0.39 -21.24 6.18
C PRO B 222 0.06 -19.77 6.35
N ALA B 223 0.50 -19.13 7.44
CA ALA B 223 0.25 -17.70 7.61
C ALA B 223 0.98 -16.87 6.54
N VAL B 224 2.22 -17.23 6.21
CA VAL B 224 2.91 -16.55 5.11
C VAL B 224 2.17 -16.78 3.79
N THR B 225 1.76 -18.03 3.53
CA THR B 225 0.98 -18.31 2.32
C THR B 225 -0.29 -17.48 2.26
N GLU B 226 -1.01 -17.41 3.38
CA GLU B 226 -2.24 -16.62 3.39
C GLU B 226 -1.95 -15.13 3.25
N TYR B 227 -0.93 -14.62 3.96
CA TYR B 227 -0.62 -13.20 3.85
C TYR B 227 -0.28 -12.82 2.42
N ILE B 228 0.55 -13.62 1.75
CA ILE B 228 0.93 -13.30 0.37
C ILE B 228 -0.28 -13.39 -0.56
N GLN B 229 -1.19 -14.33 -0.31
CA GLN B 229 -2.39 -14.42 -1.13
C GLN B 229 -3.20 -13.14 -1.06
N ARG B 230 -3.28 -12.53 0.13
CA ARG B 230 -3.99 -11.26 0.31
C ARG B 230 -3.32 -10.12 -0.45
N LYS B 231 -2.00 -10.18 -0.66
CA LYS B 231 -1.32 -9.13 -1.41
C LYS B 231 -1.61 -9.25 -2.90
N LYS B 232 -1.73 -10.48 -3.41
CA LYS B 232 -2.01 -10.70 -4.82
C LYS B 232 -3.49 -10.67 -5.16
N PHE B 233 -4.36 -11.15 -4.27
CA PHE B 233 -5.80 -11.22 -4.50
C PHE B 233 -6.48 -10.52 -3.33
N PRO B 234 -6.47 -9.19 -3.31
CA PRO B 234 -7.02 -8.47 -2.14
C PRO B 234 -8.51 -8.73 -1.99
N PRO B 235 -8.98 -9.03 -0.78
CA PRO B 235 -10.43 -9.25 -0.60
C PRO B 235 -11.23 -7.97 -0.72
N ASP B 236 -10.64 -6.82 -0.42
CA ASP B 236 -11.35 -5.54 -0.39
C ASP B 236 -11.30 -4.82 -1.73
N ASN B 237 -10.92 -5.51 -2.80
CA ASN B 237 -10.91 -4.98 -4.16
C ASN B 237 -9.95 -3.82 -4.35
N SER B 238 -8.98 -3.66 -3.45
CA SER B 238 -7.90 -2.70 -3.67
C SER B 238 -6.88 -3.30 -4.66
N ALA B 239 -5.98 -2.45 -5.13
CA ALA B 239 -4.98 -2.90 -6.11
C ALA B 239 -4.03 -3.92 -5.47
N PRO B 240 -3.65 -4.96 -6.20
CA PRO B 240 -2.64 -5.89 -5.68
C PRO B 240 -1.32 -5.17 -5.44
N TYR B 241 -0.56 -5.66 -4.47
CA TYR B 241 0.79 -5.14 -4.25
C TYR B 241 1.70 -5.54 -5.39
N GLY B 242 2.69 -4.70 -5.68
CA GLY B 242 3.78 -5.14 -6.51
C GLY B 242 4.76 -5.98 -5.73
N ALA B 243 5.55 -6.77 -6.45
CA ALA B 243 6.55 -7.64 -5.85
C ALA B 243 7.94 -7.17 -6.25
N ARG B 244 8.85 -7.13 -5.28
CA ARG B 244 10.26 -6.83 -5.53
C ARG B 244 11.09 -7.68 -4.60
N TYR B 245 12.14 -8.32 -5.13
CA TYR B 245 13.05 -9.09 -4.28
C TYR B 245 14.42 -9.08 -4.96
N VAL B 246 15.29 -8.17 -4.52
CA VAL B 246 16.66 -8.11 -5.04
C VAL B 246 17.45 -9.33 -4.63
N GLY B 247 17.17 -9.90 -3.45
CA GLY B 247 17.98 -10.97 -2.91
C GLY B 247 19.20 -10.50 -2.15
N SER B 248 19.37 -9.19 -1.99
CA SER B 248 20.39 -8.62 -1.13
C SER B 248 19.67 -7.82 -0.06
N MET B 249 19.84 -8.21 1.20
CA MET B 249 18.98 -7.69 2.26
C MET B 249 19.05 -6.17 2.36
N VAL B 250 20.25 -5.59 2.22
CA VAL B 250 20.37 -4.14 2.38
C VAL B 250 19.59 -3.41 1.30
N ALA B 251 19.63 -3.92 0.06
CA ALA B 251 18.87 -3.27 -1.01
C ALA B 251 17.37 -3.37 -0.76
N ASP B 252 16.89 -4.56 -0.38
CA ASP B 252 15.45 -4.73 -0.15
C ASP B 252 14.98 -3.95 1.08
N VAL B 253 15.76 -3.96 2.15
CA VAL B 253 15.36 -3.20 3.32
C VAL B 253 15.37 -1.70 3.00
N HIS B 254 16.37 -1.23 2.26
CA HIS B 254 16.40 0.20 1.94
C HIS B 254 15.21 0.61 1.08
N ARG B 255 14.83 -0.22 0.10
CA ARG B 255 13.62 0.07 -0.67
C ARG B 255 12.40 0.13 0.23
N THR B 256 12.29 -0.78 1.19
CA THR B 256 11.15 -0.77 2.11
C THR B 256 11.10 0.53 2.92
N LEU B 257 12.26 1.00 3.40
CA LEU B 257 12.30 2.27 4.12
C LEU B 257 11.86 3.43 3.24
N VAL B 258 12.35 3.48 1.99
CA VAL B 258 12.16 4.64 1.12
C VAL B 258 10.74 4.67 0.55
N TYR B 259 10.22 3.52 0.12
CA TYR B 259 8.94 3.43 -0.58
C TYR B 259 7.82 2.88 0.29
N GLY B 260 8.16 2.26 1.42
CA GLY B 260 7.18 1.57 2.23
C GLY B 260 6.91 0.17 1.71
N GLY B 261 6.14 -0.57 2.49
CA GLY B 261 5.82 -1.94 2.15
C GLY B 261 6.37 -2.89 3.20
N ILE B 262 6.63 -4.12 2.77
CA ILE B 262 6.98 -5.17 3.72
C ILE B 262 8.07 -6.06 3.15
N PHE B 263 9.02 -6.44 4.01
CA PHE B 263 10.08 -7.39 3.68
C PHE B 263 9.97 -8.58 4.61
N LEU B 264 10.05 -9.79 4.05
CA LEU B 264 9.87 -11.03 4.81
C LEU B 264 10.99 -12.02 4.49
N TYR B 265 11.60 -12.57 5.54
CA TYR B 265 12.41 -13.79 5.46
C TYR B 265 11.95 -14.65 6.61
N PRO B 266 10.82 -15.34 6.46
CA PRO B 266 10.12 -15.91 7.61
C PRO B 266 10.61 -17.30 7.97
N ALA B 267 10.19 -17.74 9.15
CA ALA B 267 10.45 -19.11 9.57
C ALA B 267 9.56 -20.07 8.80
N ASN B 268 10.07 -21.29 8.62
CA ASN B 268 9.31 -22.37 8.01
C ASN B 268 9.67 -23.66 8.72
N LYS B 269 9.12 -24.77 8.25
CA LYS B 269 9.35 -26.04 8.94
C LYS B 269 10.79 -26.51 8.78
N LYS B 270 11.41 -26.22 7.63
CA LYS B 270 12.81 -26.59 7.41
C LYS B 270 13.78 -25.63 8.11
N SER B 271 13.38 -24.37 8.30
CA SER B 271 14.22 -23.36 8.94
C SER B 271 13.40 -22.68 10.02
N PRO B 272 13.24 -23.31 11.19
CA PRO B 272 12.33 -22.75 12.21
C PRO B 272 12.78 -21.42 12.77
N ASN B 273 14.06 -21.08 12.62
CA ASN B 273 14.58 -19.78 13.02
C ASN B 273 15.00 -18.90 11.85
N GLY B 274 14.54 -19.22 10.64
CA GLY B 274 14.92 -18.40 9.51
C GLY B 274 16.33 -18.66 9.02
N LYS B 275 16.78 -17.76 8.14
CA LYS B 275 18.11 -17.82 7.54
C LYS B 275 18.98 -16.61 7.87
N LEU B 276 18.39 -15.42 7.98
CA LEU B 276 19.20 -14.23 8.27
C LEU B 276 19.72 -14.27 9.70
N ARG B 277 20.86 -13.62 9.91
CA ARG B 277 21.52 -13.63 11.22
C ARG B 277 20.95 -12.54 12.12
N LEU B 278 20.68 -12.89 13.37
CA LEU B 278 20.04 -11.98 14.31
C LEU B 278 20.95 -10.79 14.69
N LEU B 279 22.23 -11.05 14.98
CA LEU B 279 23.06 -10.03 15.62
C LEU B 279 23.48 -8.92 14.64
N TYR B 280 23.81 -9.27 13.39
CA TYR B 280 24.36 -8.30 12.45
C TYR B 280 23.57 -8.21 11.15
N GLU B 281 22.40 -8.84 11.05
CA GLU B 281 21.48 -8.57 9.94
C GLU B 281 20.12 -8.12 10.46
N CYS B 282 19.46 -8.91 11.31
CA CYS B 282 18.11 -8.59 11.73
C CYS B 282 18.05 -7.41 12.70
N ASN B 283 18.84 -7.45 13.78
CA ASN B 283 18.75 -6.41 14.81
C ASN B 283 19.03 -5.02 14.27
N PRO B 284 20.13 -4.78 13.54
CA PRO B 284 20.34 -3.42 13.00
C PRO B 284 19.19 -2.95 12.11
N MET B 285 18.66 -3.83 11.25
CA MET B 285 17.55 -3.43 10.40
C MET B 285 16.26 -3.19 11.21
N ALA B 286 15.99 -4.04 12.21
CA ALA B 286 14.84 -3.79 13.10
C ALA B 286 14.97 -2.46 13.84
N TYR B 287 16.16 -2.12 14.29
CA TYR B 287 16.37 -0.85 14.99
C TYR B 287 16.16 0.33 14.05
N VAL B 288 16.73 0.26 12.84
CA VAL B 288 16.45 1.29 11.83
C VAL B 288 14.95 1.42 11.62
N MET B 289 14.27 0.27 11.43
CA MET B 289 12.84 0.29 11.18
C MET B 289 12.07 0.91 12.33
N GLU B 290 12.37 0.52 13.57
CA GLU B 290 11.59 1.06 14.67
C GLU B 290 11.84 2.55 14.83
N LYS B 291 13.10 2.99 14.69
CA LYS B 291 13.40 4.41 14.76
C LYS B 291 12.75 5.20 13.65
N ALA B 292 12.39 4.55 12.53
CA ALA B 292 11.68 5.20 11.45
C ALA B 292 10.16 5.06 11.54
N GLY B 293 9.65 4.56 12.67
CA GLY B 293 8.22 4.36 12.83
C GLY B 293 7.65 3.11 12.18
N GLY B 294 8.51 2.17 11.78
CA GLY B 294 8.07 0.89 11.26
C GLY B 294 8.13 -0.19 12.33
N MET B 295 7.99 -1.44 11.88
CA MET B 295 7.95 -2.56 12.80
C MET B 295 8.85 -3.68 12.30
N ALA B 296 9.26 -4.55 13.22
CA ALA B 296 10.07 -5.70 12.85
C ALA B 296 9.79 -6.83 13.83
N THR B 297 9.22 -7.92 13.32
CA THR B 297 8.79 -9.05 14.14
C THR B 297 9.38 -10.34 13.61
N THR B 298 9.54 -11.31 14.51
CA THR B 298 9.80 -12.69 14.12
C THR B 298 8.53 -13.45 13.79
N GLY B 299 7.38 -12.82 14.02
CA GLY B 299 6.11 -13.51 13.97
C GLY B 299 5.58 -13.76 15.37
N LYS B 300 6.46 -14.20 16.24
CA LYS B 300 6.12 -14.45 17.63
C LYS B 300 6.47 -13.28 18.55
N GLU B 301 7.49 -12.49 18.24
CA GLU B 301 7.90 -11.39 19.10
C GLU B 301 8.66 -10.38 18.26
N ALA B 302 8.82 -9.18 18.83
CA ALA B 302 9.67 -8.16 18.24
C ALA B 302 11.12 -8.64 18.13
N VAL B 303 11.73 -8.41 16.97
CA VAL B 303 13.12 -8.79 16.75
C VAL B 303 14.00 -8.24 17.86
N LEU B 304 13.77 -6.99 18.27
CA LEU B 304 14.63 -6.37 19.25
C LEU B 304 14.50 -6.98 20.65
N ASP B 305 13.47 -7.81 20.89
CA ASP B 305 13.31 -8.45 22.19
C ASP B 305 13.93 -9.86 22.27
N VAL B 306 14.39 -10.43 21.17
CA VAL B 306 15.06 -11.72 21.23
C VAL B 306 16.39 -11.59 21.97
N ILE B 307 16.59 -12.42 22.97
CA ILE B 307 17.85 -12.46 23.73
C ILE B 307 18.72 -13.55 23.11
N PRO B 308 19.82 -13.22 22.46
CA PRO B 308 20.61 -14.23 21.75
C PRO B 308 21.46 -15.07 22.70
N THR B 309 21.71 -16.31 22.29
CA THR B 309 22.64 -17.18 23.01
C THR B 309 23.87 -17.56 22.21
N ASP B 310 23.88 -17.32 20.89
CA ASP B 310 25.01 -17.62 20.03
C ASP B 310 25.14 -16.45 19.04
N ILE B 311 26.36 -15.96 18.85
CA ILE B 311 26.53 -14.75 18.07
C ILE B 311 26.14 -14.92 16.60
N HIS B 312 26.11 -16.15 16.09
CA HIS B 312 25.74 -16.41 14.70
C HIS B 312 24.36 -17.05 14.57
N GLN B 313 23.51 -16.93 15.60
CA GLN B 313 22.21 -17.56 15.51
C GLN B 313 21.32 -16.82 14.52
N ARG B 314 20.36 -17.56 13.96
CA ARG B 314 19.47 -17.02 12.95
C ARG B 314 18.15 -16.56 13.57
N ALA B 315 17.44 -15.71 12.82
CA ALA B 315 16.15 -15.23 13.27
C ALA B 315 15.23 -15.05 12.08
N PRO B 316 13.95 -15.40 12.22
CA PRO B 316 12.97 -14.97 11.23
C PRO B 316 12.76 -13.48 11.32
N VAL B 317 12.44 -12.85 10.20
CA VAL B 317 12.24 -11.40 10.25
C VAL B 317 11.17 -11.00 9.25
N ILE B 318 10.23 -10.18 9.72
CA ILE B 318 9.24 -9.51 8.89
C ILE B 318 9.26 -8.06 9.34
N LEU B 319 9.49 -7.14 8.41
CA LEU B 319 9.69 -5.76 8.81
C LEU B 319 9.14 -4.82 7.76
N GLY B 320 8.97 -3.56 8.15
CA GLY B 320 8.48 -2.53 7.25
C GLY B 320 7.38 -1.67 7.83
N SER B 321 6.50 -1.21 6.95
CA SER B 321 5.43 -0.29 7.32
C SER B 321 4.53 -0.90 8.41
N PRO B 322 4.13 -0.12 9.42
CA PRO B 322 3.34 -0.70 10.53
C PRO B 322 2.02 -1.33 10.11
N ASP B 323 1.25 -0.69 9.24
CA ASP B 323 0.00 -1.30 8.80
C ASP B 323 0.26 -2.63 8.10
N ASP B 324 1.36 -2.74 7.36
CA ASP B 324 1.64 -4.00 6.68
C ASP B 324 2.07 -5.07 7.68
N VAL B 325 2.96 -4.71 8.61
CA VAL B 325 3.42 -5.70 9.59
C VAL B 325 2.28 -6.11 10.51
N LEU B 326 1.44 -5.15 10.93
CA LEU B 326 0.29 -5.51 11.77
C LEU B 326 -0.67 -6.43 11.02
N GLU B 327 -0.90 -6.14 9.73
CA GLU B 327 -1.76 -7.01 8.94
C GLU B 327 -1.20 -8.41 8.86
N PHE B 328 0.12 -8.54 8.67
CA PHE B 328 0.71 -9.86 8.69
C PHE B 328 0.55 -10.51 10.05
N LEU B 329 0.79 -9.76 11.13
CA LEU B 329 0.70 -10.33 12.47
C LEU B 329 -0.72 -10.81 12.77
N LYS B 330 -1.74 -10.13 12.27
CA LYS B 330 -3.11 -10.61 12.45
C LYS B 330 -3.32 -11.97 11.76
N VAL B 331 -2.78 -12.14 10.56
CA VAL B 331 -2.88 -13.45 9.90
C VAL B 331 -2.12 -14.50 10.70
N TYR B 332 -0.94 -14.13 11.21
CA TYR B 332 -0.14 -15.07 11.98
C TYR B 332 -0.88 -15.52 13.24
N GLU B 333 -1.58 -14.59 13.89
CA GLU B 333 -2.35 -14.91 15.08
C GLU B 333 -3.56 -15.78 14.73
N LYS B 334 -4.15 -15.55 13.55
CA LYS B 334 -5.24 -16.39 13.08
C LYS B 334 -4.85 -17.87 13.02
N HIS B 335 -3.59 -18.16 12.71
CA HIS B 335 -3.13 -19.54 12.64
C HIS B 335 -2.53 -20.02 13.96
N SER B 336 -2.95 -19.42 15.08
CA SER B 336 -2.42 -19.71 16.42
C SER B 336 -0.90 -19.70 16.42
N ASP C 10 31.13 22.01 -30.59
CA ASP C 10 30.99 20.59 -30.23
C ASP C 10 32.15 20.10 -29.39
N VAL C 11 31.84 19.45 -28.26
CA VAL C 11 32.86 18.88 -27.41
C VAL C 11 33.69 17.85 -28.18
N ASN C 12 34.97 17.76 -27.83
CA ASN C 12 35.88 16.81 -28.45
C ASN C 12 36.76 16.21 -27.37
N THR C 13 37.18 14.97 -27.59
CA THR C 13 38.08 14.24 -26.71
C THR C 13 39.34 13.86 -27.48
N LEU C 14 40.36 13.42 -26.74
CA LEU C 14 41.63 13.06 -27.38
C LEU C 14 41.45 11.93 -28.39
N THR C 15 40.77 10.86 -27.99
CA THR C 15 40.61 9.71 -28.86
C THR C 15 39.77 10.06 -30.08
N ARG C 16 38.69 10.82 -29.88
CA ARG C 16 37.84 11.23 -31.00
C ARG C 16 38.57 12.20 -31.92
N PHE C 17 39.35 13.12 -31.35
CA PHE C 17 40.17 14.02 -32.15
C PHE C 17 41.13 13.24 -33.03
N VAL C 18 41.84 12.27 -32.44
CA VAL C 18 42.87 11.55 -33.19
C VAL C 18 42.22 10.66 -34.25
N MET C 19 41.10 9.99 -33.92
CA MET C 19 40.39 9.18 -34.92
C MET C 19 39.92 10.04 -36.08
N GLU C 20 39.40 11.24 -35.80
CA GLU C 20 38.93 12.08 -36.89
C GLU C 20 40.09 12.52 -37.77
N GLU C 21 41.21 12.95 -37.16
CA GLU C 21 42.39 13.28 -37.95
C GLU C 21 42.88 12.06 -38.73
N GLY C 22 42.90 10.90 -38.10
CA GLY C 22 43.39 9.70 -38.76
C GLY C 22 42.53 9.28 -39.94
N ARG C 23 41.20 9.41 -39.80
CA ARG C 23 40.30 9.04 -40.89
C ARG C 23 40.37 10.03 -42.05
N LYS C 24 40.43 11.33 -41.78
CA LYS C 24 40.66 12.29 -42.86
C LYS C 24 41.88 11.91 -43.69
N ALA C 25 43.02 11.62 -43.04
CA ALA C 25 44.22 11.26 -43.78
C ALA C 25 44.23 9.83 -44.27
N ARG C 26 43.19 9.05 -43.95
CA ARG C 26 43.05 7.66 -44.41
C ARG C 26 44.24 6.80 -43.95
N GLY C 27 44.75 7.09 -42.76
CA GLY C 27 45.79 6.26 -42.19
C GLY C 27 45.25 4.90 -41.78
N THR C 28 46.19 3.99 -41.46
CA THR C 28 45.81 2.63 -41.11
C THR C 28 45.18 2.49 -39.72
N GLY C 29 45.38 3.46 -38.84
CA GLY C 29 44.91 3.35 -37.47
C GLY C 29 45.98 3.02 -36.43
N GLU C 30 47.19 2.63 -36.86
CA GLU C 30 48.21 2.20 -35.94
C GLU C 30 48.62 3.31 -34.96
N LEU C 31 48.79 4.54 -35.48
CA LEU C 31 49.16 5.66 -34.62
C LEU C 31 48.03 5.98 -33.62
N THR C 32 46.78 5.85 -34.05
CA THR C 32 45.65 6.03 -33.13
C THR C 32 45.67 4.99 -32.01
N GLN C 33 45.97 3.73 -32.36
CA GLN C 33 46.09 2.68 -31.35
C GLN C 33 47.24 2.96 -30.38
N LEU C 34 48.38 3.42 -30.91
CA LEU C 34 49.48 3.81 -30.05
C LEU C 34 49.06 4.88 -29.06
N LEU C 35 48.50 5.99 -29.58
CA LEU C 35 48.16 7.15 -28.77
C LEU C 35 47.06 6.84 -27.78
N ASN C 36 46.09 6.02 -28.17
CA ASN C 36 45.04 5.62 -27.24
C ASN C 36 45.63 4.79 -26.10
N SER C 37 46.56 3.89 -26.43
CA SER C 37 47.25 3.12 -25.41
C SER C 37 48.05 4.03 -24.49
N LEU C 38 48.75 5.01 -25.05
CA LEU C 38 49.52 5.95 -24.24
C LEU C 38 48.61 6.74 -23.31
N CYS C 39 47.45 7.18 -23.80
N CYS C 39 47.46 7.19 -23.80
CA CYS C 39 46.50 7.94 -22.98
CA CYS C 39 46.52 7.92 -22.94
C CYS C 39 45.99 7.10 -21.81
C CYS C 39 46.06 7.09 -21.77
N THR C 40 45.77 5.81 -22.02
CA THR C 40 45.39 4.93 -20.92
C THR C 40 46.49 4.88 -19.86
N ALA C 41 47.75 4.73 -20.29
CA ALA C 41 48.85 4.74 -19.35
C ALA C 41 48.93 6.06 -18.58
N VAL C 42 48.77 7.19 -19.29
CA VAL C 42 48.84 8.50 -18.66
C VAL C 42 47.75 8.66 -17.60
N LYS C 43 46.55 8.14 -17.86
CA LYS C 43 45.49 8.25 -16.85
C LYS C 43 45.81 7.41 -15.63
N ALA C 44 46.43 6.24 -15.83
CA ALA C 44 46.84 5.45 -14.67
C ALA C 44 48.00 6.12 -13.94
N ILE C 45 48.91 6.77 -14.66
CA ILE C 45 49.98 7.47 -13.97
C ILE C 45 49.42 8.61 -13.14
N SER C 46 48.52 9.42 -13.74
CA SER C 46 47.88 10.51 -13.01
C SER C 46 47.23 10.01 -11.73
N SER C 47 46.50 8.90 -11.82
CA SER C 47 45.83 8.38 -10.64
C SER C 47 46.83 8.02 -9.56
N ALA C 48 47.96 7.40 -9.92
CA ALA C 48 48.99 7.09 -8.93
C ALA C 48 49.69 8.33 -8.41
N VAL C 49 49.96 9.32 -9.28
CA VAL C 49 50.64 10.53 -8.84
C VAL C 49 49.77 11.30 -7.84
N ARG C 50 48.46 11.34 -8.06
CA ARG C 50 47.57 11.97 -7.09
C ARG C 50 47.33 11.09 -5.86
N LYS C 51 47.96 9.92 -5.77
CA LYS C 51 48.00 9.10 -4.55
C LYS C 51 46.68 8.40 -4.26
N ALA C 52 45.92 8.06 -5.31
CA ALA C 52 44.76 7.21 -5.11
C ALA C 52 45.19 5.88 -4.50
N GLY C 53 44.52 5.47 -3.43
CA GLY C 53 44.90 4.23 -2.77
C GLY C 53 46.03 4.33 -1.78
N ILE C 54 46.56 5.53 -1.52
CA ILE C 54 47.67 5.64 -0.57
C ILE C 54 47.24 5.16 0.82
N ALA C 55 45.95 5.24 1.14
CA ALA C 55 45.50 4.72 2.44
C ALA C 55 45.86 3.25 2.64
N HIS C 56 45.87 2.45 1.57
CA HIS C 56 46.20 1.03 1.71
C HIS C 56 47.69 0.81 1.99
N LEU C 57 48.54 1.70 1.49
CA LEU C 57 49.96 1.60 1.82
C LEU C 57 50.21 1.91 3.29
N TYR C 58 49.34 2.68 3.93
CA TYR C 58 49.54 3.11 5.31
C TYR C 58 48.68 2.34 6.30
N GLY C 59 48.15 1.20 5.90
CA GLY C 59 47.55 0.26 6.83
C GLY C 59 46.06 0.36 7.05
N ILE C 60 45.29 0.96 6.12
CA ILE C 60 43.85 1.11 6.38
C ILE C 60 43.18 -0.26 6.54
N ALA C 61 43.72 -1.29 5.89
CA ALA C 61 43.19 -2.64 6.02
C ALA C 61 44.07 -3.54 6.88
N GLY C 62 44.96 -2.96 7.67
CA GLY C 62 45.84 -3.77 8.51
C GLY C 62 47.30 -3.78 8.07
N LYS C 73 57.22 1.75 -6.16
CA LYS C 73 57.94 2.93 -6.58
C LYS C 73 57.30 3.60 -7.80
N LEU C 74 57.06 4.90 -7.70
CA LEU C 74 56.19 5.60 -8.64
C LEU C 74 56.80 5.68 -10.02
N ASP C 75 58.09 6.03 -10.11
CA ASP C 75 58.66 6.13 -11.43
C ASP C 75 58.81 4.75 -12.08
N VAL C 76 59.04 3.71 -11.27
CA VAL C 76 59.05 2.35 -11.80
C VAL C 76 57.65 1.95 -12.27
N LEU C 77 56.63 2.22 -11.44
CA LEU C 77 55.26 1.95 -11.86
C LEU C 77 54.92 2.72 -13.14
N SER C 78 55.30 3.99 -13.22
CA SER C 78 55.01 4.77 -14.42
C SER C 78 55.66 4.16 -15.66
N ASN C 79 56.93 3.74 -15.54
CA ASN C 79 57.62 3.10 -16.66
C ASN C 79 56.90 1.82 -17.08
N ASP C 80 56.50 1.00 -16.11
CA ASP C 80 55.81 -0.25 -16.41
C ASP C 80 54.48 -0.01 -17.11
N LEU C 81 53.75 1.04 -16.72
CA LEU C 81 52.48 1.34 -17.37
C LEU C 81 52.69 1.72 -18.83
N VAL C 82 53.60 2.65 -19.11
CA VAL C 82 53.84 3.05 -20.49
C VAL C 82 54.38 1.90 -21.32
N MET C 83 55.41 1.20 -20.80
CA MET C 83 55.99 0.06 -21.51
C MET C 83 54.92 -0.98 -21.84
N ASN C 84 54.13 -1.38 -20.84
CA ASN C 84 53.18 -2.45 -21.09
C ASN C 84 52.07 -2.00 -22.03
N MET C 85 51.59 -0.77 -21.86
CA MET C 85 50.53 -0.30 -22.75
C MET C 85 51.04 -0.10 -24.17
N LEU C 86 52.30 0.34 -24.34
CA LEU C 86 52.83 0.52 -25.71
C LEU C 86 53.17 -0.82 -26.35
N LYS C 87 53.76 -1.76 -25.60
CA LYS C 87 54.01 -3.10 -26.12
C LYS C 87 52.72 -3.76 -26.60
N SER C 88 51.65 -3.69 -25.78
CA SER C 88 50.42 -4.38 -26.10
C SER C 88 49.58 -3.65 -27.13
N SER C 89 50.00 -2.46 -27.58
CA SER C 89 49.26 -1.77 -28.62
C SER C 89 49.48 -2.37 -30.00
N PHE C 90 50.50 -3.23 -30.17
CA PHE C 90 50.94 -3.76 -31.46
C PHE C 90 51.36 -2.66 -32.43
N ALA C 91 51.71 -1.48 -31.92
CA ALA C 91 52.02 -0.36 -32.78
C ALA C 91 53.49 0.05 -32.71
N THR C 92 54.29 -0.59 -31.85
CA THR C 92 55.66 -0.15 -31.59
C THR C 92 56.64 -1.30 -31.82
N CYS C 93 57.89 -0.94 -32.07
CA CYS C 93 58.90 -1.98 -32.21
C CYS C 93 60.12 -1.70 -31.34
N VAL C 94 60.42 -0.43 -31.11
CA VAL C 94 61.55 -0.06 -30.26
C VAL C 94 61.10 1.02 -29.27
N LEU C 95 61.43 0.83 -28.00
CA LEU C 95 61.00 1.72 -26.91
C LEU C 95 62.22 2.15 -26.11
N VAL C 96 62.43 3.46 -26.01
CA VAL C 96 63.51 4.04 -25.21
C VAL C 96 62.89 4.81 -24.05
N SER C 97 63.33 4.49 -22.84
CA SER C 97 62.84 5.12 -21.64
C SER C 97 64.01 5.62 -20.80
N GLU C 98 63.79 6.77 -20.15
CA GLU C 98 64.74 7.28 -19.17
C GLU C 98 65.07 6.24 -18.10
N GLU C 99 64.14 5.33 -17.81
CA GLU C 99 64.27 4.33 -16.76
C GLU C 99 65.11 3.12 -17.17
N ASP C 100 65.40 2.96 -18.46
CA ASP C 100 66.02 1.74 -18.96
C ASP C 100 67.35 2.06 -19.64
N LYS C 101 68.39 1.34 -19.23
CA LYS C 101 69.72 1.60 -19.74
C LYS C 101 69.79 1.35 -21.26
N HIS C 102 69.16 0.27 -21.73
CA HIS C 102 69.15 -0.05 -23.15
C HIS C 102 67.74 0.10 -23.73
N ALA C 103 67.71 0.30 -25.04
CA ALA C 103 66.44 0.32 -25.75
C ALA C 103 65.74 -1.02 -25.56
N ILE C 104 64.42 -0.97 -25.40
CA ILE C 104 63.62 -2.18 -25.29
C ILE C 104 63.13 -2.56 -26.69
N ILE C 105 63.36 -3.81 -27.08
CA ILE C 105 62.93 -4.32 -28.39
C ILE C 105 61.65 -5.11 -28.18
N VAL C 106 60.57 -4.65 -28.80
CA VAL C 106 59.29 -5.32 -28.69
C VAL C 106 59.37 -6.70 -29.34
N GLU C 107 58.78 -7.70 -28.66
CA GLU C 107 58.85 -9.06 -29.17
C GLU C 107 58.15 -9.17 -30.53
N PRO C 108 58.57 -10.12 -31.38
CA PRO C 108 58.10 -10.11 -32.78
C PRO C 108 56.59 -10.13 -32.95
N GLU C 109 55.86 -10.94 -32.19
CA GLU C 109 54.43 -11.01 -32.44
C GLU C 109 53.68 -9.73 -32.06
N LYS C 110 54.32 -8.82 -31.32
CA LYS C 110 53.69 -7.55 -30.95
C LYS C 110 54.23 -6.37 -31.73
N ARG C 111 55.09 -6.59 -32.73
CA ARG C 111 55.82 -5.50 -33.37
C ARG C 111 54.93 -4.69 -34.31
N GLY C 112 55.08 -3.37 -34.23
CA GLY C 112 54.46 -2.42 -35.13
C GLY C 112 55.51 -1.48 -35.68
N LYS C 113 55.08 -0.38 -36.32
CA LYS C 113 55.99 0.43 -37.13
C LYS C 113 56.62 1.63 -36.43
N TYR C 114 56.25 1.92 -35.17
CA TYR C 114 56.64 3.16 -34.52
C TYR C 114 57.69 2.92 -33.44
N VAL C 115 58.56 3.92 -33.27
CA VAL C 115 59.53 3.99 -32.19
C VAL C 115 59.10 5.11 -31.25
N VAL C 116 59.12 4.84 -29.94
CA VAL C 116 58.68 5.82 -28.93
C VAL C 116 59.82 6.03 -27.94
N CYS C 117 60.21 7.29 -27.75
CA CYS C 117 61.15 7.69 -26.72
C CYS C 117 60.38 8.44 -25.64
N PHE C 118 60.58 8.07 -24.38
CA PHE C 118 59.76 8.70 -23.37
C PHE C 118 60.47 8.75 -22.03
N ASP C 119 60.03 9.71 -21.24
CA ASP C 119 60.33 9.84 -19.82
C ASP C 119 59.04 9.63 -19.04
N PRO C 120 58.83 8.49 -18.39
CA PRO C 120 57.49 8.20 -17.87
C PRO C 120 57.07 9.11 -16.73
N LEU C 121 58.01 9.59 -15.91
CA LEU C 121 57.69 10.52 -14.81
C LEU C 121 58.82 11.53 -14.67
N ASP C 122 58.86 12.50 -15.58
CA ASP C 122 59.85 13.56 -15.53
C ASP C 122 59.66 14.43 -14.29
N GLY C 123 60.76 14.76 -13.63
CA GLY C 123 60.77 15.59 -12.44
C GLY C 123 60.54 14.86 -11.13
N SER C 124 60.39 13.53 -11.16
CA SER C 124 60.03 12.73 -9.99
C SER C 124 61.12 12.67 -8.92
N SER C 125 62.34 13.09 -9.23
CA SER C 125 63.37 13.13 -8.20
C SER C 125 62.97 14.09 -7.07
N ASN C 126 62.20 15.13 -7.37
CA ASN C 126 61.75 16.09 -6.37
C ASN C 126 60.29 15.90 -5.97
N ILE C 127 59.68 14.76 -6.30
CA ILE C 127 58.27 14.55 -6.01
C ILE C 127 57.99 14.46 -4.52
N ASP C 128 59.02 14.29 -3.68
CA ASP C 128 58.87 14.34 -2.23
C ASP C 128 58.25 15.64 -1.75
N CYS C 129 58.40 16.72 -2.53
CA CYS C 129 57.80 17.99 -2.19
C CYS C 129 56.55 18.29 -3.02
N LEU C 130 56.02 17.28 -3.73
CA LEU C 130 54.77 17.41 -4.48
C LEU C 130 54.90 18.42 -5.62
N VAL C 131 56.14 18.61 -6.10
CA VAL C 131 56.36 19.40 -7.30
C VAL C 131 55.57 18.76 -8.44
N SER C 132 55.09 19.60 -9.36
CA SER C 132 54.50 19.10 -10.59
C SER C 132 55.44 18.10 -11.24
N VAL C 133 54.87 17.04 -11.83
CA VAL C 133 55.63 16.08 -12.62
C VAL C 133 54.89 15.84 -13.92
N GLY C 134 55.52 15.08 -14.82
CA GLY C 134 54.88 14.88 -16.11
C GLY C 134 55.49 13.72 -16.87
N THR C 135 54.81 13.36 -17.96
CA THR C 135 55.27 12.32 -18.88
C THR C 135 55.60 12.97 -20.21
N ILE C 136 56.79 12.69 -20.76
CA ILE C 136 57.20 13.26 -22.03
C ILE C 136 57.36 12.13 -23.05
N PHE C 137 56.91 12.37 -24.28
CA PHE C 137 57.03 11.34 -25.30
C PHE C 137 57.31 11.95 -26.67
N GLY C 138 58.03 11.18 -27.49
CA GLY C 138 58.24 11.46 -28.89
C GLY C 138 58.10 10.20 -29.72
N ILE C 139 57.40 10.30 -30.85
CA ILE C 139 57.05 9.15 -31.66
C ILE C 139 57.66 9.31 -33.05
N TYR C 140 58.40 8.28 -33.48
CA TYR C 140 59.02 8.18 -34.79
C TYR C 140 58.48 6.96 -35.53
N ARG C 141 58.39 7.06 -36.86
CA ARG C 141 58.26 5.85 -37.66
C ARG C 141 59.63 5.20 -37.75
N LYS C 142 59.70 3.89 -37.51
CA LYS C 142 60.94 3.18 -37.80
C LYS C 142 61.36 3.47 -39.23
N LYS C 143 62.59 3.92 -39.40
CA LYS C 143 63.06 4.40 -40.70
C LYS C 143 63.91 3.38 -41.45
N SER C 144 64.67 2.56 -40.74
CA SER C 144 65.53 1.58 -41.39
C SER C 144 64.73 0.30 -41.63
N THR C 145 65.19 -0.49 -42.60
CA THR C 145 64.59 -1.79 -42.84
C THR C 145 65.31 -2.93 -42.14
N ASP C 146 66.36 -2.64 -41.38
CA ASP C 146 67.06 -3.65 -40.59
C ASP C 146 66.15 -4.23 -39.50
N GLU C 147 66.61 -5.31 -38.87
CA GLU C 147 65.96 -5.85 -37.69
C GLU C 147 65.88 -4.74 -36.63
N PRO C 148 64.77 -4.61 -35.91
CA PRO C 148 64.65 -3.48 -34.98
C PRO C 148 65.75 -3.50 -33.92
N SER C 149 66.33 -2.34 -33.68
CA SER C 149 67.39 -2.20 -32.68
C SER C 149 67.42 -0.77 -32.17
N GLU C 150 68.31 -0.57 -31.20
CA GLU C 150 68.52 0.74 -30.57
C GLU C 150 68.82 1.85 -31.57
N LYS C 151 69.45 1.53 -32.70
CA LYS C 151 69.76 2.58 -33.66
C LYS C 151 68.51 3.20 -34.25
N ASP C 152 67.37 2.48 -34.21
CA ASP C 152 66.12 3.02 -34.76
C ASP C 152 65.61 4.23 -33.98
N ALA C 153 66.07 4.43 -32.75
CA ALA C 153 65.69 5.57 -31.93
C ALA C 153 66.61 6.77 -32.13
N LEU C 154 67.67 6.63 -32.91
CA LEU C 154 68.67 7.69 -33.09
C LEU C 154 68.36 8.58 -34.30
N GLN C 155 67.17 9.03 -34.42
CA GLN C 155 66.86 9.91 -35.54
C GLN C 155 66.79 11.36 -35.05
N PRO C 156 67.03 12.35 -35.89
CA PRO C 156 66.86 13.74 -35.45
C PRO C 156 65.39 14.05 -35.16
N GLY C 157 65.18 14.99 -34.22
CA GLY C 157 63.82 15.34 -33.82
C GLY C 157 62.96 15.82 -34.99
N ARG C 158 63.59 16.37 -36.03
CA ARG C 158 62.89 16.76 -37.24
C ARG C 158 62.08 15.61 -37.83
N ASN C 159 62.45 14.37 -37.53
CA ASN C 159 61.71 13.23 -38.06
C ASN C 159 60.48 12.89 -37.24
N LEU C 160 60.20 13.62 -36.16
CA LEU C 160 59.10 13.21 -35.29
C LEU C 160 57.77 13.21 -36.05
N VAL C 161 56.95 12.21 -35.77
CA VAL C 161 55.60 12.14 -36.29
C VAL C 161 54.59 12.76 -35.32
N ALA C 162 54.82 12.58 -34.01
CA ALA C 162 54.05 13.20 -32.95
C ALA C 162 54.91 13.27 -31.70
N ALA C 163 54.60 14.23 -30.83
CA ALA C 163 55.31 14.39 -29.57
C ALA C 163 54.42 15.19 -28.64
N GLY C 164 54.75 15.14 -27.35
CA GLY C 164 54.02 15.95 -26.41
C GLY C 164 54.32 15.53 -24.99
N TYR C 165 53.40 15.89 -24.10
CA TYR C 165 53.61 15.61 -22.70
C TYR C 165 52.27 15.61 -21.97
N ALA C 166 52.23 14.86 -20.88
CA ALA C 166 51.20 14.98 -19.88
C ALA C 166 51.80 15.72 -18.69
N LEU C 167 51.12 16.76 -18.24
CA LEU C 167 51.54 17.52 -17.07
C LEU C 167 50.63 17.15 -15.92
N TYR C 168 51.22 16.62 -14.83
CA TYR C 168 50.45 16.32 -13.63
C TYR C 168 50.65 17.48 -12.68
N GLY C 169 49.90 18.55 -12.95
CA GLY C 169 50.03 19.78 -12.18
C GLY C 169 48.86 19.97 -11.23
N SER C 170 48.36 21.19 -11.12
CA SER C 170 47.13 21.39 -10.34
C SER C 170 45.97 20.62 -10.95
N ALA C 171 45.98 20.48 -12.27
CA ALA C 171 45.17 19.49 -12.98
C ALA C 171 46.10 18.75 -13.94
N THR C 172 45.59 17.67 -14.54
CA THR C 172 46.34 16.88 -15.50
C THR C 172 45.96 17.29 -16.91
N MET C 173 46.95 17.67 -17.71
CA MET C 173 46.70 18.10 -19.09
C MET C 173 47.64 17.36 -20.02
N LEU C 174 47.11 16.94 -21.16
CA LEU C 174 47.90 16.33 -22.23
C LEU C 174 48.03 17.32 -23.37
N VAL C 175 49.28 17.65 -23.72
CA VAL C 175 49.59 18.50 -24.85
C VAL C 175 50.10 17.59 -25.98
N LEU C 176 49.40 17.59 -27.13
CA LEU C 176 49.73 16.71 -28.25
C LEU C 176 50.06 17.57 -29.46
N ALA C 177 51.26 17.38 -30.01
CA ALA C 177 51.72 18.10 -31.18
C ALA C 177 51.87 17.15 -32.37
N MET C 178 51.29 17.52 -33.51
CA MET C 178 51.42 16.78 -34.76
C MET C 178 51.55 17.79 -35.89
N ASP C 179 51.59 17.29 -37.14
CA ASP C 179 51.65 18.20 -38.29
C ASP C 179 50.49 19.18 -38.32
N CYS C 180 49.31 18.75 -37.88
CA CYS C 180 48.17 19.66 -37.81
C CYS C 180 48.33 20.73 -36.71
N GLY C 181 49.38 20.69 -35.89
CA GLY C 181 49.57 21.70 -34.86
C GLY C 181 49.47 21.13 -33.45
N VAL C 182 49.34 22.04 -32.47
CA VAL C 182 49.41 21.70 -31.05
C VAL C 182 48.01 21.81 -30.45
N ASN C 183 47.59 20.76 -29.74
CA ASN C 183 46.28 20.74 -29.09
C ASN C 183 46.40 20.30 -27.64
N CYS C 184 45.61 20.94 -26.77
CA CYS C 184 45.67 20.75 -25.33
C CYS C 184 44.39 20.13 -24.81
N PHE C 185 44.52 19.04 -24.07
CA PHE C 185 43.40 18.24 -23.58
C PHE C 185 43.51 18.14 -22.07
N MET C 186 42.44 18.51 -21.37
CA MET C 186 42.39 18.43 -19.92
C MET C 186 41.79 17.10 -19.50
N LEU C 187 42.46 16.38 -18.60
CA LEU C 187 41.88 15.16 -18.06
C LEU C 187 40.75 15.51 -17.10
N ASP C 188 39.53 15.05 -17.40
CA ASP C 188 38.44 15.15 -16.46
C ASP C 188 38.45 13.89 -15.62
N PRO C 189 38.87 13.95 -14.35
CA PRO C 189 38.97 12.72 -13.54
C PRO C 189 37.62 12.11 -13.19
N ALA C 190 36.52 12.87 -13.26
CA ALA C 190 35.22 12.28 -12.97
C ALA C 190 34.84 11.21 -13.99
N ILE C 191 35.32 11.32 -15.23
CA ILE C 191 34.98 10.37 -16.29
C ILE C 191 36.18 9.76 -16.98
N GLY C 192 37.40 10.18 -16.62
CA GLY C 192 38.58 9.59 -17.22
C GLY C 192 38.61 9.82 -18.71
N GLU C 193 38.38 11.07 -19.11
CA GLU C 193 38.40 11.44 -20.50
C GLU C 193 39.21 12.72 -20.66
N PHE C 194 40.07 12.77 -21.68
CA PHE C 194 40.83 13.95 -22.04
C PHE C 194 39.98 14.84 -22.95
N ILE C 195 39.64 16.04 -22.47
CA ILE C 195 38.71 16.95 -23.15
C ILE C 195 39.51 18.01 -23.88
N LEU C 196 39.22 18.22 -25.15
CA LEU C 196 39.91 19.26 -25.89
C LEU C 196 39.52 20.65 -25.36
N VAL C 197 40.49 21.39 -24.81
CA VAL C 197 40.18 22.71 -24.28
C VAL C 197 40.95 23.86 -24.97
N ASP C 198 42.06 23.62 -25.66
CA ASP C 198 42.75 24.68 -26.40
C ASP C 198 43.22 24.13 -27.74
N LYS C 199 42.69 24.67 -28.83
CA LYS C 199 42.91 24.17 -30.18
C LYS C 199 43.97 24.97 -30.92
N ASP C 200 44.86 24.25 -31.60
CA ASP C 200 45.83 24.83 -32.53
C ASP C 200 46.57 26.00 -31.87
N VAL C 201 47.23 25.68 -30.76
CA VAL C 201 47.82 26.68 -29.89
C VAL C 201 49.06 27.29 -30.52
N LYS C 202 49.23 28.59 -30.33
CA LYS C 202 50.43 29.30 -30.76
C LYS C 202 50.98 30.08 -29.59
N ILE C 203 52.31 30.06 -29.44
CA ILE C 203 53.00 30.76 -28.36
C ILE C 203 53.10 32.24 -28.71
N LYS C 204 53.08 33.09 -27.68
CA LYS C 204 53.30 34.51 -27.91
C LYS C 204 54.61 34.76 -28.63
N LYS C 205 54.62 35.77 -29.50
CA LYS C 205 55.82 36.15 -30.21
C LYS C 205 56.94 36.57 -29.26
N LYS C 206 56.59 37.19 -28.13
CA LYS C 206 57.59 37.59 -27.14
C LYS C 206 56.92 37.55 -25.78
N GLY C 207 57.64 37.04 -24.77
CA GLY C 207 57.12 36.93 -23.43
C GLY C 207 57.78 37.89 -22.45
N LYS C 208 57.47 37.68 -21.16
CA LYS C 208 57.98 38.54 -20.09
C LYS C 208 58.50 37.73 -18.90
N ILE C 209 58.83 36.46 -19.11
CA ILE C 209 59.33 35.56 -18.07
C ILE C 209 60.54 34.81 -18.60
N TYR C 210 61.60 34.73 -17.81
CA TYR C 210 62.72 33.85 -18.14
C TYR C 210 62.84 32.77 -17.07
N SER C 211 63.31 31.60 -17.48
CA SER C 211 63.27 30.41 -16.62
C SER C 211 64.58 29.66 -16.72
N LEU C 212 65.39 29.71 -15.66
CA LEU C 212 66.55 28.84 -15.59
C LEU C 212 67.02 28.79 -14.15
N ASN C 213 67.81 27.75 -13.85
CA ASN C 213 68.39 27.57 -12.52
C ASN C 213 69.59 28.52 -12.43
N GLU C 214 69.37 29.70 -11.85
CA GLU C 214 70.45 30.68 -11.72
C GLU C 214 71.51 30.28 -10.69
N GLY C 215 71.33 29.18 -9.95
CA GLY C 215 72.36 28.69 -9.05
C GLY C 215 73.65 28.28 -9.74
N TYR C 216 73.60 28.06 -11.05
CA TYR C 216 74.78 27.78 -11.84
C TYR C 216 75.39 29.03 -12.44
N ALA C 217 75.06 30.20 -11.89
CA ALA C 217 75.55 31.46 -12.46
C ALA C 217 77.07 31.46 -12.56
N LYS C 218 77.76 30.82 -11.60
CA LYS C 218 79.23 30.79 -11.63
C LYS C 218 79.76 30.06 -12.86
N ASP C 219 79.00 29.10 -13.39
CA ASP C 219 79.46 28.28 -14.51
C ASP C 219 78.93 28.76 -15.86
N PHE C 220 78.08 29.77 -15.89
CA PHE C 220 77.47 30.17 -17.15
C PHE C 220 78.54 30.65 -18.12
N ASP C 221 78.41 30.25 -19.38
CA ASP C 221 79.17 30.87 -20.45
C ASP C 221 78.78 32.35 -20.57
N PRO C 222 79.66 33.19 -21.10
CA PRO C 222 79.36 34.64 -21.19
C PRO C 222 78.08 35.00 -21.94
N ALA C 223 77.66 34.22 -22.94
CA ALA C 223 76.42 34.58 -23.65
C ALA C 223 75.20 34.49 -22.76
N VAL C 224 75.09 33.41 -21.98
CA VAL C 224 73.98 33.29 -21.04
C VAL C 224 74.04 34.39 -19.98
N THR C 225 75.23 34.65 -19.43
CA THR C 225 75.38 35.69 -18.43
C THR C 225 74.88 37.04 -18.96
N GLU C 226 75.28 37.40 -20.17
CA GLU C 226 74.84 38.68 -20.72
C GLU C 226 73.34 38.66 -20.98
N TYR C 227 72.82 37.56 -21.53
CA TYR C 227 71.40 37.51 -21.83
C TYR C 227 70.56 37.69 -20.57
N ILE C 228 70.91 36.99 -19.50
CA ILE C 228 70.13 37.13 -18.27
C ILE C 228 70.26 38.55 -17.73
N GLN C 229 71.44 39.16 -17.87
CA GLN C 229 71.63 40.54 -17.44
C GLN C 229 70.68 41.47 -18.18
N ARG C 230 70.48 41.23 -19.48
CA ARG C 230 69.54 42.03 -20.26
C ARG C 230 68.11 41.87 -19.76
N LYS C 231 67.78 40.70 -19.18
CA LYS C 231 66.42 40.47 -18.70
C LYS C 231 66.15 41.24 -17.41
N LYS C 232 67.15 41.36 -16.54
CA LYS C 232 67.03 42.08 -15.28
C LYS C 232 67.28 43.57 -15.41
N PHE C 233 68.17 43.97 -16.31
CA PHE C 233 68.55 45.37 -16.50
C PHE C 233 68.39 45.69 -17.98
N PRO C 234 67.16 45.89 -18.45
CA PRO C 234 66.93 46.06 -19.88
C PRO C 234 67.61 47.31 -20.40
N PRO C 235 68.26 47.22 -21.57
CA PRO C 235 68.94 48.40 -22.12
C PRO C 235 67.98 49.47 -22.62
N ASP C 236 66.77 49.09 -23.03
CA ASP C 236 65.81 50.03 -23.60
C ASP C 236 64.81 50.59 -22.59
N ASN C 237 65.11 50.50 -21.30
CA ASN C 237 64.25 51.06 -20.26
C ASN C 237 62.87 50.39 -20.20
N SER C 238 62.74 49.20 -20.78
CA SER C 238 61.54 48.40 -20.66
C SER C 238 61.48 47.71 -19.30
N ALA C 239 60.32 47.16 -18.95
CA ALA C 239 60.19 46.50 -17.65
C ALA C 239 61.06 45.24 -17.62
N PRO C 240 61.74 44.97 -16.50
CA PRO C 240 62.50 43.73 -16.40
C PRO C 240 61.58 42.52 -16.47
N TYR C 241 62.12 41.41 -16.99
CA TYR C 241 61.37 40.16 -16.98
C TYR C 241 61.22 39.61 -15.58
N GLY C 242 60.10 38.93 -15.32
CA GLY C 242 60.01 38.12 -14.13
C GLY C 242 60.72 36.78 -14.32
N ALA C 243 61.09 36.16 -13.21
CA ALA C 243 61.75 34.86 -13.23
C ALA C 243 60.86 33.80 -12.59
N ARG C 244 60.84 32.63 -13.19
CA ARG C 244 60.14 31.47 -12.66
C ARG C 244 61.00 30.25 -13.00
N TYR C 245 61.18 29.36 -12.03
CA TYR C 245 61.88 28.10 -12.31
C TYR C 245 61.37 27.05 -11.34
N VAL C 246 60.44 26.23 -11.81
CA VAL C 246 59.90 25.15 -10.99
C VAL C 246 60.96 24.06 -10.74
N GLY C 247 61.86 23.83 -11.70
CA GLY C 247 62.78 22.71 -11.61
C GLY C 247 62.23 21.40 -12.12
N SER C 248 61.05 21.42 -12.69
CA SER C 248 60.46 20.28 -13.36
C SER C 248 60.20 20.70 -14.79
N MET C 249 60.88 20.07 -15.75
CA MET C 249 60.90 20.62 -17.12
C MET C 249 59.50 20.75 -17.71
N VAL C 250 58.63 19.77 -17.47
CA VAL C 250 57.30 19.82 -18.07
C VAL C 250 56.53 21.05 -17.56
N ALA C 251 56.64 21.32 -16.26
CA ALA C 251 55.95 22.48 -15.69
C ALA C 251 56.53 23.76 -16.25
N ASP C 252 57.86 23.85 -16.32
CA ASP C 252 58.49 25.05 -16.84
C ASP C 252 58.18 25.26 -18.32
N VAL C 253 58.27 24.20 -19.14
CA VAL C 253 57.97 24.36 -20.56
C VAL C 253 56.49 24.64 -20.78
N HIS C 254 55.61 23.99 -20.02
CA HIS C 254 54.19 24.26 -20.21
C HIS C 254 53.85 25.70 -19.89
N ARG C 255 54.42 26.27 -18.82
CA ARG C 255 54.21 27.69 -18.55
C ARG C 255 54.74 28.55 -19.71
N THR C 256 55.90 28.21 -20.25
CA THR C 256 56.43 28.96 -21.38
C THR C 256 55.46 28.94 -22.55
N LEU C 257 54.86 27.78 -22.84
CA LEU C 257 53.89 27.69 -23.94
C LEU C 257 52.69 28.58 -23.68
N VAL C 258 52.17 28.56 -22.46
CA VAL C 258 50.92 29.22 -22.12
C VAL C 258 51.12 30.74 -22.01
N TYR C 259 52.20 31.17 -21.37
CA TYR C 259 52.42 32.58 -21.09
C TYR C 259 53.45 33.21 -22.01
N GLY C 260 54.22 32.42 -22.74
CA GLY C 260 55.33 32.95 -23.51
C GLY C 260 56.54 33.16 -22.60
N GLY C 261 57.64 33.53 -23.23
CA GLY C 261 58.89 33.71 -22.53
C GLY C 261 59.92 32.70 -22.99
N ILE C 262 60.86 32.40 -22.10
CA ILE C 262 62.02 31.61 -22.48
C ILE C 262 62.42 30.69 -21.35
N PHE C 263 62.82 29.47 -21.71
CA PHE C 263 63.34 28.47 -20.79
C PHE C 263 64.76 28.09 -21.21
N LEU C 264 65.67 28.01 -20.24
CA LEU C 264 67.06 27.72 -20.53
C LEU C 264 67.55 26.64 -19.58
N TYR C 265 68.20 25.62 -20.13
CA TYR C 265 69.04 24.73 -19.35
C TYR C 265 70.36 24.58 -20.10
N PRO C 266 71.29 25.51 -19.91
CA PRO C 266 72.55 25.49 -20.65
C PRO C 266 73.53 24.53 -19.99
N ALA C 267 74.65 24.30 -20.66
CA ALA C 267 75.70 23.47 -20.08
C ALA C 267 76.34 24.17 -18.89
N ASN C 268 76.87 23.36 -17.97
CA ASN C 268 77.63 23.85 -16.81
C ASN C 268 78.74 22.83 -16.53
N LYS C 269 79.52 23.07 -15.46
CA LYS C 269 80.68 22.22 -15.18
C LYS C 269 80.28 20.80 -14.79
N LYS C 270 79.14 20.62 -14.14
CA LYS C 270 78.66 19.28 -13.85
C LYS C 270 78.10 18.63 -15.10
N SER C 271 77.61 19.42 -16.05
CA SER C 271 76.94 18.92 -17.25
C SER C 271 77.50 19.59 -18.50
N PRO C 272 78.71 19.23 -18.94
CA PRO C 272 79.32 19.93 -20.08
C PRO C 272 78.61 19.72 -21.41
N ASN C 273 77.84 18.64 -21.57
CA ASN C 273 77.01 18.45 -22.76
C ASN C 273 75.56 18.83 -22.49
N GLY C 274 75.34 19.65 -21.45
CA GLY C 274 74.02 19.97 -20.96
C GLY C 274 73.51 18.90 -20.02
N LYS C 275 72.29 19.10 -19.56
CA LYS C 275 71.73 18.21 -18.55
C LYS C 275 70.51 17.45 -19.02
N LEU C 276 69.62 18.10 -19.75
CA LEU C 276 68.39 17.43 -20.19
C LEU C 276 68.72 16.43 -21.30
N ARG C 277 67.91 15.37 -21.38
CA ARG C 277 68.15 14.30 -22.35
C ARG C 277 67.58 14.71 -23.71
N LEU C 278 68.37 14.49 -24.75
CA LEU C 278 67.95 14.91 -26.09
C LEU C 278 66.74 14.12 -26.57
N LEU C 279 66.74 12.81 -26.36
CA LEU C 279 65.80 11.93 -27.06
C LEU C 279 64.38 12.09 -26.53
N TYR C 280 64.22 12.20 -25.21
CA TYR C 280 62.89 12.15 -24.61
C TYR C 280 62.64 13.35 -23.68
N GLU C 281 63.51 14.36 -23.68
CA GLU C 281 63.18 15.63 -23.06
C GLU C 281 63.30 16.77 -24.08
N CYS C 282 64.48 16.96 -24.68
CA CYS C 282 64.67 18.13 -25.55
C CYS C 282 63.88 18.02 -26.86
N ASN C 283 64.00 16.90 -27.56
CA ASN C 283 63.33 16.79 -28.85
C ASN C 283 61.82 16.92 -28.75
N PRO C 284 61.12 16.19 -27.87
CA PRO C 284 59.66 16.36 -27.80
C PRO C 284 59.25 17.78 -27.49
N MET C 285 59.94 18.45 -26.55
CA MET C 285 59.57 19.82 -26.20
C MET C 285 59.89 20.77 -27.34
N ALA C 286 61.03 20.55 -27.99
CA ALA C 286 61.40 21.34 -29.17
C ALA C 286 60.36 21.19 -30.27
N TYR C 287 59.86 19.97 -30.48
CA TYR C 287 58.84 19.74 -31.49
C TYR C 287 57.54 20.47 -31.15
N VAL C 288 57.09 20.35 -29.90
CA VAL C 288 55.92 21.12 -29.46
C VAL C 288 56.13 22.61 -29.70
N MET C 289 57.30 23.13 -29.30
CA MET C 289 57.56 24.55 -29.45
C MET C 289 57.48 24.97 -30.91
N GLU C 290 58.12 24.21 -31.81
CA GLU C 290 58.13 24.61 -33.20
C GLU C 290 56.73 24.51 -33.80
N LYS C 291 55.98 23.46 -33.46
CA LYS C 291 54.61 23.41 -33.99
C LYS C 291 53.75 24.54 -33.45
N ALA C 292 54.09 25.13 -32.30
CA ALA C 292 53.36 26.26 -31.75
C ALA C 292 53.90 27.59 -32.21
N GLY C 293 54.81 27.59 -33.19
CA GLY C 293 55.42 28.80 -33.69
C GLY C 293 56.56 29.32 -32.84
N GLY C 294 57.10 28.48 -31.96
CA GLY C 294 58.24 28.85 -31.15
C GLY C 294 59.54 28.29 -31.69
N MET C 295 60.57 28.38 -30.85
CA MET C 295 61.92 27.99 -31.24
C MET C 295 62.57 27.17 -30.13
N ALA C 296 63.57 26.39 -30.53
CA ALA C 296 64.33 25.59 -29.57
C ALA C 296 65.73 25.36 -30.13
N THR C 297 66.76 25.88 -29.45
CA THR C 297 68.14 25.84 -29.93
C THR C 297 69.03 25.27 -28.84
N THR C 298 70.14 24.66 -29.27
CA THR C 298 71.22 24.33 -28.35
C THR C 298 72.18 25.49 -28.15
N GLY C 299 72.00 26.58 -28.90
CA GLY C 299 72.98 27.64 -28.99
C GLY C 299 73.68 27.61 -30.33
N LYS C 300 74.08 26.40 -30.75
CA LYS C 300 74.76 26.19 -32.02
C LYS C 300 73.84 25.78 -33.14
N GLU C 301 72.73 25.10 -32.84
CA GLU C 301 71.84 24.59 -33.88
C GLU C 301 70.46 24.35 -33.27
N ALA C 302 69.47 24.17 -34.16
CA ALA C 302 68.15 23.77 -33.74
C ALA C 302 68.22 22.43 -33.03
N VAL C 303 67.53 22.30 -31.90
CA VAL C 303 67.51 21.02 -31.20
C VAL C 303 67.10 19.90 -32.15
N LEU C 304 66.09 20.16 -32.97
CA LEU C 304 65.51 19.15 -33.84
C LEU C 304 66.45 18.72 -34.95
N ASP C 305 67.53 19.46 -35.21
CA ASP C 305 68.52 19.07 -36.21
C ASP C 305 69.68 18.26 -35.63
N VAL C 306 69.77 18.13 -34.32
CA VAL C 306 70.84 17.32 -33.74
C VAL C 306 70.63 15.88 -34.14
N ILE C 307 71.67 15.26 -34.69
CA ILE C 307 71.65 13.83 -35.01
C ILE C 307 72.24 13.08 -33.81
N PRO C 308 71.45 12.32 -33.08
CA PRO C 308 71.98 11.64 -31.90
C PRO C 308 72.83 10.43 -32.24
N THR C 309 73.74 10.11 -31.32
CA THR C 309 74.55 8.91 -31.38
C THR C 309 74.32 7.96 -30.22
N ASP C 310 73.69 8.41 -29.13
CA ASP C 310 73.50 7.64 -27.91
C ASP C 310 72.12 7.94 -27.32
N ILE C 311 71.40 6.88 -26.92
CA ILE C 311 70.00 7.09 -26.57
C ILE C 311 69.82 7.96 -25.32
N HIS C 312 70.81 8.04 -24.44
CA HIS C 312 70.67 8.88 -23.26
C HIS C 312 71.54 10.13 -23.34
N GLN C 313 71.98 10.53 -24.54
CA GLN C 313 72.87 11.68 -24.60
C GLN C 313 72.14 12.97 -24.19
N ARG C 314 72.89 13.91 -23.66
CA ARG C 314 72.34 15.17 -23.16
C ARG C 314 72.53 16.29 -24.17
N ALA C 315 71.75 17.35 -24.00
CA ALA C 315 71.90 18.51 -24.87
C ALA C 315 71.59 19.78 -24.10
N PRO C 316 72.30 20.88 -24.37
CA PRO C 316 71.84 22.18 -23.88
C PRO C 316 70.58 22.56 -24.64
N VAL C 317 69.71 23.34 -24.00
CA VAL C 317 68.47 23.73 -24.65
C VAL C 317 68.07 25.13 -24.22
N ILE C 318 67.69 25.95 -25.20
CA ILE C 318 67.07 27.25 -24.99
C ILE C 318 65.85 27.27 -25.89
N LEU C 319 64.67 27.51 -25.30
CA LEU C 319 63.45 27.39 -26.09
C LEU C 319 62.40 28.37 -25.60
N GLY C 320 61.38 28.59 -26.42
CA GLY C 320 60.27 29.45 -26.06
C GLY C 320 59.86 30.41 -27.18
N SER C 321 59.40 31.59 -26.79
CA SER C 321 58.90 32.57 -27.74
C SER C 321 59.98 32.93 -28.78
N PRO C 322 59.59 33.07 -30.05
CA PRO C 322 60.60 33.31 -31.10
C PRO C 322 61.43 34.58 -30.90
N ASP C 323 60.81 35.70 -30.54
CA ASP C 323 61.59 36.92 -30.33
C ASP C 323 62.58 36.78 -29.19
N ASP C 324 62.23 36.01 -28.15
CA ASP C 324 63.17 35.82 -27.05
C ASP C 324 64.33 34.90 -27.45
N VAL C 325 64.04 33.80 -28.15
CA VAL C 325 65.13 32.90 -28.56
C VAL C 325 66.03 33.59 -29.57
N LEU C 326 65.43 34.36 -30.49
CA LEU C 326 66.24 35.12 -31.45
C LEU C 326 67.11 36.15 -30.74
N GLU C 327 66.56 36.82 -29.72
CA GLU C 327 67.36 37.79 -28.95
C GLU C 327 68.53 37.09 -28.27
N PHE C 328 68.29 35.89 -27.71
CA PHE C 328 69.39 35.14 -27.13
C PHE C 328 70.43 34.76 -28.17
N LEU C 329 69.99 34.33 -29.35
CA LEU C 329 70.92 33.94 -30.40
C LEU C 329 71.76 35.13 -30.87
N LYS C 330 71.18 36.34 -30.89
CA LYS C 330 72.00 37.52 -31.18
C LYS C 330 73.09 37.71 -30.13
N VAL C 331 72.75 37.53 -28.85
CA VAL C 331 73.79 37.62 -27.83
C VAL C 331 74.81 36.50 -28.02
N TYR C 332 74.32 35.30 -28.35
CA TYR C 332 75.22 34.16 -28.57
C TYR C 332 76.20 34.44 -29.71
N GLU C 333 75.72 35.07 -30.79
CA GLU C 333 76.59 35.41 -31.91
C GLU C 333 77.64 36.44 -31.51
N LYS C 334 77.26 37.40 -30.67
CA LYS C 334 78.20 38.39 -30.18
C LYS C 334 79.41 37.75 -29.53
N HIS C 335 79.23 36.60 -28.89
CA HIS C 335 80.34 35.89 -28.26
C HIS C 335 80.90 34.79 -29.15
N SER C 336 80.75 34.94 -30.46
CA SER C 336 81.17 33.98 -31.48
C SER C 336 80.33 32.72 -31.43
N ASP D 10 49.86 2.05 13.23
CA ASP D 10 48.41 2.18 13.04
C ASP D 10 48.05 3.36 12.14
N VAL D 11 47.20 3.09 11.14
CA VAL D 11 46.76 4.14 10.23
C VAL D 11 46.09 5.25 11.02
N ASN D 12 46.25 6.48 10.53
CA ASN D 12 45.66 7.64 11.16
C ASN D 12 45.16 8.58 10.07
N THR D 13 44.09 9.31 10.38
CA THR D 13 43.55 10.33 9.51
C THR D 13 43.59 11.66 10.22
N LEU D 14 43.37 12.73 9.45
CA LEU D 14 43.36 14.07 10.02
C LEU D 14 42.28 14.19 11.10
N THR D 15 41.06 13.76 10.76
CA THR D 15 39.98 13.92 11.72
C THR D 15 40.19 13.03 12.94
N ARG D 16 40.68 11.81 12.75
CA ARG D 16 40.95 10.97 13.90
C ARG D 16 42.12 11.54 14.73
N PHE D 17 43.16 12.06 14.08
CA PHE D 17 44.28 12.66 14.78
C PHE D 17 43.83 13.82 15.67
N VAL D 18 43.06 14.74 15.10
CA VAL D 18 42.66 15.93 15.85
C VAL D 18 41.73 15.55 16.99
N MET D 19 40.81 14.61 16.74
CA MET D 19 39.93 14.15 17.81
C MET D 19 40.73 13.56 18.95
N GLU D 20 41.76 12.78 18.63
CA GLU D 20 42.56 12.17 19.68
C GLU D 20 43.32 13.23 20.46
N GLU D 21 43.91 14.23 19.78
CA GLU D 21 44.56 15.34 20.49
C GLU D 21 43.57 16.10 21.34
N GLY D 22 42.36 16.33 20.83
CA GLY D 22 41.37 17.07 21.58
C GLY D 22 40.92 16.34 22.84
N ARG D 23 40.72 15.03 22.74
CA ARG D 23 40.28 14.27 23.90
C ARG D 23 41.38 14.19 24.96
N LYS D 24 42.63 14.03 24.54
CA LYS D 24 43.76 14.10 25.48
C LYS D 24 43.69 15.37 26.30
N ALA D 25 43.57 16.52 25.63
CA ALA D 25 43.56 17.83 26.28
C ALA D 25 42.20 18.19 26.86
N ARG D 26 41.19 17.35 26.65
CA ARG D 26 39.84 17.58 27.18
C ARG D 26 39.26 18.91 26.70
N GLY D 27 39.55 19.29 25.46
CA GLY D 27 38.91 20.45 24.87
C GLY D 27 37.44 20.19 24.59
N THR D 28 36.72 21.27 24.27
CA THR D 28 35.28 21.17 24.06
C THR D 28 34.88 20.52 22.74
N GLY D 29 35.80 20.43 21.76
CA GLY D 29 35.44 19.92 20.45
C GLY D 29 35.28 20.98 19.37
N GLU D 30 35.23 22.25 19.75
CA GLU D 30 34.98 23.28 18.75
C GLU D 30 36.10 23.34 17.71
N LEU D 31 37.36 23.26 18.15
CA LEU D 31 38.46 23.31 17.20
C LEU D 31 38.39 22.12 16.25
N THR D 32 38.02 20.95 16.77
CA THR D 32 37.84 19.78 15.93
C THR D 32 36.74 20.00 14.90
N GLN D 33 35.62 20.60 15.30
CA GLN D 33 34.54 20.90 14.36
C GLN D 33 35.01 21.86 13.27
N LEU D 34 35.76 22.89 13.65
CA LEU D 34 36.33 23.82 12.69
C LEU D 34 37.21 23.09 11.67
N LEU D 35 38.16 22.29 12.16
CA LEU D 35 39.16 21.70 11.24
C LEU D 35 38.51 20.67 10.33
N ASN D 36 37.56 19.91 10.86
CA ASN D 36 36.82 18.97 10.03
C ASN D 36 36.03 19.70 8.95
N SER D 37 35.41 20.83 9.32
CA SER D 37 34.73 21.64 8.34
C SER D 37 35.71 22.18 7.29
N LEU D 38 36.87 22.67 7.73
CA LEU D 38 37.87 23.14 6.79
C LEU D 38 38.30 22.03 5.83
N CYS D 39 38.42 20.79 6.32
CA CYS D 39 38.90 19.69 5.49
C CYS D 39 37.90 19.34 4.40
N THR D 40 36.60 19.34 4.73
CA THR D 40 35.57 19.17 3.71
C THR D 40 35.71 20.22 2.62
N ALA D 41 35.94 21.48 3.02
CA ALA D 41 36.16 22.55 2.04
C ALA D 41 37.38 22.28 1.17
N VAL D 42 38.48 21.84 1.78
CA VAL D 42 39.72 21.58 1.05
C VAL D 42 39.53 20.46 0.03
N LYS D 43 38.75 19.43 0.39
CA LYS D 43 38.50 18.35 -0.55
C LYS D 43 37.65 18.83 -1.72
N ALA D 44 36.72 19.74 -1.47
CA ALA D 44 35.93 20.28 -2.58
C ALA D 44 36.78 21.18 -3.46
N ILE D 45 37.71 21.94 -2.87
CA ILE D 45 38.61 22.77 -3.66
C ILE D 45 39.52 21.89 -4.52
N SER D 46 40.09 20.84 -3.91
CA SER D 46 40.97 19.92 -4.64
C SER D 46 40.24 19.32 -5.84
N SER D 47 39.00 18.89 -5.66
CA SER D 47 38.24 18.27 -6.74
C SER D 47 38.03 19.25 -7.90
N ALA D 48 37.72 20.52 -7.59
CA ALA D 48 37.55 21.52 -8.65
C ALA D 48 38.87 21.91 -9.30
N VAL D 49 39.94 22.04 -8.50
CA VAL D 49 41.24 22.43 -9.04
C VAL D 49 41.74 21.38 -10.03
N ARG D 50 41.53 20.09 -9.71
CA ARG D 50 41.87 18.98 -10.59
C ARG D 50 40.88 18.82 -11.74
N LYS D 51 39.87 19.69 -11.82
CA LYS D 51 38.99 19.83 -12.99
C LYS D 51 38.00 18.68 -13.16
N ALA D 52 37.58 18.03 -12.07
CA ALA D 52 36.48 17.09 -12.17
C ALA D 52 35.24 17.81 -12.71
N GLY D 53 34.59 17.21 -13.69
CA GLY D 53 33.40 17.81 -14.27
C GLY D 53 33.65 18.84 -15.35
N ILE D 54 34.91 19.09 -15.72
CA ILE D 54 35.20 20.06 -16.76
C ILE D 54 34.53 19.67 -18.08
N ALA D 55 34.29 18.37 -18.30
CA ALA D 55 33.63 17.98 -19.55
C ALA D 55 32.30 18.68 -19.71
N HIS D 56 31.60 18.95 -18.60
CA HIS D 56 30.30 19.60 -18.70
C HIS D 56 30.42 21.06 -19.10
N LEU D 57 31.50 21.74 -18.71
CA LEU D 57 31.71 23.10 -19.18
C LEU D 57 31.99 23.16 -20.67
N TYR D 58 32.50 22.08 -21.26
CA TYR D 58 32.85 22.09 -22.68
C TYR D 58 31.80 21.39 -23.54
N GLY D 59 30.61 21.19 -23.01
CA GLY D 59 29.45 20.84 -23.83
C GLY D 59 29.17 19.37 -24.00
N ILE D 60 29.63 18.51 -23.08
CA ILE D 60 29.47 17.08 -23.24
C ILE D 60 28.00 16.68 -23.32
N ALA D 61 27.12 17.43 -22.66
CA ALA D 61 25.69 17.16 -22.73
C ALA D 61 24.98 18.16 -23.63
N GLY D 62 25.71 18.85 -24.49
CA GLY D 62 25.10 19.81 -25.39
C GLY D 62 25.41 21.23 -24.97
N VAL D 71 30.67 27.28 -13.54
CA VAL D 71 30.12 28.63 -13.40
C VAL D 71 31.11 29.57 -12.70
N LYS D 72 31.26 29.41 -11.39
CA LYS D 72 32.17 30.27 -10.64
C LYS D 72 33.61 30.05 -11.07
N LYS D 73 34.37 31.15 -11.13
CA LYS D 73 35.83 31.06 -11.17
C LYS D 73 36.34 30.28 -9.96
N LEU D 74 37.50 29.65 -10.13
CA LEU D 74 38.05 28.80 -9.08
C LEU D 74 38.31 29.58 -7.79
N ASP D 75 38.81 30.82 -7.89
CA ASP D 75 39.07 31.54 -6.65
C ASP D 75 37.78 31.94 -5.93
N VAL D 76 36.71 32.28 -6.67
CA VAL D 76 35.44 32.63 -6.03
C VAL D 76 34.81 31.40 -5.39
N LEU D 77 34.80 30.27 -6.11
CA LEU D 77 34.28 29.01 -5.57
C LEU D 77 35.05 28.58 -4.32
N SER D 78 36.39 28.64 -4.38
CA SER D 78 37.19 28.25 -3.22
C SER D 78 36.83 29.11 -1.99
N ASN D 79 36.68 30.42 -2.20
CA ASN D 79 36.27 31.30 -1.11
C ASN D 79 34.90 30.92 -0.56
N ASP D 80 33.93 30.66 -1.45
CA ASP D 80 32.58 30.28 -1.00
C ASP D 80 32.60 28.98 -0.23
N LEU D 81 33.44 28.02 -0.63
CA LEU D 81 33.52 26.74 0.07
C LEU D 81 34.06 26.92 1.49
N VAL D 82 35.18 27.65 1.63
CA VAL D 82 35.75 27.88 2.97
C VAL D 82 34.78 28.70 3.81
N MET D 83 34.30 29.82 3.27
CA MET D 83 33.37 30.69 4.02
C MET D 83 32.16 29.90 4.51
N ASN D 84 31.52 29.15 3.61
CA ASN D 84 30.29 28.47 4.00
C ASN D 84 30.55 27.33 4.97
N MET D 85 31.63 26.57 4.77
CA MET D 85 31.88 25.47 5.70
C MET D 85 32.28 25.99 7.08
N LEU D 86 32.99 27.11 7.13
CA LEU D 86 33.36 27.66 8.44
C LEU D 86 32.16 28.33 9.11
N LYS D 87 31.38 29.11 8.36
CA LYS D 87 30.18 29.70 8.95
C LYS D 87 29.32 28.62 9.58
N SER D 88 29.06 27.52 8.84
CA SER D 88 28.18 26.46 9.30
C SER D 88 28.84 25.51 10.30
N SER D 89 30.11 25.74 10.65
CA SER D 89 30.78 24.87 11.63
C SER D 89 30.34 25.14 13.07
N PHE D 90 29.70 26.28 13.32
CA PHE D 90 29.41 26.74 14.67
C PHE D 90 30.68 26.92 15.49
N ALA D 91 31.83 27.12 14.84
CA ALA D 91 33.07 27.26 15.56
C ALA D 91 33.74 28.62 15.36
N THR D 92 33.20 29.50 14.51
CA THR D 92 33.87 30.73 14.13
C THR D 92 32.97 31.95 14.34
N CYS D 93 33.59 33.13 14.43
CA CYS D 93 32.81 34.34 14.58
C CYS D 93 33.27 35.43 13.63
N VAL D 94 34.55 35.41 13.25
CA VAL D 94 35.12 36.42 12.36
C VAL D 94 35.96 35.71 11.32
N LEU D 95 35.78 36.07 10.06
CA LEU D 95 36.45 35.41 8.95
C LEU D 95 37.10 36.48 8.08
N VAL D 96 38.40 36.37 7.88
CA VAL D 96 39.16 37.27 7.01
C VAL D 96 39.65 36.46 5.83
N SER D 97 39.35 36.94 4.63
CA SER D 97 39.75 36.26 3.41
C SER D 97 40.45 37.24 2.50
N GLU D 98 41.46 36.74 1.79
CA GLU D 98 42.08 37.48 0.70
C GLU D 98 41.05 38.01 -0.28
N GLU D 99 39.92 37.33 -0.40
CA GLU D 99 38.88 37.64 -1.38
C GLU D 99 37.95 38.77 -0.97
N ASP D 100 37.95 39.18 0.30
CA ASP D 100 36.92 40.07 0.81
C ASP D 100 37.52 41.34 1.41
N LYS D 101 37.02 42.50 0.99
CA LYS D 101 37.58 43.75 1.48
C LYS D 101 37.44 43.86 2.99
N HIS D 102 36.29 43.47 3.55
CA HIS D 102 36.08 43.57 4.99
C HIS D 102 36.00 42.19 5.63
N ALA D 103 36.27 42.17 6.94
CA ALA D 103 36.09 40.93 7.70
C ALA D 103 34.63 40.52 7.65
N ILE D 104 34.40 39.22 7.58
CA ILE D 104 33.05 38.67 7.59
C ILE D 104 32.70 38.34 9.05
N ILE D 105 31.54 38.82 9.48
CA ILE D 105 31.05 38.55 10.83
C ILE D 105 30.00 37.45 10.71
N VAL D 106 30.24 36.33 11.38
CA VAL D 106 29.31 35.22 11.38
C VAL D 106 28.02 35.63 12.10
N GLU D 107 26.89 35.22 11.53
CA GLU D 107 25.60 35.55 12.13
C GLU D 107 25.51 34.94 13.53
N PRO D 108 24.80 35.60 14.45
CA PRO D 108 24.87 35.21 15.88
C PRO D 108 24.55 33.75 16.16
N GLU D 109 23.53 33.19 15.55
CA GLU D 109 23.15 31.81 15.88
C GLU D 109 24.18 30.79 15.43
N LYS D 110 25.14 31.19 14.59
CA LYS D 110 26.19 30.31 14.11
C LYS D 110 27.53 30.57 14.77
N ARG D 111 27.60 31.50 15.73
CA ARG D 111 28.87 31.98 16.23
C ARG D 111 29.55 30.97 17.15
N GLY D 112 30.85 30.82 16.95
CA GLY D 112 31.72 30.06 17.82
C GLY D 112 32.90 30.93 18.21
N LYS D 113 33.93 30.33 18.77
CA LYS D 113 34.95 31.11 19.45
C LYS D 113 36.18 31.45 18.61
N TYR D 114 36.30 30.96 17.36
CA TYR D 114 37.57 31.13 16.64
C TYR D 114 37.47 32.19 15.54
N VAL D 115 38.60 32.85 15.29
CA VAL D 115 38.78 33.78 14.19
C VAL D 115 39.67 33.07 13.18
N VAL D 116 39.28 33.07 11.91
CA VAL D 116 40.05 32.38 10.88
C VAL D 116 40.42 33.37 9.79
N CYS D 117 41.70 33.44 9.48
CA CYS D 117 42.23 34.21 8.37
C CYS D 117 42.71 33.24 7.29
N PHE D 118 42.30 33.48 6.04
CA PHE D 118 42.68 32.51 5.04
C PHE D 118 42.81 33.14 3.65
N ASP D 119 43.64 32.49 2.83
CA ASP D 119 43.74 32.69 1.40
C ASP D 119 43.21 31.42 0.74
N PRO D 120 41.98 31.45 0.20
CA PRO D 120 41.34 30.19 -0.21
C PRO D 120 42.02 29.54 -1.42
N LEU D 121 42.58 30.31 -2.32
CA LEU D 121 43.28 29.68 -3.45
C LEU D 121 44.51 30.54 -3.77
N ASP D 122 45.54 30.39 -2.95
CA ASP D 122 46.78 31.10 -3.19
C ASP D 122 47.43 30.62 -4.48
N GLY D 123 47.95 31.57 -5.24
CA GLY D 123 48.63 31.29 -6.49
C GLY D 123 47.73 31.16 -7.70
N SER D 124 46.41 31.34 -7.54
CA SER D 124 45.49 31.07 -8.64
C SER D 124 45.60 32.06 -9.78
N SER D 125 46.29 33.18 -9.58
CA SER D 125 46.49 34.14 -10.67
C SER D 125 47.20 33.51 -11.87
N ASN D 126 48.05 32.51 -11.63
CA ASN D 126 48.77 31.83 -12.71
C ASN D 126 48.23 30.42 -12.98
N ILE D 127 46.99 30.14 -12.54
CA ILE D 127 46.47 28.78 -12.68
C ILE D 127 46.26 28.37 -14.13
N ASP D 128 46.29 29.30 -15.10
CA ASP D 128 46.22 28.94 -16.51
C ASP D 128 47.33 28.01 -16.94
N CYS D 129 48.48 28.06 -16.28
CA CYS D 129 49.58 27.17 -16.62
C CYS D 129 49.64 25.93 -15.73
N LEU D 130 48.61 25.73 -14.89
CA LEU D 130 48.49 24.55 -14.04
C LEU D 130 49.59 24.47 -12.99
N VAL D 131 50.14 25.63 -12.62
CA VAL D 131 51.05 25.72 -11.48
C VAL D 131 50.36 25.21 -10.21
N SER D 132 51.14 24.61 -9.30
CA SER D 132 50.61 24.28 -7.98
C SER D 132 49.92 25.49 -7.38
N VAL D 133 48.80 25.25 -6.71
CA VAL D 133 48.09 26.28 -5.96
C VAL D 133 47.81 25.71 -4.58
N GLY D 134 47.26 26.56 -3.71
CA GLY D 134 47.04 26.09 -2.36
C GLY D 134 46.10 26.99 -1.59
N THR D 135 45.67 26.48 -0.44
CA THR D 135 44.83 27.19 0.53
C THR D 135 45.62 27.38 1.82
N ILE D 136 45.69 28.62 2.31
CA ILE D 136 46.42 28.95 3.54
C ILE D 136 45.43 29.41 4.61
N PHE D 137 45.65 28.97 5.86
CA PHE D 137 44.75 29.35 6.95
C PHE D 137 45.52 29.51 8.25
N GLY D 138 45.02 30.42 9.09
CA GLY D 138 45.47 30.62 10.45
C GLY D 138 44.27 30.81 11.36
N ILE D 139 44.27 30.15 12.51
CA ILE D 139 43.12 30.10 13.40
C ILE D 139 43.52 30.75 14.73
N TYR D 140 42.74 31.74 15.16
CA TYR D 140 42.92 32.45 16.43
C TYR D 140 41.71 32.25 17.32
N ARG D 141 41.93 32.34 18.61
CA ARG D 141 40.85 32.42 19.58
C ARG D 141 40.45 33.88 19.72
N LYS D 142 39.15 34.16 19.60
CA LYS D 142 38.67 35.51 19.88
C LYS D 142 39.01 35.88 21.32
N LYS D 143 39.61 37.05 21.51
CA LYS D 143 40.20 37.38 22.82
C LYS D 143 39.26 38.12 23.77
N SER D 144 38.33 38.92 23.27
CA SER D 144 37.41 39.64 24.14
C SER D 144 35.99 39.13 23.96
N THR D 145 35.14 39.48 24.92
CA THR D 145 33.72 39.20 24.82
C THR D 145 32.96 40.30 24.10
N ASP D 146 33.65 41.28 23.52
CA ASP D 146 32.93 42.31 22.76
C ASP D 146 32.16 41.68 21.59
N GLU D 147 31.24 42.47 21.02
CA GLU D 147 30.60 42.03 19.80
C GLU D 147 31.65 41.81 18.72
N PRO D 148 31.57 40.72 17.95
CA PRO D 148 32.64 40.41 16.98
C PRO D 148 32.80 41.51 15.95
N SER D 149 34.04 41.80 15.62
CA SER D 149 34.37 42.83 14.65
C SER D 149 35.71 42.50 14.00
N GLU D 150 36.01 43.27 12.96
CA GLU D 150 37.25 43.14 12.21
C GLU D 150 38.46 43.21 13.13
N LYS D 151 38.35 43.95 14.25
CA LYS D 151 39.47 44.10 15.17
C LYS D 151 39.86 42.76 15.80
N ASP D 152 38.92 41.81 15.88
CA ASP D 152 39.24 40.51 16.46
C ASP D 152 40.29 39.74 15.66
N ALA D 153 40.50 40.13 14.39
CA ALA D 153 41.50 39.50 13.53
C ALA D 153 42.86 40.18 13.61
N LEU D 154 42.98 41.29 14.33
CA LEU D 154 44.26 42.00 14.37
C LEU D 154 45.18 41.48 15.47
N GLN D 155 45.39 40.14 15.49
CA GLN D 155 46.28 39.62 16.51
C GLN D 155 47.64 39.28 15.91
N PRO D 156 48.72 39.37 16.67
CA PRO D 156 50.02 38.92 16.15
C PRO D 156 50.02 37.41 15.97
N GLY D 157 50.83 36.93 15.00
CA GLY D 157 50.87 35.51 14.72
C GLY D 157 51.21 34.65 15.94
N ARG D 158 51.92 35.23 16.91
CA ARG D 158 52.24 34.53 18.17
C ARG D 158 50.99 33.99 18.83
N ASN D 159 49.85 34.60 18.58
CA ASN D 159 48.61 34.16 19.22
C ASN D 159 47.94 32.99 18.51
N LEU D 160 48.53 32.49 17.42
CA LEU D 160 47.85 31.46 16.63
C LEU D 160 47.61 30.20 17.45
N VAL D 161 46.44 29.62 17.29
CA VAL D 161 46.09 28.35 17.90
C VAL D 161 46.43 27.17 17.00
N ALA D 162 46.24 27.35 15.69
CA ALA D 162 46.61 26.38 14.67
C ALA D 162 46.78 27.14 13.37
N ALA D 163 47.57 26.56 12.47
CA ALA D 163 47.77 27.16 11.16
C ALA D 163 48.28 26.08 10.20
N GLY D 164 48.17 26.37 8.91
CA GLY D 164 48.73 25.48 7.91
C GLY D 164 48.24 25.80 6.51
N TYR D 165 48.34 24.81 5.65
CA TYR D 165 48.01 24.99 4.25
C TYR D 165 47.65 23.66 3.63
N ALA D 166 46.82 23.73 2.60
CA ALA D 166 46.61 22.61 1.67
C ALA D 166 47.37 22.93 0.40
N LEU D 167 48.17 21.98 -0.06
CA LEU D 167 48.89 22.13 -1.32
C LEU D 167 48.23 21.24 -2.37
N TYR D 168 47.72 21.86 -3.44
CA TYR D 168 47.15 21.14 -4.58
C TYR D 168 48.25 21.04 -5.65
N GLY D 169 49.13 20.07 -5.42
CA GLY D 169 50.30 19.87 -6.25
C GLY D 169 50.19 18.60 -7.08
N SER D 170 51.28 17.87 -7.23
CA SER D 170 51.17 16.58 -7.91
C SER D 170 50.20 15.67 -7.17
N ALA D 171 50.14 15.79 -5.85
CA ALA D 171 49.06 15.28 -5.01
C ALA D 171 48.58 16.39 -4.10
N THR D 172 47.51 16.13 -3.38
CA THR D 172 46.97 17.10 -2.43
C THR D 172 47.41 16.75 -1.02
N MET D 173 48.01 17.72 -0.35
CA MET D 173 48.48 17.52 1.01
C MET D 173 48.03 18.64 1.91
N LEU D 174 47.63 18.27 3.12
CA LEU D 174 47.29 19.21 4.17
C LEU D 174 48.40 19.21 5.21
N VAL D 175 49.01 20.36 5.42
CA VAL D 175 50.03 20.54 6.46
C VAL D 175 49.38 21.28 7.61
N LEU D 176 49.35 20.68 8.80
CA LEU D 176 48.69 21.25 9.98
C LEU D 176 49.70 21.47 11.11
N ALA D 177 49.82 22.70 11.57
CA ALA D 177 50.70 23.04 12.67
C ALA D 177 49.87 23.44 13.88
N MET D 178 50.22 22.87 15.03
CA MET D 178 49.64 23.22 16.32
C MET D 178 50.76 23.18 17.34
N ASP D 179 50.44 23.40 18.62
CA ASP D 179 51.46 23.33 19.67
C ASP D 179 52.14 21.96 19.70
N CYS D 180 51.40 20.89 19.37
CA CYS D 180 51.99 19.56 19.34
C CYS D 180 52.98 19.37 18.21
N GLY D 181 53.13 20.35 17.32
CA GLY D 181 54.05 20.27 16.20
C GLY D 181 53.33 20.32 14.87
N VAL D 182 54.08 19.95 13.83
CA VAL D 182 53.64 20.01 12.44
C VAL D 182 53.45 18.59 11.92
N ASN D 183 52.27 18.31 11.33
CA ASN D 183 51.95 17.00 10.77
C ASN D 183 51.40 17.11 9.37
N CYS D 184 51.76 16.17 8.49
CA CYS D 184 51.43 16.23 7.07
C CYS D 184 50.50 15.08 6.69
N PHE D 185 49.40 15.42 6.04
CA PHE D 185 48.36 14.46 5.69
C PHE D 185 48.14 14.45 4.18
N MET D 186 48.23 13.27 3.56
CA MET D 186 48.00 13.15 2.13
C MET D 186 46.54 12.82 1.84
N LEU D 187 45.91 13.61 0.96
CA LEU D 187 44.56 13.29 0.53
C LEU D 187 44.59 12.08 -0.39
N ASP D 188 43.92 10.99 0.02
CA ASP D 188 43.69 9.85 -0.83
C ASP D 188 42.40 10.07 -1.61
N PRO D 189 42.47 10.40 -2.89
CA PRO D 189 41.23 10.74 -3.61
C PRO D 189 40.30 9.55 -3.82
N ALA D 190 40.80 8.32 -3.71
CA ALA D 190 39.93 7.16 -3.86
C ALA D 190 38.87 7.12 -2.75
N ILE D 191 39.18 7.66 -1.57
CA ILE D 191 38.26 7.57 -0.44
C ILE D 191 38.01 8.92 0.23
N GLY D 192 38.66 9.98 -0.22
CA GLY D 192 38.43 11.28 0.38
C GLY D 192 38.80 11.34 1.85
N GLU D 193 39.98 10.83 2.20
CA GLU D 193 40.49 10.88 3.55
C GLU D 193 41.90 11.43 3.51
N PHE D 194 42.22 12.32 4.45
CA PHE D 194 43.58 12.82 4.63
C PHE D 194 44.33 11.84 5.54
N ILE D 195 45.36 11.20 5.00
CA ILE D 195 46.09 10.13 5.67
C ILE D 195 47.35 10.71 6.27
N LEU D 196 47.60 10.42 7.54
CA LEU D 196 48.82 10.91 8.17
C LEU D 196 50.03 10.18 7.58
N VAL D 197 50.92 10.92 6.92
CA VAL D 197 52.09 10.31 6.30
C VAL D 197 53.42 10.85 6.82
N ASP D 198 53.47 12.02 7.46
CA ASP D 198 54.71 12.52 8.07
C ASP D 198 54.39 13.17 9.41
N LYS D 199 54.93 12.60 10.49
CA LYS D 199 54.61 13.04 11.84
C LYS D 199 55.68 13.95 12.40
N ASP D 200 55.25 15.02 13.05
CA ASP D 200 56.11 15.89 13.83
C ASP D 200 57.36 16.29 13.04
N VAL D 201 57.14 16.84 11.85
CA VAL D 201 58.24 17.12 10.92
C VAL D 201 59.02 18.34 11.40
N LYS D 202 60.33 18.30 11.19
CA LYS D 202 61.27 19.37 11.49
C LYS D 202 62.05 19.68 10.24
N ILE D 203 62.34 20.95 10.04
CA ILE D 203 63.09 21.40 8.88
C ILE D 203 64.58 21.20 9.15
N LYS D 204 65.35 20.94 8.09
CA LYS D 204 66.80 20.87 8.20
C LYS D 204 67.33 22.16 8.81
N LYS D 205 68.37 22.02 9.65
CA LYS D 205 69.03 23.18 10.24
C LYS D 205 69.59 24.11 9.17
N LYS D 206 70.04 23.57 8.02
CA LYS D 206 70.57 24.38 6.93
C LYS D 206 70.27 23.68 5.61
N GLY D 207 69.87 24.46 4.59
CA GLY D 207 69.53 23.94 3.29
C GLY D 207 70.53 24.27 2.20
N LYS D 208 70.12 23.98 0.95
CA LYS D 208 70.95 24.22 -0.23
C LYS D 208 70.17 24.84 -1.39
N ILE D 209 69.03 25.47 -1.12
CA ILE D 209 68.15 26.06 -2.12
C ILE D 209 67.74 27.44 -1.64
N TYR D 210 67.78 28.42 -2.55
CA TYR D 210 67.22 29.73 -2.26
C TYR D 210 66.10 30.00 -3.24
N SER D 211 65.10 30.76 -2.80
CA SER D 211 63.87 30.90 -3.60
C SER D 211 63.35 32.33 -3.53
N LEU D 212 63.48 33.06 -4.63
CA LEU D 212 62.91 34.41 -4.74
C LEU D 212 62.87 34.77 -6.22
N ASN D 213 62.10 35.81 -6.53
CA ASN D 213 61.99 36.27 -7.92
C ASN D 213 63.21 37.12 -8.26
N GLU D 214 64.23 36.50 -8.87
CA GLU D 214 65.43 37.26 -9.25
C GLU D 214 65.22 38.16 -10.46
N GLY D 215 64.09 38.06 -11.15
CA GLY D 215 63.85 38.98 -12.26
C GLY D 215 63.75 40.42 -11.83
N TYR D 216 63.43 40.67 -10.56
CA TYR D 216 63.35 42.03 -10.04
C TYR D 216 64.63 42.43 -9.30
N ALA D 217 65.78 41.87 -9.69
CA ALA D 217 67.05 42.20 -9.04
C ALA D 217 67.36 43.69 -9.09
N LYS D 218 66.93 44.39 -10.16
CA LYS D 218 67.21 45.82 -10.28
C LYS D 218 66.63 46.62 -9.11
N ASP D 219 65.55 46.12 -8.50
CA ASP D 219 64.93 46.81 -7.36
C ASP D 219 65.35 46.25 -6.01
N PHE D 220 66.24 45.26 -5.96
CA PHE D 220 66.58 44.62 -4.70
C PHE D 220 67.13 45.63 -3.68
N ASP D 221 66.78 45.40 -2.43
CA ASP D 221 67.53 46.01 -1.34
C ASP D 221 68.98 45.53 -1.43
N PRO D 222 69.96 46.39 -1.14
CA PRO D 222 71.37 45.97 -1.28
C PRO D 222 71.75 44.73 -0.47
N ALA D 223 71.11 44.52 0.68
CA ALA D 223 71.32 43.32 1.47
C ALA D 223 70.84 42.07 0.75
N VAL D 224 69.69 42.14 0.07
CA VAL D 224 69.22 40.97 -0.68
C VAL D 224 70.19 40.68 -1.82
N THR D 225 70.63 41.71 -2.55
CA THR D 225 71.60 41.53 -3.62
C THR D 225 72.85 40.81 -3.12
N GLU D 226 73.41 41.26 -1.99
CA GLU D 226 74.64 40.64 -1.50
C GLU D 226 74.40 39.21 -1.03
N TYR D 227 73.30 38.98 -0.30
CA TYR D 227 73.01 37.63 0.18
C TYR D 227 72.87 36.62 -0.96
N ILE D 228 72.10 36.97 -1.99
CA ILE D 228 71.92 36.04 -3.12
C ILE D 228 73.24 35.81 -3.84
N GLN D 229 74.07 36.85 -3.95
CA GLN D 229 75.39 36.72 -4.57
C GLN D 229 76.26 35.71 -3.82
N ARG D 230 76.17 35.70 -2.48
CA ARG D 230 76.91 34.70 -1.70
C ARG D 230 76.39 33.29 -1.91
N LYS D 231 75.10 33.13 -2.21
CA LYS D 231 74.57 31.79 -2.47
C LYS D 231 75.08 31.27 -3.81
N LYS D 232 75.25 32.15 -4.79
CA LYS D 232 75.73 31.77 -6.11
C LYS D 232 77.25 31.73 -6.20
N PHE D 233 77.92 32.61 -5.45
CA PHE D 233 79.38 32.75 -5.45
C PHE D 233 79.92 32.64 -4.04
N PRO D 234 79.92 31.45 -3.45
CA PRO D 234 80.33 31.32 -2.05
C PRO D 234 81.79 31.71 -1.88
N PRO D 235 82.12 32.42 -0.78
CA PRO D 235 83.51 32.84 -0.58
C PRO D 235 84.48 31.69 -0.35
N ASP D 236 84.00 30.55 0.16
CA ASP D 236 84.83 29.39 0.42
C ASP D 236 84.72 28.42 -0.75
N ASN D 237 84.95 27.13 -0.50
CA ASN D 237 84.80 26.13 -1.54
C ASN D 237 83.52 25.31 -1.40
N SER D 238 82.53 25.81 -0.67
CA SER D 238 81.27 25.08 -0.65
C SER D 238 80.54 25.27 -1.97
N ALA D 239 79.69 24.31 -2.30
CA ALA D 239 78.94 24.36 -3.54
C ALA D 239 77.91 25.49 -3.49
N PRO D 240 77.74 26.21 -4.58
CA PRO D 240 76.67 27.21 -4.64
C PRO D 240 75.30 26.57 -4.44
N TYR D 241 74.37 27.34 -3.88
CA TYR D 241 72.99 26.87 -3.73
C TYR D 241 72.31 26.71 -5.07
N GLY D 242 71.40 25.75 -5.15
CA GLY D 242 70.49 25.70 -6.27
C GLY D 242 69.36 26.71 -6.10
N ALA D 243 68.74 27.09 -7.21
CA ALA D 243 67.65 28.05 -7.23
C ALA D 243 66.38 27.34 -7.66
N ARG D 244 65.26 27.67 -7.00
CA ARG D 244 63.92 27.22 -7.35
C ARG D 244 62.94 28.34 -7.04
N TYR D 245 62.05 28.66 -7.97
CA TYR D 245 61.01 29.65 -7.65
C TYR D 245 59.76 29.31 -8.46
N VAL D 246 58.81 28.62 -7.82
CA VAL D 246 57.56 28.26 -8.46
C VAL D 246 56.74 29.51 -8.75
N GLY D 247 56.82 30.52 -7.88
CA GLY D 247 55.97 31.69 -8.00
C GLY D 247 54.63 31.52 -7.35
N SER D 248 54.41 30.37 -6.70
CA SER D 248 53.23 30.10 -5.91
C SER D 248 53.68 29.81 -4.47
N MET D 249 53.25 30.64 -3.52
CA MET D 249 53.85 30.64 -2.19
C MET D 249 53.76 29.27 -1.51
N VAL D 250 52.61 28.60 -1.64
CA VAL D 250 52.43 27.33 -0.94
C VAL D 250 53.40 26.27 -1.45
N ALA D 251 53.63 26.23 -2.77
CA ALA D 251 54.57 25.26 -3.33
C ALA D 251 55.98 25.56 -2.86
N ASP D 252 56.39 26.84 -2.96
CA ASP D 252 57.74 27.22 -2.57
C ASP D 252 57.98 27.02 -1.08
N VAL D 253 57.00 27.39 -0.23
CA VAL D 253 57.20 27.21 1.21
C VAL D 253 57.24 25.71 1.54
N HIS D 254 56.36 24.92 0.92
CA HIS D 254 56.37 23.49 1.20
C HIS D 254 57.67 22.83 0.78
N ARG D 255 58.20 23.20 -0.39
CA ARG D 255 59.53 22.69 -0.76
C ARG D 255 60.57 23.11 0.29
N THR D 256 60.49 24.36 0.77
CA THR D 256 61.42 24.80 1.81
C THR D 256 61.30 23.94 3.07
N LEU D 257 60.07 23.61 3.45
CA LEU D 257 59.85 22.73 4.60
C LEU D 257 60.44 21.34 4.37
N VAL D 258 60.24 20.77 3.19
CA VAL D 258 60.60 19.38 2.95
C VAL D 258 62.11 19.24 2.74
N TYR D 259 62.71 20.13 1.94
CA TYR D 259 64.11 20.02 1.54
C TYR D 259 65.05 20.95 2.29
N GLY D 260 64.52 21.93 3.05
CA GLY D 260 65.34 22.94 3.69
C GLY D 260 65.72 24.06 2.76
N GLY D 261 66.36 25.09 3.32
CA GLY D 261 66.75 26.24 2.51
C GLY D 261 66.03 27.51 2.89
N ILE D 262 65.87 28.44 1.95
CA ILE D 262 65.37 29.77 2.30
C ILE D 262 64.45 30.27 1.18
N PHE D 263 63.36 30.92 1.59
CA PHE D 263 62.37 31.56 0.73
C PHE D 263 62.30 33.04 1.08
N LEU D 264 62.32 33.91 0.07
CA LEU D 264 62.33 35.36 0.32
C LEU D 264 61.28 36.06 -0.52
N TYR D 265 60.47 36.89 0.11
CA TYR D 265 59.68 37.92 -0.58
C TYR D 265 59.90 39.18 0.25
N PRO D 266 61.04 39.81 0.07
CA PRO D 266 61.51 40.84 1.01
C PRO D 266 61.06 42.25 0.65
N ALA D 267 61.30 43.16 1.58
CA ALA D 267 61.07 44.58 1.32
C ALA D 267 62.11 45.15 0.36
N ASN D 268 61.72 46.21 -0.35
CA ASN D 268 62.66 47.03 -1.11
C ASN D 268 62.13 48.46 -1.03
N LYS D 269 62.81 49.39 -1.71
CA LYS D 269 62.38 50.79 -1.59
C LYS D 269 61.01 51.02 -2.23
N LYS D 270 60.68 50.31 -3.30
CA LYS D 270 59.36 50.48 -3.91
C LYS D 270 58.28 49.83 -3.05
N SER D 271 58.60 48.78 -2.33
CA SER D 271 57.65 48.02 -1.51
C SER D 271 58.25 47.90 -0.12
N PRO D 272 58.19 48.97 0.68
CA PRO D 272 58.88 48.94 1.99
C PRO D 272 58.29 47.93 2.97
N ASN D 273 57.06 47.48 2.75
CA ASN D 273 56.46 46.44 3.58
C ASN D 273 56.33 45.11 2.84
N GLY D 274 57.05 44.92 1.74
CA GLY D 274 56.89 43.66 1.01
C GLY D 274 55.62 43.65 0.18
N LYS D 275 55.27 42.46 -0.31
CA LYS D 275 54.04 42.30 -1.08
C LYS D 275 53.07 41.28 -0.51
N LEU D 276 53.55 40.21 0.12
CA LEU D 276 52.64 39.19 0.65
C LEU D 276 51.84 39.74 1.84
N ARG D 277 50.65 39.17 2.06
CA ARG D 277 49.74 39.64 3.09
C ARG D 277 50.06 38.96 4.42
N LEU D 278 50.15 39.77 5.49
CA LEU D 278 50.57 39.27 6.79
C LEU D 278 49.57 38.29 7.38
N LEU D 279 48.27 38.58 7.29
CA LEU D 279 47.30 37.85 8.11
C LEU D 279 47.09 36.42 7.62
N TYR D 280 47.05 36.23 6.30
CA TYR D 280 46.65 34.93 5.75
C TYR D 280 47.67 34.37 4.76
N GLU D 281 48.84 35.00 4.63
CA GLU D 281 49.97 34.38 3.95
C GLU D 281 51.19 34.30 4.86
N CYS D 282 51.67 35.42 5.40
CA CYS D 282 52.95 35.41 6.12
C CYS D 282 52.84 34.71 7.48
N ASN D 283 51.87 35.11 8.30
CA ASN D 283 51.74 34.53 9.64
C ASN D 283 51.54 33.02 9.63
N PRO D 284 50.58 32.45 8.88
CA PRO D 284 50.43 31.00 8.90
C PRO D 284 51.70 30.27 8.49
N MET D 285 52.40 30.73 7.45
CA MET D 285 53.65 30.08 7.04
C MET D 285 54.75 30.29 8.09
N ALA D 286 54.80 31.49 8.70
CA ALA D 286 55.74 31.71 9.79
C ALA D 286 55.50 30.73 10.93
N TYR D 287 54.23 30.49 11.24
CA TYR D 287 53.89 29.60 12.34
C TYR D 287 54.27 28.17 12.01
N VAL D 288 53.94 27.71 10.79
CA VAL D 288 54.37 26.37 10.36
C VAL D 288 55.88 26.25 10.50
N MET D 289 56.62 27.24 9.99
CA MET D 289 58.08 27.19 10.06
C MET D 289 58.56 27.11 11.51
N GLU D 290 58.04 27.97 12.39
CA GLU D 290 58.57 27.96 13.75
C GLU D 290 58.22 26.65 14.47
N LYS D 291 57.02 26.11 14.25
CA LYS D 291 56.69 24.82 14.85
C LYS D 291 57.53 23.68 14.29
N ALA D 292 58.07 23.84 13.09
CA ALA D 292 58.98 22.86 12.50
C ALA D 292 60.43 23.15 12.82
N GLY D 293 60.70 24.08 13.75
CA GLY D 293 62.08 24.41 14.06
C GLY D 293 62.77 25.34 13.09
N GLY D 294 62.01 26.02 12.23
CA GLY D 294 62.55 27.03 11.34
C GLY D 294 62.33 28.43 11.86
N MET D 295 62.60 29.41 11.00
CA MET D 295 62.52 30.82 11.34
C MET D 295 61.78 31.59 10.26
N ALA D 296 61.23 32.73 10.65
CA ALA D 296 60.52 33.61 9.72
C ALA D 296 60.64 35.04 10.20
N THR D 297 61.32 35.88 9.40
CA THR D 297 61.60 37.25 9.78
C THR D 297 61.11 38.20 8.70
N THR D 298 60.81 39.43 9.10
CA THR D 298 60.63 40.52 8.15
C THR D 298 61.94 41.17 7.78
N GLY D 299 63.04 40.79 8.43
CA GLY D 299 64.25 41.56 8.32
C GLY D 299 64.51 42.35 9.59
N LYS D 300 63.46 42.97 10.14
CA LYS D 300 63.54 43.72 11.38
C LYS D 300 63.09 42.93 12.61
N GLU D 301 62.17 41.98 12.46
CA GLU D 301 61.62 41.27 13.61
C GLU D 301 61.03 39.96 13.10
N ALA D 302 60.72 39.07 14.05
CA ALA D 302 59.98 37.86 13.69
C ALA D 302 58.62 38.22 13.11
N VAL D 303 58.25 37.52 12.02
CA VAL D 303 56.93 37.73 11.41
C VAL D 303 55.82 37.60 12.45
N LEU D 304 55.93 36.61 13.34
CA LEU D 304 54.88 36.36 14.31
C LEU D 304 54.75 37.45 15.39
N ASP D 305 55.72 38.37 15.50
CA ASP D 305 55.61 39.44 16.49
C ASP D 305 55.01 40.72 15.93
N VAL D 306 54.82 40.83 14.62
CA VAL D 306 54.21 42.03 14.07
C VAL D 306 52.77 42.11 14.56
N ILE D 307 52.39 43.25 15.14
CA ILE D 307 51.02 43.49 15.59
C ILE D 307 50.30 44.22 14.45
N PRO D 308 49.34 43.61 13.79
CA PRO D 308 48.73 44.24 12.61
C PRO D 308 47.77 45.36 13.00
N THR D 309 47.66 46.34 12.11
CA THR D 309 46.67 47.41 12.22
C THR D 309 45.64 47.38 11.09
N ASP D 310 45.87 46.59 10.04
CA ASP D 310 44.94 46.46 8.93
C ASP D 310 44.92 44.99 8.49
N ILE D 311 43.71 44.46 8.29
CA ILE D 311 43.58 43.03 8.01
C ILE D 311 44.22 42.64 6.68
N HIS D 312 44.43 43.59 5.76
CA HIS D 312 45.08 43.33 4.48
C HIS D 312 46.48 43.91 4.41
N GLN D 313 47.10 44.24 5.54
CA GLN D 313 48.41 44.86 5.46
C GLN D 313 49.45 43.84 4.97
N ARG D 314 50.48 44.36 4.32
CA ARG D 314 51.53 43.52 3.75
C ARG D 314 52.68 43.37 4.74
N ALA D 315 53.50 42.33 4.51
CA ALA D 315 54.68 42.15 5.33
C ALA D 315 55.79 41.55 4.49
N PRO D 316 57.04 41.97 4.69
CA PRO D 316 58.14 41.20 4.11
C PRO D 316 58.26 39.87 4.83
N VAL D 317 58.76 38.86 4.12
CA VAL D 317 58.95 37.58 4.77
C VAL D 317 60.19 36.91 4.19
N ILE D 318 61.04 36.41 5.09
CA ILE D 318 62.17 35.56 4.79
C ILE D 318 62.07 34.41 5.77
N LEU D 319 62.02 33.18 5.27
CA LEU D 319 61.76 32.05 6.15
C LEU D 319 62.48 30.82 5.64
N GLY D 320 62.55 29.80 6.50
CA GLY D 320 63.15 28.54 6.11
C GLY D 320 64.09 28.03 7.16
N SER D 321 65.15 27.35 6.74
CA SER D 321 66.09 26.75 7.68
C SER D 321 66.72 27.82 8.57
N PRO D 322 66.87 27.55 9.87
CA PRO D 322 67.37 28.61 10.78
C PRO D 322 68.76 29.14 10.43
N ASP D 323 69.71 28.26 10.06
CA ASP D 323 71.05 28.74 9.69
C ASP D 323 70.99 29.68 8.49
N ASP D 324 70.10 29.41 7.54
CA ASP D 324 70.00 30.26 6.37
C ASP D 324 69.35 31.59 6.70
N VAL D 325 68.29 31.58 7.50
CA VAL D 325 67.64 32.83 7.90
C VAL D 325 68.59 33.66 8.75
N LEU D 326 69.33 33.02 9.66
CA LEU D 326 70.27 33.78 10.49
C LEU D 326 71.36 34.42 9.63
N GLU D 327 71.83 33.70 8.60
CA GLU D 327 72.84 34.26 7.71
C GLU D 327 72.31 35.44 6.93
N PHE D 328 71.07 35.34 6.44
CA PHE D 328 70.46 36.49 5.80
C PHE D 328 70.35 37.66 6.78
N LEU D 329 69.97 37.39 8.03
CA LEU D 329 69.88 38.47 9.00
C LEU D 329 71.24 39.12 9.24
N LYS D 330 72.31 38.32 9.20
CA LYS D 330 73.66 38.91 9.29
C LYS D 330 73.94 39.89 8.16
N VAL D 331 73.59 39.52 6.93
CA VAL D 331 73.82 40.40 5.80
C VAL D 331 72.87 41.60 5.86
N TYR D 332 71.62 41.37 6.24
CA TYR D 332 70.65 42.47 6.37
C TYR D 332 71.14 43.50 7.36
N GLU D 333 71.68 43.04 8.50
CA GLU D 333 72.16 44.00 9.50
C GLU D 333 73.40 44.74 9.02
N LYS D 334 74.22 44.10 8.18
CA LYS D 334 75.39 44.76 7.60
C LYS D 334 75.01 46.03 6.84
N HIS D 335 73.85 46.02 6.17
CA HIS D 335 73.39 47.18 5.40
C HIS D 335 72.39 48.03 6.16
N SER D 336 72.37 47.93 7.50
CA SER D 336 71.40 48.69 8.27
C SER D 336 72.10 49.77 9.09
N ASP E 10 -49.23 -9.41 31.71
CA ASP E 10 -49.15 -8.34 30.71
C ASP E 10 -47.80 -8.32 29.98
N VAL E 11 -47.87 -8.23 28.65
CA VAL E 11 -46.64 -8.18 27.86
C VAL E 11 -45.79 -6.99 28.30
N ASN E 12 -44.47 -7.15 28.18
CA ASN E 12 -43.57 -6.06 28.50
C ASN E 12 -42.41 -6.11 27.51
N THR E 13 -41.85 -4.93 27.23
CA THR E 13 -40.68 -4.76 26.38
C THR E 13 -39.56 -4.09 27.18
N LEU E 14 -38.35 -4.13 26.60
CA LEU E 14 -37.18 -3.52 27.25
C LEU E 14 -37.40 -2.03 27.47
N THR E 15 -37.82 -1.32 26.41
CA THR E 15 -37.99 0.13 26.52
C THR E 15 -39.09 0.46 27.51
N ARG E 16 -40.19 -0.29 27.47
CA ARG E 16 -41.26 -0.05 28.43
C ARG E 16 -40.83 -0.42 29.85
N PHE E 17 -40.10 -1.53 29.99
CA PHE E 17 -39.60 -1.92 31.31
C PHE E 17 -38.70 -0.83 31.90
N VAL E 18 -37.77 -0.32 31.10
CA VAL E 18 -36.82 0.66 31.61
C VAL E 18 -37.51 1.97 31.96
N MET E 19 -38.50 2.37 31.16
CA MET E 19 -39.26 3.58 31.47
C MET E 19 -40.02 3.45 32.78
N GLU E 20 -40.62 2.27 33.02
CA GLU E 20 -41.40 2.07 34.22
C GLU E 20 -40.53 2.07 35.48
N GLU E 21 -39.39 1.38 35.43
CA GLU E 21 -38.44 1.47 36.55
C GLU E 21 -37.94 2.90 36.73
N GLY E 22 -37.68 3.60 35.64
CA GLY E 22 -37.19 4.97 35.74
C GLY E 22 -38.20 5.92 36.35
N ARG E 23 -39.48 5.77 35.99
CA ARG E 23 -40.50 6.67 36.52
C ARG E 23 -40.76 6.41 37.99
N LYS E 24 -40.83 5.14 38.39
CA LYS E 24 -40.97 4.78 39.80
C LYS E 24 -39.91 5.48 40.64
N ALA E 25 -38.66 5.39 40.22
CA ALA E 25 -37.54 5.99 40.93
C ALA E 25 -37.37 7.47 40.62
N ARG E 26 -38.21 8.06 39.77
CA ARG E 26 -38.17 9.49 39.46
C ARG E 26 -36.81 9.91 38.90
N GLY E 27 -36.15 9.05 38.12
CA GLY E 27 -34.93 9.45 37.47
C GLY E 27 -35.17 10.48 36.37
N THR E 28 -34.07 11.06 35.87
CA THR E 28 -34.15 12.11 34.86
C THR E 28 -34.50 11.57 33.47
N GLY E 29 -34.31 10.28 33.22
CA GLY E 29 -34.49 9.74 31.88
C GLY E 29 -33.18 9.49 31.14
N GLU E 30 -32.05 9.98 31.67
CA GLU E 30 -30.80 9.86 30.94
C GLU E 30 -30.38 8.41 30.76
N LEU E 31 -30.51 7.59 31.80
CA LEU E 31 -30.13 6.19 31.65
C LEU E 31 -31.03 5.48 30.63
N THR E 32 -32.34 5.81 30.62
CA THR E 32 -33.28 5.26 29.65
C THR E 32 -32.89 5.61 28.23
N GLN E 33 -32.51 6.88 27.99
CA GLN E 33 -32.04 7.30 26.68
C GLN E 33 -30.79 6.53 26.28
N LEU E 34 -29.85 6.35 27.21
CA LEU E 34 -28.67 5.54 26.94
C LEU E 34 -29.06 4.13 26.51
N LEU E 35 -29.88 3.47 27.33
CA LEU E 35 -30.19 2.07 27.09
C LEU E 35 -31.03 1.89 25.84
N ASN E 36 -31.93 2.83 25.55
CA ASN E 36 -32.71 2.73 24.33
C ASN E 36 -31.81 2.87 23.11
N SER E 37 -30.84 3.79 23.17
CA SER E 37 -29.86 3.93 22.10
C SER E 37 -29.02 2.65 21.95
N LEU E 38 -28.60 2.07 23.07
CA LEU E 38 -27.82 0.83 23.00
C LEU E 38 -28.64 -0.28 22.33
N CYS E 39 -29.94 -0.35 22.65
CA CYS E 39 -30.80 -1.37 22.06
C CYS E 39 -30.93 -1.21 20.56
N THR E 40 -31.00 0.03 20.08
CA THR E 40 -31.03 0.26 18.64
C THR E 40 -29.77 -0.30 18.00
N ALA E 41 -28.61 -0.02 18.60
CA ALA E 41 -27.35 -0.56 18.08
C ALA E 41 -27.36 -2.08 18.13
N VAL E 42 -27.83 -2.65 19.23
CA VAL E 42 -27.82 -4.12 19.35
C VAL E 42 -28.69 -4.74 18.26
N LYS E 43 -29.85 -4.13 17.97
CA LYS E 43 -30.69 -4.65 16.91
C LYS E 43 -30.03 -4.54 15.53
N ALA E 44 -29.28 -3.45 15.29
CA ALA E 44 -28.57 -3.32 14.02
C ALA E 44 -27.42 -4.31 13.91
N ILE E 45 -26.74 -4.58 15.02
CA ILE E 45 -25.68 -5.60 15.04
C ILE E 45 -26.28 -6.97 14.77
N SER E 46 -27.38 -7.29 15.44
CA SER E 46 -28.02 -8.59 15.22
C SER E 46 -28.36 -8.78 13.75
N SER E 47 -28.89 -7.75 13.11
CA SER E 47 -29.27 -7.83 11.71
C SER E 47 -28.06 -8.13 10.84
N ALA E 48 -26.94 -7.47 11.14
CA ALA E 48 -25.71 -7.70 10.38
C ALA E 48 -25.12 -9.06 10.68
N VAL E 49 -25.17 -9.49 11.94
CA VAL E 49 -24.60 -10.79 12.30
C VAL E 49 -25.35 -11.93 11.62
N ARG E 50 -26.69 -11.83 11.53
CA ARG E 50 -27.50 -12.81 10.81
C ARG E 50 -27.41 -12.66 9.29
N LYS E 51 -26.58 -11.73 8.79
CA LYS E 51 -26.20 -11.59 7.39
C LYS E 51 -27.33 -11.07 6.50
N ALA E 52 -28.25 -10.28 7.05
CA ALA E 52 -29.23 -9.60 6.21
C ALA E 52 -28.49 -8.70 5.23
N GLY E 53 -28.83 -8.82 3.94
CA GLY E 53 -28.16 -8.06 2.89
C GLY E 53 -26.90 -8.67 2.34
N ILE E 54 -26.51 -9.87 2.77
CA ILE E 54 -25.28 -10.46 2.25
C ILE E 54 -25.37 -10.70 0.75
N ALA E 55 -26.57 -10.89 0.19
CA ALA E 55 -26.68 -11.07 -1.25
C ALA E 55 -26.07 -9.90 -2.01
N HIS E 56 -26.12 -8.70 -1.43
CA HIS E 56 -25.57 -7.55 -2.14
C HIS E 56 -24.03 -7.57 -2.17
N LEU E 57 -23.39 -8.16 -1.17
CA LEU E 57 -21.94 -8.32 -1.22
C LEU E 57 -21.51 -9.33 -2.28
N TYR E 58 -22.39 -10.26 -2.65
CA TYR E 58 -22.04 -11.33 -3.58
C TYR E 58 -22.57 -11.08 -4.98
N GLY E 59 -22.96 -9.85 -5.30
CA GLY E 59 -23.24 -9.46 -6.67
C GLY E 59 -24.68 -9.61 -7.13
N ILE E 60 -25.66 -9.63 -6.21
CA ILE E 60 -27.03 -9.88 -6.64
C ILE E 60 -27.51 -8.80 -7.58
N ALA E 61 -27.01 -7.56 -7.42
CA ALA E 61 -27.37 -6.45 -8.29
C ALA E 61 -26.24 -6.09 -9.24
N GLY E 62 -25.25 -6.97 -9.38
CA GLY E 62 -24.08 -6.70 -10.20
C GLY E 62 -22.90 -6.45 -9.30
N VAL E 71 -18.38 -3.59 2.77
CA VAL E 71 -17.10 -2.90 2.90
C VAL E 71 -16.48 -3.17 4.27
N LYS E 72 -17.27 -2.94 5.31
CA LYS E 72 -16.77 -2.97 6.68
C LYS E 72 -16.88 -4.36 7.29
N LYS E 73 -15.87 -4.73 8.06
CA LYS E 73 -15.93 -5.94 8.87
C LYS E 73 -17.02 -5.80 9.92
N LEU E 74 -17.55 -6.93 10.38
CA LEU E 74 -18.63 -6.91 11.36
C LEU E 74 -18.19 -6.27 12.66
N ASP E 75 -16.98 -6.59 13.11
CA ASP E 75 -16.55 -6.04 14.40
C ASP E 75 -16.34 -4.54 14.32
N VAL E 76 -15.87 -4.03 13.18
CA VAL E 76 -15.76 -2.58 13.02
C VAL E 76 -17.15 -1.93 12.90
N LEU E 77 -18.06 -2.53 12.12
CA LEU E 77 -19.43 -2.01 12.03
C LEU E 77 -20.10 -2.00 13.40
N SER E 78 -19.98 -3.09 14.14
CA SER E 78 -20.57 -3.15 15.48
C SER E 78 -20.03 -2.04 16.37
N ASN E 79 -18.71 -1.81 16.33
CA ASN E 79 -18.11 -0.72 17.11
C ASN E 79 -18.68 0.63 16.69
N ASP E 80 -18.80 0.86 15.38
CA ASP E 80 -19.35 2.11 14.87
C ASP E 80 -20.80 2.29 15.30
N LEU E 81 -21.57 1.20 15.36
CA LEU E 81 -22.97 1.30 15.77
C LEU E 81 -23.10 1.69 17.24
N VAL E 82 -22.40 0.99 18.13
CA VAL E 82 -22.48 1.31 19.55
C VAL E 82 -21.94 2.71 19.81
N MET E 83 -20.75 3.00 19.27
CA MET E 83 -20.14 4.33 19.45
C MET E 83 -21.09 5.43 19.00
N ASN E 84 -21.65 5.31 17.79
CA ASN E 84 -22.44 6.41 17.28
C ASN E 84 -23.76 6.56 18.02
N MET E 85 -24.38 5.44 18.40
CA MET E 85 -25.66 5.52 19.10
C MET E 85 -25.49 6.06 20.51
N LEU E 86 -24.40 5.68 21.19
CA LEU E 86 -24.18 6.19 22.54
C LEU E 86 -23.76 7.66 22.52
N LYS E 87 -22.88 8.06 21.59
CA LYS E 87 -22.56 9.47 21.45
C LYS E 87 -23.82 10.29 21.26
N SER E 88 -24.68 9.85 20.32
CA SER E 88 -25.84 10.66 19.99
C SER E 88 -26.96 10.52 21.01
N SER E 89 -26.77 9.69 22.05
CA SER E 89 -27.76 9.58 23.11
C SER E 89 -27.74 10.79 24.04
N PHE E 90 -26.67 11.59 24.00
CA PHE E 90 -26.41 12.71 24.92
C PHE E 90 -26.34 12.27 26.38
N ALA E 91 -26.06 11.00 26.64
CA ALA E 91 -26.06 10.46 27.98
C ALA E 91 -24.68 9.99 28.45
N THR E 92 -23.65 10.07 27.61
CA THR E 92 -22.33 9.52 27.90
C THR E 92 -21.28 10.60 27.77
N CYS E 93 -20.13 10.37 28.41
CA CYS E 93 -19.00 11.29 28.30
C CYS E 93 -17.73 10.53 28.01
N VAL E 94 -17.64 9.27 28.44
CA VAL E 94 -16.46 8.44 28.23
C VAL E 94 -16.90 7.06 27.74
N LEU E 95 -16.26 6.58 26.67
CA LEU E 95 -16.58 5.31 26.05
C LEU E 95 -15.31 4.50 25.90
N VAL E 96 -15.28 3.30 26.48
CA VAL E 96 -14.15 2.38 26.37
C VAL E 96 -14.62 1.16 25.58
N SER E 97 -13.89 0.86 24.52
CA SER E 97 -14.20 -0.26 23.64
C SER E 97 -12.98 -1.13 23.43
N GLU E 98 -13.22 -2.44 23.38
CA GLU E 98 -12.19 -3.40 22.98
C GLU E 98 -11.50 -3.01 21.68
N GLU E 99 -12.21 -2.30 20.81
CA GLU E 99 -11.72 -1.94 19.48
C GLU E 99 -10.80 -0.74 19.46
N ASP E 100 -10.75 0.07 20.52
CA ASP E 100 -10.07 1.36 20.50
C ASP E 100 -8.96 1.41 21.54
N LYS E 101 -7.77 1.86 21.13
CA LYS E 101 -6.62 1.85 22.03
C LYS E 101 -6.85 2.77 23.23
N HIS E 102 -7.39 3.95 23.00
CA HIS E 102 -7.63 4.91 24.07
C HIS E 102 -9.12 5.12 24.26
N ALA E 103 -9.47 5.60 25.45
CA ALA E 103 -10.85 5.97 25.70
C ALA E 103 -11.25 7.08 24.74
N ILE E 104 -12.48 7.00 24.25
CA ILE E 104 -13.05 8.06 23.43
C ILE E 104 -13.78 9.03 24.35
N ILE E 105 -13.48 10.31 24.19
CA ILE E 105 -14.11 11.37 24.97
C ILE E 105 -15.17 12.00 24.08
N VAL E 106 -16.42 11.95 24.53
CA VAL E 106 -17.52 12.51 23.76
C VAL E 106 -17.34 14.01 23.64
N GLU E 107 -17.63 14.54 22.45
CA GLU E 107 -17.47 15.98 22.25
C GLU E 107 -18.39 16.75 23.19
N PRO E 108 -18.00 17.97 23.58
CA PRO E 108 -18.70 18.65 24.69
C PRO E 108 -20.21 18.78 24.52
N GLU E 109 -20.69 19.17 23.33
CA GLU E 109 -22.11 19.42 23.16
C GLU E 109 -22.97 18.16 23.25
N LYS E 110 -22.37 16.96 23.21
CA LYS E 110 -23.10 15.70 23.31
C LYS E 110 -22.91 14.99 24.63
N ARG E 111 -22.25 15.62 25.60
CA ARG E 111 -21.83 14.93 26.82
C ARG E 111 -22.99 14.68 27.77
N GLY E 112 -23.01 13.48 28.34
CA GLY E 112 -23.92 13.16 29.42
C GLY E 112 -23.12 12.62 30.58
N LYS E 113 -23.79 12.07 31.58
CA LYS E 113 -23.16 11.79 32.88
C LYS E 113 -22.64 10.36 33.01
N TYR E 114 -22.77 9.52 31.99
CA TYR E 114 -22.45 8.11 32.12
C TYR E 114 -21.17 7.73 31.37
N VAL E 115 -20.49 6.74 31.93
CA VAL E 115 -19.30 6.10 31.34
C VAL E 115 -19.70 4.68 30.97
N VAL E 116 -19.37 4.26 29.74
CA VAL E 116 -19.74 2.95 29.24
C VAL E 116 -18.50 2.22 28.73
N CYS E 117 -18.30 1.00 29.23
CA CYS E 117 -17.31 0.08 28.71
C CYS E 117 -18.03 -1.06 28.00
N PHE E 118 -17.56 -1.39 26.79
CA PHE E 118 -18.24 -2.42 26.02
C PHE E 118 -17.28 -3.18 25.12
N ASP E 119 -17.65 -4.42 24.83
CA ASP E 119 -17.04 -5.21 23.77
C ASP E 119 -18.11 -5.35 22.70
N PRO E 120 -17.99 -4.64 21.57
CA PRO E 120 -19.12 -4.57 20.64
C PRO E 120 -19.46 -5.89 19.97
N LEU E 121 -18.48 -6.73 19.68
CA LEU E 121 -18.75 -8.04 19.09
C LEU E 121 -17.78 -9.05 19.72
N ASP E 122 -18.10 -9.44 20.95
CA ASP E 122 -17.28 -10.43 21.65
C ASP E 122 -17.32 -11.77 20.93
N GLY E 123 -16.15 -12.40 20.81
CA GLY E 123 -16.08 -13.71 20.19
C GLY E 123 -15.99 -13.70 18.68
N SER E 124 -15.92 -12.52 18.05
CA SER E 124 -16.00 -12.40 16.60
C SER E 124 -14.80 -13.01 15.88
N SER E 125 -13.72 -13.34 16.60
CA SER E 125 -12.59 -13.98 15.95
C SER E 125 -13.00 -15.31 15.32
N ASN E 126 -13.98 -16.00 15.91
CA ASN E 126 -14.44 -17.28 15.41
C ASN E 126 -15.77 -17.19 14.66
N ILE E 127 -16.16 -15.99 14.23
CA ILE E 127 -17.43 -15.87 13.52
C ILE E 127 -17.38 -16.52 12.14
N ASP E 128 -16.19 -16.86 11.65
CA ASP E 128 -16.04 -17.60 10.40
C ASP E 128 -16.73 -18.96 10.47
N CYS E 129 -16.85 -19.54 11.66
CA CYS E 129 -17.55 -20.80 11.82
C CYS E 129 -18.97 -20.64 12.35
N LEU E 130 -19.47 -19.40 12.40
CA LEU E 130 -20.84 -19.06 12.79
C LEU E 130 -21.14 -19.41 14.25
N VAL E 131 -20.09 -19.50 15.07
CA VAL E 131 -20.28 -19.60 16.51
C VAL E 131 -21.07 -18.40 17.01
N SER E 132 -21.85 -18.62 18.08
CA SER E 132 -22.51 -17.54 18.81
C SER E 132 -21.52 -16.43 19.13
N VAL E 133 -21.97 -15.18 18.99
CA VAL E 133 -21.20 -14.01 19.38
C VAL E 133 -22.11 -13.09 20.18
N GLY E 134 -21.54 -12.02 20.71
CA GLY E 134 -22.32 -11.15 21.56
C GLY E 134 -21.70 -9.77 21.75
N THR E 135 -22.51 -8.91 22.36
CA THR E 135 -22.08 -7.59 22.78
C THR E 135 -22.14 -7.54 24.29
N ILE E 136 -21.06 -7.08 24.93
CA ILE E 136 -20.99 -6.93 26.39
C ILE E 136 -20.90 -5.45 26.72
N PHE E 137 -21.60 -5.01 27.77
CA PHE E 137 -21.53 -3.62 28.17
C PHE E 137 -21.59 -3.48 29.69
N GLY E 138 -20.92 -2.44 30.18
CA GLY E 138 -21.00 -2.04 31.58
C GLY E 138 -21.13 -0.53 31.66
N ILE E 139 -22.01 -0.05 32.51
CA ILE E 139 -22.35 1.37 32.56
C ILE E 139 -22.01 1.90 33.95
N TYR E 140 -21.19 2.96 33.99
CA TYR E 140 -20.81 3.65 35.23
C TYR E 140 -21.27 5.10 35.20
N ARG E 141 -21.43 5.67 36.38
CA ARG E 141 -21.66 7.10 36.52
C ARG E 141 -20.31 7.79 36.69
N LYS E 142 -20.14 8.92 36.04
CA LYS E 142 -18.95 9.74 36.24
C LYS E 142 -18.91 10.27 37.67
N LYS E 143 -17.76 10.14 38.32
CA LYS E 143 -17.69 10.37 39.77
C LYS E 143 -17.31 11.79 40.16
N SER E 144 -16.51 12.49 39.34
CA SER E 144 -16.08 13.85 39.60
C SER E 144 -16.71 14.82 38.60
N THR E 145 -16.59 16.12 38.90
CA THR E 145 -16.94 17.17 37.96
C THR E 145 -15.75 17.67 37.13
N ASP E 146 -14.58 17.03 37.25
CA ASP E 146 -13.44 17.34 36.39
C ASP E 146 -13.71 17.02 34.92
N GLU E 147 -12.83 17.50 34.05
CA GLU E 147 -12.90 17.17 32.63
C GLU E 147 -12.89 15.65 32.41
N PRO E 148 -13.76 15.14 31.54
CA PRO E 148 -13.81 13.69 31.31
C PRO E 148 -12.49 13.19 30.71
N SER E 149 -12.06 12.03 31.18
CA SER E 149 -10.81 11.46 30.70
C SER E 149 -10.87 9.95 30.85
N GLU E 150 -9.84 9.30 30.32
CA GLU E 150 -9.73 7.85 30.40
C GLU E 150 -9.83 7.37 31.84
N LYS E 151 -9.47 8.22 32.81
CA LYS E 151 -9.49 7.82 34.21
C LYS E 151 -10.90 7.51 34.70
N ASP E 152 -11.92 8.15 34.13
CA ASP E 152 -13.28 7.95 34.64
C ASP E 152 -13.77 6.53 34.42
N ALA E 153 -13.15 5.78 33.52
CA ALA E 153 -13.52 4.40 33.27
C ALA E 153 -12.80 3.42 34.18
N LEU E 154 -11.85 3.90 34.98
CA LEU E 154 -11.04 3.06 35.86
C LEU E 154 -11.72 2.88 37.20
N GLN E 155 -12.98 2.47 37.16
CA GLN E 155 -13.69 2.24 38.38
C GLN E 155 -13.84 0.75 38.64
N PRO E 156 -13.89 0.32 39.90
CA PRO E 156 -14.14 -1.08 40.20
C PRO E 156 -15.56 -1.47 39.83
N GLY E 157 -15.75 -2.75 39.50
CA GLY E 157 -17.05 -3.20 39.06
C GLY E 157 -18.15 -2.92 40.06
N ARG E 158 -17.80 -2.82 41.34
CA ARG E 158 -18.77 -2.51 42.38
C ARG E 158 -19.53 -1.21 42.10
N ASN E 159 -18.95 -0.31 41.32
CA ASN E 159 -19.57 0.97 41.00
C ASN E 159 -20.58 0.88 39.85
N LEU E 160 -20.77 -0.28 39.24
CA LEU E 160 -21.62 -0.38 38.05
C LEU E 160 -23.04 0.05 38.37
N VAL E 161 -23.62 0.82 37.45
CA VAL E 161 -25.01 1.23 37.55
C VAL E 161 -25.92 0.25 36.84
N ALA E 162 -25.47 -0.28 35.70
CA ALA E 162 -26.18 -1.32 34.99
C ALA E 162 -25.16 -2.04 34.12
N ALA E 163 -25.46 -3.29 33.80
CA ALA E 163 -24.57 -4.06 32.95
C ALA E 163 -25.38 -5.18 32.32
N GLY E 164 -24.79 -5.77 31.28
CA GLY E 164 -25.40 -6.92 30.66
C GLY E 164 -24.74 -7.23 29.34
N TYR E 165 -25.49 -7.96 28.51
CA TYR E 165 -24.96 -8.42 27.25
C TYR E 165 -26.10 -8.72 26.29
N ALA E 166 -25.79 -8.61 25.00
CA ALA E 166 -26.62 -9.17 23.95
C ALA E 166 -25.95 -10.43 23.45
N LEU E 167 -26.70 -11.53 23.39
CA LEU E 167 -26.22 -12.79 22.85
C LEU E 167 -26.88 -13.00 21.50
N TYR E 168 -26.07 -13.12 20.45
CA TYR E 168 -26.58 -13.43 19.11
C TYR E 168 -26.34 -14.91 18.88
N GLY E 169 -27.24 -15.72 19.44
CA GLY E 169 -27.15 -17.17 19.34
C GLY E 169 -28.19 -17.74 18.39
N SER E 170 -28.80 -18.88 18.75
CA SER E 170 -29.90 -19.38 17.94
C SER E 170 -31.04 -18.36 17.85
N ALA E 171 -31.25 -17.58 18.92
CA ALA E 171 -32.01 -16.35 18.86
C ALA E 171 -31.17 -15.24 19.47
N THR E 172 -31.65 -14.01 19.37
CA THR E 172 -30.98 -12.86 19.96
C THR E 172 -31.66 -12.50 21.27
N MET E 173 -30.88 -12.42 22.34
CA MET E 173 -31.39 -12.09 23.66
C MET E 173 -30.54 -11.02 24.30
N LEU E 174 -31.19 -10.06 24.96
CA LEU E 174 -30.51 -9.06 25.77
C LEU E 174 -30.78 -9.35 27.24
N VAL E 175 -29.70 -9.53 28.01
CA VAL E 175 -29.77 -9.74 29.45
C VAL E 175 -29.35 -8.43 30.12
N LEU E 176 -30.24 -7.85 30.92
CA LEU E 176 -30.02 -6.55 31.54
C LEU E 176 -30.01 -6.70 33.05
N ALA E 177 -28.90 -6.32 33.67
CA ALA E 177 -28.76 -6.39 35.11
C ALA E 177 -28.71 -4.98 35.70
N MET E 178 -29.54 -4.74 36.70
CA MET E 178 -29.54 -3.49 37.44
C MET E 178 -29.74 -3.83 38.90
N ASP E 179 -29.89 -2.79 39.72
CA ASP E 179 -30.17 -3.01 41.14
C ASP E 179 -31.45 -3.82 41.32
N CYS E 180 -32.45 -3.60 40.46
CA CYS E 180 -33.67 -4.38 40.59
C CYS E 180 -33.49 -5.85 40.23
N GLY E 181 -32.32 -6.25 39.73
CA GLY E 181 -32.06 -7.63 39.37
C GLY E 181 -31.79 -7.80 37.89
N VAL E 182 -31.86 -9.05 37.45
CA VAL E 182 -31.52 -9.45 36.10
C VAL E 182 -32.78 -9.85 35.34
N ASN E 183 -32.96 -9.29 34.14
CA ASN E 183 -34.11 -9.56 33.30
C ASN E 183 -33.64 -9.87 31.89
N CYS E 184 -34.34 -10.81 31.25
CA CYS E 184 -33.96 -11.35 29.94
C CYS E 184 -35.01 -11.00 28.89
N PHE E 185 -34.57 -10.39 27.79
CA PHE E 185 -35.45 -9.91 26.74
C PHE E 185 -35.10 -10.59 25.43
N MET E 186 -36.08 -11.21 24.79
CA MET E 186 -35.87 -11.87 23.52
C MET E 186 -36.18 -10.88 22.40
N LEU E 187 -35.23 -10.73 21.48
CA LEU E 187 -35.52 -9.92 20.29
C LEU E 187 -36.47 -10.68 19.37
N ASP E 188 -37.64 -10.10 19.12
CA ASP E 188 -38.56 -10.62 18.12
C ASP E 188 -38.22 -9.98 16.79
N PRO E 189 -37.59 -10.70 15.85
CA PRO E 189 -37.19 -10.06 14.59
C PRO E 189 -38.35 -9.63 13.71
N ALA E 190 -39.56 -10.20 13.88
CA ALA E 190 -40.69 -9.78 13.06
C ALA E 190 -41.10 -8.33 13.33
N ILE E 191 -40.85 -7.83 14.53
CA ILE E 191 -41.27 -6.48 14.90
C ILE E 191 -40.13 -5.65 15.48
N GLY E 192 -38.93 -6.21 15.64
CA GLY E 192 -37.84 -5.45 16.20
C GLY E 192 -38.12 -4.94 17.60
N GLU E 193 -38.61 -5.82 18.48
CA GLU E 193 -38.81 -5.47 19.89
C GLU E 193 -38.20 -6.55 20.75
N PHE E 194 -37.57 -6.12 21.84
CA PHE E 194 -37.08 -7.02 22.87
C PHE E 194 -38.24 -7.30 23.84
N ILE E 195 -38.66 -8.56 23.91
CA ILE E 195 -39.81 -8.97 24.71
C ILE E 195 -39.31 -9.58 26.00
N LEU E 196 -39.84 -9.11 27.13
CA LEU E 196 -39.43 -9.65 28.43
C LEU E 196 -39.96 -11.08 28.57
N VAL E 197 -39.05 -12.04 28.70
CA VAL E 197 -39.45 -13.44 28.78
C VAL E 197 -38.99 -14.12 30.06
N ASP E 198 -38.03 -13.56 30.79
CA ASP E 198 -37.59 -14.09 32.08
C ASP E 198 -37.36 -12.94 33.05
N LYS E 199 -38.16 -12.89 34.11
CA LYS E 199 -38.17 -11.78 35.05
C LYS E 199 -37.36 -12.13 36.29
N ASP E 200 -36.53 -11.17 36.74
CA ASP E 200 -35.84 -11.26 38.03
C ASP E 200 -35.14 -12.62 38.18
N VAL E 201 -34.25 -12.91 37.23
CA VAL E 201 -33.65 -14.22 37.09
C VAL E 201 -32.63 -14.50 38.20
N LYS E 202 -32.60 -15.75 38.68
CA LYS E 202 -31.64 -16.22 39.68
C LYS E 202 -30.97 -17.52 39.20
N ILE E 203 -29.66 -17.65 39.46
CA ILE E 203 -28.90 -18.83 39.03
C ILE E 203 -29.13 -19.99 39.99
N LYS E 204 -29.04 -21.23 39.47
CA LYS E 204 -29.08 -22.40 40.35
C LYS E 204 -27.99 -22.30 41.41
N LYS E 205 -28.32 -22.75 42.63
CA LYS E 205 -27.35 -22.73 43.72
C LYS E 205 -26.13 -23.57 43.41
N LYS E 206 -26.30 -24.66 42.67
CA LYS E 206 -25.19 -25.51 42.26
C LYS E 206 -25.56 -26.12 40.92
N GLY E 207 -24.57 -26.21 40.02
CA GLY E 207 -24.79 -26.71 38.69
C GLY E 207 -24.13 -28.05 38.45
N LYS E 208 -24.17 -28.47 37.18
CA LYS E 208 -23.62 -29.75 36.78
C LYS E 208 -22.80 -29.62 35.50
N ILE E 209 -22.34 -28.41 35.17
CA ILE E 209 -21.56 -28.16 33.97
C ILE E 209 -20.38 -27.27 34.34
N TYR E 210 -19.18 -27.61 33.84
CA TYR E 210 -17.99 -26.78 33.96
C TYR E 210 -17.49 -26.37 32.58
N SER E 211 -16.88 -25.20 32.49
CA SER E 211 -16.58 -24.61 31.18
C SER E 211 -15.21 -23.93 31.19
N LEU E 212 -14.25 -24.55 30.51
CA LEU E 212 -12.95 -23.92 30.29
C LEU E 212 -12.24 -24.64 29.17
N ASN E 213 -11.25 -23.97 28.59
CA ASN E 213 -10.46 -24.53 27.49
C ASN E 213 -9.46 -25.50 28.08
N GLU E 214 -9.79 -26.78 28.09
CA GLU E 214 -8.85 -27.75 28.65
C GLU E 214 -7.62 -27.97 27.79
N GLY E 215 -7.58 -27.40 26.58
CA GLY E 215 -6.37 -27.46 25.78
C GLY E 215 -5.17 -26.81 26.46
N TYR E 216 -5.42 -25.98 27.47
CA TYR E 216 -4.35 -25.34 28.24
C TYR E 216 -3.98 -26.12 29.49
N ALA E 217 -4.22 -27.44 29.51
CA ALA E 217 -3.95 -28.22 30.71
C ALA E 217 -2.48 -28.14 31.14
N LYS E 218 -1.57 -28.08 30.17
CA LYS E 218 -0.14 -28.07 30.48
C LYS E 218 0.27 -26.87 31.32
N ASP E 219 -0.45 -25.75 31.20
CA ASP E 219 -0.12 -24.52 31.91
C ASP E 219 -0.97 -24.27 33.15
N PHE E 220 -1.91 -25.15 33.47
CA PHE E 220 -2.85 -24.90 34.55
C PHE E 220 -2.13 -24.70 35.89
N ASP E 221 -2.66 -23.77 36.67
CA ASP E 221 -2.37 -23.71 38.09
C ASP E 221 -2.78 -25.04 38.73
N PRO E 222 -2.04 -25.52 39.73
CA PRO E 222 -2.39 -26.81 40.34
C PRO E 222 -3.78 -26.85 40.96
N ALA E 223 -4.29 -25.72 41.45
CA ALA E 223 -5.65 -25.69 41.99
C ALA E 223 -6.69 -25.96 40.91
N VAL E 224 -6.50 -25.37 39.73
CA VAL E 224 -7.43 -25.62 38.63
C VAL E 224 -7.37 -27.10 38.23
N THR E 225 -6.16 -27.67 38.14
CA THR E 225 -6.04 -29.09 37.85
C THR E 225 -6.78 -29.92 38.88
N GLU E 226 -6.67 -29.59 40.15
CA GLU E 226 -7.38 -30.37 41.17
C GLU E 226 -8.88 -30.18 41.08
N TYR E 227 -9.34 -28.93 40.95
CA TYR E 227 -10.78 -28.70 40.88
C TYR E 227 -11.41 -29.44 39.71
N ILE E 228 -10.79 -29.36 38.53
CA ILE E 228 -11.33 -30.03 37.34
C ILE E 228 -11.32 -31.53 37.53
N GLN E 229 -10.29 -32.07 38.20
CA GLN E 229 -10.29 -33.50 38.46
C GLN E 229 -11.47 -33.91 39.35
N ARG E 230 -11.82 -33.07 40.32
CA ARG E 230 -12.96 -33.37 41.19
C ARG E 230 -14.27 -33.40 40.42
N LYS E 231 -14.38 -32.59 39.36
CA LYS E 231 -15.59 -32.58 38.54
C LYS E 231 -15.69 -33.81 37.65
N LYS E 232 -14.55 -34.32 37.16
CA LYS E 232 -14.56 -35.51 36.33
C LYS E 232 -14.57 -36.79 37.16
N PHE E 233 -13.93 -36.76 38.33
CA PHE E 233 -13.81 -37.92 39.21
C PHE E 233 -14.27 -37.52 40.60
N PRO E 234 -15.57 -37.39 40.82
CA PRO E 234 -16.06 -36.93 42.13
C PRO E 234 -15.72 -37.94 43.21
N PRO E 235 -15.22 -37.49 44.36
CA PRO E 235 -14.90 -38.44 45.43
C PRO E 235 -16.12 -39.05 46.09
N ASP E 236 -17.26 -38.37 46.09
CA ASP E 236 -18.44 -38.78 46.83
C ASP E 236 -19.44 -39.58 45.99
N ASN E 237 -18.97 -40.34 45.00
CA ASN E 237 -19.83 -41.20 44.18
C ASN E 237 -20.95 -40.43 43.49
N SER E 238 -20.86 -39.10 43.41
CA SER E 238 -21.82 -38.32 42.65
C SER E 238 -21.50 -38.39 41.16
N ALA E 239 -22.47 -37.97 40.34
CA ALA E 239 -22.28 -37.99 38.89
C ALA E 239 -21.21 -36.98 38.49
N PRO E 240 -20.33 -37.34 37.56
CA PRO E 240 -19.37 -36.35 37.05
C PRO E 240 -20.10 -35.22 36.35
N TYR E 241 -19.53 -34.03 36.43
CA TYR E 241 -20.09 -32.88 35.71
C TYR E 241 -19.91 -33.05 34.20
N GLY E 242 -20.85 -32.48 33.43
CA GLY E 242 -20.64 -32.35 32.01
C GLY E 242 -19.76 -31.15 31.68
N ALA E 243 -19.13 -31.19 30.50
CA ALA E 243 -18.27 -30.12 30.03
C ALA E 243 -18.88 -29.46 28.80
N ARG E 244 -18.81 -28.12 28.76
CA ARG E 244 -19.19 -27.33 27.60
C ARG E 244 -18.24 -26.15 27.50
N TYR E 245 -17.75 -25.87 26.30
CA TYR E 245 -16.89 -24.71 26.10
C TYR E 245 -17.08 -24.21 24.68
N VAL E 246 -17.94 -23.22 24.50
CA VAL E 246 -18.17 -22.64 23.19
C VAL E 246 -16.95 -21.86 22.71
N GLY E 247 -16.21 -21.24 23.62
CA GLY E 247 -15.13 -20.36 23.23
C GLY E 247 -15.57 -18.96 22.94
N SER E 248 -16.84 -18.66 23.12
CA SER E 248 -17.37 -17.31 23.02
C SER E 248 -17.97 -17.00 24.39
N MET E 249 -17.43 -15.98 25.07
CA MET E 249 -17.71 -15.79 26.49
C MET E 249 -19.20 -15.56 26.76
N VAL E 250 -19.86 -14.75 25.92
CA VAL E 250 -21.27 -14.45 26.13
C VAL E 250 -22.09 -15.74 26.10
N ALA E 251 -21.75 -16.66 25.18
CA ALA E 251 -22.49 -17.92 25.09
C ALA E 251 -22.24 -18.78 26.32
N ASP E 252 -20.98 -18.92 26.73
CA ASP E 252 -20.68 -19.76 27.89
C ASP E 252 -21.26 -19.17 29.17
N VAL E 253 -21.18 -17.86 29.35
CA VAL E 253 -21.73 -17.23 30.56
C VAL E 253 -23.25 -17.34 30.57
N HIS E 254 -23.91 -17.17 29.42
CA HIS E 254 -25.36 -17.27 29.38
C HIS E 254 -25.84 -18.68 29.72
N ARG E 255 -25.17 -19.71 29.17
CA ARG E 255 -25.51 -21.08 29.54
C ARG E 255 -25.32 -21.31 31.04
N THR E 256 -24.24 -20.75 31.60
CA THR E 256 -24.00 -20.85 33.03
C THR E 256 -25.13 -20.19 33.82
N LEU E 257 -25.58 -19.03 33.36
CA LEU E 257 -26.71 -18.36 33.99
C LEU E 257 -27.98 -19.19 33.90
N VAL E 258 -28.24 -19.77 32.73
CA VAL E 258 -29.51 -20.45 32.51
C VAL E 258 -29.52 -21.83 33.17
N TYR E 259 -28.44 -22.59 33.05
CA TYR E 259 -28.42 -23.95 33.53
C TYR E 259 -27.65 -24.13 34.83
N GLY E 260 -26.92 -23.11 35.27
CA GLY E 260 -26.06 -23.26 36.43
C GLY E 260 -24.74 -23.91 36.07
N GLY E 261 -23.85 -23.96 37.06
CA GLY E 261 -22.52 -24.52 36.85
C GLY E 261 -21.45 -23.48 37.01
N ILE E 262 -20.33 -23.69 36.32
CA ILE E 262 -19.13 -22.87 36.51
C ILE E 262 -18.43 -22.62 35.17
N PHE E 263 -17.91 -21.40 35.01
CA PHE E 263 -17.12 -20.98 33.87
C PHE E 263 -15.78 -20.49 34.41
N LEU E 264 -14.66 -20.94 33.80
CA LEU E 264 -13.33 -20.57 34.25
C LEU E 264 -12.48 -20.10 33.09
N TYR E 265 -11.83 -18.95 33.26
CA TYR E 265 -10.71 -18.53 32.43
C TYR E 265 -9.65 -18.06 33.40
N PRO E 266 -8.92 -18.99 34.02
CA PRO E 266 -8.13 -18.69 35.21
C PRO E 266 -6.72 -18.21 34.90
N ALA E 267 -6.05 -17.75 35.97
CA ALA E 267 -4.65 -17.41 35.85
C ALA E 267 -3.83 -18.67 35.69
N ASN E 268 -2.69 -18.53 35.01
CA ASN E 268 -1.78 -19.65 34.80
C ASN E 268 -0.35 -19.13 34.86
N LYS E 269 0.59 -20.02 34.58
CA LYS E 269 2.01 -19.66 34.61
C LYS E 269 2.36 -18.70 33.48
N LYS E 270 1.72 -18.86 32.31
CA LYS E 270 1.94 -17.98 31.16
C LYS E 270 1.24 -16.64 31.26
N SER E 271 0.05 -16.59 31.87
CA SER E 271 -0.79 -15.39 31.91
C SER E 271 -1.23 -15.16 33.34
N PRO E 272 -0.37 -14.55 34.16
CA PRO E 272 -0.68 -14.41 35.60
C PRO E 272 -1.89 -13.52 35.88
N ASN E 273 -2.31 -12.71 34.90
CA ASN E 273 -3.51 -11.88 35.06
C ASN E 273 -4.68 -12.39 34.23
N GLY E 274 -4.64 -13.63 33.76
CA GLY E 274 -5.71 -14.12 32.93
C GLY E 274 -5.63 -13.56 31.52
N LYS E 275 -6.67 -13.83 30.73
CA LYS E 275 -6.73 -13.38 29.35
C LYS E 275 -7.90 -12.46 29.03
N LEU E 276 -9.05 -12.65 29.67
CA LEU E 276 -10.22 -11.81 29.40
C LEU E 276 -10.02 -10.41 29.98
N ARG E 277 -10.63 -9.42 29.33
CA ARG E 277 -10.45 -8.03 29.73
C ARG E 277 -11.41 -7.68 30.87
N LEU E 278 -10.88 -6.99 31.89
CA LEU E 278 -11.64 -6.71 33.10
C LEU E 278 -12.79 -5.74 32.85
N LEU E 279 -12.53 -4.67 32.10
CA LEU E 279 -13.47 -3.55 32.05
C LEU E 279 -14.73 -3.89 31.26
N TYR E 280 -14.60 -4.61 30.15
CA TYR E 280 -15.73 -4.81 29.26
C TYR E 280 -15.99 -6.28 28.98
N GLU E 281 -15.35 -7.19 29.71
CA GLU E 281 -15.73 -8.59 29.70
C GLU E 281 -15.99 -9.08 31.11
N CYS E 282 -15.01 -8.97 32.01
CA CYS E 282 -15.13 -9.59 33.33
C CYS E 282 -16.12 -8.87 34.23
N ASN E 283 -15.99 -7.54 34.36
CA ASN E 283 -16.87 -6.80 35.27
C ASN E 283 -18.35 -6.91 34.88
N PRO E 284 -18.76 -6.67 33.64
CA PRO E 284 -20.20 -6.82 33.34
C PRO E 284 -20.71 -8.22 33.65
N MET E 285 -19.95 -9.26 33.32
CA MET E 285 -20.40 -10.62 33.58
C MET E 285 -20.43 -10.93 35.07
N ALA E 286 -19.44 -10.42 35.81
CA ALA E 286 -19.45 -10.54 37.26
C ALA E 286 -20.67 -9.83 37.86
N TYR E 287 -21.01 -8.66 37.33
CA TYR E 287 -22.15 -7.92 37.83
C TYR E 287 -23.46 -8.65 37.56
N VAL E 288 -23.65 -9.17 36.34
CA VAL E 288 -24.83 -9.98 36.03
C VAL E 288 -24.93 -11.17 36.99
N MET E 289 -23.81 -11.89 37.16
CA MET E 289 -23.80 -13.06 38.02
C MET E 289 -24.20 -12.71 39.46
N GLU E 290 -23.62 -11.63 40.02
CA GLU E 290 -23.93 -11.31 41.41
C GLU E 290 -25.37 -10.84 41.57
N LYS E 291 -25.87 -10.04 40.64
CA LYS E 291 -27.27 -9.62 40.71
C LYS E 291 -28.22 -10.78 40.56
N ALA E 292 -27.76 -11.87 39.96
CA ALA E 292 -28.54 -13.11 39.80
C ALA E 292 -28.28 -14.12 40.92
N GLY E 293 -27.60 -13.72 41.99
CA GLY E 293 -27.30 -14.66 43.06
C GLY E 293 -26.12 -15.58 42.81
N GLY E 294 -25.26 -15.25 41.85
CA GLY E 294 -24.05 -16.03 41.62
C GLY E 294 -22.82 -15.35 42.20
N MET E 295 -21.66 -15.90 41.83
CA MET E 295 -20.38 -15.40 42.32
C MET E 295 -19.41 -15.29 41.15
N ALA E 296 -18.41 -14.43 41.31
CA ALA E 296 -17.38 -14.23 40.29
C ALA E 296 -16.09 -13.79 40.96
N THR E 297 -15.04 -14.61 40.87
CA THR E 297 -13.77 -14.36 41.55
C THR E 297 -12.60 -14.44 40.57
N THR E 298 -11.53 -13.71 40.91
CA THR E 298 -10.25 -13.91 40.25
C THR E 298 -9.47 -15.08 40.87
N GLY E 299 -9.99 -15.66 41.95
CA GLY E 299 -9.22 -16.58 42.75
C GLY E 299 -8.79 -15.94 44.05
N LYS E 300 -8.30 -14.70 43.98
CA LYS E 300 -7.87 -13.97 45.17
C LYS E 300 -8.95 -13.05 45.73
N GLU E 301 -9.84 -12.54 44.89
CA GLU E 301 -10.82 -11.56 45.33
C GLU E 301 -11.99 -11.59 44.35
N ALA E 302 -13.11 -10.98 44.77
CA ALA E 302 -14.23 -10.78 43.88
C ALA E 302 -13.82 -9.90 42.71
N VAL E 303 -14.20 -10.31 41.50
CA VAL E 303 -13.89 -9.55 40.28
C VAL E 303 -14.28 -8.09 40.43
N LEU E 304 -15.44 -7.83 41.04
CA LEU E 304 -15.99 -6.49 41.17
C LEU E 304 -15.20 -5.61 42.14
N ASP E 305 -14.28 -6.18 42.93
CA ASP E 305 -13.45 -5.38 43.81
C ASP E 305 -12.10 -5.00 43.20
N VAL E 306 -11.73 -5.57 42.05
CA VAL E 306 -10.46 -5.22 41.43
C VAL E 306 -10.51 -3.77 40.98
N ILE E 307 -9.51 -2.99 41.39
CA ILE E 307 -9.38 -1.58 41.02
C ILE E 307 -8.47 -1.49 39.79
N PRO E 308 -8.99 -1.13 38.62
CA PRO E 308 -8.14 -1.13 37.42
C PRO E 308 -7.19 0.05 37.37
N THR E 309 -6.04 -0.20 36.72
CA THR E 309 -5.09 0.85 36.42
C THR E 309 -4.91 1.06 34.93
N ASP E 310 -5.40 0.15 34.09
CA ASP E 310 -5.32 0.30 32.64
C ASP E 310 -6.65 -0.20 32.07
N ILE E 311 -7.23 0.58 31.15
CA ILE E 311 -8.58 0.28 30.65
C ILE E 311 -8.64 -1.03 29.88
N HIS E 312 -7.50 -1.53 29.39
CA HIS E 312 -7.44 -2.80 28.68
C HIS E 312 -6.78 -3.91 29.50
N GLN E 313 -6.67 -3.75 30.81
CA GLN E 313 -6.00 -4.77 31.61
C GLN E 313 -6.82 -6.06 31.66
N ARG E 314 -6.12 -7.16 31.84
CA ARG E 314 -6.74 -8.48 31.88
C ARG E 314 -6.98 -8.90 33.32
N ALA E 315 -7.89 -9.86 33.51
CA ALA E 315 -8.19 -10.38 34.83
C ALA E 315 -8.58 -11.85 34.71
N PRO E 316 -8.16 -12.70 35.64
CA PRO E 316 -8.71 -14.06 35.70
C PRO E 316 -10.15 -14.01 36.16
N VAL E 317 -10.95 -14.97 35.71
CA VAL E 317 -12.36 -15.00 36.09
C VAL E 317 -12.80 -16.44 36.30
N ILE E 318 -13.51 -16.67 37.41
CA ILE E 318 -14.21 -17.90 37.69
C ILE E 318 -15.59 -17.49 38.16
N LEU E 319 -16.65 -17.97 37.50
CA LEU E 319 -17.97 -17.48 37.85
C LEU E 319 -19.02 -18.57 37.66
N GLY E 320 -20.19 -18.32 38.23
CA GLY E 320 -21.31 -19.24 38.13
C GLY E 320 -22.03 -19.47 39.44
N SER E 321 -22.56 -20.68 39.60
CA SER E 321 -23.35 -21.03 40.78
C SER E 321 -22.52 -20.85 42.06
N PRO E 322 -23.12 -20.31 43.12
CA PRO E 322 -22.32 -20.02 44.32
C PRO E 322 -21.65 -21.24 44.93
N ASP E 323 -22.36 -22.38 45.00
CA ASP E 323 -21.74 -23.58 45.53
C ASP E 323 -20.56 -24.04 44.69
N ASP E 324 -20.64 -23.86 43.36
CA ASP E 324 -19.52 -24.28 42.53
C ASP E 324 -18.32 -23.37 42.71
N VAL E 325 -18.52 -22.05 42.75
CA VAL E 325 -17.40 -21.14 42.95
C VAL E 325 -16.84 -21.29 44.37
N LEU E 326 -17.71 -21.48 45.36
CA LEU E 326 -17.23 -21.72 46.72
C LEU E 326 -16.39 -22.99 46.78
N GLU E 327 -16.83 -24.04 46.07
CA GLU E 327 -16.05 -25.27 46.05
C GLU E 327 -14.70 -25.05 45.39
N PHE E 328 -14.67 -24.30 44.28
CA PHE E 328 -13.39 -24.00 43.64
C PHE E 328 -12.50 -23.17 44.55
N LEU E 329 -13.06 -22.16 45.22
CA LEU E 329 -12.26 -21.32 46.10
C LEU E 329 -11.63 -22.13 47.22
N LYS E 330 -12.36 -23.12 47.76
CA LYS E 330 -11.81 -23.97 48.81
C LYS E 330 -10.58 -24.71 48.32
N VAL E 331 -10.64 -25.24 47.10
CA VAL E 331 -9.48 -25.91 46.50
C VAL E 331 -8.34 -24.93 46.26
N TYR E 332 -8.68 -23.70 45.84
CA TYR E 332 -7.67 -22.67 45.59
C TYR E 332 -6.87 -22.34 46.85
N GLU E 333 -7.54 -22.23 47.99
CA GLU E 333 -6.81 -21.90 49.21
C GLU E 333 -5.95 -23.08 49.68
N LYS E 334 -6.41 -24.31 49.45
CA LYS E 334 -5.59 -25.48 49.80
C LYS E 334 -4.20 -25.38 49.17
N HIS E 335 -4.11 -24.79 47.97
CA HIS E 335 -2.84 -24.58 47.29
C HIS E 335 -2.27 -23.20 47.56
N SER E 336 -2.63 -22.60 48.70
CA SER E 336 -2.22 -21.25 49.10
C SER E 336 -2.61 -20.21 48.05
N ASP F 10 -20.34 -14.22 -10.80
CA ASP F 10 -21.80 -14.19 -10.87
C ASP F 10 -22.42 -14.75 -9.59
N VAL F 11 -23.38 -14.02 -9.01
CA VAL F 11 -24.06 -14.51 -7.82
C VAL F 11 -24.74 -15.85 -8.12
N ASN F 12 -24.83 -16.69 -7.09
CA ASN F 12 -25.51 -17.96 -7.21
C ASN F 12 -26.32 -18.23 -5.94
N THR F 13 -27.43 -18.94 -6.12
CA THR F 13 -28.27 -19.34 -5.00
C THR F 13 -28.31 -20.86 -4.95
N LEU F 14 -28.84 -21.39 -3.86
CA LEU F 14 -28.94 -22.84 -3.74
C LEU F 14 -29.76 -23.42 -4.88
N THR F 15 -30.96 -22.86 -5.11
CA THR F 15 -31.85 -23.44 -6.11
C THR F 15 -31.28 -23.31 -7.51
N ARG F 16 -30.70 -22.16 -7.82
CA ARG F 16 -30.07 -21.97 -9.12
C ARG F 16 -28.85 -22.90 -9.27
N PHE F 17 -28.05 -23.05 -8.21
CA PHE F 17 -26.91 -23.97 -8.25
C PHE F 17 -27.37 -25.39 -8.54
N VAL F 18 -28.39 -25.85 -7.82
CA VAL F 18 -28.82 -27.23 -7.97
C VAL F 18 -29.46 -27.46 -9.33
N MET F 19 -30.24 -26.49 -9.82
CA MET F 19 -30.83 -26.62 -11.15
C MET F 19 -29.76 -26.72 -12.23
N GLU F 20 -28.69 -25.95 -12.10
CA GLU F 20 -27.64 -25.98 -13.12
C GLU F 20 -26.89 -27.30 -13.10
N GLU F 21 -26.58 -27.83 -11.91
CA GLU F 21 -25.95 -29.15 -11.84
C GLU F 21 -26.87 -30.22 -12.43
N GLY F 22 -28.15 -30.17 -12.10
CA GLY F 22 -29.08 -31.16 -12.61
C GLY F 22 -29.24 -31.11 -14.11
N ARG F 23 -29.25 -29.90 -14.69
CA ARG F 23 -29.39 -29.79 -16.13
C ARG F 23 -28.14 -30.28 -16.86
N LYS F 24 -26.95 -29.96 -16.34
CA LYS F 24 -25.74 -30.51 -16.92
C LYS F 24 -25.84 -32.03 -17.00
N ALA F 25 -26.17 -32.67 -15.88
CA ALA F 25 -26.23 -34.12 -15.80
C ALA F 25 -27.50 -34.70 -16.37
N ARG F 26 -28.43 -33.87 -16.84
CA ARG F 26 -29.68 -34.34 -17.45
C ARG F 26 -30.52 -35.21 -16.51
N GLY F 27 -30.51 -34.88 -15.21
CA GLY F 27 -31.37 -35.59 -14.28
C GLY F 27 -32.83 -35.26 -14.53
N THR F 28 -33.71 -36.01 -13.88
CA THR F 28 -35.14 -35.82 -14.12
C THR F 28 -35.69 -34.56 -13.47
N GLY F 29 -34.98 -34.00 -12.48
CA GLY F 29 -35.47 -32.88 -11.70
C GLY F 29 -35.99 -33.23 -10.32
N GLU F 30 -36.17 -34.53 -10.04
CA GLU F 30 -36.75 -34.94 -8.77
C GLU F 30 -35.87 -34.51 -7.60
N LEU F 31 -34.55 -34.66 -7.73
CA LEU F 31 -33.66 -34.24 -6.66
C LEU F 31 -33.74 -32.73 -6.41
N THR F 32 -33.86 -31.94 -7.48
CA THR F 32 -34.02 -30.49 -7.34
C THR F 32 -35.32 -30.13 -6.61
N GLN F 33 -36.43 -30.80 -6.94
CA GLN F 33 -37.68 -30.57 -6.22
C GLN F 33 -37.53 -30.92 -4.74
N LEU F 34 -36.85 -32.04 -4.47
CA LEU F 34 -36.53 -32.44 -3.12
C LEU F 34 -35.80 -31.33 -2.36
N LEU F 35 -34.69 -30.87 -2.92
CA LEU F 35 -33.83 -29.93 -2.20
C LEU F 35 -34.49 -28.57 -2.05
N ASN F 36 -35.25 -28.14 -3.06
CA ASN F 36 -35.97 -26.88 -2.96
C ASN F 36 -37.04 -26.94 -1.87
N SER F 37 -37.73 -28.08 -1.75
CA SER F 37 -38.67 -28.25 -0.67
C SER F 37 -37.98 -28.21 0.69
N LEU F 38 -36.86 -28.91 0.81
CA LEU F 38 -36.12 -28.92 2.07
C LEU F 38 -35.64 -27.51 2.42
N CYS F 39 -35.22 -26.76 1.40
N CYS F 39 -35.22 -26.76 1.40
N CYS F 39 -35.20 -26.76 1.42
CA CYS F 39 -34.79 -25.37 1.60
CA CYS F 39 -34.79 -25.37 1.60
CA CYS F 39 -34.81 -25.38 1.67
C CYS F 39 -35.93 -24.52 2.16
C CYS F 39 -35.93 -24.52 2.16
C CYS F 39 -35.96 -24.58 2.24
N THR F 40 -37.16 -24.74 1.68
CA THR F 40 -38.31 -24.02 2.21
C THR F 40 -38.52 -24.38 3.68
N ALA F 41 -38.45 -25.68 4.01
CA ALA F 41 -38.59 -26.09 5.41
C ALA F 41 -37.52 -25.46 6.29
N VAL F 42 -36.27 -25.46 5.82
CA VAL F 42 -35.16 -24.93 6.60
C VAL F 42 -35.35 -23.44 6.90
N LYS F 43 -35.84 -22.68 5.91
CA LYS F 43 -36.07 -21.26 6.14
C LYS F 43 -37.18 -21.04 7.17
N ALA F 44 -38.19 -21.91 7.19
CA ALA F 44 -39.24 -21.80 8.19
C ALA F 44 -38.71 -22.18 9.56
N ILE F 45 -37.81 -23.17 9.62
CA ILE F 45 -37.20 -23.54 10.90
C ILE F 45 -36.35 -22.38 11.42
N SER F 46 -35.50 -21.83 10.56
CA SER F 46 -34.66 -20.69 10.94
C SER F 46 -35.51 -19.56 11.51
N SER F 47 -36.62 -19.25 10.85
CA SER F 47 -37.45 -18.13 11.29
C SER F 47 -38.01 -18.40 12.68
N ALA F 48 -38.48 -19.63 12.94
CA ALA F 48 -38.99 -19.97 14.26
C ALA F 48 -37.87 -20.04 15.29
N VAL F 49 -36.68 -20.54 14.91
CA VAL F 49 -35.56 -20.65 15.85
C VAL F 49 -35.10 -19.27 16.31
N ARG F 50 -35.08 -18.29 15.40
CA ARG F 50 -34.76 -16.92 15.75
C ARG F 50 -35.92 -16.21 16.47
N LYS F 51 -37.03 -16.91 16.73
CA LYS F 51 -38.12 -16.42 17.60
C LYS F 51 -38.96 -15.30 16.97
N ALA F 52 -39.09 -15.30 15.65
CA ALA F 52 -40.07 -14.43 14.99
C ALA F 52 -41.47 -14.75 15.53
N GLY F 53 -42.21 -13.70 15.91
CA GLY F 53 -43.54 -13.89 16.43
C GLY F 53 -43.62 -14.22 17.90
N ILE F 54 -42.48 -14.30 18.61
CA ILE F 54 -42.49 -14.63 20.02
C ILE F 54 -43.34 -13.63 20.81
N ALA F 55 -43.43 -12.38 20.35
CA ALA F 55 -44.24 -11.40 21.05
C ALA F 55 -45.69 -11.87 21.21
N HIS F 56 -46.19 -12.65 20.25
CA HIS F 56 -47.57 -13.12 20.32
C HIS F 56 -47.75 -14.19 21.38
N LEU F 57 -46.72 -15.02 21.61
CA LEU F 57 -46.78 -15.99 22.69
C LEU F 57 -46.79 -15.30 24.05
N TYR F 58 -46.23 -14.09 24.14
CA TYR F 58 -46.14 -13.39 25.42
C TYR F 58 -47.20 -12.30 25.53
N GLY F 59 -48.22 -12.34 24.68
CA GLY F 59 -49.44 -11.58 24.91
C GLY F 59 -49.52 -10.21 24.30
N ILE F 60 -48.78 -9.93 23.23
CA ILE F 60 -48.79 -8.59 22.68
C ILE F 60 -50.19 -8.21 22.19
N ALA F 61 -50.99 -9.19 21.76
CA ALA F 61 -52.35 -8.90 21.32
C ALA F 61 -53.42 -9.29 22.36
N GLY F 62 -53.03 -9.52 23.62
CA GLY F 62 -53.98 -9.88 24.64
C GLY F 62 -53.88 -11.34 25.01
N LYS F 73 -41.80 -28.01 21.53
CA LYS F 73 -42.70 -27.74 20.41
C LYS F 73 -41.91 -27.26 19.19
N LEU F 74 -40.80 -26.56 19.42
CA LEU F 74 -39.93 -26.15 18.30
C LEU F 74 -39.42 -27.36 17.52
N ASP F 75 -39.02 -28.42 18.22
CA ASP F 75 -38.56 -29.61 17.53
C ASP F 75 -39.69 -30.35 16.83
N VAL F 76 -40.90 -30.34 17.42
CA VAL F 76 -42.08 -30.92 16.76
C VAL F 76 -42.45 -30.10 15.53
N LEU F 77 -42.47 -28.77 15.68
CA LEU F 77 -42.71 -27.90 14.52
C LEU F 77 -41.70 -28.15 13.42
N SER F 78 -40.41 -28.24 13.79
CA SER F 78 -39.37 -28.51 12.79
C SER F 78 -39.62 -29.83 12.08
N ASN F 79 -39.99 -30.87 12.83
CA ASN F 79 -40.29 -32.15 12.22
C ASN F 79 -41.46 -32.03 11.25
N ASP F 80 -42.53 -31.34 11.66
CA ASP F 80 -43.69 -31.18 10.79
C ASP F 80 -43.34 -30.43 9.53
N LEU F 81 -42.48 -29.42 9.63
CA LEU F 81 -42.08 -28.66 8.45
C LEU F 81 -41.32 -29.54 7.45
N VAL F 82 -40.30 -30.27 7.92
CA VAL F 82 -39.54 -31.12 7.00
C VAL F 82 -40.44 -32.21 6.44
N MET F 83 -41.17 -32.92 7.32
CA MET F 83 -42.07 -33.97 6.86
C MET F 83 -43.03 -33.47 5.80
N ASN F 84 -43.70 -32.34 6.06
CA ASN F 84 -44.72 -31.90 5.13
C ASN F 84 -44.12 -31.42 3.81
N MET F 85 -43.00 -30.69 3.86
CA MET F 85 -42.42 -30.21 2.61
C MET F 85 -41.88 -31.35 1.77
N LEU F 86 -41.31 -32.37 2.42
CA LEU F 86 -40.78 -33.52 1.69
C LEU F 86 -41.89 -34.43 1.15
N LYS F 87 -42.93 -34.72 1.94
CA LYS F 87 -44.05 -35.52 1.43
C LYS F 87 -44.63 -34.89 0.17
N SER F 88 -44.85 -33.58 0.19
CA SER F 88 -45.48 -32.85 -0.91
C SER F 88 -44.53 -32.50 -2.04
N SER F 89 -43.25 -32.88 -1.94
CA SER F 89 -42.32 -32.59 -3.01
C SER F 89 -42.48 -33.50 -4.23
N PHE F 90 -43.24 -34.60 -4.09
CA PHE F 90 -43.31 -35.65 -5.11
C PHE F 90 -41.96 -36.31 -5.37
N ALA F 91 -41.01 -36.18 -4.43
CA ALA F 91 -39.67 -36.69 -4.65
C ALA F 91 -39.27 -37.81 -3.68
N THR F 92 -40.09 -38.13 -2.70
CA THR F 92 -39.70 -39.07 -1.66
C THR F 92 -40.69 -40.21 -1.56
N CYS F 93 -40.24 -41.32 -0.98
CA CYS F 93 -41.09 -42.48 -0.70
C CYS F 93 -40.95 -42.95 0.74
N VAL F 94 -39.78 -42.76 1.36
CA VAL F 94 -39.53 -43.21 2.73
C VAL F 94 -38.81 -42.10 3.47
N LEU F 95 -39.31 -41.76 4.66
CA LEU F 95 -38.78 -40.67 5.48
C LEU F 95 -38.48 -41.20 6.88
N VAL F 96 -37.23 -41.05 7.31
CA VAL F 96 -36.77 -41.42 8.64
C VAL F 96 -36.40 -40.16 9.38
N SER F 97 -36.98 -39.98 10.56
CA SER F 97 -36.75 -38.81 11.39
C SER F 97 -36.38 -39.22 12.80
N GLU F 98 -35.46 -38.46 13.42
CA GLU F 98 -35.17 -38.61 14.83
C GLU F 98 -36.45 -38.53 15.67
N GLU F 99 -37.45 -37.78 15.21
CA GLU F 99 -38.66 -37.55 15.99
C GLU F 99 -39.67 -38.68 15.89
N ASP F 100 -39.52 -39.61 14.96
CA ASP F 100 -40.58 -40.56 14.64
C ASP F 100 -40.09 -41.99 14.88
N LYS F 101 -40.89 -42.75 15.63
CA LYS F 101 -40.47 -44.09 16.04
C LYS F 101 -40.19 -45.00 14.86
N HIS F 102 -41.06 -44.98 13.84
CA HIS F 102 -40.89 -45.82 12.67
C HIS F 102 -40.67 -44.97 11.44
N ALA F 103 -40.11 -45.58 10.39
CA ALA F 103 -40.01 -44.90 9.12
C ALA F 103 -41.39 -44.55 8.61
N ILE F 104 -41.52 -43.38 7.99
CA ILE F 104 -42.76 -42.94 7.38
C ILE F 104 -42.75 -43.37 5.91
N ILE F 105 -43.83 -44.01 5.45
CA ILE F 105 -43.97 -44.40 4.05
C ILE F 105 -44.89 -43.37 3.39
N VAL F 106 -44.36 -42.63 2.40
CA VAL F 106 -45.16 -41.63 1.71
C VAL F 106 -46.29 -42.28 0.93
N GLU F 107 -47.48 -41.66 0.99
CA GLU F 107 -48.62 -42.23 0.29
C GLU F 107 -48.41 -42.26 -1.22
N PRO F 108 -49.02 -43.21 -1.94
CA PRO F 108 -48.61 -43.47 -3.33
C PRO F 108 -48.66 -42.28 -4.27
N GLU F 109 -49.73 -41.46 -4.26
CA GLU F 109 -49.84 -40.39 -5.24
C GLU F 109 -48.80 -39.28 -5.05
N LYS F 110 -48.11 -39.25 -3.92
CA LYS F 110 -47.03 -38.29 -3.69
C LYS F 110 -45.65 -38.91 -3.81
N ARG F 111 -45.56 -40.20 -4.16
CA ARG F 111 -44.31 -40.92 -4.05
C ARG F 111 -43.30 -40.51 -5.11
N GLY F 112 -42.06 -40.35 -4.68
CA GLY F 112 -40.95 -40.16 -5.58
C GLY F 112 -39.91 -41.19 -5.22
N LYS F 113 -38.70 -41.06 -5.78
CA LYS F 113 -37.73 -42.14 -5.74
C LYS F 113 -36.71 -42.03 -4.62
N TYR F 114 -36.78 -40.99 -3.77
CA TYR F 114 -35.73 -40.75 -2.80
C TYR F 114 -36.13 -41.09 -1.36
N VAL F 115 -35.13 -41.51 -0.58
CA VAL F 115 -35.24 -41.77 0.85
C VAL F 115 -34.46 -40.69 1.57
N VAL F 116 -35.08 -40.09 2.59
CA VAL F 116 -34.45 -39.01 3.35
C VAL F 116 -34.46 -39.38 4.82
N CYS F 117 -33.28 -39.37 5.43
CA CYS F 117 -33.12 -39.52 6.87
C CYS F 117 -32.72 -38.16 7.39
N PHE F 118 -33.40 -37.68 8.43
CA PHE F 118 -33.08 -36.34 8.89
C PHE F 118 -33.27 -36.20 10.39
N ASP F 119 -32.53 -35.25 10.95
CA ASP F 119 -32.71 -34.76 12.31
C ASP F 119 -33.24 -33.35 12.21
N PRO F 120 -34.53 -33.13 12.49
CA PRO F 120 -35.12 -31.82 12.14
C PRO F 120 -34.58 -30.66 12.98
N LEU F 121 -34.29 -30.88 14.26
CA LEU F 121 -33.73 -29.80 15.08
C LEU F 121 -32.70 -30.38 16.06
N ASP F 122 -31.54 -30.74 15.53
CA ASP F 122 -30.48 -31.28 16.35
C ASP F 122 -29.98 -30.25 17.35
N GLY F 123 -29.77 -30.70 18.58
CA GLY F 123 -29.30 -29.87 19.67
C GLY F 123 -30.39 -29.16 20.43
N SER F 124 -31.66 -29.38 20.10
CA SER F 124 -32.73 -28.61 20.70
C SER F 124 -32.92 -28.90 22.19
N SER F 125 -32.34 -29.99 22.72
CA SER F 125 -32.49 -30.27 24.14
C SER F 125 -31.93 -29.14 25.00
N ASN F 126 -30.89 -28.44 24.53
CA ASN F 126 -30.29 -27.33 25.25
C ASN F 126 -30.62 -25.98 24.62
N ILE F 127 -31.66 -25.90 23.77
CA ILE F 127 -31.99 -24.64 23.12
C ILE F 127 -32.49 -23.58 24.11
N ASP F 128 -32.80 -23.99 25.35
CA ASP F 128 -33.16 -23.07 26.42
C ASP F 128 -32.06 -22.04 26.67
N CYS F 129 -30.80 -22.38 26.36
CA CYS F 129 -29.68 -21.46 26.53
C CYS F 129 -29.25 -20.81 25.22
N LEU F 130 -30.06 -20.95 24.17
CA LEU F 130 -29.84 -20.30 22.88
C LEU F 130 -28.56 -20.79 22.20
N VAL F 131 -28.12 -22.00 22.56
CA VAL F 131 -27.05 -22.68 21.84
C VAL F 131 -27.41 -22.86 20.36
N SER F 132 -26.40 -22.83 19.51
CA SER F 132 -26.59 -23.18 18.09
C SER F 132 -27.31 -24.51 17.97
N VAL F 133 -28.23 -24.59 17.01
CA VAL F 133 -28.94 -25.84 16.68
C VAL F 133 -28.89 -26.00 15.16
N GLY F 134 -29.38 -27.16 14.69
CA GLY F 134 -29.29 -27.40 13.25
C GLY F 134 -30.20 -28.50 12.76
N THR F 135 -30.31 -28.57 11.44
CA THR F 135 -31.05 -29.62 10.74
C THR F 135 -30.05 -30.45 9.95
N ILE F 136 -30.06 -31.77 10.14
CA ILE F 136 -29.16 -32.69 9.44
C ILE F 136 -29.98 -33.57 8.52
N PHE F 137 -29.46 -33.84 7.32
CA PHE F 137 -30.20 -34.69 6.37
C PHE F 137 -29.24 -35.54 5.53
N GLY F 138 -29.72 -36.72 5.13
CA GLY F 138 -29.04 -37.57 4.18
C GLY F 138 -30.05 -38.14 3.18
N ILE F 139 -29.70 -38.15 1.90
CA ILE F 139 -30.63 -38.51 0.84
C ILE F 139 -30.10 -39.73 0.08
N TYR F 140 -30.94 -40.76 -0.06
CA TYR F 140 -30.63 -41.99 -0.79
C TYR F 140 -31.60 -42.16 -1.96
N ARG F 141 -31.14 -42.86 -2.98
CA ARG F 141 -32.04 -43.41 -3.99
C ARG F 141 -32.58 -44.73 -3.46
N LYS F 142 -33.89 -44.94 -3.63
CA LYS F 142 -34.49 -46.23 -3.33
C LYS F 142 -33.78 -47.32 -4.11
N LYS F 143 -33.41 -48.41 -3.43
CA LYS F 143 -32.50 -49.41 -4.01
C LYS F 143 -33.22 -50.57 -4.69
N SER F 144 -34.37 -51.01 -4.19
CA SER F 144 -35.09 -52.12 -4.79
C SER F 144 -36.33 -51.63 -5.50
N THR F 145 -36.88 -52.49 -6.36
CA THR F 145 -38.12 -52.19 -7.06
C THR F 145 -39.36 -52.67 -6.31
N ASP F 146 -39.19 -53.23 -5.13
CA ASP F 146 -40.32 -53.62 -4.29
C ASP F 146 -41.13 -52.38 -3.90
N GLU F 147 -42.27 -52.64 -3.27
CA GLU F 147 -43.01 -51.57 -2.64
C GLU F 147 -42.10 -50.89 -1.61
N PRO F 148 -42.12 -49.56 -1.51
CA PRO F 148 -41.20 -48.88 -0.59
C PRO F 148 -41.43 -49.31 0.85
N SER F 149 -40.33 -49.47 1.60
CA SER F 149 -40.44 -49.91 2.98
C SER F 149 -39.26 -49.37 3.78
N GLU F 150 -39.35 -49.57 5.12
CA GLU F 150 -38.29 -49.14 6.01
C GLU F 150 -36.92 -49.67 5.59
N LYS F 151 -36.89 -50.83 4.91
CA LYS F 151 -35.61 -51.40 4.51
C LYS F 151 -34.83 -50.47 3.58
N ASP F 152 -35.54 -49.61 2.85
CA ASP F 152 -34.91 -48.67 1.94
C ASP F 152 -34.05 -47.63 2.66
N ALA F 153 -34.29 -47.41 3.95
CA ALA F 153 -33.47 -46.48 4.72
C ALA F 153 -32.29 -47.17 5.37
N LEU F 154 -32.20 -48.50 5.29
CA LEU F 154 -31.12 -49.25 5.94
C LEU F 154 -29.97 -49.50 4.99
N GLN F 155 -29.48 -48.43 4.32
CA GLN F 155 -28.34 -48.52 3.42
C GLN F 155 -27.09 -47.95 4.08
N PRO F 156 -25.91 -48.43 3.72
CA PRO F 156 -24.69 -47.82 4.24
C PRO F 156 -24.54 -46.40 3.71
N GLY F 157 -23.84 -45.57 4.49
CA GLY F 157 -23.64 -44.19 4.10
C GLY F 157 -22.98 -44.02 2.74
N ARG F 158 -22.19 -45.03 2.31
CA ARG F 158 -21.55 -45.01 1.00
C ARG F 158 -22.55 -44.81 -0.13
N ASN F 159 -23.81 -45.17 0.08
CA ASN F 159 -24.83 -45.06 -0.97
C ASN F 159 -25.46 -43.67 -1.07
N LEU F 160 -25.04 -42.72 -0.26
CA LEU F 160 -25.70 -41.43 -0.23
C LEU F 160 -25.58 -40.70 -1.56
N VAL F 161 -26.68 -40.10 -1.98
CA VAL F 161 -26.71 -39.25 -3.18
C VAL F 161 -26.38 -37.81 -2.81
N ALA F 162 -26.87 -37.36 -1.66
CA ALA F 162 -26.54 -36.03 -1.16
C ALA F 162 -26.77 -36.03 0.35
N ALA F 163 -26.06 -35.13 1.02
CA ALA F 163 -26.24 -34.97 2.46
C ALA F 163 -25.75 -33.58 2.83
N GLY F 164 -26.14 -33.16 4.03
CA GLY F 164 -25.66 -31.90 4.56
C GLY F 164 -26.44 -31.50 5.80
N TYR F 165 -26.40 -30.21 6.08
CA TYR F 165 -27.02 -29.66 7.28
C TYR F 165 -27.28 -28.18 7.08
N ALA F 166 -28.26 -27.69 7.81
CA ALA F 166 -28.45 -26.27 8.04
C ALA F 166 -28.01 -25.97 9.47
N LEU F 167 -27.17 -24.97 9.64
CA LEU F 167 -26.73 -24.52 10.96
C LEU F 167 -27.42 -23.21 11.29
N TYR F 168 -28.18 -23.21 12.38
CA TYR F 168 -28.80 -22.00 12.89
C TYR F 168 -27.92 -21.43 14.00
N GLY F 169 -26.85 -20.73 13.58
CA GLY F 169 -25.89 -20.16 14.50
C GLY F 169 -26.01 -18.65 14.57
N SER F 170 -24.88 -17.94 14.62
CA SER F 170 -24.93 -16.49 14.54
C SER F 170 -25.59 -16.04 13.23
N ALA F 171 -25.37 -16.79 12.15
CA ALA F 171 -26.20 -16.71 10.95
C ALA F 171 -26.63 -18.13 10.58
N THR F 172 -27.55 -18.22 9.62
CA THR F 172 -28.05 -19.50 9.14
C THR F 172 -27.35 -19.87 7.83
N MET F 173 -26.73 -21.04 7.82
CA MET F 173 -26.01 -21.54 6.65
C MET F 173 -26.43 -22.97 6.36
N LEU F 174 -26.61 -23.26 5.08
CA LEU F 174 -26.86 -24.60 4.57
C LEU F 174 -25.61 -25.12 3.89
N VAL F 175 -25.09 -26.25 4.37
CA VAL F 175 -23.93 -26.90 3.75
C VAL F 175 -24.44 -28.13 2.99
N LEU F 176 -24.21 -28.16 1.68
CA LEU F 176 -24.72 -29.22 0.82
C LEU F 176 -23.56 -29.98 0.19
N ALA F 177 -23.51 -31.28 0.45
CA ALA F 177 -22.47 -32.14 -0.11
C ALA F 177 -23.11 -33.08 -1.15
N MET F 178 -22.47 -33.14 -2.32
CA MET F 178 -22.86 -34.06 -3.38
C MET F 178 -21.58 -34.59 -4.03
N ASP F 179 -21.74 -35.36 -5.11
CA ASP F 179 -20.57 -35.88 -5.79
C ASP F 179 -19.66 -34.76 -6.26
N CYS F 180 -20.25 -33.63 -6.67
CA CYS F 180 -19.44 -32.48 -7.13
C CYS F 180 -18.68 -31.79 -6.00
N GLY F 181 -18.84 -32.19 -4.74
CA GLY F 181 -18.15 -31.59 -3.62
C GLY F 181 -19.11 -30.97 -2.63
N VAL F 182 -18.55 -30.15 -1.73
CA VAL F 182 -19.28 -29.54 -0.62
C VAL F 182 -19.40 -28.06 -0.91
N ASN F 183 -20.61 -27.53 -0.80
CA ASN F 183 -20.84 -26.10 -1.05
C ASN F 183 -21.63 -25.49 0.08
N CYS F 184 -21.27 -24.26 0.45
CA CYS F 184 -21.81 -23.55 1.61
C CYS F 184 -22.62 -22.33 1.16
N PHE F 185 -23.86 -22.27 1.63
CA PHE F 185 -24.82 -21.25 1.23
C PHE F 185 -25.29 -20.50 2.47
N MET F 186 -25.19 -19.19 2.45
CA MET F 186 -25.63 -18.37 3.57
C MET F 186 -27.06 -17.90 3.35
N LEU F 187 -27.93 -18.11 4.33
CA LEU F 187 -29.28 -17.55 4.27
C LEU F 187 -29.24 -16.04 4.47
N ASP F 188 -29.68 -15.29 3.46
CA ASP F 188 -29.88 -13.86 3.57
C ASP F 188 -31.33 -13.61 4.00
N PRO F 189 -31.57 -13.28 5.26
CA PRO F 189 -32.97 -13.14 5.75
C PRO F 189 -33.74 -12.00 5.11
N ALA F 190 -33.09 -10.99 4.54
CA ALA F 190 -33.82 -9.90 3.91
C ALA F 190 -34.61 -10.38 2.70
N ILE F 191 -34.14 -11.44 2.02
CA ILE F 191 -34.78 -11.91 0.81
C ILE F 191 -35.13 -13.39 0.84
N GLY F 192 -34.78 -14.10 1.92
CA GLY F 192 -35.11 -15.52 2.01
C GLY F 192 -34.47 -16.34 0.91
N GLU F 193 -33.19 -16.10 0.66
CA GLU F 193 -32.45 -16.83 -0.36
C GLU F 193 -31.12 -17.29 0.21
N PHE F 194 -30.76 -18.52 -0.12
CA PHE F 194 -29.47 -19.08 0.23
C PHE F 194 -28.42 -18.70 -0.81
N ILE F 195 -27.43 -17.92 -0.40
CA ILE F 195 -26.41 -17.37 -1.28
C ILE F 195 -25.16 -18.23 -1.18
N LEU F 196 -24.64 -18.66 -2.34
CA LEU F 196 -23.42 -19.45 -2.40
C LEU F 196 -22.24 -18.58 -1.98
N VAL F 197 -21.59 -18.92 -0.87
CA VAL F 197 -20.49 -18.10 -0.37
C VAL F 197 -19.16 -18.84 -0.27
N ASP F 198 -19.15 -20.17 -0.24
CA ASP F 198 -17.91 -20.96 -0.23
C ASP F 198 -18.08 -22.14 -1.18
N LYS F 199 -17.28 -22.16 -2.25
CA LYS F 199 -17.44 -23.15 -3.31
C LYS F 199 -16.43 -24.26 -3.12
N ASP F 200 -16.91 -25.50 -3.26
CA ASP F 200 -16.07 -26.69 -3.30
C ASP F 200 -15.08 -26.72 -2.13
N VAL F 201 -15.64 -26.68 -0.92
CA VAL F 201 -14.84 -26.58 0.29
C VAL F 201 -14.10 -27.87 0.57
N LYS F 202 -12.89 -27.73 1.10
CA LYS F 202 -12.04 -28.82 1.55
C LYS F 202 -11.56 -28.50 2.95
N ILE F 203 -11.48 -29.53 3.80
CA ILE F 203 -11.00 -29.34 5.17
C ILE F 203 -9.47 -29.33 5.18
N LYS F 204 -8.91 -28.60 6.15
CA LYS F 204 -7.47 -28.63 6.40
C LYS F 204 -6.99 -30.06 6.60
N LYS F 205 -5.78 -30.33 6.11
CA LYS F 205 -5.16 -31.63 6.35
C LYS F 205 -4.95 -31.89 7.83
N LYS F 206 -4.66 -30.84 8.61
CA LYS F 206 -4.44 -30.99 10.04
C LYS F 206 -4.88 -29.71 10.74
N GLY F 207 -5.51 -29.89 11.90
CA GLY F 207 -6.01 -28.78 12.68
C GLY F 207 -5.27 -28.58 13.99
N LYS F 208 -5.83 -27.71 14.82
CA LYS F 208 -5.26 -27.36 16.12
C LYS F 208 -6.33 -27.34 17.20
N ILE F 209 -7.48 -27.97 16.95
CA ILE F 209 -8.60 -28.00 17.88
C ILE F 209 -9.17 -29.42 17.95
N TYR F 210 -9.43 -29.90 19.16
CA TYR F 210 -10.16 -31.14 19.38
C TYR F 210 -11.45 -30.83 20.13
N SER F 211 -12.47 -31.66 19.90
CA SER F 211 -13.83 -31.37 20.35
C SER F 211 -14.49 -32.65 20.88
N LEU F 212 -14.66 -32.74 22.20
CA LEU F 212 -15.44 -33.81 22.82
C LEU F 212 -15.79 -33.40 24.24
N ASN F 213 -16.80 -34.08 24.80
CA ASN F 213 -17.27 -33.84 26.17
C ASN F 213 -16.34 -34.58 27.12
N GLU F 214 -15.34 -33.85 27.64
CA GLU F 214 -14.38 -34.47 28.55
C GLU F 214 -14.99 -34.78 29.91
N GLY F 215 -16.24 -34.38 30.15
CA GLY F 215 -16.91 -34.74 31.39
C GLY F 215 -17.10 -36.24 31.54
N TYR F 216 -17.02 -37.00 30.45
CA TYR F 216 -17.09 -38.45 30.51
C TYR F 216 -15.70 -39.09 30.63
N ALA F 217 -14.72 -38.34 31.12
CA ALA F 217 -13.35 -38.84 31.21
C ALA F 217 -13.27 -40.13 32.01
N LYS F 218 -14.10 -40.26 33.05
CA LYS F 218 -14.08 -41.46 33.90
C LYS F 218 -14.41 -42.72 33.08
N ASP F 219 -15.22 -42.58 32.03
CA ASP F 219 -15.67 -43.71 31.22
C ASP F 219 -14.90 -43.89 29.93
N PHE F 220 -13.91 -43.04 29.65
CA PHE F 220 -13.24 -43.10 28.36
C PHE F 220 -12.56 -44.45 28.13
N ASP F 221 -12.61 -44.90 26.88
CA ASP F 221 -11.72 -45.96 26.43
C ASP F 221 -10.28 -45.51 26.62
N PRO F 222 -9.36 -46.43 26.97
CA PRO F 222 -7.97 -46.01 27.18
C PRO F 222 -7.33 -45.38 25.95
N ALA F 223 -7.77 -45.76 24.75
CA ALA F 223 -7.27 -45.11 23.54
C ALA F 223 -7.71 -43.65 23.48
N VAL F 224 -8.96 -43.38 23.85
CA VAL F 224 -9.44 -41.99 23.88
C VAL F 224 -8.69 -41.19 24.93
N THR F 225 -8.50 -41.76 26.12
CA THR F 225 -7.73 -41.06 27.14
C THR F 225 -6.35 -40.69 26.64
N GLU F 226 -5.68 -41.64 25.97
CA GLU F 226 -4.33 -41.37 25.46
C GLU F 226 -4.35 -40.33 24.34
N TYR F 227 -5.32 -40.42 23.44
CA TYR F 227 -5.38 -39.45 22.34
C TYR F 227 -5.55 -38.04 22.87
N ILE F 228 -6.46 -37.84 23.83
CA ILE F 228 -6.66 -36.50 24.37
C ILE F 228 -5.41 -36.03 25.09
N GLN F 229 -4.73 -36.94 25.80
CA GLN F 229 -3.51 -36.55 26.50
C GLN F 229 -2.44 -36.09 25.51
N ARG F 230 -2.36 -36.73 24.33
CA ARG F 230 -1.43 -36.29 23.29
C ARG F 230 -1.76 -34.89 22.79
N LYS F 231 -3.04 -34.49 22.84
CA LYS F 231 -3.41 -33.14 22.41
C LYS F 231 -2.98 -32.09 23.42
N LYS F 232 -3.04 -32.42 24.72
CA LYS F 232 -2.67 -31.49 25.78
C LYS F 232 -1.16 -31.50 26.05
N PHE F 233 -0.51 -32.66 25.93
CA PHE F 233 0.92 -32.82 26.22
C PHE F 233 1.55 -33.45 24.99
N PRO F 234 1.79 -32.66 23.94
CA PRO F 234 2.28 -33.23 22.68
C PRO F 234 3.65 -33.84 22.85
N PRO F 235 3.89 -35.03 22.28
CA PRO F 235 5.21 -35.66 22.43
C PRO F 235 6.28 -35.00 21.60
N ASP F 236 5.93 -34.49 20.42
CA ASP F 236 6.91 -33.94 19.49
C ASP F 236 7.07 -32.43 19.62
N ASN F 237 6.84 -31.90 20.82
CA ASN F 237 7.01 -30.49 21.14
C ASN F 237 6.20 -29.57 20.26
N SER F 238 5.17 -30.08 19.58
CA SER F 238 4.29 -29.18 18.87
C SER F 238 3.40 -28.46 19.88
N ALA F 239 2.73 -27.40 19.42
CA ALA F 239 1.87 -26.65 20.31
C ALA F 239 0.68 -27.50 20.73
N PRO F 240 0.24 -27.41 21.99
CA PRO F 240 -0.98 -28.13 22.38
C PRO F 240 -2.17 -27.61 21.60
N TYR F 241 -3.10 -28.53 21.33
CA TYR F 241 -4.35 -28.18 20.69
C TYR F 241 -5.24 -27.38 21.64
N GLY F 242 -6.07 -26.49 21.06
CA GLY F 242 -7.16 -25.88 21.82
C GLY F 242 -8.37 -26.79 21.90
N ALA F 243 -9.21 -26.54 22.89
CA ALA F 243 -10.43 -27.32 23.09
C ALA F 243 -11.67 -26.45 22.85
N ARG F 244 -12.65 -27.03 22.16
CA ARG F 244 -13.97 -26.42 21.97
C ARG F 244 -15.01 -27.53 21.97
N TYR F 245 -16.11 -27.34 22.70
CA TYR F 245 -17.20 -28.31 22.67
C TYR F 245 -18.49 -27.54 22.92
N VAL F 246 -19.18 -27.20 21.84
CA VAL F 246 -20.45 -26.51 21.97
C VAL F 246 -21.48 -27.43 22.59
N GLY F 247 -21.40 -28.72 22.33
CA GLY F 247 -22.42 -29.65 22.73
C GLY F 247 -23.57 -29.76 21.76
N SER F 248 -23.50 -29.07 20.64
CA SER F 248 -24.47 -29.21 19.56
C SER F 248 -23.71 -29.68 18.34
N MET F 249 -24.06 -30.88 17.85
CA MET F 249 -23.23 -31.56 16.88
C MET F 249 -23.03 -30.72 15.62
N VAL F 250 -24.09 -30.07 15.14
CA VAL F 250 -23.94 -29.33 13.89
C VAL F 250 -22.94 -28.20 14.07
N ALA F 251 -22.97 -27.51 15.22
CA ALA F 251 -22.04 -26.42 15.45
C ALA F 251 -20.60 -26.92 15.56
N ASP F 252 -20.39 -28.00 16.30
CA ASP F 252 -19.03 -28.52 16.46
C ASP F 252 -18.51 -29.10 15.13
N VAL F 253 -19.36 -29.80 14.41
CA VAL F 253 -18.94 -30.38 13.14
C VAL F 253 -18.67 -29.28 12.12
N HIS F 254 -19.48 -28.21 12.12
CA HIS F 254 -19.23 -27.12 11.17
C HIS F 254 -17.91 -26.44 11.46
N ARG F 255 -17.63 -26.16 12.73
CA ARG F 255 -16.35 -25.58 13.09
C ARG F 255 -15.22 -26.49 12.64
N THR F 256 -15.39 -27.80 12.80
CA THR F 256 -14.38 -28.75 12.34
C THR F 256 -14.14 -28.62 10.85
N LEU F 257 -15.20 -28.47 10.06
CA LEU F 257 -15.04 -28.28 8.62
C LEU F 257 -14.28 -27.00 8.30
N VAL F 258 -14.65 -25.90 8.95
CA VAL F 258 -14.15 -24.59 8.60
C VAL F 258 -12.74 -24.36 9.16
N TYR F 259 -12.47 -24.79 10.39
CA TYR F 259 -11.19 -24.51 10.99
C TYR F 259 -10.26 -25.70 10.98
N GLY F 260 -10.77 -26.90 10.71
CA GLY F 260 -10.02 -28.11 10.84
C GLY F 260 -9.98 -28.60 12.27
N GLY F 261 -9.41 -29.79 12.45
CA GLY F 261 -9.34 -30.44 13.74
C GLY F 261 -10.12 -31.74 13.77
N ILE F 262 -10.57 -32.11 14.97
CA ILE F 262 -11.17 -33.42 15.19
C ILE F 262 -12.37 -33.29 16.12
N PHE F 263 -13.42 -34.04 15.83
CA PHE F 263 -14.62 -34.11 16.67
C PHE F 263 -14.82 -35.55 17.10
N LEU F 264 -15.09 -35.76 18.38
CA LEU F 264 -15.25 -37.11 18.91
C LEU F 264 -16.51 -37.23 19.77
N TYR F 265 -17.33 -38.25 19.47
CA TYR F 265 -18.33 -38.78 20.40
C TYR F 265 -18.16 -40.29 20.37
N PRO F 266 -17.18 -40.79 21.10
CA PRO F 266 -16.73 -42.18 20.91
C PRO F 266 -17.48 -43.19 21.77
N ALA F 267 -17.25 -44.47 21.44
CA ALA F 267 -17.75 -45.56 22.25
C ALA F 267 -16.98 -45.63 23.56
N ASN F 268 -17.66 -46.15 24.58
CA ASN F 268 -17.06 -46.40 25.89
C ASN F 268 -17.68 -47.67 26.48
N LYS F 269 -17.35 -47.96 27.73
CA LYS F 269 -17.87 -49.17 28.35
C LYS F 269 -19.38 -49.08 28.58
N LYS F 270 -19.87 -47.87 28.92
CA LYS F 270 -21.31 -47.70 29.14
C LYS F 270 -22.10 -47.63 27.83
N SER F 271 -21.50 -47.10 26.75
CA SER F 271 -22.18 -46.93 25.46
C SER F 271 -21.27 -47.53 24.39
N PRO F 272 -21.23 -48.86 24.28
CA PRO F 272 -20.32 -49.49 23.33
C PRO F 272 -20.62 -49.14 21.89
N ASN F 273 -21.83 -48.64 21.61
CA ASN F 273 -22.19 -48.17 20.28
C ASN F 273 -22.26 -46.66 20.18
N GLY F 274 -21.73 -45.93 21.16
CA GLY F 274 -21.81 -44.47 21.10
C GLY F 274 -23.20 -43.94 21.42
N LYS F 275 -23.38 -42.65 21.17
CA LYS F 275 -24.65 -41.99 21.42
C LYS F 275 -25.28 -41.40 20.18
N LEU F 276 -24.49 -40.87 19.26
CA LEU F 276 -25.06 -40.24 18.08
C LEU F 276 -25.65 -41.29 17.15
N ARG F 277 -26.69 -40.89 16.42
CA ARG F 277 -27.46 -41.78 15.57
C ARG F 277 -26.83 -41.93 14.21
N LEU F 278 -26.77 -43.17 13.72
CA LEU F 278 -26.05 -43.46 12.48
C LEU F 278 -26.75 -42.83 11.27
N LEU F 279 -28.08 -43.00 11.17
CA LEU F 279 -28.76 -42.69 9.91
C LEU F 279 -28.84 -41.19 9.64
N TYR F 280 -29.06 -40.37 10.67
CA TYR F 280 -29.34 -38.96 10.45
C TYR F 280 -28.43 -38.03 11.26
N GLU F 281 -27.39 -38.55 11.90
CA GLU F 281 -26.35 -37.68 12.47
C GLU F 281 -24.99 -38.09 11.93
N CYS F 282 -24.59 -39.34 12.12
CA CYS F 282 -23.23 -39.76 11.76
C CYS F 282 -23.06 -39.85 10.24
N ASN F 283 -23.95 -40.54 9.53
CA ASN F 283 -23.75 -40.72 8.10
C ASN F 283 -23.72 -39.40 7.34
N PRO F 284 -24.69 -38.48 7.50
CA PRO F 284 -24.59 -37.22 6.75
C PRO F 284 -23.31 -36.44 7.03
N MET F 285 -22.88 -36.39 8.28
CA MET F 285 -21.66 -35.68 8.61
C MET F 285 -20.43 -36.42 8.08
N ALA F 286 -20.45 -37.74 8.13
CA ALA F 286 -19.38 -38.52 7.51
C ALA F 286 -19.30 -38.23 6.01
N TYR F 287 -20.44 -38.13 5.35
CA TYR F 287 -20.47 -37.87 3.93
C TYR F 287 -19.93 -36.48 3.62
N VAL F 288 -20.39 -35.46 4.36
CA VAL F 288 -19.83 -34.12 4.18
C VAL F 288 -18.32 -34.14 4.39
N MET F 289 -17.86 -34.78 5.47
CA MET F 289 -16.44 -34.80 5.76
C MET F 289 -15.65 -35.43 4.61
N GLU F 290 -16.11 -36.59 4.10
CA GLU F 290 -15.32 -37.26 3.06
C GLU F 290 -15.33 -36.47 1.76
N LYS F 291 -16.48 -35.89 1.39
CA LYS F 291 -16.50 -35.05 0.19
C LYS F 291 -15.62 -33.81 0.37
N ALA F 292 -15.34 -33.39 1.59
CA ALA F 292 -14.44 -32.28 1.84
C ALA F 292 -12.99 -32.71 2.04
N GLY F 293 -12.67 -33.98 1.77
CA GLY F 293 -11.33 -34.50 1.98
C GLY F 293 -10.99 -34.88 3.41
N GLY F 294 -11.98 -34.99 4.29
CA GLY F 294 -11.74 -35.42 5.65
C GLY F 294 -12.11 -36.88 5.84
N MET F 295 -12.12 -37.30 7.10
CA MET F 295 -12.38 -38.69 7.45
C MET F 295 -13.41 -38.78 8.56
N ALA F 296 -14.05 -39.94 8.65
CA ALA F 296 -15.03 -40.21 9.70
C ALA F 296 -15.03 -41.70 9.98
N THR F 297 -14.64 -42.08 11.20
CA THR F 297 -14.51 -43.48 11.57
C THR F 297 -15.32 -43.77 12.83
N THR F 298 -15.73 -45.03 12.97
CA THR F 298 -16.24 -45.50 14.26
C THR F 298 -15.13 -45.94 15.18
N GLY F 299 -13.88 -45.98 14.70
CA GLY F 299 -12.82 -46.62 15.43
C GLY F 299 -12.50 -47.96 14.80
N LYS F 300 -13.53 -48.73 14.45
CA LYS F 300 -13.33 -50.02 13.81
C LYS F 300 -13.40 -49.94 12.29
N GLU F 301 -14.19 -49.01 11.76
CA GLU F 301 -14.41 -48.91 10.32
C GLU F 301 -14.87 -47.50 9.98
N ALA F 302 -14.86 -47.18 8.68
CA ALA F 302 -15.43 -45.95 8.19
C ALA F 302 -16.91 -45.89 8.51
N VAL F 303 -17.36 -44.72 9.00
CA VAL F 303 -18.78 -44.53 9.30
C VAL F 303 -19.63 -44.89 8.09
N LEU F 304 -19.21 -44.46 6.89
CA LEU F 304 -20.02 -44.69 5.70
C LEU F 304 -20.08 -46.16 5.32
N ASP F 305 -19.24 -47.03 5.89
CA ASP F 305 -19.27 -48.46 5.60
C ASP F 305 -20.10 -49.28 6.56
N VAL F 306 -20.60 -48.69 7.66
CA VAL F 306 -21.48 -49.42 8.56
C VAL F 306 -22.79 -49.73 7.84
N ILE F 307 -23.18 -51.00 7.83
CA ILE F 307 -24.46 -51.40 7.25
C ILE F 307 -25.49 -51.42 8.37
N PRO F 308 -26.48 -50.53 8.36
CA PRO F 308 -27.41 -50.45 9.49
C PRO F 308 -28.41 -51.59 9.49
N THR F 309 -28.84 -51.95 10.70
CA THR F 309 -29.93 -52.90 10.88
C THR F 309 -31.15 -52.28 11.53
N ASP F 310 -31.03 -51.10 12.14
CA ASP F 310 -32.11 -50.41 12.83
C ASP F 310 -32.00 -48.92 12.56
N ILE F 311 -33.13 -48.29 12.23
CA ILE F 311 -33.10 -46.90 11.76
C ILE F 311 -32.64 -45.92 12.83
N HIS F 312 -32.77 -46.28 14.11
CA HIS F 312 -32.35 -45.41 15.21
C HIS F 312 -31.10 -45.92 15.89
N GLN F 313 -30.32 -46.77 15.24
CA GLN F 313 -29.15 -47.32 15.89
C GLN F 313 -28.09 -46.24 16.11
N ARG F 314 -27.28 -46.45 17.12
CA ARG F 314 -26.24 -45.50 17.47
C ARG F 314 -24.91 -45.95 16.87
N ALA F 315 -23.99 -44.99 16.76
CA ALA F 315 -22.63 -45.27 16.29
C ALA F 315 -21.64 -44.33 16.96
N PRO F 316 -20.48 -44.82 17.34
CA PRO F 316 -19.40 -43.89 17.71
C PRO F 316 -18.93 -43.17 16.48
N VAL F 317 -18.44 -41.95 16.66
CA VAL F 317 -17.94 -41.20 15.51
C VAL F 317 -16.74 -40.36 15.93
N ILE F 318 -15.69 -40.41 15.11
CA ILE F 318 -14.52 -39.55 15.20
C ILE F 318 -14.29 -38.99 13.81
N LEU F 319 -14.26 -37.67 13.68
CA LEU F 319 -14.24 -37.10 12.33
C LEU F 319 -13.44 -35.80 12.31
N GLY F 320 -13.12 -35.37 11.09
CA GLY F 320 -12.39 -34.14 10.89
C GLY F 320 -11.21 -34.26 9.94
N SER F 321 -10.17 -33.47 10.22
CA SER F 321 -8.99 -33.42 9.37
C SER F 321 -8.33 -34.80 9.28
N PRO F 322 -7.88 -35.21 8.09
CA PRO F 322 -7.36 -36.57 7.95
C PRO F 322 -6.16 -36.87 8.83
N ASP F 323 -5.20 -35.96 8.96
CA ASP F 323 -4.04 -36.22 9.81
C ASP F 323 -4.47 -36.41 11.27
N ASP F 324 -5.51 -35.68 11.70
CA ASP F 324 -5.97 -35.81 13.08
C ASP F 324 -6.69 -37.13 13.30
N VAL F 325 -7.56 -37.54 12.38
CA VAL F 325 -8.27 -38.80 12.53
C VAL F 325 -7.33 -39.98 12.41
N LEU F 326 -6.36 -39.92 11.47
CA LEU F 326 -5.38 -41.00 11.34
C LEU F 326 -4.59 -41.15 12.62
N GLU F 327 -4.23 -40.02 13.25
CA GLU F 327 -3.50 -40.08 14.50
C GLU F 327 -4.34 -40.76 15.58
N PHE F 328 -5.64 -40.46 15.63
CA PHE F 328 -6.50 -41.14 16.59
C PHE F 328 -6.56 -42.64 16.30
N LEU F 329 -6.76 -43.00 15.02
CA LEU F 329 -6.88 -44.40 14.64
C LEU F 329 -5.62 -45.19 14.97
N LYS F 330 -4.45 -44.57 14.81
CA LYS F 330 -3.22 -45.24 15.20
C LYS F 330 -3.18 -45.52 16.70
N VAL F 331 -3.63 -44.56 17.53
CA VAL F 331 -3.71 -44.84 18.96
C VAL F 331 -4.74 -45.93 19.23
N TYR F 332 -5.89 -45.87 18.55
CA TYR F 332 -6.93 -46.88 18.75
C TYR F 332 -6.45 -48.28 18.33
N GLU F 333 -5.81 -48.39 17.16
CA GLU F 333 -5.36 -49.70 16.70
C GLU F 333 -4.18 -50.18 17.53
N LYS F 334 -3.33 -49.26 18.00
CA LYS F 334 -2.23 -49.62 18.89
C LYS F 334 -2.75 -50.25 20.18
N HIS F 335 -3.95 -49.88 20.63
CA HIS F 335 -4.59 -50.51 21.79
C HIS F 335 -5.37 -51.76 21.41
N SER F 336 -4.94 -52.44 20.33
CA SER F 336 -5.57 -53.62 19.72
C SER F 336 -6.79 -53.18 18.92
N ASP G 10 -27.18 13.92 12.86
CA ASP G 10 -27.31 12.82 13.82
C ASP G 10 -28.61 12.04 13.58
N VAL G 11 -28.50 10.72 13.50
CA VAL G 11 -29.69 9.89 13.35
C VAL G 11 -30.62 10.11 14.56
N ASN G 12 -31.92 9.98 14.31
CA ASN G 12 -32.93 10.10 15.36
C ASN G 12 -33.97 9.03 15.11
N THR G 13 -34.57 8.52 16.18
CA THR G 13 -35.66 7.56 16.06
C THR G 13 -36.89 8.12 16.76
N LEU G 14 -38.03 7.48 16.52
CA LEU G 14 -39.28 7.95 17.12
C LEU G 14 -39.19 8.00 18.65
N THR G 15 -38.72 6.93 19.25
CA THR G 15 -38.66 6.87 20.71
C THR G 15 -37.67 7.91 21.25
N ARG G 16 -36.52 8.06 20.60
CA ARG G 16 -35.55 9.07 21.05
C ARG G 16 -36.09 10.49 20.85
N PHE G 17 -36.73 10.74 19.71
CA PHE G 17 -37.32 12.05 19.44
C PHE G 17 -38.33 12.43 20.51
N VAL G 18 -39.22 11.50 20.86
CA VAL G 18 -40.29 11.78 21.81
C VAL G 18 -39.73 11.98 23.22
N MET G 19 -38.73 11.17 23.61
CA MET G 19 -38.06 11.36 24.90
C MET G 19 -37.40 12.73 24.99
N GLU G 20 -36.80 13.18 23.88
CA GLU G 20 -36.11 14.46 23.90
C GLU G 20 -37.10 15.62 24.05
N GLU G 21 -38.21 15.60 23.29
CA GLU G 21 -39.24 16.62 23.48
C GLU G 21 -39.83 16.57 24.88
N GLY G 22 -40.07 15.37 25.39
CA GLY G 22 -40.64 15.22 26.72
C GLY G 22 -39.72 15.74 27.81
N ARG G 23 -38.41 15.51 27.67
CA ARG G 23 -37.46 15.98 28.66
C ARG G 23 -37.30 17.49 28.58
N LYS G 24 -37.24 18.06 27.36
CA LYS G 24 -37.23 19.52 27.25
C LYS G 24 -38.37 20.13 28.05
N ALA G 25 -39.59 19.64 27.83
CA ALA G 25 -40.78 20.18 28.48
C ALA G 25 -40.96 19.68 29.91
N ARG G 26 -40.09 18.80 30.40
CA ARG G 26 -40.17 18.30 31.78
C ARG G 26 -41.51 17.62 32.06
N GLY G 27 -42.07 16.95 31.07
CA GLY G 27 -43.27 16.18 31.28
C GLY G 27 -43.02 14.95 32.12
N THR G 28 -44.11 14.31 32.54
CA THR G 28 -43.98 13.17 33.45
C THR G 28 -43.49 11.90 32.76
N GLY G 29 -43.61 11.81 31.43
CA GLY G 29 -43.28 10.59 30.71
C GLY G 29 -44.48 9.78 30.24
N GLU G 30 -45.69 10.09 30.72
CA GLU G 30 -46.86 9.28 30.42
C GLU G 30 -47.18 9.28 28.93
N LEU G 31 -47.08 10.44 28.28
CA LEU G 31 -47.33 10.49 26.84
C LEU G 31 -46.28 9.68 26.10
N THR G 32 -45.02 9.72 26.56
CA THR G 32 -43.96 8.91 25.96
C THR G 32 -44.25 7.42 26.10
N GLN G 33 -44.70 6.98 27.28
CA GLN G 33 -45.06 5.57 27.42
C GLN G 33 -46.19 5.20 26.46
N LEU G 34 -47.20 6.07 26.32
CA LEU G 34 -48.30 5.84 25.39
C LEU G 34 -47.77 5.67 23.97
N LEU G 35 -46.96 6.61 23.51
CA LEU G 35 -46.50 6.63 22.13
C LEU G 35 -45.58 5.47 21.84
N ASN G 36 -44.73 5.11 22.80
CA ASN G 36 -43.87 3.94 22.60
C ASN G 36 -44.70 2.66 22.52
N SER G 37 -45.74 2.54 23.36
CA SER G 37 -46.64 1.40 23.29
C SER G 37 -47.35 1.33 21.94
N LEU G 38 -47.81 2.49 21.45
CA LEU G 38 -48.48 2.54 20.15
C LEU G 38 -47.54 2.11 19.02
N CYS G 39 -46.27 2.51 19.09
CA CYS G 39 -45.30 2.13 18.07
C CYS G 39 -45.10 0.63 18.03
N THR G 40 -45.04 0.02 19.21
CA THR G 40 -44.91 -1.43 19.25
C THR G 40 -46.08 -2.07 18.53
N ALA G 41 -47.29 -1.60 18.81
CA ALA G 41 -48.47 -2.12 18.13
C ALA G 41 -48.39 -1.90 16.63
N VAL G 42 -47.95 -0.71 16.20
CA VAL G 42 -47.86 -0.39 14.78
C VAL G 42 -46.86 -1.32 14.07
N LYS G 43 -45.74 -1.66 14.75
CA LYS G 43 -44.78 -2.57 14.13
C LYS G 43 -45.37 -3.96 13.98
N ALA G 44 -46.18 -4.41 14.95
CA ALA G 44 -46.83 -5.71 14.85
C ALA G 44 -47.93 -5.70 13.78
N ILE G 45 -48.64 -4.59 13.64
CA ILE G 45 -49.62 -4.50 12.57
C ILE G 45 -48.93 -4.55 11.22
N SER G 46 -47.86 -3.76 11.05
CA SER G 46 -47.11 -3.77 9.80
C SER G 46 -46.64 -5.18 9.45
N SER G 47 -46.13 -5.93 10.44
CA SER G 47 -45.67 -7.29 10.17
C SER G 47 -46.80 -8.18 9.68
N ALA G 48 -47.99 -8.07 10.30
CA ALA G 48 -49.13 -8.87 9.85
C ALA G 48 -49.66 -8.39 8.50
N VAL G 49 -49.69 -7.08 8.27
CA VAL G 49 -50.19 -6.58 6.99
C VAL G 49 -49.29 -7.04 5.84
N ARG G 50 -47.97 -7.03 6.03
CA ARG G 50 -47.08 -7.55 4.98
C ARG G 50 -47.10 -9.09 4.90
N LYS G 51 -47.93 -9.77 5.69
CA LYS G 51 -48.20 -11.19 5.58
C LYS G 51 -47.04 -12.07 6.05
N ALA G 52 -46.24 -11.62 7.03
CA ALA G 52 -45.27 -12.51 7.65
C ALA G 52 -45.99 -13.69 8.30
N GLY G 53 -45.49 -14.91 8.02
CA GLY G 53 -46.10 -16.11 8.56
C GLY G 53 -47.28 -16.66 7.80
N ILE G 54 -47.67 -16.03 6.69
CA ILE G 54 -48.83 -16.53 5.95
C ILE G 54 -48.63 -17.96 5.46
N ALA G 55 -47.37 -18.40 5.26
CA ALA G 55 -47.13 -19.78 4.83
C ALA G 55 -47.74 -20.79 5.79
N HIS G 56 -47.80 -20.47 7.09
CA HIS G 56 -48.35 -21.40 8.08
C HIS G 56 -49.86 -21.50 7.94
N LEU G 57 -50.51 -20.43 7.49
CA LEU G 57 -51.93 -20.51 7.22
C LEU G 57 -52.23 -21.40 6.03
N TYR G 58 -51.27 -21.54 5.11
CA TYR G 58 -51.51 -22.32 3.89
C TYR G 58 -50.88 -23.70 3.97
N GLY G 59 -50.54 -24.16 5.17
CA GLY G 59 -50.23 -25.56 5.38
C GLY G 59 -48.78 -25.96 5.26
N ILE G 60 -47.84 -25.02 5.42
CA ILE G 60 -46.42 -25.35 5.24
C ILE G 60 -45.97 -26.41 6.25
N ALA G 61 -46.62 -26.47 7.42
CA ALA G 61 -46.29 -27.47 8.44
C ALA G 61 -47.35 -28.57 8.57
N GLY G 62 -48.21 -28.73 7.58
CA GLY G 62 -49.24 -29.75 7.63
C GLY G 62 -50.62 -29.18 7.83
N LYS G 73 -58.64 -12.53 11.68
CA LYS G 73 -58.84 -11.47 10.71
C LYS G 73 -57.94 -10.26 11.04
N LEU G 74 -57.44 -9.63 9.98
CA LEU G 74 -56.41 -8.61 10.13
C LEU G 74 -56.93 -7.39 10.87
N ASP G 75 -58.14 -6.95 10.58
CA ASP G 75 -58.63 -5.77 11.29
C ASP G 75 -58.90 -6.08 12.77
N VAL G 76 -59.35 -7.30 13.07
CA VAL G 76 -59.55 -7.71 14.46
C VAL G 76 -58.21 -7.81 15.19
N LEU G 77 -57.22 -8.42 14.56
CA LEU G 77 -55.89 -8.51 15.16
C LEU G 77 -55.29 -7.12 15.41
N SER G 78 -55.41 -6.23 14.43
CA SER G 78 -54.88 -4.88 14.61
C SER G 78 -55.53 -4.19 15.81
N ASN G 79 -56.85 -4.34 15.94
CA ASN G 79 -57.55 -3.76 17.09
C ASN G 79 -57.01 -4.35 18.40
N ASP G 80 -56.89 -5.67 18.46
CA ASP G 80 -56.41 -6.33 19.67
C ASP G 80 -55.00 -5.87 20.01
N LEU G 81 -54.19 -5.63 18.99
CA LEU G 81 -52.84 -5.13 19.22
C LEU G 81 -52.85 -3.73 19.82
N VAL G 82 -53.59 -2.79 19.20
CA VAL G 82 -53.61 -1.42 19.70
C VAL G 82 -54.24 -1.38 21.08
N MET G 83 -55.40 -2.02 21.23
CA MET G 83 -56.09 -2.07 22.53
C MET G 83 -55.16 -2.60 23.61
N ASN G 84 -54.51 -3.72 23.34
CA ASN G 84 -53.73 -4.32 24.40
C ASN G 84 -52.49 -3.49 24.73
N MET G 85 -51.84 -2.92 23.72
CA MET G 85 -50.66 -2.12 24.02
C MET G 85 -51.03 -0.84 24.77
N LEU G 86 -52.18 -0.24 24.46
CA LEU G 86 -52.57 0.99 25.14
C LEU G 86 -53.04 0.70 26.57
N LYS G 87 -53.87 -0.33 26.77
CA LYS G 87 -54.30 -0.71 28.11
C LYS G 87 -53.10 -0.94 29.02
N SER G 88 -52.12 -1.72 28.53
CA SER G 88 -50.97 -2.08 29.34
C SER G 88 -49.93 -0.99 29.44
N SER G 89 -50.14 0.15 28.77
CA SER G 89 -49.20 1.25 28.84
C SER G 89 -49.28 2.03 30.15
N PHE G 90 -50.34 1.81 30.93
CA PHE G 90 -50.68 2.57 32.12
C PHE G 90 -50.88 4.06 31.84
N ALA G 91 -51.11 4.41 30.58
CA ALA G 91 -51.24 5.81 30.19
C ALA G 91 -52.64 6.19 29.70
N THR G 92 -53.60 5.27 29.63
CA THR G 92 -54.90 5.57 29.03
C THR G 92 -56.03 5.22 29.99
N CYS G 93 -57.21 5.82 29.74
CA CYS G 93 -58.36 5.49 30.57
C CYS G 93 -59.59 5.15 29.72
N VAL G 94 -59.68 5.74 28.54
CA VAL G 94 -60.81 5.53 27.65
C VAL G 94 -60.27 5.33 26.24
N LEU G 95 -60.73 4.28 25.56
CA LEU G 95 -60.24 3.95 24.22
C LEU G 95 -61.42 3.80 23.29
N VAL G 96 -61.45 4.57 22.21
CA VAL G 96 -62.47 4.48 21.19
C VAL G 96 -61.83 3.92 19.92
N SER G 97 -62.43 2.86 19.37
CA SER G 97 -61.95 2.22 18.17
C SER G 97 -63.08 2.05 17.17
N GLU G 98 -62.74 2.22 15.89
CA GLU G 98 -63.67 1.91 14.80
C GLU G 98 -64.26 0.51 14.95
N GLU G 99 -63.51 -0.42 15.55
CA GLU G 99 -63.91 -1.82 15.68
C GLU G 99 -64.90 -2.09 16.79
N ASP G 100 -65.08 -1.16 17.73
CA ASP G 100 -65.84 -1.42 18.96
C ASP G 100 -67.05 -0.50 19.01
N LYS G 101 -68.22 -1.09 19.28
CA LYS G 101 -69.45 -0.31 19.25
C LYS G 101 -69.44 0.78 20.34
N HIS G 102 -68.97 0.46 21.53
CA HIS G 102 -68.92 1.39 22.65
C HIS G 102 -67.46 1.70 23.03
N ALA G 103 -67.27 2.80 23.74
CA ALA G 103 -65.95 3.11 24.25
C ALA G 103 -65.49 2.00 25.17
N ILE G 104 -64.19 1.70 25.13
CA ILE G 104 -63.60 0.76 26.06
C ILE G 104 -63.05 1.55 27.24
N ILE G 105 -63.45 1.16 28.46
CA ILE G 105 -62.99 1.82 29.66
C ILE G 105 -61.89 0.95 30.27
N VAL G 106 -60.69 1.52 30.39
CA VAL G 106 -59.57 0.79 30.95
C VAL G 106 -59.83 0.47 32.42
N GLU G 107 -59.48 -0.75 32.81
CA GLU G 107 -59.70 -1.18 34.18
C GLU G 107 -58.89 -0.32 35.17
N PRO G 108 -59.40 -0.15 36.41
CA PRO G 108 -58.85 0.90 37.31
C PRO G 108 -57.35 0.84 37.55
N GLU G 109 -56.81 -0.34 37.79
CA GLU G 109 -55.38 -0.41 38.13
C GLU G 109 -54.47 -0.06 36.97
N LYS G 110 -54.99 0.02 35.74
CA LYS G 110 -54.17 0.39 34.59
C LYS G 110 -54.44 1.79 34.08
N ARG G 111 -55.28 2.57 34.75
CA ARG G 111 -55.74 3.83 34.19
C ARG G 111 -54.66 4.90 34.21
N GLY G 112 -54.56 5.62 33.10
CA GLY G 112 -53.72 6.80 33.00
C GLY G 112 -54.59 7.96 32.54
N LYS G 113 -53.98 9.07 32.14
CA LYS G 113 -54.72 10.32 31.95
C LYS G 113 -55.20 10.56 30.53
N TYR G 114 -54.87 9.69 29.57
CA TYR G 114 -55.15 10.00 28.18
C TYR G 114 -56.34 9.21 27.64
N VAL G 115 -57.06 9.83 26.70
CA VAL G 115 -58.12 9.22 25.91
C VAL G 115 -57.60 9.07 24.48
N VAL G 116 -57.75 7.89 23.89
CA VAL G 116 -57.24 7.63 22.55
C VAL G 116 -58.36 7.14 21.65
N CYS G 117 -58.54 7.83 20.53
CA CYS G 117 -59.46 7.42 19.48
C CYS G 117 -58.62 6.95 18.30
N PHE G 118 -58.96 5.79 17.77
CA PHE G 118 -58.13 5.27 16.69
C PHE G 118 -58.95 4.40 15.75
N ASP G 119 -58.43 4.32 14.52
CA ASP G 119 -58.86 3.36 13.50
C ASP G 119 -57.70 2.40 13.28
N PRO G 120 -57.78 1.18 13.80
CA PRO G 120 -56.59 0.31 13.83
C PRO G 120 -56.12 -0.15 12.45
N LEU G 121 -57.04 -0.35 11.52
CA LEU G 121 -56.64 -0.73 10.15
C LEU G 121 -57.62 -0.07 9.17
N ASP G 122 -57.42 1.24 8.96
CA ASP G 122 -58.22 1.99 8.01
C ASP G 122 -57.98 1.52 6.58
N GLY G 123 -59.07 1.42 5.83
CA GLY G 123 -59.03 1.00 4.44
C GLY G 123 -59.09 -0.50 4.23
N SER G 124 -59.19 -1.27 5.31
CA SER G 124 -59.08 -2.73 5.25
C SER G 124 -60.23 -3.40 4.52
N SER G 125 -61.32 -2.68 4.25
CA SER G 125 -62.40 -3.29 3.47
C SER G 125 -61.92 -3.70 2.09
N ASN G 126 -60.94 -2.99 1.53
CA ASN G 126 -60.38 -3.30 0.22
C ASN G 126 -58.99 -3.93 0.29
N ILE G 127 -58.58 -4.45 1.46
CA ILE G 127 -57.26 -5.04 1.59
C ILE G 127 -57.11 -6.31 0.76
N ASP G 128 -58.24 -6.84 0.26
CA ASP G 128 -58.22 -7.96 -0.66
C ASP G 128 -57.43 -7.66 -1.93
N CYS G 129 -57.34 -6.40 -2.32
CA CYS G 129 -56.57 -6.01 -3.49
C CYS G 129 -55.22 -5.43 -3.11
N LEU G 130 -54.82 -5.54 -1.85
CA LEU G 130 -53.50 -5.11 -1.36
C LEU G 130 -53.32 -3.60 -1.50
N VAL G 131 -54.43 -2.86 -1.51
CA VAL G 131 -54.37 -1.41 -1.42
C VAL G 131 -53.64 -1.02 -0.14
N SER G 132 -52.96 0.13 -0.17
CA SER G 132 -52.41 0.71 1.06
C SER G 132 -53.48 0.80 2.14
N VAL G 133 -53.08 0.50 3.37
CA VAL G 133 -53.92 0.66 4.55
C VAL G 133 -53.11 1.39 5.61
N GLY G 134 -53.77 1.73 6.73
CA GLY G 134 -53.12 2.51 7.77
C GLY G 134 -53.80 2.46 9.12
N THR G 135 -53.10 3.01 10.12
CA THR G 135 -53.61 3.17 11.47
C THR G 135 -53.71 4.66 11.74
N ILE G 136 -54.87 5.13 12.20
CA ILE G 136 -55.09 6.54 12.50
C ILE G 136 -55.36 6.65 13.99
N PHE G 137 -54.79 7.67 14.63
CA PHE G 137 -54.99 7.85 16.06
C PHE G 137 -55.02 9.33 16.40
N GLY G 138 -55.79 9.65 17.45
CA GLY G 138 -55.81 10.96 18.06
C GLY G 138 -55.80 10.81 19.56
N ILE G 139 -54.99 11.61 20.26
CA ILE G 139 -54.78 11.46 21.70
C ILE G 139 -55.24 12.72 22.41
N TYR G 140 -56.11 12.55 23.42
CA TYR G 140 -56.61 13.64 24.24
C TYR G 140 -56.21 13.41 25.70
N ARG G 141 -56.04 14.52 26.41
CA ARG G 141 -56.05 14.45 27.87
C ARG G 141 -57.50 14.30 28.33
N LYS G 142 -57.78 13.33 29.20
CA LYS G 142 -59.08 13.32 29.85
C LYS G 142 -59.34 14.67 30.49
N LYS G 143 -60.47 15.29 30.14
CA LYS G 143 -60.74 16.67 30.56
C LYS G 143 -61.66 16.76 31.77
N SER G 144 -62.64 15.87 31.86
CA SER G 144 -63.60 15.88 32.94
C SER G 144 -63.07 15.12 34.13
N THR G 145 -63.55 15.49 35.32
CA THR G 145 -63.19 14.80 36.55
C THR G 145 -64.18 13.68 36.90
N ASP G 146 -65.21 13.48 36.09
CA ASP G 146 -66.10 12.35 36.31
C ASP G 146 -65.35 11.03 36.18
N GLU G 147 -66.01 9.98 36.63
CA GLU G 147 -65.51 8.64 36.40
C GLU G 147 -65.36 8.44 34.90
N PRO G 148 -64.30 7.76 34.44
CA PRO G 148 -64.09 7.67 32.98
C PRO G 148 -65.27 7.01 32.28
N SER G 149 -65.67 7.61 31.17
CA SER G 149 -66.79 7.10 30.39
C SER G 149 -66.61 7.51 28.93
N GLU G 150 -67.55 7.03 28.11
CA GLU G 150 -67.56 7.34 26.70
C GLU G 150 -67.54 8.85 26.42
N LYS G 151 -68.17 9.66 27.30
CA LYS G 151 -68.22 11.09 27.02
C LYS G 151 -66.85 11.74 27.05
N ASP G 152 -65.87 11.11 27.69
CA ASP G 152 -64.50 11.64 27.72
C ASP G 152 -63.89 11.69 26.34
N ALA G 153 -64.42 10.92 25.39
CA ALA G 153 -63.93 10.94 24.02
C ALA G 153 -64.63 11.97 23.15
N LEU G 154 -65.65 12.66 23.65
CA LEU G 154 -66.40 13.60 22.81
C LEU G 154 -65.81 15.00 22.86
N GLN G 155 -64.55 15.12 22.67
CA GLN G 155 -63.98 16.46 22.69
C GLN G 155 -63.73 16.95 21.27
N PRO G 156 -63.77 18.26 21.03
CA PRO G 156 -63.42 18.76 19.68
C PRO G 156 -61.96 18.52 19.37
N GLY G 157 -61.67 18.35 18.08
CA GLY G 157 -60.30 18.08 17.65
C GLY G 157 -59.32 19.15 18.09
N ARG G 158 -59.79 20.38 18.32
CA ARG G 158 -58.92 21.45 18.81
C ARG G 158 -58.20 21.08 20.10
N ASN G 159 -58.76 20.15 20.90
CA ASN G 159 -58.16 19.75 22.17
C ASN G 159 -57.08 18.69 22.02
N LEU G 160 -56.78 18.22 20.81
CA LEU G 160 -55.84 17.12 20.64
C LEU G 160 -54.47 17.49 21.20
N VAL G 161 -53.87 16.53 21.89
CA VAL G 161 -52.50 16.67 22.39
C VAL G 161 -51.49 16.13 21.38
N ALA G 162 -51.83 15.03 20.70
CA ALA G 162 -51.03 14.49 19.61
C ALA G 162 -51.95 13.67 18.73
N ALA G 163 -51.54 13.50 17.48
CA ALA G 163 -52.30 12.73 16.49
C ALA G 163 -51.38 12.35 15.34
N GLY G 164 -51.84 11.38 14.56
CA GLY G 164 -51.08 11.03 13.36
C GLY G 164 -51.54 9.71 12.80
N TYR G 165 -50.65 9.10 12.02
CA TYR G 165 -51.02 7.88 11.35
C TYR G 165 -49.78 7.08 11.00
N ALA G 166 -49.98 5.77 10.92
CA ALA G 166 -49.06 4.86 10.25
C ALA G 166 -49.67 4.48 8.91
N LEU G 167 -48.88 4.61 7.85
CA LEU G 167 -49.25 4.20 6.51
C LEU G 167 -48.48 2.92 6.18
N TYR G 168 -49.20 1.84 5.90
CA TYR G 168 -48.59 0.59 5.46
C TYR G 168 -48.70 0.60 3.95
N GLY G 169 -47.78 1.33 3.32
CA GLY G 169 -47.77 1.48 1.88
C GLY G 169 -46.64 0.69 1.26
N SER G 170 -45.98 1.27 0.25
CA SER G 170 -44.82 0.61 -0.31
C SER G 170 -43.77 0.44 0.76
N ALA G 171 -43.70 1.37 1.70
CA ALA G 171 -43.02 1.21 2.97
C ALA G 171 -43.98 1.60 4.07
N THR G 172 -43.57 1.35 5.31
CA THR G 172 -44.35 1.73 6.48
C THR G 172 -43.76 3.01 7.05
N MET G 173 -44.60 4.04 7.19
CA MET G 173 -44.17 5.32 7.72
C MET G 173 -45.11 5.75 8.83
N LEU G 174 -44.55 6.29 9.92
CA LEU G 174 -45.36 6.86 11.00
C LEU G 174 -45.24 8.38 10.95
N VAL G 175 -46.38 9.04 10.78
CA VAL G 175 -46.45 10.50 10.76
C VAL G 175 -47.04 10.97 12.09
N LEU G 176 -46.27 11.77 12.84
CA LEU G 176 -46.64 12.21 14.19
C LEU G 176 -46.70 13.72 14.24
N ALA G 177 -47.87 14.26 14.64
CA ALA G 177 -48.12 15.69 14.81
C ALA G 177 -48.31 16.00 16.29
N MET G 178 -47.63 17.04 16.77
CA MET G 178 -47.78 17.58 18.12
C MET G 178 -47.65 19.10 18.00
N ASP G 179 -47.63 19.80 19.16
CA ASP G 179 -47.44 21.24 19.14
C ASP G 179 -46.15 21.65 18.43
N CYS G 180 -45.09 20.87 18.56
CA CYS G 180 -43.82 21.16 17.89
C CYS G 180 -43.87 20.99 16.36
N GLY G 181 -44.98 20.52 15.79
CA GLY G 181 -45.07 20.35 14.35
C GLY G 181 -45.22 18.88 13.98
N VAL G 182 -45.03 18.60 12.69
CA VAL G 182 -45.28 17.29 12.10
C VAL G 182 -43.95 16.67 11.72
N ASN G 183 -43.74 15.42 12.14
CA ASN G 183 -42.51 14.69 11.84
C ASN G 183 -42.82 13.30 11.32
N CYS G 184 -42.03 12.87 10.32
CA CYS G 184 -42.27 11.64 9.56
C CYS G 184 -41.12 10.68 9.80
N PHE G 185 -41.46 9.47 10.23
CA PHE G 185 -40.49 8.45 10.61
C PHE G 185 -40.72 7.22 9.75
N MET G 186 -39.67 6.74 9.08
CA MET G 186 -39.75 5.55 8.25
C MET G 186 -39.44 4.32 9.09
N LEU G 187 -40.31 3.31 9.04
CA LEU G 187 -40.03 2.05 9.72
C LEU G 187 -38.96 1.27 8.95
N ASP G 188 -37.83 1.01 9.59
CA ASP G 188 -36.79 0.13 9.03
C ASP G 188 -37.05 -1.28 9.53
N PRO G 189 -37.57 -2.17 8.67
CA PRO G 189 -37.95 -3.52 9.12
C PRO G 189 -36.76 -4.40 9.50
N ALA G 190 -35.56 -4.09 9.02
CA ALA G 190 -34.40 -4.90 9.38
C ALA G 190 -34.06 -4.80 10.86
N ILE G 191 -34.39 -3.68 11.52
CA ILE G 191 -34.09 -3.48 12.94
C ILE G 191 -35.31 -3.10 13.74
N GLY G 192 -36.48 -2.92 13.11
CA GLY G 192 -37.67 -2.57 13.86
C GLY G 192 -37.56 -1.25 14.59
N GLU G 193 -37.09 -0.23 13.88
CA GLU G 193 -36.96 1.10 14.44
C GLU G 193 -37.55 2.12 13.47
N PHE G 194 -38.27 3.10 13.99
CA PHE G 194 -38.80 4.21 13.20
C PHE G 194 -37.75 5.31 13.09
N ILE G 195 -37.27 5.57 11.88
CA ILE G 195 -36.17 6.48 11.61
C ILE G 195 -36.73 7.82 11.15
N LEU G 196 -36.31 8.90 11.83
CA LEU G 196 -36.75 10.24 11.44
C LEU G 196 -36.17 10.61 10.08
N VAL G 197 -37.03 10.79 9.08
CA VAL G 197 -36.56 11.09 7.72
C VAL G 197 -37.08 12.42 7.19
N ASP G 198 -38.15 13.00 7.75
CA ASP G 198 -38.63 14.32 7.34
C ASP G 198 -39.05 15.10 8.58
N LYS G 199 -38.37 16.20 8.85
CA LYS G 199 -38.53 16.97 10.08
C LYS G 199 -39.40 18.20 9.87
N ASP G 200 -40.32 18.45 10.80
CA ASP G 200 -41.09 19.70 10.86
C ASP G 200 -41.67 20.02 9.48
N VAL G 201 -42.42 19.05 8.95
CA VAL G 201 -42.90 19.09 7.57
C VAL G 201 -44.00 20.13 7.41
N LYS G 202 -44.00 20.81 6.26
CA LYS G 202 -45.04 21.76 5.89
C LYS G 202 -45.59 21.43 4.52
N ILE G 203 -46.89 21.57 4.35
CA ILE G 203 -47.56 21.29 3.09
C ILE G 203 -47.36 22.46 2.14
N LYS G 204 -47.29 22.17 0.85
CA LYS G 204 -47.24 23.22 -0.16
C LYS G 204 -48.43 24.15 0.01
N LYS G 205 -48.21 25.44 -0.25
CA LYS G 205 -49.27 26.45 -0.20
C LYS G 205 -50.39 26.13 -1.18
N LYS G 206 -50.06 25.58 -2.34
CA LYS G 206 -51.05 25.23 -3.34
C LYS G 206 -50.52 24.03 -4.12
N GLY G 207 -51.41 23.08 -4.41
CA GLY G 207 -51.05 21.87 -5.12
C GLY G 207 -51.64 21.80 -6.51
N LYS G 208 -51.48 20.63 -7.13
CA LYS G 208 -51.92 20.37 -8.50
C LYS G 208 -52.64 19.04 -8.63
N ILE G 209 -53.16 18.50 -7.53
CA ILE G 209 -53.87 17.22 -7.51
C ILE G 209 -55.13 17.40 -6.68
N TYR G 210 -56.26 16.89 -7.18
CA TYR G 210 -57.46 16.78 -6.36
C TYR G 210 -57.81 15.31 -6.22
N SER G 211 -58.44 14.97 -5.10
CA SER G 211 -58.66 13.57 -4.73
C SER G 211 -60.07 13.43 -4.13
N LEU G 212 -60.96 12.76 -4.88
CA LEU G 212 -62.26 12.39 -4.34
C LEU G 212 -62.87 11.32 -5.24
N ASN G 213 -63.86 10.60 -4.70
CA ASN G 213 -64.59 9.58 -5.43
C ASN G 213 -65.60 10.28 -6.31
N GLU G 214 -65.26 10.50 -7.59
CA GLU G 214 -66.17 11.14 -8.53
C GLU G 214 -67.34 10.26 -8.92
N GLY G 215 -67.38 9.00 -8.48
CA GLY G 215 -68.53 8.16 -8.71
C GLY G 215 -69.81 8.67 -8.07
N TYR G 216 -69.71 9.56 -7.09
CA TYR G 216 -70.88 10.17 -6.47
C TYR G 216 -71.25 11.49 -7.09
N ALA G 217 -70.80 11.76 -8.32
CA ALA G 217 -71.07 13.06 -8.92
C ALA G 217 -72.57 13.37 -8.98
N LYS G 218 -73.40 12.35 -9.18
CA LYS G 218 -74.84 12.55 -9.29
C LYS G 218 -75.40 13.13 -7.99
N ASP G 219 -74.74 12.86 -6.85
CA ASP G 219 -75.19 13.33 -5.54
C ASP G 219 -74.47 14.57 -5.04
N PHE G 220 -73.45 15.07 -5.76
CA PHE G 220 -72.68 16.19 -5.23
C PHE G 220 -73.56 17.42 -5.08
N ASP G 221 -73.38 18.16 -3.98
CA ASP G 221 -73.93 19.51 -3.88
C ASP G 221 -73.30 20.42 -4.93
N PRO G 222 -73.99 21.49 -5.32
CA PRO G 222 -73.45 22.36 -6.39
C PRO G 222 -72.08 22.95 -6.10
N ALA G 223 -71.71 23.19 -4.84
CA ALA G 223 -70.38 23.74 -4.56
C ALA G 223 -69.27 22.75 -4.95
N VAL G 224 -69.43 21.48 -4.60
CA VAL G 224 -68.46 20.48 -5.01
C VAL G 224 -68.44 20.36 -6.54
N THR G 225 -69.62 20.35 -7.16
CA THR G 225 -69.68 20.27 -8.61
C THR G 225 -68.92 21.41 -9.27
N GLU G 226 -69.11 22.64 -8.79
CA GLU G 226 -68.39 23.76 -9.39
C GLU G 226 -66.89 23.69 -9.13
N TYR G 227 -66.49 23.36 -7.91
CA TYR G 227 -65.06 23.32 -7.61
C TYR G 227 -64.34 22.31 -8.48
N ILE G 228 -64.92 21.12 -8.62
CA ILE G 228 -64.27 20.08 -9.43
C ILE G 228 -64.21 20.52 -10.90
N GLN G 229 -65.28 21.17 -11.36
CA GLN G 229 -65.30 21.64 -12.75
C GLN G 229 -64.17 22.63 -13.00
N ARG G 230 -63.89 23.48 -12.02
CA ARG G 230 -62.78 24.43 -12.10
C ARG G 230 -61.43 23.73 -12.10
N LYS G 231 -61.32 22.55 -11.47
CA LYS G 231 -60.05 21.84 -11.47
C LYS G 231 -59.76 21.22 -12.84
N LYS G 232 -60.80 20.77 -13.54
CA LYS G 232 -60.68 20.15 -14.86
C LYS G 232 -60.65 21.16 -16.00
N PHE G 233 -61.42 22.23 -15.88
CA PHE G 233 -61.54 23.27 -16.90
C PHE G 233 -61.24 24.59 -16.23
N PRO G 234 -59.97 24.89 -15.96
CA PRO G 234 -59.63 26.12 -15.23
C PRO G 234 -59.99 27.35 -16.04
N PRO G 235 -60.60 28.36 -15.40
CA PRO G 235 -60.99 29.55 -16.14
C PRO G 235 -59.82 30.42 -16.55
N ASP G 236 -58.70 30.37 -15.84
CA ASP G 236 -57.57 31.26 -16.07
C ASP G 236 -56.51 30.66 -17.00
N ASN G 237 -56.87 29.67 -17.80
CA ASN G 237 -55.96 29.08 -18.78
C ASN G 237 -54.76 28.42 -18.13
N SER G 238 -54.81 28.12 -16.84
CA SER G 238 -53.77 27.31 -16.20
C SER G 238 -54.01 25.83 -16.51
N ALA G 239 -52.99 25.02 -16.26
CA ALA G 239 -53.09 23.60 -16.53
C ALA G 239 -54.09 22.93 -15.58
N PRO G 240 -54.90 22.01 -16.09
CA PRO G 240 -55.82 21.27 -15.21
C PRO G 240 -55.08 20.46 -14.16
N TYR G 241 -55.71 20.32 -12.98
CA TYR G 241 -55.17 19.46 -11.94
C TYR G 241 -55.25 18.00 -12.35
N GLY G 242 -54.29 17.21 -11.87
CA GLY G 242 -54.40 15.78 -11.96
C GLY G 242 -55.28 15.22 -10.86
N ALA G 243 -55.79 14.01 -11.09
CA ALA G 243 -56.66 13.31 -10.17
C ALA G 243 -55.99 12.06 -9.64
N ARG G 244 -56.16 11.82 -8.34
CA ARG G 244 -55.71 10.60 -7.69
C ARG G 244 -56.73 10.27 -6.63
N TYR G 245 -57.17 9.01 -6.54
CA TYR G 245 -58.04 8.59 -5.46
C TYR G 245 -57.77 7.11 -5.21
N VAL G 246 -56.95 6.84 -4.21
CA VAL G 246 -56.67 5.47 -3.81
C VAL G 246 -57.92 4.84 -3.22
N GLY G 247 -58.76 5.63 -2.55
CA GLY G 247 -59.87 5.05 -1.83
C GLY G 247 -59.51 4.58 -0.44
N SER G 248 -58.29 4.82 0.01
CA SER G 248 -57.85 4.55 1.38
C SER G 248 -57.38 5.87 1.97
N MET G 249 -58.06 6.33 3.03
CA MET G 249 -57.86 7.71 3.49
C MET G 249 -56.41 8.00 3.86
N VAL G 250 -55.75 7.08 4.57
CA VAL G 250 -54.38 7.38 4.98
C VAL G 250 -53.49 7.55 3.76
N ALA G 251 -53.68 6.72 2.71
CA ALA G 251 -52.88 6.85 1.50
C ALA G 251 -53.13 8.17 0.82
N ASP G 252 -54.41 8.54 0.65
CA ASP G 252 -54.76 9.78 -0.03
C ASP G 252 -54.31 11.01 0.75
N VAL G 253 -54.49 10.99 2.08
CA VAL G 253 -54.08 12.14 2.88
C VAL G 253 -52.55 12.27 2.90
N HIS G 254 -51.84 11.15 2.99
CA HIS G 254 -50.38 11.23 3.00
C HIS G 254 -49.83 11.79 1.68
N ARG G 255 -50.38 11.35 0.54
CA ARG G 255 -49.99 11.96 -0.73
C ARG G 255 -50.25 13.46 -0.71
N THR G 256 -51.44 13.86 -0.22
CA THR G 256 -51.78 15.28 -0.13
C THR G 256 -50.78 16.03 0.74
N LEU G 257 -50.37 15.45 1.85
CA LEU G 257 -49.34 16.09 2.67
C LEU G 257 -48.02 16.23 1.90
N VAL G 258 -47.63 15.18 1.18
CA VAL G 258 -46.31 15.14 0.58
C VAL G 258 -46.23 15.99 -0.69
N TYR G 259 -47.27 15.93 -1.54
CA TYR G 259 -47.26 16.62 -2.82
C TYR G 259 -48.12 17.87 -2.84
N GLY G 260 -48.96 18.08 -1.84
CA GLY G 260 -49.92 19.16 -1.87
C GLY G 260 -51.14 18.80 -2.71
N GLY G 261 -52.12 19.69 -2.65
CA GLY G 261 -53.38 19.49 -3.33
C GLY G 261 -54.52 19.44 -2.32
N ILE G 262 -55.59 18.75 -2.71
CA ILE G 262 -56.82 18.80 -1.93
C ILE G 262 -57.45 17.41 -1.94
N PHE G 263 -58.00 17.01 -0.79
CA PHE G 263 -58.72 15.75 -0.63
C PHE G 263 -60.14 16.08 -0.20
N LEU G 264 -61.13 15.44 -0.80
CA LEU G 264 -62.52 15.70 -0.45
C LEU G 264 -63.26 14.41 -0.22
N TYR G 265 -64.01 14.33 0.86
CA TYR G 265 -65.06 13.34 1.01
C TYR G 265 -66.33 14.02 1.50
N PRO G 266 -67.13 14.57 0.59
CA PRO G 266 -68.32 15.33 1.01
C PRO G 266 -69.46 14.37 1.24
N ALA G 267 -70.56 14.92 1.76
CA ALA G 267 -71.77 14.14 1.95
C ALA G 267 -72.39 13.74 0.61
N ASN G 268 -73.12 12.62 0.62
CA ASN G 268 -73.87 12.17 -0.54
C ASN G 268 -75.15 11.51 -0.04
N LYS G 269 -75.98 11.00 -0.95
CA LYS G 269 -77.28 10.46 -0.55
C LYS G 269 -77.14 9.24 0.35
N LYS G 270 -76.10 8.43 0.16
CA LYS G 270 -75.87 7.32 1.07
C LYS G 270 -75.27 7.80 2.39
N SER G 271 -74.57 8.94 2.37
CA SER G 271 -73.89 9.49 3.55
C SER G 271 -74.25 10.97 3.73
N PRO G 272 -75.48 11.27 4.17
CA PRO G 272 -75.89 12.68 4.27
C PRO G 272 -75.13 13.48 5.32
N ASN G 273 -74.54 12.82 6.30
CA ASN G 273 -73.67 13.47 7.29
C ASN G 273 -72.20 13.23 6.95
N GLY G 274 -71.92 12.89 5.69
CA GLY G 274 -70.59 12.50 5.25
C GLY G 274 -70.33 11.03 5.55
N LYS G 275 -69.11 10.60 5.21
CA LYS G 275 -68.79 9.18 5.33
C LYS G 275 -67.66 8.91 6.30
N LEU G 276 -66.62 9.74 6.32
CA LEU G 276 -65.50 9.50 7.21
C LEU G 276 -65.90 9.81 8.65
N ARG G 277 -65.29 9.09 9.59
CA ARG G 277 -65.62 9.23 11.00
C ARG G 277 -64.88 10.44 11.57
N LEU G 278 -65.59 11.27 12.34
CA LEU G 278 -65.00 12.49 12.89
C LEU G 278 -63.90 12.17 13.89
N LEU G 279 -64.16 11.18 14.76
CA LEU G 279 -63.34 11.01 15.96
C LEU G 279 -61.96 10.44 15.62
N TYR G 280 -61.91 9.47 14.72
CA TYR G 280 -60.66 8.76 14.50
C TYR G 280 -60.30 8.70 13.02
N GLU G 281 -61.00 9.44 12.17
CA GLU G 281 -60.52 9.67 10.82
C GLU G 281 -60.32 11.15 10.55
N CYS G 282 -61.38 11.97 10.70
CA CYS G 282 -61.28 13.38 10.29
C CYS G 282 -60.41 14.19 11.27
N ASN G 283 -60.68 14.10 12.57
CA ASN G 283 -59.94 14.94 13.52
C ASN G 283 -58.43 14.71 13.46
N PRO G 284 -57.92 13.47 13.57
CA PRO G 284 -56.47 13.31 13.49
C PRO G 284 -55.88 13.86 12.21
N MET G 285 -56.52 13.62 11.07
CA MET G 285 -55.98 14.11 9.82
C MET G 285 -56.07 15.64 9.75
N ALA G 286 -57.16 16.21 10.26
CA ALA G 286 -57.25 17.67 10.34
C ALA G 286 -56.12 18.22 11.20
N TYR G 287 -55.83 17.56 12.32
CA TYR G 287 -54.78 18.07 13.20
C TYR G 287 -53.41 18.00 12.52
N VAL G 288 -53.09 16.87 11.86
CA VAL G 288 -51.85 16.80 11.08
C VAL G 288 -51.81 17.93 10.05
N MET G 289 -52.92 18.14 9.32
CA MET G 289 -52.94 19.16 8.27
C MET G 289 -52.67 20.55 8.84
N GLU G 290 -53.34 20.91 9.95
CA GLU G 290 -53.14 22.24 10.49
C GLU G 290 -51.75 22.40 11.06
N LYS G 291 -51.23 21.37 11.74
CA LYS G 291 -49.87 21.48 12.22
C LYS G 291 -48.87 21.59 11.07
N ALA G 292 -49.23 21.11 9.88
CA ALA G 292 -48.37 21.22 8.70
C ALA G 292 -48.65 22.48 7.89
N GLY G 293 -49.44 23.42 8.42
CA GLY G 293 -49.77 24.63 7.68
C GLY G 293 -50.86 24.47 6.66
N GLY G 294 -51.63 23.38 6.70
CA GLY G 294 -52.77 23.19 5.84
C GLY G 294 -54.08 23.49 6.56
N MET G 295 -55.18 23.13 5.90
CA MET G 295 -56.52 23.44 6.38
C MET G 295 -57.41 22.21 6.27
N ALA G 296 -58.46 22.20 7.09
CA ALA G 296 -59.42 21.09 7.06
C ALA G 296 -60.79 21.61 7.47
N THR G 297 -61.76 21.54 6.55
CA THR G 297 -63.10 22.08 6.77
C THR G 297 -64.16 21.04 6.44
N THR G 298 -65.31 21.17 7.08
CA THR G 298 -66.52 20.46 6.70
C THR G 298 -67.28 21.18 5.60
N GLY G 299 -66.85 22.39 5.26
CA GLY G 299 -67.64 23.29 4.43
C GLY G 299 -68.23 24.40 5.29
N LYS G 300 -68.81 24.04 6.45
CA LYS G 300 -69.40 25.04 7.34
C LYS G 300 -68.45 25.50 8.44
N GLU G 301 -67.51 24.66 8.85
CA GLU G 301 -66.62 25.02 9.94
C GLU G 301 -65.35 24.20 9.84
N ALA G 302 -64.33 24.61 10.57
CA ALA G 302 -63.13 23.81 10.68
C ALA G 302 -63.50 22.49 11.33
N VAL G 303 -62.95 21.40 10.78
CA VAL G 303 -63.18 20.07 11.35
C VAL G 303 -62.87 20.06 12.84
N LEU G 304 -61.76 20.70 13.24
CA LEU G 304 -61.30 20.66 14.62
C LEU G 304 -62.20 21.43 15.58
N ASP G 305 -63.16 22.21 15.09
CA ASP G 305 -64.14 22.92 15.92
C ASP G 305 -65.47 22.19 16.07
N VAL G 306 -65.70 21.09 15.34
CA VAL G 306 -66.94 20.34 15.53
C VAL G 306 -66.94 19.73 16.92
N ILE G 307 -68.01 19.97 17.68
CA ILE G 307 -68.18 19.37 19.00
C ILE G 307 -68.98 18.09 18.81
N PRO G 308 -68.38 16.92 18.99
CA PRO G 308 -69.11 15.68 18.73
C PRO G 308 -70.10 15.34 19.83
N THR G 309 -71.14 14.62 19.44
CA THR G 309 -72.11 14.04 20.35
C THR G 309 -72.12 12.52 20.36
N ASP G 310 -71.53 11.86 19.35
CA ASP G 310 -71.54 10.41 19.24
C ASP G 310 -70.18 9.94 18.75
N ILE G 311 -69.64 8.88 19.39
CA ILE G 311 -68.25 8.51 19.14
C ILE G 311 -68.01 8.00 17.72
N HIS G 312 -69.04 7.51 17.04
CA HIS G 312 -68.91 7.04 15.67
C HIS G 312 -69.58 7.97 14.67
N GLN G 313 -69.83 9.22 15.04
CA GLN G 313 -70.51 10.11 14.11
C GLN G 313 -69.61 10.44 12.91
N ARG G 314 -70.22 10.74 11.78
CA ARG G 314 -69.54 11.03 10.54
C ARG G 314 -69.47 12.54 10.30
N ALA G 315 -68.57 12.95 9.41
CA ALA G 315 -68.45 14.36 9.03
C ALA G 315 -68.01 14.46 7.57
N PRO G 316 -68.49 15.44 6.82
CA PRO G 316 -67.87 15.74 5.53
C PRO G 316 -66.49 16.34 5.77
N VAL G 317 -65.58 16.16 4.81
CA VAL G 317 -64.24 16.70 5.01
C VAL G 317 -63.66 17.16 3.67
N ILE G 318 -63.05 18.33 3.69
CA ILE G 318 -62.24 18.87 2.61
C ILE G 318 -60.95 19.36 3.25
N LEU G 319 -59.80 18.86 2.79
CA LEU G 319 -58.56 19.19 3.48
C LEU G 319 -57.40 19.22 2.48
N GLY G 320 -56.28 19.80 2.92
CA GLY G 320 -55.08 19.87 2.11
C GLY G 320 -54.43 21.25 2.08
N SER G 321 -53.81 21.58 0.96
CA SER G 321 -53.10 22.85 0.83
C SER G 321 -54.02 24.04 1.09
N PRO G 322 -53.54 25.05 1.82
CA PRO G 322 -54.42 26.16 2.24
C PRO G 322 -55.04 26.93 1.08
N ASP G 323 -54.27 27.23 0.03
CA ASP G 323 -54.85 27.92 -1.12
C ASP G 323 -55.94 27.08 -1.78
N ASP G 324 -55.79 25.76 -1.82
CA ASP G 324 -56.82 24.94 -2.45
C ASP G 324 -58.09 24.91 -1.60
N VAL G 325 -57.95 24.76 -0.28
CA VAL G 325 -59.14 24.73 0.55
C VAL G 325 -59.83 26.10 0.54
N LEU G 326 -59.03 27.18 0.53
CA LEU G 326 -59.61 28.52 0.45
C LEU G 326 -60.38 28.73 -0.83
N GLU G 327 -59.84 28.25 -1.96
CA GLU G 327 -60.57 28.37 -3.21
C GLU G 327 -61.89 27.60 -3.14
N PHE G 328 -61.87 26.40 -2.54
CA PHE G 328 -63.11 25.65 -2.38
C PHE G 328 -64.10 26.40 -1.51
N LEU G 329 -63.64 26.98 -0.40
CA LEU G 329 -64.54 27.69 0.50
C LEU G 329 -65.16 28.91 -0.18
N LYS G 330 -64.42 29.59 -1.04
CA LYS G 330 -64.98 30.68 -1.83
C LYS G 330 -66.11 30.18 -2.73
N VAL G 331 -65.92 29.04 -3.40
CA VAL G 331 -67.02 28.48 -4.19
C VAL G 331 -68.17 28.09 -3.28
N TYR G 332 -67.85 27.55 -2.10
CA TYR G 332 -68.89 27.18 -1.15
C TYR G 332 -69.68 28.41 -0.71
N GLU G 333 -68.99 29.52 -0.40
CA GLU G 333 -69.69 30.72 0.04
C GLU G 333 -70.55 31.30 -1.08
N LYS G 334 -70.09 31.17 -2.32
CA LYS G 334 -70.88 31.59 -3.47
C LYS G 334 -72.25 30.92 -3.49
N HIS G 335 -72.33 29.68 -2.99
CA HIS G 335 -73.58 28.93 -2.95
C HIS G 335 -74.30 29.07 -1.61
N SER G 336 -74.10 30.18 -0.90
CA SER G 336 -74.68 30.44 0.42
C SER G 336 -74.15 29.47 1.44
N ASP H 10 -52.65 -29.08 -0.29
CA ASP H 10 -51.20 -29.06 -0.14
C ASP H 10 -50.60 -27.68 -0.43
N VAL H 11 -49.76 -27.20 0.50
CA VAL H 11 -49.09 -25.92 0.29
C VAL H 11 -48.27 -25.96 -1.00
N ASN H 12 -48.15 -24.83 -1.66
CA ASN H 12 -47.37 -24.74 -2.88
C ASN H 12 -46.65 -23.41 -2.93
N THR H 13 -45.46 -23.39 -3.54
CA THR H 13 -44.71 -22.17 -3.74
C THR H 13 -44.54 -21.90 -5.22
N LEU H 14 -44.09 -20.69 -5.55
CA LEU H 14 -43.93 -20.33 -6.97
C LEU H 14 -42.93 -21.27 -7.67
N THR H 15 -41.76 -21.46 -7.07
CA THR H 15 -40.76 -22.29 -7.73
C THR H 15 -41.20 -23.76 -7.80
N ARG H 16 -41.81 -24.28 -6.74
CA ARG H 16 -42.32 -25.65 -6.79
C ARG H 16 -43.44 -25.77 -7.82
N PHE H 17 -44.34 -24.79 -7.87
CA PHE H 17 -45.40 -24.80 -8.87
C PHE H 17 -44.84 -24.85 -10.29
N VAL H 18 -43.89 -23.97 -10.60
CA VAL H 18 -43.39 -23.89 -11.96
C VAL H 18 -42.61 -25.16 -12.31
N MET H 19 -41.84 -25.69 -11.37
CA MET H 19 -41.13 -26.96 -11.60
C MET H 19 -42.10 -28.09 -11.90
N GLU H 20 -43.24 -28.15 -11.19
CA GLU H 20 -44.19 -29.24 -11.42
C GLU H 20 -44.86 -29.09 -12.78
N GLU H 21 -45.26 -27.86 -13.14
CA GLU H 21 -45.78 -27.62 -14.48
C GLU H 21 -44.75 -27.98 -15.55
N GLY H 22 -43.49 -27.59 -15.33
CA GLY H 22 -42.46 -27.84 -16.32
C GLY H 22 -42.18 -29.32 -16.52
N ARG H 23 -42.18 -30.09 -15.43
CA ARG H 23 -41.94 -31.52 -15.56
C ARG H 23 -43.11 -32.21 -16.26
N LYS H 24 -44.36 -31.83 -15.91
CA LYS H 24 -45.53 -32.35 -16.63
C LYS H 24 -45.37 -32.16 -18.13
N ALA H 25 -45.00 -30.96 -18.54
CA ALA H 25 -44.82 -30.63 -19.95
C ALA H 25 -43.49 -31.11 -20.51
N ARG H 26 -42.62 -31.64 -19.66
CA ARG H 26 -41.32 -32.16 -20.11
C ARG H 26 -40.51 -31.07 -20.81
N GLY H 27 -40.62 -29.82 -20.31
CA GLY H 27 -39.79 -28.74 -20.81
C GLY H 27 -38.34 -28.90 -20.37
N THR H 28 -37.46 -28.09 -20.96
CA THR H 28 -36.02 -28.20 -20.67
C THR H 28 -35.63 -27.63 -19.32
N GLY H 29 -36.48 -26.81 -18.69
CA GLY H 29 -36.12 -26.17 -17.45
C GLY H 29 -35.71 -24.71 -17.56
N GLU H 30 -35.49 -24.22 -18.78
CA GLU H 30 -34.99 -22.87 -18.97
C GLU H 30 -36.00 -21.83 -18.46
N LEU H 31 -37.30 -22.04 -18.70
CA LEU H 31 -38.28 -21.09 -18.21
C LEU H 31 -38.30 -21.07 -16.68
N THR H 32 -38.17 -22.25 -16.07
CA THR H 32 -38.12 -22.36 -14.63
C THR H 32 -36.93 -21.61 -14.07
N GLN H 33 -35.75 -21.76 -14.70
CA GLN H 33 -34.58 -21.02 -14.29
C GLN H 33 -34.79 -19.52 -14.42
N LEU H 34 -35.40 -19.08 -15.53
CA LEU H 34 -35.72 -17.67 -15.70
C LEU H 34 -36.59 -17.17 -14.54
N LEU H 35 -37.71 -17.87 -14.28
CA LEU H 35 -38.68 -17.38 -13.31
C LEU H 35 -38.13 -17.44 -11.88
N ASN H 36 -37.34 -18.47 -11.56
CA ASN H 36 -36.73 -18.51 -10.24
C ASN H 36 -35.76 -17.36 -10.06
N SER H 37 -35.00 -17.05 -11.10
CA SER H 37 -34.11 -15.90 -11.04
C SER H 37 -34.89 -14.59 -10.87
N LEU H 38 -35.98 -14.44 -11.62
CA LEU H 38 -36.82 -13.26 -11.51
C LEU H 38 -37.42 -13.11 -10.10
N CYS H 39 -37.87 -14.22 -9.52
CA CYS H 39 -38.39 -14.15 -8.17
C CYS H 39 -37.35 -13.66 -7.19
N THR H 40 -36.10 -14.15 -7.31
CA THR H 40 -35.03 -13.66 -6.45
C THR H 40 -34.87 -12.16 -6.60
N ALA H 41 -34.89 -11.65 -7.84
CA ALA H 41 -34.84 -10.21 -8.05
C ALA H 41 -36.03 -9.50 -7.38
N VAL H 42 -37.23 -10.05 -7.52
CA VAL H 42 -38.43 -9.42 -6.96
C VAL H 42 -38.34 -9.32 -5.44
N LYS H 43 -37.82 -10.36 -4.79
CA LYS H 43 -37.70 -10.33 -3.33
C LYS H 43 -36.69 -9.28 -2.87
N ALA H 44 -35.62 -9.09 -3.63
CA ALA H 44 -34.66 -8.05 -3.30
C ALA H 44 -35.27 -6.65 -3.51
N ILE H 45 -36.08 -6.48 -4.56
CA ILE H 45 -36.75 -5.21 -4.78
C ILE H 45 -37.72 -4.91 -3.64
N SER H 46 -38.53 -5.91 -3.28
CA SER H 46 -39.48 -5.78 -2.17
C SER H 46 -38.77 -5.32 -0.90
N SER H 47 -37.65 -5.96 -0.59
CA SER H 47 -36.91 -5.60 0.63
C SER H 47 -36.43 -4.15 0.58
N ALA H 48 -35.93 -3.71 -0.58
CA ALA H 48 -35.48 -2.32 -0.73
C ALA H 48 -36.67 -1.35 -0.76
N VAL H 49 -37.79 -1.75 -1.36
CA VAL H 49 -38.94 -0.86 -1.41
C VAL H 49 -39.50 -0.61 0.00
N ARG H 50 -39.55 -1.66 0.83
CA ARG H 50 -39.97 -1.53 2.22
C ARG H 50 -38.88 -0.93 3.10
N LYS H 51 -37.76 -0.52 2.53
CA LYS H 51 -36.79 0.32 3.22
C LYS H 51 -36.02 -0.42 4.31
N ALA H 52 -35.80 -1.72 4.14
CA ALA H 52 -34.86 -2.41 5.02
C ALA H 52 -33.50 -1.77 4.88
N GLY H 53 -32.88 -1.46 6.02
CA GLY H 53 -31.56 -0.88 6.01
C GLY H 53 -31.53 0.63 5.88
N ILE H 54 -32.70 1.27 5.83
CA ILE H 54 -32.76 2.73 5.68
C ILE H 54 -32.05 3.41 6.83
N ALA H 55 -32.00 2.77 8.00
CA ALA H 55 -31.29 3.38 9.13
C ALA H 55 -29.84 3.70 8.76
N HIS H 56 -29.21 2.90 7.89
CA HIS H 56 -27.81 3.14 7.56
C HIS H 56 -27.64 4.35 6.65
N LEU H 57 -28.63 4.65 5.80
CA LEU H 57 -28.57 5.88 5.02
C LEU H 57 -28.70 7.11 5.90
N TYR H 58 -29.33 6.98 7.06
CA TYR H 58 -29.53 8.14 7.92
C TYR H 58 -28.54 8.19 9.08
N GLY H 59 -27.44 7.45 8.97
CA GLY H 59 -26.30 7.66 9.86
C GLY H 59 -26.28 6.84 11.12
N ILE H 60 -26.96 5.69 11.16
CA ILE H 60 -27.05 4.92 12.42
C ILE H 60 -25.67 4.47 12.88
N ALA H 61 -24.72 4.29 11.96
CA ALA H 61 -23.35 3.94 12.31
C ALA H 61 -22.39 5.13 12.20
N GLY H 62 -22.93 6.35 12.17
CA GLY H 62 -22.09 7.55 12.08
C GLY H 62 -22.17 8.27 10.75
N LYS H 73 -32.46 6.28 -6.73
N LYS H 73 -32.56 6.29 -6.96
CA LYS H 73 -31.66 5.06 -6.81
CA LYS H 73 -31.71 5.11 -6.85
C LYS H 73 -32.54 3.82 -6.84
C LYS H 73 -32.54 3.83 -6.82
N LEU H 74 -33.76 3.93 -6.29
CA LEU H 74 -34.60 2.73 -6.15
C LEU H 74 -34.98 2.13 -7.49
N ASP H 75 -35.35 2.95 -8.48
CA ASP H 75 -35.67 2.38 -9.79
C ASP H 75 -34.42 1.85 -10.50
N VAL H 76 -33.25 2.49 -10.30
CA VAL H 76 -32.00 1.99 -10.85
C VAL H 76 -31.58 0.69 -10.17
N LEU H 77 -31.69 0.64 -8.84
CA LEU H 77 -31.39 -0.60 -8.13
C LEU H 77 -32.29 -1.74 -8.62
N SER H 78 -33.59 -1.45 -8.79
CA SER H 78 -34.53 -2.47 -9.26
C SER H 78 -34.14 -2.97 -10.65
N ASN H 79 -33.78 -2.05 -11.55
CA ASN H 79 -33.32 -2.43 -12.86
C ASN H 79 -32.07 -3.31 -12.79
N ASP H 80 -31.10 -2.94 -11.95
CA ASP H 80 -29.87 -3.72 -11.80
C ASP H 80 -30.17 -5.11 -11.24
N LEU H 81 -31.13 -5.20 -10.33
CA LEU H 81 -31.47 -6.49 -9.75
C LEU H 81 -32.07 -7.42 -10.81
N VAL H 82 -33.05 -6.93 -11.57
CA VAL H 82 -33.66 -7.75 -12.62
C VAL H 82 -32.66 -8.08 -13.73
N MET H 83 -31.93 -7.06 -14.23
CA MET H 83 -30.96 -7.30 -15.29
C MET H 83 -29.96 -8.36 -14.89
N ASN H 84 -29.33 -8.21 -13.72
CA ASN H 84 -28.25 -9.11 -13.33
C ASN H 84 -28.76 -10.53 -13.05
N MET H 85 -29.94 -10.66 -12.43
CA MET H 85 -30.44 -12.00 -12.16
C MET H 85 -30.85 -12.71 -13.46
N LEU H 86 -31.40 -11.97 -14.42
CA LEU H 86 -31.81 -12.59 -15.68
C LEU H 86 -30.59 -12.92 -16.54
N LYS H 87 -29.62 -12.00 -16.64
CA LYS H 87 -28.40 -12.28 -17.38
C LYS H 87 -27.75 -13.55 -16.90
N SER H 88 -27.59 -13.67 -15.59
CA SER H 88 -26.89 -14.80 -14.98
C SER H 88 -27.76 -16.04 -14.86
N SER H 89 -29.01 -15.97 -15.35
CA SER H 89 -29.89 -17.13 -15.29
C SER H 89 -29.57 -18.18 -16.33
N PHE H 90 -28.78 -17.83 -17.35
CA PHE H 90 -28.54 -18.65 -18.53
C PHE H 90 -29.82 -18.96 -19.29
N ALA H 91 -30.86 -18.15 -19.10
CA ALA H 91 -32.13 -18.41 -19.74
C ALA H 91 -32.57 -17.34 -20.73
N THR H 92 -31.82 -16.26 -20.88
CA THR H 92 -32.25 -15.12 -21.68
C THR H 92 -31.19 -14.71 -22.69
N CYS H 93 -31.63 -13.97 -23.72
CA CYS H 93 -30.69 -13.44 -24.70
C CYS H 93 -30.90 -11.96 -24.98
N VAL H 94 -32.13 -11.46 -24.83
CA VAL H 94 -32.46 -10.07 -25.09
C VAL H 94 -33.32 -9.55 -23.94
N LEU H 95 -32.97 -8.39 -23.38
CA LEU H 95 -33.68 -7.82 -22.23
C LEU H 95 -34.06 -6.38 -22.54
N VAL H 96 -35.36 -6.07 -22.51
CA VAL H 96 -35.86 -4.72 -22.73
C VAL H 96 -36.42 -4.20 -21.41
N SER H 97 -35.95 -3.02 -21.01
CA SER H 97 -36.34 -2.40 -19.76
C SER H 97 -36.81 -0.97 -19.99
N GLU H 98 -37.80 -0.56 -19.20
CA GLU H 98 -38.21 0.83 -19.18
C GLU H 98 -37.02 1.77 -18.95
N GLU H 99 -35.98 1.31 -18.24
CA GLU H 99 -34.84 2.16 -17.88
C GLU H 99 -33.84 2.36 -18.98
N ASP H 100 -33.86 1.55 -20.04
CA ASP H 100 -32.79 1.58 -21.04
C ASP H 100 -33.37 1.88 -22.40
N LYS H 101 -32.79 2.87 -23.09
CA LYS H 101 -33.31 3.22 -24.42
C LYS H 101 -33.18 2.04 -25.38
N HIS H 102 -32.09 1.28 -25.28
CA HIS H 102 -31.83 0.15 -26.17
C HIS H 102 -31.94 -1.17 -25.42
N ALA H 103 -32.25 -2.24 -26.17
CA ALA H 103 -32.28 -3.58 -25.61
C ALA H 103 -30.90 -4.01 -25.16
N ILE H 104 -30.85 -4.77 -24.09
CA ILE H 104 -29.61 -5.34 -23.60
C ILE H 104 -29.45 -6.72 -24.23
N ILE H 105 -28.32 -6.95 -24.85
CA ILE H 105 -28.02 -8.24 -25.47
C ILE H 105 -27.15 -9.02 -24.50
N VAL H 106 -27.65 -10.17 -24.08
CA VAL H 106 -26.87 -11.03 -23.18
C VAL H 106 -25.63 -11.51 -23.92
N GLU H 107 -24.47 -11.41 -23.26
CA GLU H 107 -23.24 -11.87 -23.89
C GLU H 107 -23.24 -13.39 -24.10
N PRO H 108 -22.51 -13.86 -25.14
CA PRO H 108 -22.72 -15.23 -25.62
C PRO H 108 -22.69 -16.37 -24.60
N GLU H 109 -21.74 -16.41 -23.65
CA GLU H 109 -21.73 -17.62 -22.83
C GLU H 109 -22.93 -17.68 -21.88
N LYS H 110 -23.69 -16.60 -21.73
CA LYS H 110 -24.85 -16.59 -20.83
C LYS H 110 -26.18 -16.68 -21.57
N ARG H 111 -26.15 -16.85 -22.89
CA ARG H 111 -27.37 -16.75 -23.69
C ARG H 111 -28.27 -17.95 -23.52
N GLY H 112 -29.55 -17.67 -23.37
CA GLY H 112 -30.60 -18.66 -23.38
C GLY H 112 -31.66 -18.26 -24.37
N LYS H 113 -32.80 -18.94 -24.36
CA LYS H 113 -33.73 -18.84 -25.48
C LYS H 113 -34.82 -17.78 -25.33
N TYR H 114 -34.90 -17.06 -24.21
CA TYR H 114 -36.04 -16.19 -23.96
C TYR H 114 -35.70 -14.69 -24.04
N VAL H 115 -36.70 -13.92 -24.48
CA VAL H 115 -36.67 -12.47 -24.50
C VAL H 115 -37.59 -11.99 -23.40
N VAL H 116 -37.12 -11.04 -22.57
CA VAL H 116 -37.90 -10.52 -21.45
C VAL H 116 -38.02 -9.00 -21.57
N CYS H 117 -39.25 -8.51 -21.53
CA CYS H 117 -39.54 -7.07 -21.47
C CYS H 117 -40.09 -6.77 -20.09
N PHE H 118 -39.54 -5.76 -19.43
CA PHE H 118 -40.00 -5.51 -18.07
C PHE H 118 -39.90 -4.04 -17.74
N ASP H 119 -40.73 -3.64 -16.79
CA ASP H 119 -40.67 -2.36 -16.10
C ASP H 119 -40.26 -2.64 -14.66
N PRO H 120 -39.02 -2.37 -14.27
CA PRO H 120 -38.55 -2.89 -12.97
C PRO H 120 -39.23 -2.25 -11.76
N LEU H 121 -39.62 -0.98 -11.83
CA LEU H 121 -40.33 -0.38 -10.68
C LEU H 121 -41.38 0.60 -11.24
N ASP H 122 -42.48 0.05 -11.75
CA ASP H 122 -43.55 0.89 -12.26
C ASP H 122 -44.17 1.71 -11.13
N GLY H 123 -44.47 2.97 -11.44
CA GLY H 123 -45.06 3.91 -10.50
C GLY H 123 -44.09 4.63 -9.59
N SER H 124 -42.78 4.39 -9.74
CA SER H 124 -41.81 4.90 -8.79
C SER H 124 -41.63 6.40 -8.85
N SER H 125 -42.12 7.06 -9.90
CA SER H 125 -42.05 8.52 -9.94
C SER H 125 -42.80 9.14 -8.76
N ASN H 126 -43.83 8.47 -8.26
CA ASN H 126 -44.61 8.94 -7.12
C ASN H 126 -44.27 8.19 -5.83
N ILE H 127 -43.16 7.45 -5.79
CA ILE H 127 -42.85 6.64 -4.62
C ILE H 127 -42.52 7.47 -3.40
N ASP H 128 -42.28 8.78 -3.58
CA ASP H 128 -42.07 9.70 -2.46
C ASP H 128 -43.25 9.69 -1.51
N CYS H 129 -44.46 9.40 -2.01
CA CYS H 129 -45.64 9.36 -1.17
C CYS H 129 -46.02 7.93 -0.79
N LEU H 130 -45.14 6.97 -1.07
CA LEU H 130 -45.32 5.59 -0.64
C LEU H 130 -46.52 4.92 -1.29
N VAL H 131 -46.92 5.44 -2.46
CA VAL H 131 -47.91 4.76 -3.30
C VAL H 131 -47.41 3.36 -3.61
N SER H 132 -48.35 2.41 -3.76
CA SER H 132 -48.00 1.09 -4.27
C SER H 132 -47.17 1.18 -5.55
N VAL H 133 -46.18 0.31 -5.66
CA VAL H 133 -45.37 0.21 -6.87
C VAL H 133 -45.29 -1.25 -7.28
N GLY H 134 -44.70 -1.50 -8.46
CA GLY H 134 -44.66 -2.86 -8.95
C GLY H 134 -43.64 -3.08 -10.05
N THR H 135 -43.39 -4.36 -10.31
CA THR H 135 -42.53 -4.82 -11.38
C THR H 135 -43.42 -5.57 -12.37
N ILE H 136 -43.31 -5.22 -13.66
CA ILE H 136 -44.10 -5.84 -14.73
C ILE H 136 -43.14 -6.56 -15.66
N PHE H 137 -43.52 -7.75 -16.13
CA PHE H 137 -42.66 -8.51 -17.04
C PHE H 137 -43.48 -9.28 -18.06
N GLY H 138 -42.90 -9.46 -19.24
CA GLY H 138 -43.42 -10.32 -20.28
C GLY H 138 -42.29 -11.13 -20.89
N ILE H 139 -42.51 -12.43 -21.09
CA ILE H 139 -41.47 -13.36 -21.52
C ILE H 139 -41.87 -13.92 -22.88
N TYR H 140 -40.97 -13.83 -23.85
CA TYR H 140 -41.14 -14.35 -25.21
C TYR H 140 -40.06 -15.38 -25.53
N ARG H 141 -40.36 -16.26 -26.45
CA ARG H 141 -39.33 -17.07 -27.07
C ARG H 141 -38.68 -16.28 -28.19
N LYS H 142 -37.35 -16.32 -28.25
CA LYS H 142 -36.68 -15.81 -29.44
C LYS H 142 -37.12 -16.68 -30.61
N LYS H 143 -37.48 -16.04 -31.72
CA LYS H 143 -38.11 -16.76 -32.83
C LYS H 143 -37.13 -17.23 -33.89
N SER H 144 -36.03 -16.51 -34.13
CA SER H 144 -35.07 -16.91 -35.14
C SER H 144 -33.73 -17.30 -34.52
N THR H 145 -32.91 -17.96 -35.33
CA THR H 145 -31.56 -18.30 -34.92
C THR H 145 -30.57 -17.19 -35.25
N ASP H 146 -31.06 -16.05 -35.76
CA ASP H 146 -30.16 -14.93 -36.03
C ASP H 146 -29.45 -14.48 -34.74
N GLU H 147 -28.42 -13.66 -34.93
CA GLU H 147 -27.76 -13.04 -33.79
C GLU H 147 -28.79 -12.23 -33.01
N PRO H 148 -28.81 -12.34 -31.67
CA PRO H 148 -29.83 -11.62 -30.89
C PRO H 148 -29.70 -10.11 -31.05
N SER H 149 -30.84 -9.43 -31.18
CA SER H 149 -30.88 -8.00 -31.37
C SER H 149 -32.21 -7.45 -30.86
N GLU H 150 -32.33 -6.11 -30.88
CA GLU H 150 -33.56 -5.44 -30.45
C GLU H 150 -34.79 -5.97 -31.16
N LYS H 151 -34.65 -6.38 -32.43
CA LYS H 151 -35.83 -6.80 -33.20
C LYS H 151 -36.45 -8.08 -32.65
N ASP H 152 -35.72 -8.89 -31.89
CA ASP H 152 -36.30 -10.08 -31.29
C ASP H 152 -37.38 -9.75 -30.26
N ALA H 153 -37.40 -8.52 -29.74
CA ALA H 153 -38.41 -8.09 -28.79
C ALA H 153 -39.65 -7.50 -29.44
N LEU H 154 -39.64 -7.33 -30.76
CA LEU H 154 -40.76 -6.68 -31.45
C LEU H 154 -41.81 -7.69 -31.88
N GLN H 155 -42.28 -8.54 -30.93
CA GLN H 155 -43.33 -9.51 -31.17
C GLN H 155 -44.64 -9.02 -30.58
N PRO H 156 -45.76 -9.37 -31.19
CA PRO H 156 -47.04 -9.03 -30.60
C PRO H 156 -47.25 -9.81 -29.31
N GLY H 157 -48.01 -9.20 -28.40
CA GLY H 157 -48.26 -9.83 -27.10
C GLY H 157 -48.89 -11.20 -27.21
N ARG H 158 -49.60 -11.48 -28.32
CA ARG H 158 -50.13 -12.83 -28.55
C ARG H 158 -49.04 -13.89 -28.47
N ASN H 159 -47.77 -13.54 -28.72
CA ASN H 159 -46.66 -14.50 -28.69
C ASN H 159 -46.12 -14.78 -27.29
N LEU H 160 -46.68 -14.17 -26.24
CA LEU H 160 -46.12 -14.30 -24.90
C LEU H 160 -46.15 -15.74 -24.40
N VAL H 161 -45.08 -16.13 -23.74
CA VAL H 161 -44.97 -17.43 -23.11
C VAL H 161 -45.43 -17.39 -21.66
N ALA H 162 -45.11 -16.30 -20.95
CA ALA H 162 -45.59 -16.05 -19.60
C ALA H 162 -45.55 -14.56 -19.37
N ALA H 163 -46.38 -14.08 -18.44
CA ALA H 163 -46.34 -12.67 -18.12
C ALA H 163 -46.94 -12.46 -16.74
N GLY H 164 -46.66 -11.31 -16.17
CA GLY H 164 -47.30 -10.99 -14.91
C GLY H 164 -46.64 -9.80 -14.23
N TYR H 165 -46.82 -9.75 -12.92
CA TYR H 165 -46.32 -8.60 -12.20
C TYR H 165 -46.14 -8.97 -10.74
N ALA H 166 -45.24 -8.24 -10.10
CA ALA H 166 -45.14 -8.19 -8.65
C ALA H 166 -45.71 -6.86 -8.19
N LEU H 167 -46.63 -6.92 -7.22
CA LEU H 167 -47.20 -5.71 -6.62
C LEU H 167 -46.60 -5.54 -5.23
N TYR H 168 -45.93 -4.42 -5.01
CA TYR H 168 -45.39 -4.07 -3.69
C TYR H 168 -46.41 -3.14 -3.03
N GLY H 169 -47.46 -3.76 -2.47
CA GLY H 169 -48.57 -3.06 -1.86
C GLY H 169 -48.58 -3.14 -0.34
N SER H 170 -49.77 -3.27 0.26
CA SER H 170 -49.81 -3.53 1.69
C SER H 170 -49.09 -4.83 2.00
N ALA H 171 -49.15 -5.79 1.07
CA ALA H 171 -48.22 -6.93 1.05
C ALA H 171 -47.66 -7.03 -0.36
N THR H 172 -46.67 -7.91 -0.53
CA THR H 172 -46.07 -8.14 -1.84
C THR H 172 -46.68 -9.40 -2.46
N MET H 173 -47.22 -9.25 -3.67
CA MET H 173 -47.80 -10.39 -4.37
C MET H 173 -47.24 -10.49 -5.78
N LEU H 174 -46.97 -11.72 -6.20
CA LEU H 174 -46.56 -11.99 -7.57
C LEU H 174 -47.72 -12.68 -8.30
N VAL H 175 -48.19 -12.05 -9.36
CA VAL H 175 -49.24 -12.61 -10.21
C VAL H 175 -48.58 -13.16 -11.49
N LEU H 176 -48.76 -14.45 -11.75
CA LEU H 176 -48.10 -15.13 -12.88
C LEU H 176 -49.15 -15.72 -13.80
N ALA H 177 -49.11 -15.31 -15.07
CA ALA H 177 -50.03 -15.81 -16.08
C ALA H 177 -49.24 -16.65 -17.08
N MET H 178 -49.75 -17.84 -17.38
CA MET H 178 -49.23 -18.73 -18.42
C MET H 178 -50.43 -19.38 -19.10
N ASP H 179 -50.14 -20.29 -20.05
CA ASP H 179 -51.24 -20.97 -20.73
C ASP H 179 -52.13 -21.71 -19.76
N CYS H 180 -51.56 -22.22 -18.66
CA CYS H 180 -52.37 -22.90 -17.65
C CYS H 180 -53.27 -21.94 -16.86
N GLY H 181 -53.17 -20.61 -17.07
CA GLY H 181 -54.01 -19.64 -16.38
C GLY H 181 -53.22 -18.70 -15.48
N VAL H 182 -53.95 -18.02 -14.59
CA VAL H 182 -53.38 -16.98 -13.74
C VAL H 182 -53.34 -17.47 -12.29
N ASN H 183 -52.18 -17.35 -11.67
CA ASN H 183 -51.98 -17.79 -10.29
C ASN H 183 -51.31 -16.69 -9.46
N CYS H 184 -51.77 -16.54 -8.22
CA CYS H 184 -51.34 -15.44 -7.35
C CYS H 184 -50.59 -16.00 -6.17
N PHE H 185 -49.40 -15.45 -5.93
CA PHE H 185 -48.49 -15.95 -4.92
C PHE H 185 -48.16 -14.82 -3.96
N MET H 186 -48.36 -15.05 -2.67
CA MET H 186 -48.06 -14.05 -1.67
C MET H 186 -46.64 -14.24 -1.12
N LEU H 187 -45.83 -13.17 -1.15
CA LEU H 187 -44.51 -13.25 -0.54
C LEU H 187 -44.65 -13.27 0.98
N ASP H 188 -44.19 -14.34 1.60
CA ASP H 188 -44.08 -14.43 3.04
C ASP H 188 -42.68 -13.95 3.41
N PRO H 189 -42.56 -12.71 3.92
CA PRO H 189 -41.23 -12.16 4.21
C PRO H 189 -40.52 -12.86 5.35
N ALA H 190 -41.24 -13.57 6.23
CA ALA H 190 -40.56 -14.27 7.31
C ALA H 190 -39.65 -15.38 6.79
N ILE H 191 -39.95 -15.94 5.61
CA ILE H 191 -39.17 -17.04 5.04
C ILE H 191 -38.74 -16.81 3.60
N GLY H 192 -39.15 -15.72 2.99
CA GLY H 192 -38.75 -15.45 1.61
C GLY H 192 -39.22 -16.46 0.60
N GLU H 193 -40.51 -16.83 0.68
CA GLU H 193 -41.14 -17.75 -0.26
C GLU H 193 -42.44 -17.12 -0.76
N PHE H 194 -42.68 -17.29 -2.06
CA PHE H 194 -43.94 -16.94 -2.67
C PHE H 194 -44.92 -18.10 -2.51
N ILE H 195 -46.00 -17.88 -1.76
CA ILE H 195 -46.95 -18.93 -1.41
C ILE H 195 -48.14 -18.84 -2.34
N LEU H 196 -48.51 -19.96 -2.97
CA LEU H 196 -49.69 -19.97 -3.83
C LEU H 196 -50.95 -19.76 -3.00
N VAL H 197 -51.63 -18.63 -3.20
CA VAL H 197 -52.81 -18.31 -2.41
C VAL H 197 -54.09 -18.17 -3.24
N ASP H 198 -54.02 -17.96 -4.55
CA ASP H 198 -55.23 -17.93 -5.37
C ASP H 198 -54.93 -18.66 -6.67
N LYS H 199 -55.63 -19.77 -6.92
CA LYS H 199 -55.35 -20.62 -8.06
C LYS H 199 -56.31 -20.31 -9.20
N ASP H 200 -55.75 -20.23 -10.42
CA ASP H 200 -56.54 -20.15 -11.65
C ASP H 200 -57.65 -19.09 -11.56
N VAL H 201 -57.23 -17.85 -11.28
CA VAL H 201 -58.19 -16.78 -11.01
C VAL H 201 -58.81 -16.32 -12.32
N LYS H 202 -60.08 -15.95 -12.24
CA LYS H 202 -60.85 -15.38 -13.34
C LYS H 202 -61.46 -14.08 -12.86
N ILE H 203 -61.50 -13.08 -13.74
CA ILE H 203 -62.08 -11.79 -13.42
C ILE H 203 -63.59 -11.87 -13.54
N LYS H 204 -64.31 -11.06 -12.75
CA LYS H 204 -65.75 -10.95 -12.89
C LYS H 204 -66.14 -10.55 -14.31
N LYS H 205 -67.27 -11.08 -14.75
CA LYS H 205 -67.83 -10.72 -16.07
C LYS H 205 -68.11 -9.22 -16.18
N LYS H 206 -68.53 -8.58 -15.09
CA LYS H 206 -68.81 -7.14 -15.07
C LYS H 206 -68.52 -6.60 -13.67
N GLY H 207 -67.95 -5.40 -13.59
CA GLY H 207 -67.59 -4.78 -12.34
C GLY H 207 -68.43 -3.55 -12.02
N LYS H 208 -68.00 -2.84 -10.97
CA LYS H 208 -68.68 -1.63 -10.51
C LYS H 208 -67.70 -0.50 -10.21
N ILE H 209 -66.50 -0.55 -10.78
CA ILE H 209 -65.45 0.44 -10.57
C ILE H 209 -64.88 0.82 -11.92
N TYR H 210 -64.71 2.12 -12.15
CA TYR H 210 -63.95 2.60 -13.29
C TYR H 210 -62.72 3.34 -12.77
N SER H 211 -61.63 3.29 -13.53
CA SER H 211 -60.33 3.77 -13.08
C SER H 211 -59.63 4.50 -14.22
N LEU H 212 -59.52 5.81 -14.11
CA LEU H 212 -58.73 6.60 -15.06
C LEU H 212 -58.47 7.96 -14.43
N ASN H 213 -57.50 8.68 -14.98
CA ASN H 213 -57.20 10.03 -14.50
C ASN H 213 -58.24 10.99 -15.06
N GLU H 214 -59.30 11.26 -14.28
CA GLU H 214 -60.32 12.20 -14.75
C GLU H 214 -59.84 13.65 -14.72
N GLY H 215 -58.66 13.93 -14.18
CA GLY H 215 -58.17 15.30 -14.23
C GLY H 215 -57.95 15.80 -15.63
N TYR H 216 -57.76 14.90 -16.59
CA TYR H 216 -57.51 15.29 -17.98
C TYR H 216 -58.77 15.26 -18.84
N ALA H 217 -59.95 15.46 -18.21
CA ALA H 217 -61.22 15.41 -18.92
C ALA H 217 -61.28 16.39 -20.08
N LYS H 218 -60.64 17.55 -19.95
CA LYS H 218 -60.66 18.57 -21.01
C LYS H 218 -60.05 18.05 -22.32
N ASP H 219 -59.12 17.09 -22.23
CA ASP H 219 -58.45 16.53 -23.39
C ASP H 219 -59.04 15.19 -23.82
N PHE H 220 -60.09 14.71 -23.15
CA PHE H 220 -60.65 13.40 -23.44
C PHE H 220 -61.12 13.29 -24.89
N ASP H 221 -60.92 12.12 -25.45
CA ASP H 221 -61.66 11.72 -26.64
C ASP H 221 -63.16 11.72 -26.32
N PRO H 222 -64.01 12.18 -27.24
CA PRO H 222 -65.45 12.24 -26.93
C PRO H 222 -66.05 10.91 -26.53
N ALA H 223 -65.53 9.79 -27.03
CA ALA H 223 -66.02 8.49 -26.59
C ALA H 223 -65.70 8.24 -25.13
N VAL H 224 -64.51 8.63 -24.68
CA VAL H 224 -64.16 8.47 -23.28
C VAL H 224 -65.07 9.34 -22.41
N THR H 225 -65.29 10.58 -22.83
CA THR H 225 -66.21 11.45 -22.11
C THR H 225 -67.59 10.82 -21.97
N GLU H 226 -68.14 10.29 -23.07
CA GLU H 226 -69.49 9.74 -22.98
C GLU H 226 -69.52 8.49 -22.12
N TYR H 227 -68.53 7.61 -22.27
CA TYR H 227 -68.53 6.38 -21.48
C TYR H 227 -68.50 6.68 -19.98
N ILE H 228 -67.65 7.62 -19.57
CA ILE H 228 -67.52 7.96 -18.15
C ILE H 228 -68.81 8.60 -17.61
N GLN H 229 -69.49 9.43 -18.41
CA GLN H 229 -70.76 10.00 -17.98
C GLN H 229 -71.79 8.91 -17.70
N ARG H 230 -71.79 7.84 -18.51
CA ARG H 230 -72.70 6.72 -18.28
C ARG H 230 -72.36 5.96 -17.00
N LYS H 231 -71.10 5.94 -16.60
CA LYS H 231 -70.75 5.29 -15.35
C LYS H 231 -71.26 6.08 -14.15
N LYS H 232 -71.21 7.42 -14.25
CA LYS H 232 -71.67 8.31 -13.19
C LYS H 232 -73.17 8.57 -13.24
N PHE H 233 -73.75 8.65 -14.44
CA PHE H 233 -75.16 8.96 -14.65
C PHE H 233 -75.80 7.87 -15.50
N PRO H 234 -76.04 6.70 -14.93
CA PRO H 234 -76.57 5.58 -15.71
C PRO H 234 -77.98 5.87 -16.20
N PRO H 235 -78.30 5.50 -17.44
CA PRO H 235 -79.64 5.76 -17.97
C PRO H 235 -80.74 4.96 -17.28
N ASP H 236 -80.44 3.79 -16.71
CA ASP H 236 -81.45 2.97 -16.07
C ASP H 236 -81.48 3.29 -14.57
N ASN H 237 -81.94 2.34 -13.73
CA ASN H 237 -81.94 2.54 -12.29
C ASN H 237 -80.79 1.84 -11.59
N SER H 238 -79.74 1.46 -12.32
CA SER H 238 -78.62 0.84 -11.64
C SER H 238 -77.75 1.88 -10.93
N ALA H 239 -77.02 1.42 -9.94
CA ALA H 239 -76.17 2.32 -9.18
C ALA H 239 -75.01 2.81 -10.03
N PRO H 240 -74.61 4.08 -9.92
CA PRO H 240 -73.42 4.55 -10.62
C PRO H 240 -72.20 3.78 -10.15
N TYR H 241 -71.20 3.66 -11.04
CA TYR H 241 -69.95 3.03 -10.63
C TYR H 241 -69.20 3.90 -9.62
N GLY H 242 -68.48 3.25 -8.70
CA GLY H 242 -67.50 3.96 -7.91
C GLY H 242 -66.22 4.20 -8.69
N ALA H 243 -65.44 5.18 -8.25
CA ALA H 243 -64.19 5.54 -8.90
C ALA H 243 -62.99 5.24 -8.00
N ARG H 244 -61.92 4.72 -8.60
CA ARG H 244 -60.63 4.53 -7.94
C ARG H 244 -59.50 4.76 -8.95
N TYR H 245 -58.48 5.53 -8.56
CA TYR H 245 -57.33 5.72 -9.46
C TYR H 245 -56.08 5.97 -8.62
N VAL H 246 -55.31 4.92 -8.39
CA VAL H 246 -54.08 5.02 -7.62
C VAL H 246 -53.05 5.85 -8.38
N GLY H 247 -53.05 5.77 -9.70
CA GLY H 247 -52.02 6.41 -10.48
C GLY H 247 -50.79 5.56 -10.64
N SER H 248 -50.81 4.34 -10.11
CA SER H 248 -49.76 3.37 -10.30
C SER H 248 -50.39 2.16 -10.99
N MET H 249 -49.91 1.84 -12.19
CA MET H 249 -50.66 0.91 -13.06
C MET H 249 -50.85 -0.46 -12.41
N VAL H 250 -49.82 -0.98 -11.75
CA VAL H 250 -49.90 -2.34 -11.20
C VAL H 250 -50.97 -2.42 -10.13
N ALA H 251 -51.10 -1.39 -9.28
CA ALA H 251 -52.12 -1.41 -8.23
C ALA H 251 -53.51 -1.33 -8.84
N ASP H 252 -53.71 -0.40 -9.79
CA ASP H 252 -55.04 -0.24 -10.39
C ASP H 252 -55.45 -1.48 -11.18
N VAL H 253 -54.52 -2.06 -11.95
CA VAL H 253 -54.82 -3.26 -12.73
C VAL H 253 -55.07 -4.45 -11.81
N HIS H 254 -54.27 -4.58 -10.74
CA HIS H 254 -54.52 -5.68 -9.80
C HIS H 254 -55.89 -5.54 -9.11
N ARG H 255 -56.25 -4.32 -8.72
CA ARG H 255 -57.60 -4.12 -8.17
C ARG H 255 -58.66 -4.52 -9.20
N THR H 256 -58.42 -4.18 -10.47
CA THR H 256 -59.36 -4.54 -11.52
C THR H 256 -59.53 -6.05 -11.60
N LEU H 257 -58.41 -6.78 -11.48
CA LEU H 257 -58.45 -8.24 -11.51
C LEU H 257 -59.27 -8.80 -10.34
N VAL H 258 -59.01 -8.28 -9.13
CA VAL H 258 -59.61 -8.83 -7.93
C VAL H 258 -61.09 -8.45 -7.82
N TYR H 259 -61.43 -7.20 -8.12
CA TYR H 259 -62.77 -6.68 -7.90
C TYR H 259 -63.59 -6.57 -9.18
N GLY H 260 -62.96 -6.67 -10.34
CA GLY H 260 -63.65 -6.44 -11.59
C GLY H 260 -63.77 -4.96 -11.88
N GLY H 261 -64.27 -4.65 -13.06
CA GLY H 261 -64.40 -3.27 -13.48
C GLY H 261 -63.51 -2.97 -14.66
N ILE H 262 -63.11 -1.72 -14.80
CA ILE H 262 -62.43 -1.27 -16.00
C ILE H 262 -61.34 -0.26 -15.64
N PHE H 263 -60.21 -0.38 -16.33
CA PHE H 263 -59.07 0.54 -16.22
C PHE H 263 -58.82 1.15 -17.59
N LEU H 264 -58.65 2.47 -17.64
CA LEU H 264 -58.47 3.18 -18.89
C LEU H 264 -57.25 4.10 -18.81
N TYR H 265 -56.36 3.98 -19.79
CA TYR H 265 -55.36 5.00 -20.08
C TYR H 265 -55.45 5.17 -21.59
N PRO H 266 -56.46 5.90 -22.07
CA PRO H 266 -56.83 5.88 -23.48
C PRO H 266 -56.09 6.89 -24.34
N ALA H 267 -56.28 6.73 -25.65
CA ALA H 267 -55.77 7.71 -26.60
C ALA H 267 -56.64 8.98 -26.59
N ASN H 268 -56.02 10.10 -26.96
CA ASN H 268 -56.72 11.35 -27.21
C ASN H 268 -56.02 12.08 -28.36
N LYS H 269 -56.49 13.28 -28.68
CA LYS H 269 -55.87 14.02 -29.78
C LYS H 269 -54.48 14.47 -29.40
N LYS H 270 -54.25 14.75 -28.12
CA LYS H 270 -52.92 15.13 -27.63
C LYS H 270 -51.97 13.93 -27.58
N SER H 271 -52.49 12.74 -27.34
CA SER H 271 -51.71 11.50 -27.26
C SER H 271 -52.42 10.43 -28.06
N PRO H 272 -52.28 10.44 -29.39
CA PRO H 272 -53.05 9.50 -30.22
C PRO H 272 -52.69 8.04 -30.00
N ASN H 273 -51.52 7.76 -29.42
CA ASN H 273 -51.13 6.40 -29.09
C ASN H 273 -51.14 6.15 -27.58
N GLY H 274 -51.76 7.01 -26.78
CA GLY H 274 -51.72 6.80 -25.36
C GLY H 274 -50.39 7.20 -24.77
N LYS H 275 -50.20 6.82 -23.50
CA LYS H 275 -48.99 7.12 -22.77
C LYS H 275 -48.25 5.88 -22.30
N LEU H 276 -48.98 4.83 -21.91
CA LEU H 276 -48.31 3.63 -21.39
C LEU H 276 -47.59 2.87 -22.50
N ARG H 277 -46.52 2.18 -22.09
CA ARG H 277 -45.61 1.51 -23.02
C ARG H 277 -46.14 0.13 -23.39
N LEU H 278 -46.14 -0.17 -24.69
CA LEU H 278 -46.76 -1.42 -25.16
C LEU H 278 -46.01 -2.65 -24.64
N LEU H 279 -44.67 -2.63 -24.67
CA LEU H 279 -43.94 -3.88 -24.52
C LEU H 279 -43.93 -4.38 -23.07
N TYR H 280 -43.82 -3.48 -22.10
CA TYR H 280 -43.61 -3.92 -20.74
C TYR H 280 -44.63 -3.33 -19.77
N GLU H 281 -45.67 -2.67 -20.27
CA GLU H 281 -46.83 -2.31 -19.45
C GLU H 281 -48.12 -2.86 -20.05
N CYS H 282 -48.44 -2.49 -21.30
CA CYS H 282 -49.74 -2.87 -21.84
C CYS H 282 -49.80 -4.36 -22.12
N ASN H 283 -48.82 -4.90 -22.86
CA ASN H 283 -48.89 -6.32 -23.21
C ASN H 283 -48.93 -7.26 -21.99
N PRO H 284 -48.04 -7.16 -21.00
CA PRO H 284 -48.16 -8.13 -19.89
C PRO H 284 -49.52 -8.03 -19.19
N MET H 285 -50.04 -6.82 -19.00
CA MET H 285 -51.34 -6.67 -18.36
C MET H 285 -52.46 -7.19 -19.26
N ALA H 286 -52.35 -6.95 -20.57
CA ALA H 286 -53.32 -7.52 -21.51
C ALA H 286 -53.32 -9.04 -21.42
N TYR H 287 -52.13 -9.62 -21.27
CA TYR H 287 -52.01 -11.08 -21.22
C TYR H 287 -52.62 -11.63 -19.95
N VAL H 288 -52.28 -11.04 -18.80
CA VAL H 288 -52.91 -11.45 -17.54
C VAL H 288 -54.43 -11.34 -17.67
N MET H 289 -54.92 -10.21 -18.17
CA MET H 289 -56.36 -10.03 -18.28
C MET H 289 -56.99 -11.10 -19.16
N GLU H 290 -56.38 -11.38 -20.34
CA GLU H 290 -57.03 -12.35 -21.22
C GLU H 290 -56.98 -13.75 -20.62
N LYS H 291 -55.87 -14.10 -19.95
CA LYS H 291 -55.82 -15.42 -19.30
C LYS H 291 -56.81 -15.53 -18.15
N ALA H 292 -57.23 -14.41 -17.57
CA ALA H 292 -58.21 -14.40 -16.51
C ALA H 292 -59.63 -14.24 -17.02
N GLY H 293 -59.84 -14.34 -18.34
CA GLY H 293 -61.16 -14.13 -18.90
C GLY H 293 -61.55 -12.69 -19.08
N GLY H 294 -60.60 -11.76 -19.03
CA GLY H 294 -60.87 -10.36 -19.26
C GLY H 294 -60.51 -9.94 -20.68
N MET H 295 -60.52 -8.63 -20.88
CA MET H 295 -60.26 -8.06 -22.19
C MET H 295 -59.33 -6.88 -22.04
N ALA H 296 -58.64 -6.58 -23.13
CA ALA H 296 -57.74 -5.43 -23.18
C ALA H 296 -57.67 -4.93 -24.62
N THR H 297 -58.14 -3.70 -24.84
CA THR H 297 -58.23 -3.12 -26.17
C THR H 297 -57.52 -1.78 -26.20
N THR H 298 -57.05 -1.40 -27.39
CA THR H 298 -56.62 -0.04 -27.68
C THR H 298 -57.78 0.86 -28.08
N GLY H 299 -58.96 0.27 -28.31
CA GLY H 299 -60.04 0.99 -28.96
C GLY H 299 -60.22 0.50 -30.39
N LYS H 300 -59.11 0.33 -31.10
CA LYS H 300 -59.15 -0.16 -32.48
C LYS H 300 -58.93 -1.66 -32.57
N GLU H 301 -58.17 -2.24 -31.64
CA GLU H 301 -57.82 -3.64 -31.74
C GLU H 301 -57.42 -4.12 -30.35
N ALA H 302 -57.37 -5.44 -30.20
CA ALA H 302 -56.80 -6.03 -29.00
C ALA H 302 -55.35 -5.61 -28.85
N VAL H 303 -54.96 -5.24 -27.61
CA VAL H 303 -53.58 -4.87 -27.31
C VAL H 303 -52.61 -5.98 -27.78
N LEU H 304 -52.98 -7.23 -27.54
CA LEU H 304 -52.11 -8.36 -27.85
C LEU H 304 -51.93 -8.58 -29.36
N ASP H 305 -52.72 -7.92 -30.21
CA ASP H 305 -52.56 -8.01 -31.67
C ASP H 305 -51.72 -6.87 -32.24
N VAL H 306 -51.40 -5.84 -31.46
CA VAL H 306 -50.53 -4.80 -31.99
C VAL H 306 -49.15 -5.38 -32.27
N ILE H 307 -48.65 -5.20 -33.49
CA ILE H 307 -47.31 -5.62 -33.86
C ILE H 307 -46.38 -4.41 -33.66
N PRO H 308 -45.48 -4.43 -32.69
CA PRO H 308 -44.66 -3.25 -32.42
C PRO H 308 -43.53 -3.06 -33.44
N THR H 309 -43.18 -1.79 -33.66
CA THR H 309 -42.04 -1.42 -34.48
C THR H 309 -40.95 -0.69 -33.68
N ASP H 310 -41.24 -0.29 -32.44
CA ASP H 310 -40.28 0.37 -31.58
C ASP H 310 -40.46 -0.18 -30.16
N ILE H 311 -39.35 -0.55 -29.51
CA ILE H 311 -39.45 -1.23 -28.22
C ILE H 311 -40.05 -0.33 -27.13
N HIS H 312 -40.02 0.99 -27.31
CA HIS H 312 -40.60 1.91 -26.34
C HIS H 312 -41.85 2.59 -26.87
N GLN H 313 -42.49 2.01 -27.89
CA GLN H 313 -43.70 2.65 -28.38
C GLN H 313 -44.82 2.54 -27.35
N ARG H 314 -45.72 3.48 -27.42
CA ARG H 314 -46.85 3.59 -26.51
C ARG H 314 -48.09 2.97 -27.16
N ALA H 315 -49.06 2.64 -26.33
CA ALA H 315 -50.34 2.13 -26.82
C ALA H 315 -51.44 2.63 -25.88
N PRO H 316 -52.61 2.98 -26.42
CA PRO H 316 -53.77 3.18 -25.55
C PRO H 316 -54.17 1.85 -24.96
N VAL H 317 -54.77 1.88 -23.78
CA VAL H 317 -55.20 0.61 -23.18
C VAL H 317 -56.49 0.81 -22.39
N ILE H 318 -57.46 -0.08 -22.64
CA ILE H 318 -58.69 -0.21 -21.87
C ILE H 318 -58.86 -1.69 -21.54
N LEU H 319 -58.92 -2.01 -20.24
CA LEU H 319 -58.90 -3.41 -19.86
C LEU H 319 -59.78 -3.64 -18.64
N GLY H 320 -60.06 -4.92 -18.39
CA GLY H 320 -60.87 -5.32 -17.26
C GLY H 320 -61.92 -6.35 -17.63
N SER H 321 -63.04 -6.26 -16.94
CA SER H 321 -64.15 -7.18 -17.12
C SER H 321 -64.65 -7.13 -18.56
N PRO H 322 -64.95 -8.28 -19.18
CA PRO H 322 -65.36 -8.25 -20.60
C PRO H 322 -66.61 -7.41 -20.85
N ASP H 323 -67.65 -7.52 -20.01
CA ASP H 323 -68.85 -6.71 -20.22
C ASP H 323 -68.53 -5.22 -20.18
N ASP H 324 -67.61 -4.82 -19.31
CA ASP H 324 -67.25 -3.41 -19.21
C ASP H 324 -66.44 -2.95 -20.42
N VAL H 325 -65.46 -3.77 -20.84
CA VAL H 325 -64.65 -3.41 -22.01
C VAL H 325 -65.49 -3.39 -23.28
N LEU H 326 -66.38 -4.38 -23.44
CA LEU H 326 -67.27 -4.38 -24.62
C LEU H 326 -68.18 -3.16 -24.63
N GLU H 327 -68.67 -2.75 -23.46
CA GLU H 327 -69.50 -1.54 -23.42
C GLU H 327 -68.70 -0.31 -23.81
N PHE H 328 -67.44 -0.22 -23.38
CA PHE H 328 -66.61 0.89 -23.81
C PHE H 328 -66.44 0.86 -25.32
N LEU H 329 -66.22 -0.34 -25.88
CA LEU H 329 -66.05 -0.46 -27.32
C LEU H 329 -67.31 -0.03 -28.06
N LYS H 330 -68.49 -0.34 -27.51
CA LYS H 330 -69.73 0.13 -28.11
C LYS H 330 -69.78 1.65 -28.21
N VAL H 331 -69.40 2.34 -27.14
CA VAL H 331 -69.40 3.80 -27.17
C VAL H 331 -68.30 4.33 -28.10
N TYR H 332 -67.12 3.69 -28.08
CA TYR H 332 -66.02 4.12 -28.93
C TYR H 332 -66.41 4.06 -30.40
N GLU H 333 -67.09 2.99 -30.82
CA GLU H 333 -67.53 2.87 -32.20
C GLU H 333 -68.61 3.90 -32.53
N LYS H 334 -69.45 4.26 -31.56
CA LYS H 334 -70.41 5.33 -31.79
C LYS H 334 -69.72 6.60 -32.28
N HIS H 335 -68.51 6.88 -31.81
CA HIS H 335 -67.75 8.06 -32.22
C HIS H 335 -66.68 7.79 -33.29
N SER H 336 -66.80 6.72 -34.06
CA SER H 336 -65.77 6.38 -35.04
C SER H 336 -66.13 6.73 -36.48
N3 967 I . 35.96 -0.36 -38.58
C4 967 I . 39.37 0.78 -37.99
C6 967 I . 37.02 0.26 -37.94
C7 967 I . 34.41 -1.50 -35.43
C8 967 I . 34.00 -2.96 -37.18
C13 967 I . 41.29 1.83 -37.96
C20 967 I . 33.64 -5.18 -36.26
C21 967 I . 33.53 -4.81 -38.63
C22 967 I . 33.45 -5.66 -37.54
C11 967 I . 41.04 1.78 -36.64
C16 967 I . 33.91 -3.83 -36.09
C19 967 I . 33.80 -3.46 -38.46
C2 967 I . 34.29 -1.61 -36.79
N10 967 I . 40.32 1.26 -38.75
N9 967 I . 38.27 0.17 -38.55
O14 967 I . 33.54 -0.59 -39.05
O15 967 I . 34.31 0.93 -37.31
O17 967 I . 36.85 0.85 -36.88
S1 967 I . 34.44 -0.33 -37.97
S12 967 I . 34.19 -3.01 -34.61
S5 967 I . 39.57 1.02 -36.29
BR18 967 I . 42.08 2.44 -35.24
N3 967 J . 29.88 12.17 22.43
C4 967 J . 31.78 15.13 21.48
C6 967 J . 30.66 12.97 21.65
C7 967 J . 28.17 10.81 19.48
C8 967 J . 26.77 10.93 21.35
C13 967 J . 33.13 16.86 21.24
C20 967 J . 24.47 11.18 20.58
C21 967 J . 24.97 11.12 22.93
C22 967 J . 24.05 11.22 21.90
C11 967 J . 33.12 16.42 19.98
C16 967 J . 25.84 11.04 20.32
C19 967 J . 26.33 10.98 22.67
C2 967 J . 28.11 10.81 20.85
N10 967 J . 32.37 16.13 22.12
N9 967 J . 30.98 14.23 22.15
O14 967 J . 29.06 10.02 23.15
O15 967 J . 30.57 10.13 21.24
O17 967 J . 31.05 12.57 20.56
S1 967 J . 29.45 10.67 21.95
S12 967 J . 26.60 10.96 18.76
S5 967 J . 32.15 15.04 19.79
BR18 967 J . 34.02 17.14 18.48
N3 967 K . 45.23 6.47 -39.08
C4 967 K . 41.72 5.51 -38.72
C6 967 K . 44.05 6.21 -38.43
C7 967 K . 46.14 8.97 -36.43
C8 967 K . 46.92 9.63 -38.53
C13 967 K . 39.67 4.71 -38.73
C20 967 K . 47.15 12.04 -38.55
C21 967 K . 47.71 10.76 -40.50
C22 967 K . 47.60 11.99 -39.86
C11 967 K . 39.73 5.12 -37.44
C16 967 K . 46.82 10.87 -37.89
C19 967 K . 47.37 9.59 -39.85
C2 967 K . 46.52 8.56 -37.67
N10 967 K . 40.81 4.92 -39.46
N9 967 K . 42.96 5.82 -39.23
O14 967 K . 47.61 6.86 -39.26
O15 967 K . 46.63 6.00 -37.19
O17 967 K . 43.98 6.34 -37.20
S1 967 K . 46.58 6.94 -38.27
S12 967 K . 46.25 10.69 -36.27
S5 967 K . 41.24 5.81 -37.07
BR18 967 K . 38.37 5.00 -36.08
N3 967 L . 38.82 19.60 21.83
C4 967 L . 37.09 16.40 21.87
C6 967 L . 38.18 18.49 21.33
C7 967 L . 41.11 19.80 18.95
C8 967 L . 42.11 20.53 20.92
C13 967 L . 35.76 14.67 22.08
C20 967 L . 44.51 20.19 20.74
C21 967 L . 43.57 21.15 22.74
C22 967 L . 44.67 20.71 22.02
C11 967 L . 36.08 14.53 20.78
C16 967 L . 43.23 20.09 20.21
C19 967 L . 42.28 21.06 22.21
C2 967 L . 40.90 20.34 20.17
N10 967 L . 36.33 15.75 22.70
N9 967 L . 37.76 17.53 22.25
O14 967 L . 39.50 21.95 21.69
O15 967 L . 38.44 20.89 19.77
O17 967 L . 38.02 18.38 20.11
S1 967 L . 39.36 20.81 20.85
S12 967 L . 42.78 19.49 18.65
S5 967 L . 37.13 15.75 20.26
BR18 967 L . 35.50 13.17 19.56
N3 967 M . -34.84 7.75 34.83
C4 967 M . -38.08 8.59 33.30
C6 967 M . -35.87 7.72 33.90
C7 967 M . -33.85 4.18 33.98
C8 967 M . -33.66 4.62 36.26
C13 967 M . -39.92 9.40 32.46
C20 967 M . -33.85 2.53 37.47
C21 967 M . -33.53 4.58 38.66
C22 967 M . -33.70 3.21 38.66
C11 967 M . -39.72 8.39 31.61
C16 967 M . -33.83 3.23 36.27
C19 967 M . -33.51 5.30 37.47
C2 967 M . -33.67 5.15 34.92
N10 967 M . -38.97 9.53 33.44
N9 967 M . -36.99 8.50 34.16
O14 967 M . -32.59 7.36 35.67
O15 967 M . -33.10 7.10 33.30
O17 967 M . -35.76 7.01 32.92
S1 967 M . -33.46 6.87 34.65
S12 967 M . -34.00 2.60 34.67
S5 967 M . -38.32 7.52 31.96
BR18 967 M . -40.80 7.88 30.12
N3 967 N . -31.87 -33.34 -12.20
C4 967 N . -33.15 -30.47 -14.09
C6 967 N . -32.43 -32.09 -12.41
C7 967 N . -30.17 -32.17 -9.06
C8 967 N . -28.90 -33.72 -10.23
C13 967 N . -34.16 -29.00 -15.37
C20 967 N . -26.55 -33.36 -9.69
C21 967 N . -27.18 -35.09 -11.23
C22 967 N . -26.21 -34.40 -10.53
C11 967 N . -34.05 -28.27 -14.25
C16 967 N . -27.89 -33.03 -9.55
C19 967 N . -28.53 -34.77 -11.08
C2 967 N . -30.22 -33.21 -9.95
N10 967 N . -33.65 -30.28 -15.28
N9 967 N . -32.59 -31.68 -13.74
O14 967 N . -31.37 -35.33 -10.88
O15 967 N . -32.80 -33.55 -9.99
O17 967 N . -32.75 -31.39 -11.46
S1 967 N . -31.63 -33.94 -10.70
S12 967 N . -28.57 -31.77 -8.56
S5 967 N . -33.30 -29.13 -13.00
BR18 967 N . -34.64 -26.48 -13.95
N3 967 O . -42.91 13.83 29.20
C4 967 O . -39.61 12.41 29.98
C6 967 O . -41.83 12.96 29.12
C7 967 O . -43.68 13.37 25.55
C8 967 O . -44.14 15.54 26.29
C13 967 O . -37.76 11.54 30.80
C20 967 O . -43.97 17.06 24.40
C21 967 O . -44.53 17.90 26.58
C22 967 O . -44.29 18.12 25.24
C11 967 O . -37.82 10.86 29.65
C16 967 O . -43.89 15.77 24.93
C19 967 O . -44.46 16.62 27.11
C2 967 O . -44.01 14.15 26.63
N10 967 O . -38.79 12.43 31.01
N9 967 O . -40.74 13.20 29.95
O14 967 O . -45.27 14.48 28.88
O15 967 O . -44.49 12.23 28.28
O17 967 O . -41.85 12.03 28.33
S1 967 O . -44.27 13.64 28.27
S12 967 O . -43.51 14.29 24.10
S5 967 O . -39.19 11.30 28.73
BR18 967 O . -36.61 9.56 28.98
N3 967 P . -39.51 -26.90 -18.29
C4 967 P . -38.27 -29.09 -15.65
C6 967 P . -39.04 -27.25 -17.06
C7 967 P . -41.62 -24.28 -16.81
C8 967 P . -42.63 -25.15 -18.72
C13 967 P . -37.26 -30.51 -14.31
C20 967 P . -45.04 -24.85 -18.51
C21 967 P . -44.12 -25.90 -20.47
C22 967 P . -45.21 -25.46 -19.75
C11 967 P . -37.52 -29.53 -13.43
C16 967 P . -43.75 -24.71 -18.01
C19 967 P . -42.83 -25.76 -19.97
C2 967 P . -41.41 -24.90 -18.00
N10 967 P . -37.68 -30.26 -15.60
N9 967 P . -38.76 -28.60 -16.85
O14 967 P . -39.97 -25.29 -20.09
O15 967 P . -38.85 -24.58 -18.04
O17 967 P . -38.89 -26.40 -16.20
S1 967 P . -39.88 -25.35 -18.67
S12 967 P . -43.28 -23.99 -16.50
S5 967 P . -38.32 -28.21 -14.17
BR18 967 P . -37.11 -29.47 -11.58
#